data_7TAO
#
_entry.id   7TAO
#
_cell.length_a   1.00
_cell.length_b   1.00
_cell.length_c   1.00
_cell.angle_alpha   90.00
_cell.angle_beta   90.00
_cell.angle_gamma   90.00
#
_symmetry.space_group_name_H-M   'P 1'
#
loop_
_entity.id
_entity.type
_entity.pdbx_description
1 polymer "V-type proton ATPase subunit c'"
2 polymer "V-type proton ATPase subunit c''"
3 polymer 'V0 assembly protein 1'
4 polymer 'V-type proton ATPase subunit e'
5 polymer 'V-type proton ATPase subunit c'
6 polymer 'Yeast V-ATPase subunit f'
7 polymer 'V-type proton ATPase subunit d'
8 polymer 'V-type proton ATPase subunit a, vacuolar isoform'
9 non-polymer (5R)-2,4-dideoxy-1-C-{(2S,3R,4S)-3-hydroxy-4-[(2R,3S,4E,6E,9R,10S,11R,12E,14Z)-10-hydroxy-3,15-dimethoxy-7,9,11,13-tetramethyl-16-oxo-1-oxacyclohexadeca-4,6,12,14-tetraen-2-yl]pentan-2-yl}-4-methyl-5-propan-2-yl-alpha-D-threo-pentopyranose
#
loop_
_entity_poly.entity_id
_entity_poly.type
_entity_poly.pdbx_seq_one_letter_code
_entity_poly.pdbx_strand_id
1 'polypeptide(L)'
;MSTQLASNIYAPLYAPFFGFAGCAAAMVLSCLGAAIGTAKSGIGIAGIGTFKPELIMKSLIPVVMSGILAIYGLVVAVLI
AGNLSPTEDYTLFNGFMHLSCGLCVGFACLSSGYAIGMVGDVGVRKYMHQPRLFVGIVLILIFSEVLGLYGMIVALILNT
RGSE
;
D
2 'polypeptide(L)'
;MNKESKDDDMSLGKFSFSHFLYYLVLIVVIVYGLYKLFTGHGSDINFGKFLLRTSPYMWANLGIALCVGLSVVGAAWGIF
ITGSSMIGAGVRAPRITTKNLISIIFCEVVAIYGLIIAIVFSSKLTVATAENMYSKSNLYTGYSLFWAGITVGASNLICG
IAVGITGATAAISDAADSALFVKILVIEIFGSILGLLGLIVGLLMAGKASEFQ
;
C
3 'polypeptide(L)'
;MVFGQLYALFIFTLSCCISKTVQADSSKESSSFISFDKESNWDTISTISSTADVISSVDSAIAVFEFDNFSLLDNLMIDE
EYPFFNRFFANDVSLTVHDDSPLNISQSLSPIMEQFTVDELPESASDLLYEYSLDDKSIVLFKFTSDAYDLKKLDEFIDS
CLSFLEDKSGDNLTVVINSLGWAFEDEDGDDEYATEETLSHHDNNKGKEGDDDILSSIWTEGLLMCLIVSALLLFILIVA
LSWISNLDITYGALEKSTNPIKKNN
;
N
4 'polypeptide(L)' MSSFYTVVGVFIVVSAMSVLFWIMAPKNNQAVWRSTVILTLAMMFLMWAITFLCQLHPLVAPRRSDLRPEFAE M
5 'polypeptide(L)'
;MTELCPVYAPFFGAIGCASAIIFTSLGAAYGTAKSGVGICATCVLRPDLLFKNIVPVIMAGIIAIYGLVVSVLVCYSLGQ
KQALYTGFIQLGAGLSVGLSGLAAGFAIGIVGDAGVRGSSQQPRLFVGMILILIFAEVLGLYGLIVALLLNSRATQDVVC
;
E,F,G,H,I,J,K,L
6 'polypeptide(L)'
;MRPVVSTGKAWCCTVLSAFGVVILSVIAHLFNTNHESFVGSINDPEDGPAVAHTVYLAALVYLVFFVFCGFQVYLARRKP
SIELR
;
O
7 'polypeptide(L)'
;MEGVYFNIDNGFIEGVVRGYRNGLLSNNQYINLTQCDTLEDLKLQLSSTDYGNFLSSVSSESLTTSLIQEYASSKLYHEF
NYIRDQSSGSTRKFMDYITYGYMIDNVALMITGTIHDRDKGEILQRCHPLGWFDTLPTLSVATDLESLYETVLVDTPLAP
YFKNCFDTAEELDDMNIEIIRNKLYKAYLEDFYNFVTEEIPEPAKECMQTLLGFEADRRSINIALNSLQSSDIDPDLKSD
LLPNIGKLYPLATFHLAQAQDFEGVRAALANVYEYRGFLETGNLEDHFYQLEMELCRDAFTQQFAISTVWAWMKSKEQEV
RNITWIAECIAQNQRERINNYISVY
;
B
8 'polypeptide(L)'
;MAEKEEAIFRSAEMALVQFYIPQEISRDSAYTLGQLGLVQFRDLNSKVRAFQRTFVNEIRRLDNVERQYRYFYSLLKKHD
IKLYEGDTDKYLDGSGELYVPPSGSVIDDYVRNASYLEERLIQMEDATDQIEVQKNDLEQYRFILQSGDEFFLKGDNTDS
TSYMDEDMIDANGENIAAAIGASVNYVTGVIARDKVATLEQILWRVLRGNLFFKTVEIEQPVYDVKTREYKHKNAFIVFS
HGDLIIKRIRKIAESLDANLYDVDSSNEGRSQQLAKVNKNLSDLYTVLKTTSTTLESELYAIAKELDSWFQDVTREKAIF
EILNKSNYDTNRKILIAEGWIPRDELATLQARLGEMIARLGIDVPSIIQVLDTNHTPPTFHRTNKFTAGFQSICDCYGIA
QYREINAGLPTIVTFPFMFAIMFGDMGHGFLMTLAALSLVLNEKKINKMKRGEIFDMAFTGRYIILLMGVFSMYTGFLYN
DIFSKTMTIFKSGWKWPDHWKKGESITATSVGTYPIGLDWAWHGTENALLFSNSYKMKLSILMGFIHMTYSYFFSLANHL
YFNSMIDIIGNFIPGLLFMQGIFGYLSVCIVYKWAVDWVKDGKPAPGLLNMLINMFLSPGTIDDELYPHQAKVQVFLLLM
ALVCIPWLLLVKPLHFKFTHKKKSHEPLPSTEADASSEDLEAQQLISAMDADDAEEEEVGSGSHGEDFGDIMIHQVIHTI
EFCLNCVSHTASYLRLWALSLAHAQLSSVLWTMTIQIAFGFRGFVGVFMTVALFAMWFALTCAVLVLMEGTSAMLHSLRL
HWVESMSKFFVGEGLPYEPFAFEYKDMEVAVASASSSASS
;
A
#
loop_
_chem_comp.id
_chem_comp.type
_chem_comp.name
_chem_comp.formula
WEV non-polymer (5R)-2,4-dideoxy-1-C-{(2S,3R,4S)-3-hydroxy-4-[(2R,3S,4E,6E,9R,10S,11R,12E,14Z)-10-hydroxy-3,15-dimethoxy-7,9,11,13-tetramethyl-16-oxo-1-oxacyclohexadeca-4,6,12,14-tetraen-2-yl]pentan-2-yl}-4-methyl-5-propan-2-yl-alpha-D-threo-pentopyranose 'C35 H58 O9'
#
# COMPACT_ATOMS: atom_id res chain seq x y z
N SER A 7 -43.42 -14.91 22.54
CA SER A 7 -43.98 -13.59 22.86
C SER A 7 -44.54 -12.92 21.61
N ASN A 8 -44.10 -11.69 21.36
CA ASN A 8 -44.56 -10.93 20.20
C ASN A 8 -43.90 -11.48 18.95
N ILE A 9 -44.71 -11.96 18.01
CA ILE A 9 -44.18 -12.53 16.77
C ILE A 9 -43.61 -11.44 15.88
N TYR A 10 -44.16 -10.22 15.97
CA TYR A 10 -43.73 -9.13 15.10
C TYR A 10 -42.58 -8.32 15.68
N ALA A 11 -42.14 -8.61 16.89
CA ALA A 11 -41.04 -7.90 17.54
C ALA A 11 -40.04 -8.91 18.09
N PRO A 12 -39.32 -9.62 17.23
CA PRO A 12 -38.30 -10.56 17.72
C PRO A 12 -37.10 -9.82 18.29
N LEU A 13 -36.35 -10.55 19.12
CA LEU A 13 -35.25 -9.96 19.87
C LEU A 13 -34.07 -9.55 18.98
N TYR A 14 -34.01 -10.03 17.74
CA TYR A 14 -32.93 -9.67 16.84
C TYR A 14 -33.22 -8.44 15.99
N ALA A 15 -34.41 -7.85 16.14
CA ALA A 15 -34.70 -6.60 15.45
C ALA A 15 -33.72 -5.47 15.77
N PRO A 16 -33.26 -5.28 17.01
CA PRO A 16 -32.25 -4.23 17.24
C PRO A 16 -30.98 -4.40 16.43
N PHE A 17 -30.64 -5.62 16.00
CA PHE A 17 -29.49 -5.77 15.11
C PHE A 17 -29.68 -4.98 13.83
N PHE A 18 -30.83 -5.15 13.17
CA PHE A 18 -31.11 -4.40 11.95
C PHE A 18 -31.35 -2.93 12.25
N GLY A 19 -31.88 -2.61 13.43
CA GLY A 19 -32.06 -1.21 13.78
C GLY A 19 -30.73 -0.47 13.91
N PHE A 20 -29.75 -1.10 14.56
CA PHE A 20 -28.43 -0.50 14.70
C PHE A 20 -27.63 -0.59 13.41
N ALA A 21 -27.92 -1.57 12.56
CA ALA A 21 -27.26 -1.65 11.26
C ALA A 21 -27.58 -0.44 10.40
N GLY A 22 -28.74 0.17 10.59
CA GLY A 22 -29.07 1.39 9.89
C GLY A 22 -28.45 2.61 10.55
N CYS A 23 -28.29 2.55 11.86
CA CYS A 23 -27.59 3.62 12.57
C CYS A 23 -26.10 3.59 12.31
N ALA A 24 -25.52 2.39 12.18
CA ALA A 24 -24.11 2.28 11.83
C ALA A 24 -23.86 2.66 10.38
N ALA A 25 -24.68 2.15 9.46
CA ALA A 25 -24.47 2.42 8.04
C ALA A 25 -24.63 3.90 7.74
N ALA A 26 -25.66 4.54 8.32
CA ALA A 26 -25.89 5.96 8.05
C ALA A 26 -24.68 6.79 8.44
N MET A 27 -24.22 6.65 9.68
CA MET A 27 -23.09 7.45 10.15
C MET A 27 -21.82 7.11 9.38
N VAL A 28 -21.55 5.82 9.15
CA VAL A 28 -20.31 5.43 8.50
C VAL A 28 -20.26 5.96 7.08
N LEU A 29 -21.34 5.80 6.33
CA LEU A 29 -21.33 6.24 4.94
C LEU A 29 -21.42 7.75 4.81
N SER A 30 -22.10 8.43 5.76
CA SER A 30 -22.07 9.88 5.74
C SER A 30 -20.68 10.41 6.06
N CYS A 31 -19.98 9.78 6.99
CA CYS A 31 -18.59 10.15 7.25
C CYS A 31 -17.73 9.90 6.02
N LEU A 32 -17.95 8.78 5.32
CA LEU A 32 -17.19 8.49 4.12
C LEU A 32 -17.41 9.56 3.05
N GLY A 33 -18.67 9.93 2.82
CA GLY A 33 -18.96 10.95 1.83
C GLY A 33 -18.40 12.31 2.22
N ALA A 34 -18.56 12.69 3.49
CA ALA A 34 -18.03 13.96 3.96
C ALA A 34 -16.51 14.00 3.84
N ALA A 35 -15.84 12.91 4.19
CA ALA A 35 -14.40 12.85 4.06
C ALA A 35 -13.95 12.92 2.61
N ILE A 36 -14.65 12.23 1.71
CA ILE A 36 -14.30 12.30 0.30
C ILE A 36 -14.42 13.72 -0.20
N GLY A 37 -15.54 14.38 0.12
CA GLY A 37 -15.73 15.75 -0.32
C GLY A 37 -14.68 16.69 0.25
N THR A 38 -14.44 16.61 1.55
CA THR A 38 -13.49 17.52 2.20
C THR A 38 -12.08 17.29 1.69
N ALA A 39 -11.66 16.03 1.51
CA ALA A 39 -10.31 15.75 1.05
C ALA A 39 -10.12 16.18 -0.40
N LYS A 40 -11.07 15.84 -1.27
CA LYS A 40 -10.93 16.20 -2.68
C LYS A 40 -11.11 17.69 -2.91
N SER A 41 -11.74 18.41 -1.98
CA SER A 41 -11.79 19.87 -2.08
C SER A 41 -10.54 20.51 -1.49
N GLY A 42 -10.02 19.96 -0.39
CA GLY A 42 -8.79 20.47 0.18
C GLY A 42 -7.59 20.28 -0.72
N ILE A 43 -7.58 19.20 -1.51
CA ILE A 43 -6.49 19.02 -2.47
C ILE A 43 -6.48 20.16 -3.48
N GLY A 44 -7.65 20.49 -4.03
CA GLY A 44 -7.73 21.61 -4.95
C GLY A 44 -7.41 22.93 -4.30
N ILE A 45 -7.87 23.14 -3.07
CA ILE A 45 -7.59 24.38 -2.36
C ILE A 45 -6.09 24.54 -2.13
N ALA A 46 -5.41 23.46 -1.73
CA ALA A 46 -3.97 23.50 -1.57
C ALA A 46 -3.27 23.74 -2.89
N GLY A 47 -3.76 23.13 -3.97
CA GLY A 47 -3.17 23.35 -5.28
C GLY A 47 -3.25 24.80 -5.73
N ILE A 48 -4.41 25.43 -5.54
CA ILE A 48 -4.55 26.83 -5.91
C ILE A 48 -3.85 27.75 -4.92
N GLY A 49 -3.58 27.27 -3.71
CA GLY A 49 -2.96 28.13 -2.71
C GLY A 49 -1.54 28.53 -3.06
N THR A 50 -0.80 27.63 -3.71
CA THR A 50 0.59 27.93 -4.04
C THR A 50 0.69 29.09 -5.02
N PHE A 51 -0.28 29.22 -5.93
CA PHE A 51 -0.27 30.27 -6.93
C PHE A 51 -1.20 31.43 -6.59
N LYS A 52 -2.41 31.14 -6.09
CA LYS A 52 -3.39 32.17 -5.76
C LYS A 52 -3.92 31.90 -4.34
N PRO A 53 -3.13 32.22 -3.32
CA PRO A 53 -3.59 31.95 -1.94
C PRO A 53 -4.71 32.87 -1.48
N GLU A 54 -4.94 33.99 -2.15
CA GLU A 54 -5.93 34.94 -1.68
C GLU A 54 -7.35 34.43 -1.84
N LEU A 55 -7.60 33.56 -2.81
CA LEU A 55 -8.93 33.06 -3.11
C LEU A 55 -9.30 31.84 -2.27
N ILE A 56 -8.43 31.39 -1.37
CA ILE A 56 -8.77 30.28 -0.49
C ILE A 56 -9.90 30.66 0.46
N MET A 57 -10.00 31.95 0.79
CA MET A 57 -10.97 32.40 1.78
C MET A 57 -12.39 32.03 1.38
N LYS A 58 -12.75 32.24 0.12
CA LYS A 58 -14.08 31.90 -0.37
C LYS A 58 -14.15 30.52 -1.02
N SER A 59 -13.02 29.82 -1.12
CA SER A 59 -12.98 28.51 -1.76
C SER A 59 -13.28 27.37 -0.79
N LEU A 60 -13.58 27.67 0.47
CA LEU A 60 -13.91 26.64 1.44
C LEU A 60 -15.36 26.18 1.35
N ILE A 61 -16.17 26.80 0.47
CA ILE A 61 -17.57 26.41 0.36
C ILE A 61 -17.74 24.92 0.06
N PRO A 62 -17.03 24.31 -0.89
CA PRO A 62 -17.17 22.86 -1.06
C PRO A 62 -16.88 22.08 0.21
N VAL A 63 -15.87 22.50 0.97
CA VAL A 63 -15.53 21.81 2.21
C VAL A 63 -16.68 21.93 3.20
N VAL A 64 -17.22 23.14 3.37
CA VAL A 64 -18.25 23.35 4.39
C VAL A 64 -19.53 22.60 4.03
N MET A 65 -19.87 22.52 2.74
CA MET A 65 -21.09 21.80 2.40
C MET A 65 -20.88 20.30 2.26
N SER A 66 -19.63 19.84 2.11
CA SER A 66 -19.38 18.41 2.24
C SER A 66 -19.38 17.99 3.70
N GLY A 67 -19.04 18.89 4.61
CA GLY A 67 -19.14 18.61 6.02
C GLY A 67 -20.56 18.57 6.54
N ILE A 68 -21.49 19.23 5.86
CA ILE A 68 -22.89 19.19 6.26
C ILE A 68 -23.47 17.80 6.05
N LEU A 69 -22.94 17.05 5.09
CA LEU A 69 -23.40 15.67 4.89
C LEU A 69 -23.19 14.83 6.14
N ALA A 70 -22.06 15.01 6.81
CA ALA A 70 -21.84 14.36 8.09
C ALA A 70 -22.90 14.79 9.10
N ILE A 71 -23.36 16.03 9.03
CA ILE A 71 -24.43 16.48 9.91
C ILE A 71 -25.74 15.78 9.58
N TYR A 72 -26.00 15.56 8.28
CA TYR A 72 -27.18 14.80 7.88
C TYR A 72 -27.13 13.39 8.45
N GLY A 73 -25.98 12.73 8.31
CA GLY A 73 -25.84 11.39 8.86
C GLY A 73 -25.96 11.36 10.37
N LEU A 74 -25.40 12.38 11.04
CA LEU A 74 -25.51 12.45 12.49
C LEU A 74 -26.96 12.61 12.92
N VAL A 75 -27.72 13.46 12.21
CA VAL A 75 -29.13 13.66 12.55
C VAL A 75 -29.91 12.37 12.37
N VAL A 76 -29.70 11.69 11.24
CA VAL A 76 -30.44 10.47 10.99
C VAL A 76 -30.07 9.38 11.99
N ALA A 77 -28.78 9.28 12.32
CA ALA A 77 -28.35 8.28 13.30
C ALA A 77 -28.91 8.60 14.68
N VAL A 78 -29.00 9.88 15.05
CA VAL A 78 -29.56 10.26 16.33
C VAL A 78 -31.04 9.89 16.39
N LEU A 79 -31.79 10.18 15.33
CA LEU A 79 -33.20 9.80 15.32
C LEU A 79 -33.41 8.30 15.27
N ILE A 80 -32.52 7.54 14.63
CA ILE A 80 -32.65 6.08 14.62
C ILE A 80 -32.34 5.51 15.99
N ALA A 81 -31.26 5.97 16.62
CA ALA A 81 -30.85 5.43 17.91
C ALA A 81 -31.78 5.85 19.05
N GLY A 82 -32.56 6.91 18.85
CA GLY A 82 -33.52 7.30 19.87
C GLY A 82 -34.70 6.36 19.98
N ASN A 83 -34.99 5.59 18.93
CA ASN A 83 -36.08 4.63 18.94
C ASN A 83 -35.64 3.24 19.37
N LEU A 84 -34.36 3.07 19.74
CA LEU A 84 -33.83 1.79 20.16
C LEU A 84 -33.60 1.79 21.66
N SER A 85 -34.18 0.81 22.35
CA SER A 85 -34.05 0.68 23.80
C SER A 85 -34.26 -0.78 24.17
N PRO A 86 -33.45 -1.33 25.09
CA PRO A 86 -33.65 -2.74 25.46
C PRO A 86 -35.00 -3.02 26.06
N THR A 87 -35.54 -2.09 26.84
CA THR A 87 -36.87 -2.25 27.45
C THR A 87 -37.93 -1.53 26.61
N GLU A 88 -38.10 -2.02 25.39
CA GLU A 88 -39.06 -1.45 24.46
C GLU A 88 -39.32 -2.45 23.35
N ASP A 89 -40.59 -2.57 22.95
CA ASP A 89 -40.96 -3.50 21.90
C ASP A 89 -40.50 -2.96 20.55
N TYR A 90 -39.31 -3.36 20.12
CA TYR A 90 -38.74 -2.92 18.84
C TYR A 90 -39.12 -3.94 17.78
N THR A 91 -40.13 -3.61 16.98
CA THR A 91 -40.65 -4.55 16.00
C THR A 91 -39.66 -4.74 14.86
N LEU A 92 -39.72 -5.94 14.25
CA LEU A 92 -38.82 -6.24 13.15
C LEU A 92 -39.08 -5.34 11.94
N PHE A 93 -40.34 -4.96 11.74
CA PHE A 93 -40.64 -3.92 10.76
C PHE A 93 -39.82 -2.67 11.01
N ASN A 94 -39.80 -2.20 12.26
CA ASN A 94 -39.07 -0.99 12.59
C ASN A 94 -37.58 -1.17 12.37
N GLY A 95 -37.04 -2.35 12.73
CA GLY A 95 -35.62 -2.59 12.51
C GLY A 95 -35.24 -2.60 11.04
N PHE A 96 -36.01 -3.32 10.24
CA PHE A 96 -35.75 -3.34 8.80
C PHE A 96 -35.85 -1.95 8.19
N MET A 97 -36.87 -1.19 8.61
CA MET A 97 -37.10 0.09 7.97
C MET A 97 -36.11 1.14 8.46
N HIS A 98 -35.58 0.98 9.68
CA HIS A 98 -34.46 1.82 10.13
C HIS A 98 -33.17 1.45 9.39
N LEU A 99 -32.97 0.16 9.09
CA LEU A 99 -31.86 -0.22 8.24
C LEU A 99 -31.98 0.43 6.86
N SER A 100 -33.20 0.48 6.33
CA SER A 100 -33.43 1.19 5.08
C SER A 100 -33.15 2.68 5.23
N CYS A 101 -33.55 3.29 6.35
CA CYS A 101 -33.20 4.68 6.64
C CYS A 101 -31.69 4.88 6.52
N GLY A 102 -30.94 4.03 7.22
CA GLY A 102 -29.50 4.19 7.24
C GLY A 102 -28.87 4.02 5.88
N LEU A 103 -29.28 2.98 5.15
CA LEU A 103 -28.73 2.76 3.82
C LEU A 103 -29.04 3.94 2.90
N CYS A 104 -30.30 4.39 2.90
CA CYS A 104 -30.72 5.49 2.04
C CYS A 104 -29.89 6.74 2.31
N VAL A 105 -29.87 7.18 3.58
CA VAL A 105 -29.21 8.44 3.88
C VAL A 105 -27.71 8.32 3.74
N GLY A 106 -27.13 7.19 4.15
CA GLY A 106 -25.69 7.03 4.06
C GLY A 106 -25.20 7.01 2.63
N PHE A 107 -25.87 6.28 1.75
CA PHE A 107 -25.43 6.26 0.36
C PHE A 107 -25.79 7.53 -0.39
N ALA A 108 -26.90 8.19 -0.06
CA ALA A 108 -27.15 9.50 -0.65
C ALA A 108 -26.09 10.50 -0.25
N CYS A 109 -25.68 10.50 1.03
CA CYS A 109 -24.63 11.41 1.46
C CYS A 109 -23.28 11.03 0.88
N LEU A 110 -23.03 9.73 0.69
CA LEU A 110 -21.79 9.30 0.03
C LEU A 110 -21.75 9.77 -1.42
N SER A 111 -22.87 9.65 -2.12
CA SER A 111 -22.93 10.16 -3.50
C SER A 111 -22.75 11.67 -3.53
N SER A 112 -23.39 12.38 -2.59
CA SER A 112 -23.24 13.83 -2.53
C SER A 112 -21.79 14.21 -2.24
N GLY A 113 -21.14 13.48 -1.34
CA GLY A 113 -19.74 13.76 -1.04
C GLY A 113 -18.83 13.50 -2.21
N TYR A 114 -19.07 12.41 -2.94
CA TYR A 114 -18.29 12.14 -4.14
C TYR A 114 -18.47 13.25 -5.17
N ALA A 115 -19.72 13.67 -5.39
CA ALA A 115 -19.98 14.73 -6.35
C ALA A 115 -19.33 16.04 -5.93
N ILE A 116 -19.44 16.38 -4.63
CA ILE A 116 -18.85 17.61 -4.13
C ILE A 116 -17.33 17.55 -4.25
N GLY A 117 -16.74 16.38 -4.01
CA GLY A 117 -15.31 16.25 -4.17
C GLY A 117 -14.85 16.43 -5.61
N MET A 118 -15.55 15.78 -6.54
CA MET A 118 -15.18 15.95 -7.95
C MET A 118 -15.44 17.36 -8.46
N VAL A 119 -16.39 18.08 -7.88
CA VAL A 119 -16.63 19.46 -8.29
C VAL A 119 -15.66 20.44 -7.65
N GLY A 120 -15.30 20.26 -6.39
CA GLY A 120 -14.40 21.16 -5.72
C GLY A 120 -12.94 20.89 -6.03
N ASP A 121 -12.64 19.68 -6.52
CA ASP A 121 -11.28 19.39 -6.95
C ASP A 121 -10.90 20.22 -8.17
N VAL A 122 -11.85 20.44 -9.08
CA VAL A 122 -11.60 21.23 -10.28
C VAL A 122 -12.35 22.55 -10.27
N GLY A 123 -13.36 22.72 -9.40
CA GLY A 123 -14.05 24.00 -9.33
C GLY A 123 -13.18 25.13 -8.82
N VAL A 124 -12.41 24.87 -7.75
CA VAL A 124 -11.53 25.91 -7.24
C VAL A 124 -10.25 26.01 -8.08
N ARG A 125 -9.85 24.92 -8.74
CA ARG A 125 -8.68 24.97 -9.60
C ARG A 125 -8.95 25.75 -10.88
N LYS A 126 -10.21 25.99 -11.22
CA LYS A 126 -10.57 26.85 -12.34
C LYS A 126 -11.15 28.18 -11.91
N TYR A 127 -11.62 28.29 -10.67
CA TYR A 127 -12.04 29.58 -10.13
C TYR A 127 -10.84 30.50 -9.90
N MET A 128 -9.64 29.93 -9.72
CA MET A 128 -8.45 30.75 -9.53
C MET A 128 -8.14 31.58 -10.77
N HIS A 129 -8.53 31.09 -11.96
CA HIS A 129 -8.26 31.85 -13.18
C HIS A 129 -9.13 33.10 -13.27
N GLN A 130 -10.41 32.98 -12.92
CA GLN A 130 -11.31 34.14 -12.89
C GLN A 130 -12.43 33.89 -11.89
N PRO A 131 -12.91 34.94 -11.21
CA PRO A 131 -14.01 34.76 -10.26
C PRO A 131 -15.39 34.67 -10.90
N ARG A 132 -15.48 34.68 -12.23
CA ARG A 132 -16.79 34.65 -12.88
C ARG A 132 -17.41 33.26 -12.85
N LEU A 133 -16.63 32.21 -12.60
CA LEU A 133 -17.15 30.86 -12.52
C LEU A 133 -17.69 30.50 -11.15
N PHE A 134 -17.64 31.43 -10.20
CA PHE A 134 -18.08 31.15 -8.83
C PHE A 134 -19.56 30.78 -8.80
N VAL A 135 -20.38 31.51 -9.54
CA VAL A 135 -21.82 31.24 -9.53
C VAL A 135 -22.09 29.83 -10.08
N GLY A 136 -21.45 29.48 -11.19
CA GLY A 136 -21.63 28.16 -11.75
C GLY A 136 -21.19 27.06 -10.80
N ILE A 137 -20.03 27.25 -10.15
CA ILE A 137 -19.54 26.24 -9.22
C ILE A 137 -20.49 26.09 -8.04
N VAL A 138 -21.02 27.21 -7.53
CA VAL A 138 -21.94 27.15 -6.41
C VAL A 138 -23.23 26.41 -6.80
N LEU A 139 -23.75 26.69 -8.00
CA LEU A 139 -24.95 25.98 -8.44
C LEU A 139 -24.69 24.48 -8.60
N ILE A 140 -23.53 24.11 -9.15
CA ILE A 140 -23.22 22.68 -9.29
C ILE A 140 -23.09 22.03 -7.92
N LEU A 141 -22.47 22.73 -6.96
CA LEU A 141 -22.33 22.19 -5.61
C LEU A 141 -23.67 22.06 -4.91
N ILE A 142 -24.59 23.00 -5.15
CA ILE A 142 -25.95 22.87 -4.61
C ILE A 142 -26.65 21.66 -5.21
N PHE A 143 -26.49 21.47 -6.53
CA PHE A 143 -27.03 20.29 -7.19
C PHE A 143 -26.45 19.00 -6.64
N SER A 144 -25.21 19.04 -6.17
CA SER A 144 -24.60 17.89 -5.52
C SER A 144 -25.11 17.67 -4.10
N GLU A 145 -25.37 18.76 -3.37
CA GLU A 145 -25.80 18.66 -1.99
C GLU A 145 -27.27 18.24 -1.88
N VAL A 146 -28.09 18.60 -2.87
CA VAL A 146 -29.50 18.24 -2.78
C VAL A 146 -29.70 16.72 -2.83
N LEU A 147 -28.72 15.97 -3.32
CA LEU A 147 -28.82 14.51 -3.25
C LEU A 147 -28.82 14.03 -1.80
N GLY A 148 -27.86 14.51 -1.01
CA GLY A 148 -27.86 14.21 0.41
C GLY A 148 -29.08 14.77 1.12
N LEU A 149 -29.56 15.93 0.69
CA LEU A 149 -30.80 16.46 1.25
C LEU A 149 -31.98 15.51 1.00
N TYR A 150 -32.08 14.99 -0.22
CA TYR A 150 -33.13 14.02 -0.53
C TYR A 150 -32.98 12.77 0.32
N GLY A 151 -31.76 12.28 0.48
CA GLY A 151 -31.54 11.12 1.31
C GLY A 151 -31.97 11.34 2.75
N MET A 152 -31.63 12.52 3.31
CA MET A 152 -32.04 12.83 4.67
C MET A 152 -33.55 12.94 4.79
N ILE A 153 -34.21 13.53 3.79
CA ILE A 153 -35.66 13.64 3.82
C ILE A 153 -36.30 12.26 3.79
N VAL A 154 -35.79 11.37 2.93
CA VAL A 154 -36.31 10.01 2.87
C VAL A 154 -36.10 9.29 4.19
N ALA A 155 -34.91 9.47 4.80
CA ALA A 155 -34.65 8.84 6.09
C ALA A 155 -35.59 9.36 7.18
N LEU A 156 -35.84 10.67 7.17
CA LEU A 156 -36.77 11.24 8.16
C LEU A 156 -38.16 10.68 8.00
N ILE A 157 -38.66 10.63 6.75
CA ILE A 157 -39.98 10.06 6.50
C ILE A 157 -40.02 8.60 6.94
N LEU A 158 -38.95 7.85 6.62
CA LEU A 158 -38.90 6.43 6.96
C LEU A 158 -38.94 6.22 8.46
N ASN A 159 -38.14 6.97 9.22
CA ASN A 159 -38.13 6.75 10.66
C ASN A 159 -39.43 7.23 11.31
N THR A 160 -40.00 8.32 10.79
CA THR A 160 -41.29 8.79 11.31
C THR A 160 -42.38 7.75 11.09
N ARG A 161 -42.43 7.14 9.92
CA ARG A 161 -43.43 6.11 9.66
C ARG A 161 -43.15 4.84 10.45
N GLY A 162 -41.87 4.46 10.60
CA GLY A 162 -41.53 3.26 11.34
C GLY A 162 -41.83 3.37 12.82
N SER A 163 -41.66 4.56 13.40
CA SER A 163 -41.95 4.74 14.82
C SER A 163 -43.42 4.46 15.11
N GLU A 164 -44.31 4.94 14.25
CA GLU A 164 -45.74 4.70 14.43
C GLU A 164 -46.24 3.58 13.52
N SER B 16 -8.81 -12.02 -13.38
CA SER B 16 -8.43 -11.79 -11.99
C SER B 16 -8.93 -12.91 -11.09
N PHE B 17 -8.03 -13.43 -10.25
CA PHE B 17 -8.40 -14.53 -9.36
C PHE B 17 -9.41 -14.06 -8.32
N SER B 18 -9.24 -12.85 -7.78
CA SER B 18 -10.17 -12.35 -6.78
C SER B 18 -11.56 -12.14 -7.36
N HIS B 19 -11.65 -11.59 -8.57
CA HIS B 19 -12.95 -11.41 -9.20
C HIS B 19 -13.62 -12.75 -9.48
N PHE B 20 -12.85 -13.74 -9.93
CA PHE B 20 -13.40 -15.07 -10.16
C PHE B 20 -13.88 -15.69 -8.86
N LEU B 21 -13.13 -15.52 -7.77
CA LEU B 21 -13.57 -16.04 -6.48
C LEU B 21 -14.87 -15.37 -6.03
N TYR B 22 -14.97 -14.05 -6.19
CA TYR B 22 -16.19 -13.35 -5.82
C TYR B 22 -17.37 -13.84 -6.63
N TYR B 23 -17.18 -14.00 -7.94
CA TYR B 23 -18.27 -14.47 -8.80
C TYR B 23 -18.67 -15.90 -8.44
N LEU B 24 -17.70 -16.77 -8.17
CA LEU B 24 -18.01 -18.14 -7.78
C LEU B 24 -18.75 -18.18 -6.46
N VAL B 25 -18.35 -17.34 -5.50
CA VAL B 25 -19.05 -17.28 -4.22
C VAL B 25 -20.49 -16.81 -4.42
N LEU B 26 -20.68 -15.80 -5.28
CA LEU B 26 -22.03 -15.32 -5.55
C LEU B 26 -22.89 -16.41 -6.20
N ILE B 27 -22.32 -17.14 -7.16
CA ILE B 27 -23.07 -18.20 -7.82
C ILE B 27 -23.42 -19.31 -6.84
N VAL B 28 -22.47 -19.68 -5.98
CA VAL B 28 -22.73 -20.73 -5.00
C VAL B 28 -23.83 -20.29 -4.03
N VAL B 29 -23.77 -19.03 -3.57
CA VAL B 29 -24.79 -18.53 -2.66
C VAL B 29 -26.16 -18.53 -3.32
N ILE B 30 -26.23 -18.07 -4.57
CA ILE B 30 -27.51 -18.02 -5.27
C ILE B 30 -28.05 -19.43 -5.49
N VAL B 31 -27.18 -20.36 -5.90
CA VAL B 31 -27.62 -21.73 -6.14
C VAL B 31 -28.11 -22.38 -4.85
N TYR B 32 -27.39 -22.18 -3.75
CA TYR B 32 -27.81 -22.75 -2.48
C TYR B 32 -29.14 -22.17 -2.02
N GLY B 33 -29.30 -20.84 -2.15
CA GLY B 33 -30.56 -20.22 -1.79
C GLY B 33 -31.72 -20.72 -2.61
N LEU B 34 -31.51 -20.84 -3.93
CA LEU B 34 -32.58 -21.35 -4.79
C LEU B 34 -32.89 -22.81 -4.50
N TYR B 35 -31.87 -23.61 -4.17
CA TYR B 35 -32.11 -25.01 -3.83
C TYR B 35 -32.92 -25.12 -2.54
N LYS B 36 -32.58 -24.31 -1.54
CA LYS B 36 -33.34 -24.35 -0.28
C LYS B 36 -34.76 -23.83 -0.50
N LEU B 37 -34.93 -22.78 -1.30
CA LEU B 37 -36.24 -22.19 -1.50
C LEU B 37 -37.16 -23.11 -2.30
N PHE B 38 -36.65 -23.68 -3.39
CA PHE B 38 -37.49 -24.48 -4.28
C PHE B 38 -37.95 -25.77 -3.60
N THR B 39 -37.06 -26.41 -2.84
CA THR B 39 -37.41 -27.67 -2.19
C THR B 39 -38.38 -27.49 -1.04
N GLY B 40 -38.67 -26.26 -0.63
CA GLY B 40 -39.55 -25.99 0.48
C GLY B 40 -38.87 -25.73 1.79
N HIS B 41 -37.53 -25.71 1.82
CA HIS B 41 -36.75 -25.43 3.01
C HIS B 41 -36.16 -24.02 2.99
N GLY B 42 -36.87 -23.06 2.40
CA GLY B 42 -36.36 -21.71 2.32
C GLY B 42 -36.15 -21.07 3.68
N SER B 43 -37.02 -21.38 4.63
CA SER B 43 -36.89 -20.85 5.98
C SER B 43 -35.69 -21.44 6.73
N ASP B 44 -35.07 -22.49 6.21
CA ASP B 44 -33.90 -23.07 6.88
C ASP B 44 -32.70 -22.14 6.84
N ILE B 45 -32.64 -21.22 5.88
CA ILE B 45 -31.61 -20.16 5.89
C ILE B 45 -32.20 -19.03 6.71
N ASN B 46 -32.06 -19.16 8.03
CA ASN B 46 -32.69 -18.26 8.98
C ASN B 46 -31.61 -17.39 9.63
N PHE B 47 -31.56 -16.12 9.22
CA PHE B 47 -30.68 -15.16 9.89
C PHE B 47 -31.18 -14.80 11.27
N GLY B 48 -32.50 -14.90 11.49
CA GLY B 48 -33.03 -14.62 12.82
C GLY B 48 -32.53 -15.59 13.86
N LYS B 49 -32.56 -16.89 13.54
CA LYS B 49 -32.01 -17.88 14.46
C LYS B 49 -30.50 -17.74 14.59
N PHE B 50 -29.82 -17.32 13.53
CA PHE B 50 -28.39 -17.08 13.62
C PHE B 50 -28.08 -15.95 14.60
N LEU B 51 -28.88 -14.88 14.58
CA LEU B 51 -28.64 -13.77 15.49
C LEU B 51 -29.09 -14.08 16.91
N LEU B 52 -30.18 -14.83 17.07
CA LEU B 52 -30.67 -15.16 18.41
C LEU B 52 -29.76 -16.18 19.11
N ARG B 53 -29.27 -17.17 18.37
CA ARG B 53 -28.46 -18.23 18.96
C ARG B 53 -26.98 -17.90 19.04
N THR B 54 -26.56 -16.78 18.45
CA THR B 54 -25.18 -16.33 18.56
C THR B 54 -24.96 -15.62 19.89
N SER B 55 -23.87 -15.94 20.56
CA SER B 55 -23.59 -15.36 21.86
C SER B 55 -23.36 -13.86 21.72
N PRO B 56 -24.09 -13.02 22.46
CA PRO B 56 -23.84 -11.57 22.40
C PRO B 56 -22.46 -11.17 22.89
N TYR B 57 -21.77 -12.03 23.64
CA TYR B 57 -20.36 -11.76 23.94
C TYR B 57 -19.55 -11.66 22.66
N MET B 58 -19.86 -12.50 21.67
CA MET B 58 -19.17 -12.42 20.39
C MET B 58 -19.37 -11.05 19.76
N TRP B 59 -20.61 -10.58 19.69
CA TRP B 59 -20.88 -9.29 19.09
C TRP B 59 -20.20 -8.17 19.86
N ALA B 60 -20.28 -8.19 21.19
CA ALA B 60 -19.69 -7.13 22.00
C ALA B 60 -18.17 -7.09 21.82
N ASN B 61 -17.52 -8.24 21.90
CA ASN B 61 -16.07 -8.29 21.80
C ASN B 61 -15.60 -7.96 20.39
N LEU B 62 -16.31 -8.44 19.37
CA LEU B 62 -15.97 -8.07 18.00
C LEU B 62 -16.15 -6.57 17.78
N GLY B 63 -17.22 -5.99 18.33
CA GLY B 63 -17.41 -4.56 18.20
C GLY B 63 -16.30 -3.76 18.86
N ILE B 64 -15.92 -4.14 20.08
CA ILE B 64 -14.84 -3.43 20.76
C ILE B 64 -13.53 -3.58 20.01
N ALA B 65 -13.19 -4.81 19.61
CA ALA B 65 -11.94 -5.08 18.94
C ALA B 65 -11.87 -4.36 17.60
N LEU B 66 -12.96 -4.39 16.83
CA LEU B 66 -12.96 -3.71 15.54
C LEU B 66 -12.99 -2.20 15.71
N CYS B 67 -13.65 -1.69 16.74
CA CYS B 67 -13.61 -0.26 17.01
C CYS B 67 -12.18 0.20 17.24
N VAL B 68 -11.48 -0.43 18.18
CA VAL B 68 -10.12 0.01 18.47
C VAL B 68 -9.20 -0.26 17.29
N GLY B 69 -9.37 -1.41 16.63
CA GLY B 69 -8.50 -1.76 15.51
C GLY B 69 -8.65 -0.81 14.34
N LEU B 70 -9.89 -0.50 13.96
CA LEU B 70 -10.11 0.40 12.83
C LEU B 70 -9.77 1.84 13.19
N SER B 71 -10.00 2.25 14.45
CA SER B 71 -9.55 3.57 14.86
C SER B 71 -8.04 3.69 14.74
N VAL B 72 -7.32 2.66 15.20
CA VAL B 72 -5.86 2.67 15.11
C VAL B 72 -5.41 2.60 13.64
N VAL B 73 -6.14 1.84 12.82
CA VAL B 73 -5.79 1.74 11.41
C VAL B 73 -5.94 3.09 10.72
N GLY B 74 -7.03 3.79 11.00
CA GLY B 74 -7.20 5.13 10.44
C GLY B 74 -6.18 6.11 10.95
N ALA B 75 -5.87 6.05 12.26
CA ALA B 75 -4.86 6.92 12.83
C ALA B 75 -3.51 6.69 12.16
N ALA B 76 -3.11 5.43 12.02
CA ALA B 76 -1.84 5.10 11.36
C ALA B 76 -1.86 5.49 9.90
N TRP B 77 -3.01 5.35 9.25
CA TRP B 77 -3.13 5.71 7.84
C TRP B 77 -2.86 7.19 7.65
N GLY B 78 -3.58 8.02 8.41
CA GLY B 78 -3.34 9.45 8.36
C GLY B 78 -1.94 9.82 8.78
N ILE B 79 -1.41 9.10 9.78
CA ILE B 79 -0.08 9.41 10.28
C ILE B 79 0.97 9.19 9.22
N PHE B 80 0.90 8.07 8.48
CA PHE B 80 1.97 7.89 7.50
C PHE B 80 1.74 8.76 6.28
N ILE B 81 0.49 9.00 5.87
CA ILE B 81 0.26 9.91 4.75
C ILE B 81 0.81 11.29 5.07
N THR B 82 0.54 11.80 6.28
CA THR B 82 1.03 13.12 6.64
C THR B 82 2.54 13.12 6.85
N GLY B 83 3.07 12.08 7.49
CA GLY B 83 4.49 12.06 7.80
C GLY B 83 5.37 11.95 6.58
N SER B 84 4.96 11.15 5.60
CA SER B 84 5.74 11.06 4.37
C SER B 84 5.85 12.43 3.69
N SER B 85 4.74 13.16 3.61
CA SER B 85 4.78 14.48 3.00
C SER B 85 5.55 15.47 3.85
N MET B 86 5.41 15.40 5.18
CA MET B 86 6.16 16.30 6.05
C MET B 86 7.66 16.10 5.90
N ILE B 87 8.11 14.85 5.85
CA ILE B 87 9.53 14.58 5.69
C ILE B 87 10.00 14.96 4.28
N GLY B 88 9.17 14.68 3.27
CA GLY B 88 9.56 15.04 1.92
C GLY B 88 9.71 16.54 1.72
N ALA B 89 8.77 17.32 2.27
CA ALA B 89 8.83 18.76 2.15
C ALA B 89 9.78 19.39 3.16
N GLY B 90 10.18 18.65 4.19
CA GLY B 90 11.12 19.15 5.17
C GLY B 90 12.57 19.09 4.75
N VAL B 91 12.89 18.40 3.66
CA VAL B 91 14.27 18.34 3.19
C VAL B 91 14.75 19.74 2.84
N ARG B 92 13.91 20.53 2.17
CA ARG B 92 14.24 21.91 1.87
C ARG B 92 13.77 22.87 2.95
N ALA B 93 12.69 22.55 3.66
CA ALA B 93 12.12 23.41 4.69
C ALA B 93 11.92 22.59 5.96
N PRO B 94 12.98 22.36 6.75
CA PRO B 94 12.82 21.60 7.99
C PRO B 94 11.96 22.29 9.03
N ARG B 95 11.71 23.59 8.87
CA ARG B 95 10.94 24.34 9.86
C ARG B 95 9.48 23.91 9.92
N ILE B 96 9.00 23.14 8.94
CA ILE B 96 7.57 22.84 8.87
C ILE B 96 7.17 21.65 9.72
N THR B 97 8.11 20.85 10.21
CA THR B 97 7.75 19.64 10.95
C THR B 97 7.03 19.98 12.25
N THR B 98 7.58 20.91 13.03
CA THR B 98 6.96 21.28 14.29
C THR B 98 5.61 21.96 14.09
N LYS B 99 5.48 22.74 13.02
CA LYS B 99 4.22 23.42 12.76
C LYS B 99 3.15 22.49 12.20
N ASN B 100 3.54 21.46 11.46
CA ASN B 100 2.60 20.48 10.91
C ASN B 100 2.39 19.28 11.82
N LEU B 101 3.06 19.23 12.98
CA LEU B 101 2.77 18.19 13.95
C LEU B 101 1.31 18.22 14.40
N ILE B 102 0.62 19.36 14.24
CA ILE B 102 -0.80 19.43 14.55
C ILE B 102 -1.58 18.45 13.67
N SER B 103 -1.11 18.22 12.44
CA SER B 103 -1.75 17.26 11.57
C SER B 103 -1.65 15.84 12.15
N ILE B 104 -0.47 15.47 12.66
CA ILE B 104 -0.33 14.16 13.27
C ILE B 104 -1.16 14.07 14.55
N ILE B 105 -1.29 15.17 15.28
CA ILE B 105 -2.14 15.18 16.47
C ILE B 105 -3.59 14.91 16.08
N PHE B 106 -4.06 15.56 15.01
CA PHE B 106 -5.41 15.34 14.51
C PHE B 106 -5.59 13.95 13.93
N CYS B 107 -4.52 13.30 13.47
CA CYS B 107 -4.61 11.91 13.06
C CYS B 107 -4.66 10.94 14.24
N GLU B 108 -3.95 11.24 15.33
CA GLU B 108 -3.94 10.36 16.50
C GLU B 108 -5.15 10.58 17.40
N VAL B 109 -5.85 11.71 17.27
CA VAL B 109 -7.01 11.93 18.12
C VAL B 109 -8.11 10.91 17.80
N VAL B 110 -8.14 10.38 16.57
CA VAL B 110 -9.12 9.35 16.27
C VAL B 110 -8.78 8.04 16.97
N ALA B 111 -7.49 7.73 17.13
CA ALA B 111 -7.10 6.59 17.94
C ALA B 111 -7.47 6.81 19.39
N ILE B 112 -7.32 8.05 19.87
CA ILE B 112 -7.79 8.38 21.22
C ILE B 112 -9.29 8.13 21.34
N TYR B 113 -10.05 8.54 20.33
CA TYR B 113 -11.50 8.33 20.33
C TYR B 113 -11.83 6.85 20.38
N GLY B 114 -11.15 6.05 19.56
CA GLY B 114 -11.38 4.62 19.57
C GLY B 114 -11.05 3.98 20.90
N LEU B 115 -9.93 4.42 21.51
CA LEU B 115 -9.57 3.92 22.83
C LEU B 115 -10.63 4.25 23.87
N ILE B 116 -11.13 5.48 23.84
CA ILE B 116 -12.16 5.88 24.80
C ILE B 116 -13.43 5.05 24.61
N ILE B 117 -13.85 4.87 23.36
CA ILE B 117 -15.04 4.08 23.09
C ILE B 117 -14.84 2.64 23.53
N ALA B 118 -13.63 2.10 23.33
CA ALA B 118 -13.34 0.74 23.77
C ALA B 118 -13.42 0.64 25.29
N ILE B 119 -12.91 1.64 26.01
CA ILE B 119 -13.01 1.63 27.47
C ILE B 119 -14.47 1.65 27.90
N VAL B 120 -15.26 2.53 27.28
CA VAL B 120 -16.67 2.65 27.64
C VAL B 120 -17.41 1.34 27.39
N PHE B 121 -17.13 0.68 26.27
CA PHE B 121 -17.82 -0.56 25.95
C PHE B 121 -17.35 -1.70 26.85
N SER B 122 -16.05 -1.77 27.12
CA SER B 122 -15.52 -2.79 28.02
C SER B 122 -16.06 -2.64 29.44
N SER B 123 -16.47 -1.42 29.81
CA SER B 123 -17.13 -1.26 31.10
C SER B 123 -18.46 -2.01 31.17
N LYS B 124 -19.00 -2.42 30.03
CA LYS B 124 -20.28 -3.14 29.97
C LYS B 124 -20.12 -4.63 29.76
N LEU B 125 -18.91 -5.17 29.91
CA LEU B 125 -18.67 -6.60 29.70
C LEU B 125 -18.76 -7.34 31.03
N THR B 126 -19.99 -7.71 31.38
CA THR B 126 -20.29 -8.42 32.61
C THR B 126 -20.73 -9.85 32.30
N VAL B 127 -20.34 -10.78 33.16
CA VAL B 127 -20.75 -12.17 32.99
C VAL B 127 -22.23 -12.30 33.28
N ALA B 128 -22.96 -12.97 32.38
CA ALA B 128 -24.38 -13.16 32.52
C ALA B 128 -24.70 -14.61 32.85
N THR B 129 -25.84 -14.81 33.52
CA THR B 129 -26.26 -16.15 33.92
C THR B 129 -26.69 -16.97 32.71
N ALA B 130 -26.70 -18.29 32.90
CA ALA B 130 -27.05 -19.19 31.80
C ALA B 130 -28.52 -19.02 31.39
N GLU B 131 -29.42 -18.87 32.35
CA GLU B 131 -30.84 -18.76 32.01
C GLU B 131 -31.14 -17.45 31.27
N ASN B 132 -30.50 -16.36 31.68
CA ASN B 132 -30.66 -15.07 31.01
C ASN B 132 -29.56 -14.81 30.00
N MET B 133 -29.06 -15.87 29.36
CA MET B 133 -27.92 -15.73 28.45
C MET B 133 -28.32 -14.91 27.23
N TYR B 134 -29.41 -15.30 26.58
CA TYR B 134 -29.91 -14.66 25.37
C TYR B 134 -31.18 -13.86 25.62
N SER B 135 -31.23 -13.15 26.74
CA SER B 135 -32.39 -12.32 27.04
C SER B 135 -32.45 -11.13 26.08
N LYS B 136 -33.59 -10.42 26.13
CA LYS B 136 -33.76 -9.25 25.26
C LYS B 136 -32.71 -8.19 25.56
N SER B 137 -32.47 -7.91 26.85
CA SER B 137 -31.48 -6.92 27.22
C SER B 137 -30.08 -7.34 26.81
N ASN B 138 -29.74 -8.62 27.00
CA ASN B 138 -28.41 -9.10 26.63
C ASN B 138 -28.19 -9.06 25.12
N LEU B 139 -29.19 -9.49 24.35
CA LEU B 139 -29.07 -9.43 22.91
C LEU B 139 -28.98 -8.00 22.42
N TYR B 140 -29.77 -7.10 23.01
CA TYR B 140 -29.68 -5.69 22.64
C TYR B 140 -28.30 -5.13 22.97
N THR B 141 -27.74 -5.49 24.12
CA THR B 141 -26.41 -5.03 24.47
C THR B 141 -25.37 -5.54 23.48
N GLY B 142 -25.47 -6.82 23.10
CA GLY B 142 -24.52 -7.35 22.14
C GLY B 142 -24.60 -6.65 20.80
N TYR B 143 -25.81 -6.48 20.28
CA TYR B 143 -25.99 -5.81 18.99
C TYR B 143 -25.53 -4.36 19.07
N SER B 144 -25.88 -3.66 20.15
CA SER B 144 -25.52 -2.26 20.30
C SER B 144 -24.02 -2.09 20.37
N LEU B 145 -23.34 -2.92 21.17
CA LEU B 145 -21.89 -2.82 21.28
C LEU B 145 -21.23 -3.15 19.95
N PHE B 146 -21.68 -4.20 19.27
CA PHE B 146 -21.09 -4.57 17.99
C PHE B 146 -21.23 -3.43 16.98
N TRP B 147 -22.45 -2.91 16.82
CA TRP B 147 -22.68 -1.92 15.77
C TRP B 147 -22.10 -0.55 16.13
N ALA B 148 -22.12 -0.18 17.42
CA ALA B 148 -21.50 1.08 17.81
C ALA B 148 -19.98 1.01 17.68
N GLY B 149 -19.39 -0.14 18.00
CA GLY B 149 -17.97 -0.32 17.76
C GLY B 149 -17.63 -0.25 16.29
N ILE B 150 -18.43 -0.90 15.45
CA ILE B 150 -18.23 -0.83 14.01
C ILE B 150 -18.32 0.61 13.53
N THR B 151 -19.32 1.35 14.02
CA THR B 151 -19.51 2.74 13.61
C THR B 151 -18.32 3.60 14.02
N VAL B 152 -17.91 3.49 15.28
CA VAL B 152 -16.79 4.30 15.76
C VAL B 152 -15.51 3.94 15.02
N GLY B 153 -15.26 2.64 14.83
CA GLY B 153 -14.05 2.23 14.15
C GLY B 153 -14.00 2.69 12.71
N ALA B 154 -15.09 2.51 11.98
CA ALA B 154 -15.12 2.91 10.58
C ALA B 154 -15.08 4.43 10.44
N SER B 155 -15.79 5.15 11.31
CA SER B 155 -15.76 6.61 11.27
C SER B 155 -14.37 7.13 11.59
N ASN B 156 -13.69 6.53 12.56
CA ASN B 156 -12.33 6.95 12.88
C ASN B 156 -11.36 6.60 11.76
N LEU B 157 -11.55 5.45 11.12
CA LEU B 157 -10.74 5.10 9.96
C LEU B 157 -10.90 6.14 8.86
N ILE B 158 -12.15 6.45 8.51
CA ILE B 158 -12.42 7.41 7.44
C ILE B 158 -11.89 8.79 7.79
N CYS B 159 -12.13 9.21 9.03
CA CYS B 159 -11.65 10.52 9.48
C CYS B 159 -10.13 10.58 9.51
N GLY B 160 -9.48 9.50 9.93
CA GLY B 160 -8.03 9.49 9.93
C GLY B 160 -7.45 9.56 8.54
N ILE B 161 -8.03 8.84 7.58
CA ILE B 161 -7.56 8.91 6.21
C ILE B 161 -7.75 10.33 5.66
N ALA B 162 -8.93 10.91 5.88
CA ALA B 162 -9.18 12.27 5.38
C ALA B 162 -8.24 13.29 6.02
N VAL B 163 -8.04 13.19 7.34
CA VAL B 163 -7.18 14.12 8.04
C VAL B 163 -5.74 13.94 7.60
N GLY B 164 -5.32 12.70 7.32
CA GLY B 164 -3.97 12.48 6.81
C GLY B 164 -3.77 13.09 5.44
N ILE B 165 -4.77 12.93 4.55
CA ILE B 165 -4.67 13.55 3.23
C ILE B 165 -4.61 15.07 3.36
N THR B 166 -5.47 15.64 4.20
CA THR B 166 -5.48 17.09 4.39
C THR B 166 -4.18 17.57 5.00
N GLY B 167 -3.63 16.84 5.96
CA GLY B 167 -2.37 17.21 6.56
C GLY B 167 -1.20 17.10 5.61
N ALA B 168 -1.21 16.09 4.73
CA ALA B 168 -0.17 16.00 3.71
C ALA B 168 -0.23 17.20 2.78
N THR B 169 -1.43 17.57 2.34
CA THR B 169 -1.58 18.76 1.51
C THR B 169 -1.13 20.01 2.26
N ALA B 170 -1.47 20.10 3.55
CA ALA B 170 -1.11 21.27 4.35
C ALA B 170 0.40 21.38 4.50
N ALA B 171 1.08 20.28 4.77
CA ALA B 171 2.54 20.29 4.90
C ALA B 171 3.20 20.68 3.58
N ILE B 172 2.73 20.08 2.49
CA ILE B 172 3.33 20.40 1.19
C ILE B 172 3.09 21.85 0.82
N SER B 173 1.92 22.39 1.14
CA SER B 173 1.59 23.77 0.80
C SER B 173 2.26 24.80 1.69
N ASP B 174 2.41 24.51 2.99
CA ASP B 174 3.07 25.46 3.88
C ASP B 174 4.58 25.32 3.88
N ALA B 175 5.12 24.28 3.23
CA ALA B 175 6.54 24.31 2.88
C ALA B 175 6.83 25.46 1.92
N ALA B 176 5.94 25.68 0.95
CA ALA B 176 6.13 26.78 0.01
C ALA B 176 5.92 28.13 0.68
N ASP B 177 4.83 28.27 1.42
CA ASP B 177 4.52 29.53 2.10
C ASP B 177 3.74 29.22 3.37
N SER B 178 4.20 29.76 4.49
CA SER B 178 3.62 29.42 5.79
C SER B 178 2.17 29.87 5.92
N ALA B 179 1.69 30.74 5.04
CA ALA B 179 0.31 31.20 5.11
C ALA B 179 -0.69 30.12 4.69
N LEU B 180 -0.22 29.04 4.06
CA LEU B 180 -1.12 28.00 3.60
C LEU B 180 -1.62 27.13 4.74
N PHE B 181 -0.81 26.97 5.79
CA PHE B 181 -1.18 26.11 6.91
C PHE B 181 -2.40 26.65 7.65
N VAL B 182 -2.46 27.97 7.83
CA VAL B 182 -3.58 28.56 8.57
C VAL B 182 -4.89 28.50 7.81
N LYS B 183 -4.86 28.24 6.51
CA LYS B 183 -6.08 28.05 5.74
C LYS B 183 -6.43 26.59 5.49
N ILE B 184 -5.44 25.69 5.51
CA ILE B 184 -5.76 24.26 5.38
C ILE B 184 -6.05 23.62 6.72
N LEU B 185 -5.66 24.25 7.83
CA LEU B 185 -6.06 23.75 9.15
C LEU B 185 -7.57 23.77 9.31
N VAL B 186 -8.26 24.68 8.62
CA VAL B 186 -9.73 24.69 8.65
C VAL B 186 -10.28 23.40 8.06
N ILE B 187 -9.74 22.98 6.91
CA ILE B 187 -10.19 21.73 6.29
C ILE B 187 -9.84 20.54 7.17
N GLU B 188 -8.68 20.60 7.82
CA GLU B 188 -8.31 19.49 8.70
C GLU B 188 -9.23 19.41 9.92
N ILE B 189 -9.64 20.55 10.47
CA ILE B 189 -10.60 20.56 11.56
C ILE B 189 -11.94 20.01 11.08
N PHE B 190 -12.36 20.39 9.88
CA PHE B 190 -13.56 19.81 9.28
C PHE B 190 -13.45 18.29 9.22
N GLY B 191 -12.27 17.79 8.86
CA GLY B 191 -12.07 16.34 8.83
C GLY B 191 -12.18 15.71 10.22
N SER B 192 -11.57 16.34 11.22
CA SER B 192 -11.63 15.80 12.58
C SER B 192 -13.04 15.82 13.14
N ILE B 193 -13.87 16.75 12.67
CA ILE B 193 -15.27 16.79 13.09
C ILE B 193 -15.98 15.48 12.76
N LEU B 194 -15.58 14.83 11.67
CA LEU B 194 -16.19 13.56 11.31
C LEU B 194 -15.93 12.50 12.37
N GLY B 195 -14.69 12.40 12.85
CA GLY B 195 -14.38 11.46 13.91
C GLY B 195 -15.10 11.82 15.21
N LEU B 196 -15.20 13.11 15.51
CA LEU B 196 -15.94 13.53 16.70
C LEU B 196 -17.41 13.11 16.62
N LEU B 197 -18.03 13.31 15.46
CA LEU B 197 -19.42 12.90 15.29
C LEU B 197 -19.57 11.39 15.35
N GLY B 198 -18.60 10.65 14.81
CA GLY B 198 -18.63 9.20 14.93
C GLY B 198 -18.59 8.75 16.37
N LEU B 199 -17.72 9.37 17.18
CA LEU B 199 -17.69 9.06 18.61
C LEU B 199 -19.03 9.40 19.27
N ILE B 200 -19.61 10.55 18.93
CA ILE B 200 -20.87 10.95 19.54
C ILE B 200 -21.97 9.92 19.23
N VAL B 201 -22.05 9.50 17.98
CA VAL B 201 -23.08 8.55 17.58
C VAL B 201 -22.83 7.19 18.21
N GLY B 202 -21.56 6.77 18.30
CA GLY B 202 -21.25 5.51 18.94
C GLY B 202 -21.63 5.50 20.41
N LEU B 203 -21.40 6.62 21.10
CA LEU B 203 -21.85 6.73 22.49
C LEU B 203 -23.38 6.72 22.58
N LEU B 204 -24.04 7.38 21.63
CA LEU B 204 -25.50 7.44 21.66
C LEU B 204 -26.13 6.07 21.48
N MET B 205 -25.57 5.25 20.59
CA MET B 205 -26.12 3.92 20.37
C MET B 205 -26.02 3.06 21.62
N ALA B 206 -24.87 3.10 22.29
CA ALA B 206 -24.63 2.29 23.47
C ALA B 206 -25.05 2.97 24.76
N GLY B 207 -25.68 4.14 24.68
CA GLY B 207 -26.13 4.81 25.88
C GLY B 207 -27.19 4.03 26.63
N LYS B 208 -28.13 3.44 25.90
CA LYS B 208 -29.21 2.67 26.51
C LYS B 208 -28.86 1.19 26.69
N ALA B 209 -27.70 0.75 26.19
CA ALA B 209 -27.31 -0.65 26.29
C ALA B 209 -26.73 -0.91 27.66
N SER B 210 -27.45 -1.64 28.51
CA SER B 210 -26.99 -1.96 29.84
C SER B 210 -26.04 -3.16 29.81
N GLU B 211 -25.36 -3.37 30.93
CA GLU B 211 -24.40 -4.47 31.03
C GLU B 211 -25.11 -5.82 30.92
N PHE B 212 -24.37 -6.82 30.46
CA PHE B 212 -24.92 -8.17 30.36
C PHE B 212 -25.33 -8.68 31.74
N GLN B 213 -26.52 -9.24 31.83
CA GLN B 213 -27.04 -9.75 33.09
C GLN B 213 -27.76 -11.07 32.90
N ASP C 212 -35.08 -29.15 18.23
CA ASP C 212 -36.18 -28.59 17.44
C ASP C 212 -35.81 -27.22 16.89
N ASP C 213 -35.79 -26.21 17.76
CA ASP C 213 -35.46 -24.84 17.37
C ASP C 213 -33.94 -24.66 17.43
N ILE C 214 -33.25 -25.35 16.54
CA ILE C 214 -31.80 -25.27 16.41
C ILE C 214 -31.49 -24.54 15.12
N LEU C 215 -30.31 -23.92 15.08
CA LEU C 215 -29.91 -23.16 13.89
C LEU C 215 -29.67 -24.10 12.71
N SER C 216 -28.89 -25.15 12.90
CA SER C 216 -28.66 -26.14 11.86
C SER C 216 -28.08 -27.39 12.49
N SER C 217 -28.18 -28.50 11.75
CA SER C 217 -27.62 -29.76 12.22
C SER C 217 -26.10 -29.76 12.12
N ILE C 218 -25.55 -29.22 11.02
CA ILE C 218 -24.12 -29.16 10.80
C ILE C 218 -23.61 -27.73 10.88
N TRP C 219 -24.38 -26.76 10.40
CA TRP C 219 -24.00 -25.35 10.48
C TRP C 219 -24.50 -24.74 11.80
N THR C 220 -24.03 -25.34 12.90
CA THR C 220 -24.47 -24.92 14.22
C THR C 220 -24.02 -23.49 14.51
N GLU C 221 -24.58 -22.93 15.58
CA GLU C 221 -24.23 -21.56 15.97
C GLU C 221 -22.75 -21.45 16.31
N GLY C 222 -22.20 -22.44 17.01
CA GLY C 222 -20.78 -22.41 17.34
C GLY C 222 -19.91 -22.52 16.11
N LEU C 223 -20.26 -23.43 15.19
CA LEU C 223 -19.47 -23.56 13.97
C LEU C 223 -19.54 -22.29 13.12
N LEU C 224 -20.72 -21.68 13.02
CA LEU C 224 -20.82 -20.45 12.23
C LEU C 224 -20.07 -19.29 12.88
N MET C 225 -20.14 -19.18 14.21
CA MET C 225 -19.35 -18.14 14.88
C MET C 225 -17.87 -18.34 14.65
N CYS C 226 -17.39 -19.59 14.79
CA CYS C 226 -15.98 -19.86 14.56
C CYS C 226 -15.60 -19.59 13.11
N LEU C 227 -16.46 -19.97 12.17
CA LEU C 227 -16.16 -19.78 10.75
C LEU C 227 -16.09 -18.31 10.39
N ILE C 228 -17.00 -17.49 10.92
CA ILE C 228 -16.97 -16.08 10.53
C ILE C 228 -15.88 -15.32 11.29
N VAL C 229 -15.55 -15.73 12.52
CA VAL C 229 -14.38 -15.15 13.19
C VAL C 229 -13.12 -15.47 12.42
N SER C 230 -12.97 -16.74 11.98
CA SER C 230 -11.83 -17.12 11.17
C SER C 230 -11.84 -16.41 9.82
N ALA C 231 -13.02 -16.14 9.27
CA ALA C 231 -13.11 -15.40 8.01
C ALA C 231 -12.64 -13.96 8.19
N LEU C 232 -13.02 -13.32 9.30
CA LEU C 232 -12.52 -11.97 9.57
C LEU C 232 -11.01 -11.97 9.76
N LEU C 233 -10.50 -12.94 10.52
CA LEU C 233 -9.05 -13.03 10.75
C LEU C 233 -8.32 -13.29 9.45
N LEU C 234 -8.86 -14.16 8.60
CA LEU C 234 -8.24 -14.46 7.32
C LEU C 234 -8.31 -13.28 6.36
N PHE C 235 -9.39 -12.49 6.42
CA PHE C 235 -9.46 -11.27 5.62
C PHE C 235 -8.37 -10.29 6.05
N ILE C 236 -8.21 -10.10 7.36
CA ILE C 236 -7.15 -9.21 7.84
C ILE C 236 -5.78 -9.74 7.44
N LEU C 237 -5.58 -11.04 7.56
CA LEU C 237 -4.31 -11.65 7.18
C LEU C 237 -4.03 -11.49 5.69
N ILE C 238 -5.05 -11.67 4.85
CA ILE C 238 -4.88 -11.53 3.41
C ILE C 238 -4.57 -10.08 3.05
N VAL C 239 -5.24 -9.13 3.70
CA VAL C 239 -4.93 -7.72 3.46
C VAL C 239 -3.49 -7.42 3.84
N ALA C 240 -3.06 -7.90 5.02
CA ALA C 240 -1.68 -7.65 5.46
C ALA C 240 -0.67 -8.29 4.52
N LEU C 241 -0.98 -9.50 4.03
CA LEU C 241 -0.08 -10.17 3.09
C LEU C 241 -0.02 -9.42 1.76
N SER C 242 -1.15 -8.85 1.32
CA SER C 242 -1.13 -8.02 0.12
C SER C 242 -0.26 -6.78 0.33
N TRP C 243 -0.36 -6.16 1.50
CA TRP C 243 0.53 -5.05 1.84
C TRP C 243 2.00 -5.47 1.78
N ILE C 244 2.33 -6.61 2.37
CA ILE C 244 3.73 -7.03 2.42
C ILE C 244 4.24 -7.40 1.03
N SER C 245 3.39 -8.04 0.22
CA SER C 245 3.78 -8.38 -1.14
C SER C 245 3.97 -7.13 -1.99
N ASN C 246 3.12 -6.12 -1.81
CA ASN C 246 3.27 -4.87 -2.55
C ASN C 246 4.53 -4.12 -2.18
N LEU C 247 5.19 -4.47 -1.08
CA LEU C 247 6.45 -3.84 -0.71
C LEU C 247 7.52 -4.17 -1.73
N ASP C 248 8.19 -3.14 -2.24
CA ASP C 248 9.23 -3.30 -3.26
C ASP C 248 10.52 -2.64 -2.77
N ILE C 249 11.64 -3.33 -2.98
CA ILE C 249 12.93 -2.79 -2.59
C ILE C 249 13.34 -1.71 -3.58
N THR C 250 13.79 -0.57 -3.05
CA THR C 250 14.24 0.54 -3.87
C THR C 250 15.68 0.27 -4.27
N TYR C 251 15.88 -0.24 -5.49
CA TYR C 251 17.18 -0.68 -5.95
C TYR C 251 18.06 0.46 -6.47
N GLY C 252 17.51 1.67 -6.61
CA GLY C 252 18.29 2.75 -7.21
C GLY C 252 19.48 3.16 -6.36
N ALA C 253 19.27 3.29 -5.05
CA ALA C 253 20.33 3.73 -4.16
C ALA C 253 21.24 2.61 -3.70
N LEU C 254 20.96 1.36 -4.11
CA LEU C 254 21.77 0.21 -3.74
C LEU C 254 22.69 -0.25 -4.86
N GLU C 255 22.87 0.58 -5.88
CA GLU C 255 23.69 0.23 -7.03
C GLU C 255 24.70 1.35 -7.30
N LYS C 256 25.80 0.98 -7.96
CA LYS C 256 26.85 1.92 -8.31
C LYS C 256 26.48 2.65 -9.59
N SER C 257 26.65 3.97 -9.59
CA SER C 257 26.31 4.78 -10.74
C SER C 257 27.23 4.45 -11.91
N THR C 258 26.64 4.23 -13.09
CA THR C 258 27.39 3.84 -14.28
C THR C 258 27.56 5.00 -15.25
N ASN C 259 27.42 6.23 -14.78
CA ASN C 259 27.54 7.41 -15.63
C ASN C 259 28.91 8.03 -15.46
N PRO C 260 29.77 8.03 -16.49
CA PRO C 260 31.08 8.69 -16.36
C PRO C 260 31.00 10.19 -16.59
N ILE C 261 30.06 10.64 -17.42
CA ILE C 261 29.92 12.06 -17.69
C ILE C 261 29.54 12.82 -16.43
N LYS C 262 28.58 12.27 -15.67
CA LYS C 262 28.14 12.85 -14.40
C LYS C 262 28.26 11.76 -13.35
N LYS C 263 28.86 12.09 -12.21
CA LYS C 263 29.21 11.12 -11.17
C LYS C 263 30.17 10.07 -11.73
N MET D 1 -9.58 4.90 58.03
CA MET D 1 -8.74 5.57 59.03
C MET D 1 -8.68 7.07 58.78
N SER D 2 -7.73 7.48 57.95
CA SER D 2 -7.58 8.89 57.63
C SER D 2 -8.71 9.35 56.69
N SER D 3 -8.89 10.66 56.62
CA SER D 3 -9.94 11.27 55.81
C SER D 3 -9.32 12.35 54.91
N PHE D 4 -10.20 13.10 54.25
CA PHE D 4 -9.76 14.18 53.36
C PHE D 4 -9.00 15.26 54.13
N TYR D 5 -9.22 15.37 55.45
CA TYR D 5 -8.51 16.38 56.23
C TYR D 5 -7.01 16.09 56.31
N THR D 6 -6.60 14.84 56.15
CA THR D 6 -5.17 14.56 56.02
C THR D 6 -4.59 15.22 54.78
N VAL D 7 -5.32 15.13 53.66
CA VAL D 7 -4.89 15.79 52.43
C VAL D 7 -4.92 17.30 52.62
N VAL D 8 -5.90 17.81 53.36
CA VAL D 8 -5.97 19.24 53.63
C VAL D 8 -4.74 19.69 54.43
N GLY D 9 -4.35 18.92 55.43
CA GLY D 9 -3.17 19.26 56.22
C GLY D 9 -1.89 19.19 55.41
N VAL D 10 -1.76 18.17 54.56
CA VAL D 10 -0.59 18.07 53.70
C VAL D 10 -0.56 19.23 52.71
N PHE D 11 -1.73 19.65 52.21
CA PHE D 11 -1.80 20.83 51.35
C PHE D 11 -1.35 22.07 52.09
N ILE D 12 -1.77 22.23 53.34
CA ILE D 12 -1.37 23.38 54.13
C ILE D 12 0.14 23.39 54.32
N VAL D 13 0.72 22.23 54.65
CA VAL D 13 2.17 22.15 54.84
C VAL D 13 2.91 22.47 53.54
N VAL D 14 2.44 21.93 52.42
CA VAL D 14 3.09 22.15 51.14
C VAL D 14 3.01 23.62 50.74
N SER D 15 1.84 24.24 50.95
CA SER D 15 1.69 25.66 50.63
C SER D 15 2.59 26.52 51.52
N ALA D 16 2.69 26.18 52.80
CA ALA D 16 3.58 26.93 53.69
C ALA D 16 5.03 26.80 53.24
N MET D 17 5.44 25.59 52.87
CA MET D 17 6.81 25.39 52.39
C MET D 17 7.07 26.18 51.10
N SER D 18 6.08 26.17 50.19
CA SER D 18 6.24 26.90 48.94
C SER D 18 6.36 28.40 49.19
N VAL D 19 5.51 28.94 50.06
CA VAL D 19 5.58 30.37 50.38
C VAL D 19 6.90 30.71 51.05
N LEU D 20 7.36 29.87 51.98
CA LEU D 20 8.63 30.12 52.64
C LEU D 20 9.78 30.11 51.64
N PHE D 21 9.79 29.15 50.71
CA PHE D 21 10.86 29.12 49.71
C PHE D 21 10.79 30.32 48.78
N TRP D 22 9.58 30.74 48.40
CA TRP D 22 9.44 31.95 47.59
C TRP D 22 10.00 33.15 48.32
N ILE D 23 9.81 33.21 49.63
CA ILE D 23 10.34 34.33 50.41
C ILE D 23 11.87 34.26 50.50
N MET D 24 12.43 33.07 50.73
CA MET D 24 13.84 32.92 51.03
C MET D 24 14.65 32.38 49.85
N ALA D 25 14.10 32.43 48.64
CA ALA D 25 14.82 31.91 47.49
C ALA D 25 16.09 32.72 47.23
N PRO D 26 17.15 32.07 46.77
CA PRO D 26 18.41 32.79 46.54
C PRO D 26 18.29 33.80 45.41
N LYS D 27 19.12 34.84 45.49
CA LYS D 27 19.07 35.90 44.48
C LYS D 27 19.54 35.40 43.12
N ASN D 28 20.55 34.53 43.09
CA ASN D 28 21.05 33.99 41.83
C ASN D 28 20.08 32.95 41.30
N ASN D 29 19.65 33.14 40.04
CA ASN D 29 18.64 32.29 39.42
C ASN D 29 17.39 32.19 40.30
N GLN D 30 16.95 33.35 40.79
CA GLN D 30 15.82 33.38 41.72
C GLN D 30 14.56 32.82 41.08
N ALA D 31 14.27 33.21 39.85
CA ALA D 31 13.09 32.71 39.17
C ALA D 31 13.19 31.21 38.90
N VAL D 32 14.38 30.75 38.50
CA VAL D 32 14.57 29.32 38.25
C VAL D 32 14.34 28.53 39.54
N TRP D 33 14.97 28.95 40.62
CA TRP D 33 14.80 28.26 41.91
C TRP D 33 13.35 28.26 42.34
N ARG D 34 12.70 29.43 42.31
CA ARG D 34 11.32 29.53 42.76
C ARG D 34 10.42 28.62 41.95
N SER D 35 10.45 28.75 40.62
CA SER D 35 9.57 27.96 39.76
C SER D 35 9.85 26.48 39.93
N THR D 36 11.12 26.07 39.84
CA THR D 36 11.45 24.66 39.91
C THR D 36 10.99 24.04 41.22
N VAL D 37 11.39 24.64 42.35
CA VAL D 37 11.09 24.02 43.63
C VAL D 37 9.59 24.06 43.92
N ILE D 38 8.95 25.20 43.69
CA ILE D 38 7.53 25.34 44.00
C ILE D 38 6.70 24.40 43.14
N LEU D 39 7.00 24.32 41.84
CA LEU D 39 6.22 23.47 40.95
C LEU D 39 6.50 21.99 41.23
N THR D 40 7.73 21.65 41.59
CA THR D 40 8.04 20.27 41.99
C THR D 40 7.24 19.88 43.21
N LEU D 41 7.23 20.74 44.23
CA LEU D 41 6.44 20.45 45.43
C LEU D 41 4.96 20.37 45.09
N ALA D 42 4.48 21.27 44.22
CA ALA D 42 3.06 21.29 43.87
C ALA D 42 2.62 19.99 43.22
N MET D 43 3.33 19.54 42.18
CA MET D 43 2.88 18.32 41.52
C MET D 43 3.21 17.08 42.33
N MET D 44 4.26 17.11 43.15
CA MET D 44 4.50 15.99 44.06
C MET D 44 3.33 15.82 45.02
N PHE D 45 2.89 16.93 45.62
CA PHE D 45 1.73 16.89 46.50
C PHE D 45 0.48 16.47 45.74
N LEU D 46 0.30 16.99 44.52
CA LEU D 46 -0.90 16.66 43.76
C LEU D 46 -0.99 15.17 43.46
N MET D 47 0.12 14.58 43.02
CA MET D 47 0.12 13.16 42.71
C MET D 47 -0.06 12.32 43.97
N TRP D 48 0.61 12.70 45.07
CA TRP D 48 0.42 11.97 46.32
C TRP D 48 -1.01 12.08 46.81
N ALA D 49 -1.61 13.27 46.70
CA ALA D 49 -2.98 13.46 47.15
C ALA D 49 -3.97 12.67 46.30
N ILE D 50 -3.74 12.61 44.99
CA ILE D 50 -4.60 11.79 44.13
C ILE D 50 -4.49 10.33 44.52
N THR D 51 -3.26 9.85 44.75
CA THR D 51 -3.08 8.46 45.17
C THR D 51 -3.75 8.20 46.52
N PHE D 52 -3.69 9.17 47.43
CA PHE D 52 -4.30 9.01 48.74
C PHE D 52 -5.83 9.00 48.65
N LEU D 53 -6.40 9.92 47.88
CA LEU D 53 -7.85 9.96 47.74
C LEU D 53 -8.39 8.71 47.04
N CYS D 54 -7.61 8.16 46.10
CA CYS D 54 -8.06 6.95 45.42
C CYS D 54 -8.21 5.78 46.39
N GLN D 55 -7.53 5.80 47.52
CA GLN D 55 -7.59 4.72 48.50
C GLN D 55 -8.22 5.15 49.82
N LEU D 56 -8.93 6.29 49.84
CA LEU D 56 -9.60 6.72 51.06
C LEU D 56 -10.81 5.84 51.37
N HIS D 57 -11.80 5.86 50.47
CA HIS D 57 -12.99 5.02 50.58
C HIS D 57 -13.19 4.32 49.25
N PRO D 58 -12.33 3.36 48.91
CA PRO D 58 -12.41 2.72 47.60
C PRO D 58 -13.67 1.88 47.45
N LEU D 59 -14.16 1.82 46.22
CA LEU D 59 -15.32 1.01 45.88
C LEU D 59 -14.96 -0.39 45.42
N VAL D 60 -13.67 -0.69 45.29
CA VAL D 60 -13.19 -1.99 44.85
C VAL D 60 -12.20 -2.50 45.88
N ALA D 61 -12.40 -3.74 46.33
CA ALA D 61 -11.49 -4.37 47.28
C ALA D 61 -10.65 -5.43 46.58
N PRO D 62 -9.40 -5.61 46.99
CA PRO D 62 -8.51 -6.55 46.28
C PRO D 62 -9.02 -7.98 46.41
N ARG D 63 -9.29 -8.60 45.27
CA ARG D 63 -9.81 -9.96 45.21
C ARG D 63 -8.79 -10.85 44.53
N ARG D 64 -8.45 -11.96 45.18
CA ARG D 64 -7.48 -12.90 44.63
C ARG D 64 -7.74 -14.28 45.21
N SER D 65 -7.16 -15.29 44.58
CA SER D 65 -7.28 -16.67 45.03
C SER D 65 -5.94 -17.37 45.24
N ASP D 66 -4.86 -16.88 44.62
CA ASP D 66 -3.57 -17.54 44.69
C ASP D 66 -2.91 -17.41 46.06
N LEU D 67 -3.37 -16.51 46.91
CA LEU D 67 -2.72 -16.27 48.19
C LEU D 67 -2.67 -17.54 49.03
N ARG D 68 -1.49 -17.84 49.55
CA ARG D 68 -1.32 -19.04 50.38
C ARG D 68 -2.00 -18.84 51.72
N PRO D 69 -2.61 -19.90 52.28
CA PRO D 69 -3.30 -19.75 53.57
C PRO D 69 -2.38 -19.36 54.72
N GLU D 70 -1.08 -19.63 54.61
CA GLU D 70 -0.15 -19.24 55.67
C GLU D 70 -0.10 -17.72 55.82
N PHE D 71 -0.08 -17.00 54.71
CA PHE D 71 -0.02 -15.55 54.75
C PHE D 71 -1.40 -14.94 55.03
N MET E 1 -47.58 -14.98 12.83
CA MET E 1 -47.84 -14.20 11.63
C MET E 1 -48.73 -14.97 10.66
N THR E 2 -48.59 -14.67 9.37
CA THR E 2 -49.36 -15.30 8.33
C THR E 2 -48.42 -15.76 7.22
N GLU E 3 -48.81 -16.83 6.53
CA GLU E 3 -48.00 -17.33 5.43
C GLU E 3 -47.85 -16.27 4.33
N LEU E 4 -48.96 -15.61 3.97
CA LEU E 4 -48.91 -14.55 2.98
C LEU E 4 -48.32 -13.26 3.52
N CYS E 5 -48.38 -13.04 4.83
CA CYS E 5 -47.90 -11.81 5.46
C CYS E 5 -46.96 -12.16 6.60
N PRO E 6 -45.75 -12.61 6.30
CA PRO E 6 -44.81 -13.00 7.35
C PRO E 6 -44.22 -11.78 8.05
N VAL E 7 -43.51 -12.05 9.14
CA VAL E 7 -42.89 -10.98 9.92
C VAL E 7 -41.77 -10.32 9.12
N TYR E 8 -41.05 -11.10 8.31
CA TYR E 8 -39.94 -10.58 7.51
C TYR E 8 -40.39 -10.04 6.17
N ALA E 9 -41.70 -9.88 5.96
CA ALA E 9 -42.19 -9.35 4.69
C ALA E 9 -41.71 -7.95 4.36
N PRO E 10 -41.77 -6.95 5.25
CA PRO E 10 -41.35 -5.60 4.83
C PRO E 10 -39.85 -5.45 4.61
N PHE E 11 -39.07 -6.52 4.80
CA PHE E 11 -37.66 -6.47 4.47
C PHE E 11 -37.46 -6.18 2.98
N PHE E 12 -38.26 -6.81 2.13
CA PHE E 12 -38.14 -6.59 0.69
C PHE E 12 -38.53 -5.17 0.31
N GLY E 13 -39.57 -4.62 0.94
CA GLY E 13 -39.94 -3.24 0.67
C GLY E 13 -38.87 -2.26 1.13
N ALA E 14 -38.29 -2.51 2.31
CA ALA E 14 -37.21 -1.66 2.79
C ALA E 14 -36.00 -1.74 1.87
N ILE E 15 -35.67 -2.94 1.39
CA ILE E 15 -34.57 -3.10 0.46
C ILE E 15 -34.87 -2.39 -0.86
N GLY E 16 -36.12 -2.42 -1.30
CA GLY E 16 -36.49 -1.71 -2.51
C GLY E 16 -36.33 -0.22 -2.38
N CYS E 17 -36.79 0.34 -1.26
CA CYS E 17 -36.62 1.77 -1.01
C CYS E 17 -35.14 2.13 -0.95
N ALA E 18 -34.36 1.31 -0.24
CA ALA E 18 -32.92 1.56 -0.13
C ALA E 18 -32.26 1.49 -1.50
N SER E 19 -32.61 0.50 -2.31
CA SER E 19 -32.02 0.38 -3.63
C SER E 19 -32.38 1.57 -4.50
N ALA E 20 -33.63 2.01 -4.46
CA ALA E 20 -34.04 3.18 -5.23
C ALA E 20 -33.18 4.38 -4.86
N ILE E 21 -33.11 4.70 -3.57
CA ILE E 21 -32.35 5.88 -3.14
C ILE E 21 -30.88 5.72 -3.50
N ILE E 22 -30.29 4.56 -3.18
CA ILE E 22 -28.86 4.36 -3.38
C ILE E 22 -28.50 4.50 -4.85
N PHE E 23 -29.19 3.78 -5.72
CA PHE E 23 -28.78 3.74 -7.11
C PHE E 23 -29.12 5.03 -7.84
N THR E 24 -30.27 5.65 -7.54
CA THR E 24 -30.56 6.94 -8.14
C THR E 24 -29.57 8.00 -7.67
N SER E 25 -29.17 7.96 -6.39
CA SER E 25 -28.19 8.92 -5.90
C SER E 25 -26.83 8.71 -6.55
N LEU E 26 -26.39 7.47 -6.70
CA LEU E 26 -25.13 7.22 -7.39
C LEU E 26 -25.19 7.69 -8.84
N GLY E 27 -26.29 7.42 -9.54
CA GLY E 27 -26.41 7.88 -10.91
C GLY E 27 -26.39 9.40 -11.02
N ALA E 28 -27.15 10.07 -10.16
CA ALA E 28 -27.18 11.53 -10.17
C ALA E 28 -25.82 12.11 -9.82
N ALA E 29 -25.14 11.54 -8.83
CA ALA E 29 -23.82 12.04 -8.45
C ALA E 29 -22.80 11.84 -9.56
N TYR E 30 -22.82 10.67 -10.22
CA TYR E 30 -21.90 10.45 -11.34
C TYR E 30 -22.18 11.43 -12.47
N GLY E 31 -23.46 11.64 -12.79
CA GLY E 31 -23.79 12.61 -13.84
C GLY E 31 -23.32 14.01 -13.48
N THR E 32 -23.60 14.43 -12.25
CA THR E 32 -23.22 15.77 -11.82
C THR E 32 -21.71 15.96 -11.83
N ALA E 33 -20.96 14.96 -11.35
CA ALA E 33 -19.51 15.08 -11.31
C ALA E 33 -18.90 15.08 -12.70
N LYS E 34 -19.34 14.15 -13.56
CA LYS E 34 -18.80 14.08 -14.90
C LYS E 34 -19.18 15.30 -15.73
N SER E 35 -20.32 15.92 -15.42
CA SER E 35 -20.65 17.18 -16.08
C SER E 35 -19.81 18.33 -15.55
N GLY E 36 -19.65 18.40 -14.22
CA GLY E 36 -18.95 19.51 -13.61
C GLY E 36 -17.47 19.56 -13.94
N VAL E 37 -16.83 18.40 -14.10
CA VAL E 37 -15.41 18.41 -14.47
C VAL E 37 -15.23 19.06 -15.82
N GLY E 38 -16.06 18.71 -16.80
CA GLY E 38 -16.01 19.37 -18.09
C GLY E 38 -16.41 20.83 -18.01
N ILE E 39 -17.37 21.15 -17.14
CA ILE E 39 -17.78 22.53 -16.93
C ILE E 39 -16.58 23.37 -16.51
N CYS E 40 -15.83 22.90 -15.52
CA CYS E 40 -14.64 23.61 -15.07
C CYS E 40 -13.58 23.66 -16.16
N ALA E 41 -13.41 22.56 -16.89
CA ALA E 41 -12.36 22.50 -17.90
C ALA E 41 -12.61 23.48 -19.05
N THR E 42 -13.88 23.68 -19.43
CA THR E 42 -14.19 24.44 -20.64
C THR E 42 -14.65 25.86 -20.37
N CYS E 43 -15.37 26.11 -19.27
CA CYS E 43 -15.96 27.42 -19.04
C CYS E 43 -14.93 28.51 -18.79
N VAL E 44 -13.67 28.15 -18.57
CA VAL E 44 -12.64 29.15 -18.33
C VAL E 44 -12.47 30.07 -19.54
N LEU E 45 -12.58 29.50 -20.74
CA LEU E 45 -12.26 30.22 -21.97
C LEU E 45 -13.42 31.09 -22.48
N ARG E 46 -14.66 30.73 -22.20
CA ARG E 46 -15.78 31.44 -22.81
C ARG E 46 -16.74 31.96 -21.75
N PRO E 47 -17.36 33.12 -21.99
CA PRO E 47 -18.26 33.69 -20.96
C PRO E 47 -19.65 33.09 -20.97
N ASP E 48 -20.18 32.73 -22.13
CA ASP E 48 -21.60 32.36 -22.24
C ASP E 48 -21.86 30.89 -22.00
N LEU E 49 -20.85 30.10 -21.66
CA LEU E 49 -21.03 28.66 -21.48
C LEU E 49 -21.37 28.26 -20.05
N LEU E 50 -21.58 29.23 -19.15
CA LEU E 50 -21.92 28.90 -17.78
C LEU E 50 -23.27 28.20 -17.68
N PHE E 51 -24.22 28.56 -18.55
CA PHE E 51 -25.52 27.92 -18.56
C PHE E 51 -25.70 26.96 -19.73
N LYS E 52 -24.82 26.99 -20.73
CA LYS E 52 -24.83 25.97 -21.78
C LYS E 52 -24.47 24.61 -21.24
N ASN E 53 -23.75 24.54 -20.13
CA ASN E 53 -23.26 23.28 -19.58
C ASN E 53 -23.90 22.90 -18.25
N ILE E 54 -24.83 23.71 -17.74
CA ILE E 54 -25.58 23.31 -16.55
C ILE E 54 -26.71 22.36 -16.90
N VAL E 55 -27.04 22.23 -18.20
CA VAL E 55 -28.12 21.33 -18.60
C VAL E 55 -27.83 19.88 -18.22
N PRO E 56 -26.64 19.32 -18.45
CA PRO E 56 -26.39 17.96 -17.96
C PRO E 56 -26.56 17.80 -16.46
N VAL E 57 -26.19 18.82 -15.68
CA VAL E 57 -26.34 18.73 -14.24
C VAL E 57 -27.81 18.76 -13.84
N ILE E 58 -28.60 19.61 -14.51
CA ILE E 58 -30.04 19.65 -14.24
C ILE E 58 -30.68 18.31 -14.61
N MET E 59 -30.30 17.75 -15.76
CA MET E 59 -30.85 16.47 -16.18
C MET E 59 -30.48 15.36 -15.20
N ALA E 60 -29.22 15.35 -14.75
CA ALA E 60 -28.80 14.34 -13.79
C ALA E 60 -29.48 14.50 -12.43
N GLY E 61 -29.86 15.73 -12.07
CA GLY E 61 -30.53 15.93 -10.80
C GLY E 61 -31.96 15.43 -10.76
N ILE E 62 -32.60 15.34 -11.93
CA ILE E 62 -33.98 14.83 -11.97
C ILE E 62 -34.02 13.34 -11.65
N ILE E 63 -32.92 12.62 -11.90
CA ILE E 63 -32.86 11.20 -11.55
C ILE E 63 -33.05 11.02 -10.05
N ALA E 64 -32.37 11.85 -9.25
CA ALA E 64 -32.57 11.82 -7.81
C ALA E 64 -34.02 12.14 -7.44
N ILE E 65 -34.69 12.99 -8.22
CA ILE E 65 -36.10 13.24 -7.96
C ILE E 65 -36.93 11.99 -8.21
N TYR E 66 -36.59 11.23 -9.25
CA TYR E 66 -37.31 9.98 -9.50
C TYR E 66 -37.12 9.01 -8.35
N GLY E 67 -35.88 8.87 -7.88
CA GLY E 67 -35.63 8.02 -6.73
C GLY E 67 -36.36 8.49 -5.49
N LEU E 68 -36.39 9.80 -5.26
CA LEU E 68 -37.09 10.37 -4.12
C LEU E 68 -38.59 10.06 -4.20
N VAL E 69 -39.18 10.23 -5.38
CA VAL E 69 -40.61 10.00 -5.54
C VAL E 69 -40.95 8.53 -5.28
N VAL E 70 -40.19 7.63 -5.89
CA VAL E 70 -40.46 6.20 -5.72
C VAL E 70 -40.28 5.80 -4.26
N SER E 71 -39.21 6.28 -3.63
CA SER E 71 -38.95 5.91 -2.24
C SER E 71 -40.02 6.47 -1.31
N VAL E 72 -40.46 7.70 -1.53
CA VAL E 72 -41.53 8.26 -0.70
C VAL E 72 -42.80 7.44 -0.86
N LEU E 73 -43.13 7.06 -2.09
CA LEU E 73 -44.34 6.28 -2.32
C LEU E 73 -44.27 4.91 -1.65
N VAL E 74 -43.12 4.24 -1.75
CA VAL E 74 -43.01 2.92 -1.13
C VAL E 74 -42.95 3.04 0.39
N CYS E 75 -42.42 4.14 0.91
CA CYS E 75 -42.46 4.37 2.36
C CYS E 75 -43.90 4.52 2.83
N TYR E 76 -44.69 5.31 2.11
CA TYR E 76 -46.10 5.45 2.47
C TYR E 76 -46.87 4.16 2.24
N SER E 77 -46.38 3.27 1.38
CA SER E 77 -47.02 1.99 1.13
C SER E 77 -46.50 0.87 2.03
N LEU E 78 -45.47 1.14 2.83
CA LEU E 78 -44.95 0.11 3.73
C LEU E 78 -45.87 -0.08 4.92
N GLY E 79 -45.79 -1.26 5.53
CA GLY E 79 -46.62 -1.56 6.68
C GLY E 79 -46.07 -2.73 7.47
N GLN E 80 -46.57 -2.86 8.69
CA GLN E 80 -46.16 -3.95 9.57
C GLN E 80 -46.78 -5.27 9.14
N LYS E 81 -48.11 -5.35 9.16
CA LYS E 81 -48.83 -6.53 8.71
C LYS E 81 -49.06 -6.46 7.20
N GLN E 82 -47.93 -6.44 6.49
CA GLN E 82 -47.90 -6.27 5.04
C GLN E 82 -47.54 -7.59 4.38
N ALA E 83 -48.34 -7.99 3.39
CA ALA E 83 -48.08 -9.23 2.68
C ALA E 83 -46.76 -9.14 1.91
N LEU E 84 -46.07 -10.28 1.81
CA LEU E 84 -44.79 -10.27 1.12
C LEU E 84 -44.94 -10.05 -0.38
N TYR E 85 -46.14 -10.19 -0.95
CA TYR E 85 -46.34 -9.77 -2.32
C TYR E 85 -46.12 -8.27 -2.47
N THR E 86 -46.63 -7.48 -1.52
CA THR E 86 -46.36 -6.06 -1.52
C THR E 86 -44.88 -5.78 -1.36
N GLY E 87 -44.21 -6.55 -0.50
CA GLY E 87 -42.77 -6.38 -0.34
C GLY E 87 -42.00 -6.66 -1.61
N PHE E 88 -42.39 -7.73 -2.32
CA PHE E 88 -41.73 -8.06 -3.59
C PHE E 88 -42.01 -6.99 -4.63
N ILE E 89 -43.24 -6.48 -4.69
CA ILE E 89 -43.58 -5.43 -5.64
C ILE E 89 -42.77 -4.18 -5.36
N GLN E 90 -42.66 -3.80 -4.09
CA GLN E 90 -41.88 -2.61 -3.73
C GLN E 90 -40.41 -2.82 -4.02
N LEU E 91 -39.89 -4.02 -3.77
CA LEU E 91 -38.50 -4.32 -4.09
C LEU E 91 -38.24 -4.22 -5.59
N GLY E 92 -39.16 -4.76 -6.39
CA GLY E 92 -39.01 -4.67 -7.83
C GLY E 92 -39.06 -3.24 -8.33
N ALA E 93 -39.99 -2.44 -7.79
CA ALA E 93 -40.10 -1.05 -8.20
C ALA E 93 -38.86 -0.28 -7.81
N GLY E 94 -38.37 -0.48 -6.58
CA GLY E 94 -37.16 0.20 -6.15
C GLY E 94 -35.96 -0.18 -6.99
N LEU E 95 -35.76 -1.47 -7.24
CA LEU E 95 -34.65 -1.91 -8.07
C LEU E 95 -34.76 -1.34 -9.47
N SER E 96 -35.94 -1.40 -10.07
CA SER E 96 -36.12 -0.92 -11.43
C SER E 96 -35.79 0.56 -11.53
N VAL E 97 -36.42 1.38 -10.69
CA VAL E 97 -36.19 2.82 -10.77
C VAL E 97 -34.74 3.15 -10.42
N GLY E 98 -34.19 2.50 -9.40
CA GLY E 98 -32.83 2.84 -9.00
C GLY E 98 -31.81 2.49 -10.06
N LEU E 99 -31.88 1.29 -10.63
CA LEU E 99 -30.87 0.90 -11.60
C LEU E 99 -31.09 1.56 -12.95
N SER E 100 -32.34 1.79 -13.36
CA SER E 100 -32.58 2.58 -14.56
C SER E 100 -32.07 4.00 -14.40
N GLY E 101 -32.28 4.60 -13.22
CA GLY E 101 -31.73 5.91 -12.95
C GLY E 101 -30.22 5.91 -12.87
N LEU E 102 -29.62 4.84 -12.38
CA LEU E 102 -28.17 4.73 -12.38
C LEU E 102 -27.62 4.70 -13.80
N ALA E 103 -28.26 3.92 -14.67
CA ALA E 103 -27.87 3.90 -16.07
C ALA E 103 -28.06 5.27 -16.72
N ALA E 104 -29.20 5.92 -16.45
CA ALA E 104 -29.46 7.24 -17.02
C ALA E 104 -28.45 8.26 -16.52
N GLY E 105 -28.09 8.18 -15.24
CA GLY E 105 -27.10 9.11 -14.70
C GLY E 105 -25.72 8.89 -15.27
N PHE E 106 -25.31 7.63 -15.44
CA PHE E 106 -24.03 7.35 -16.07
C PHE E 106 -24.00 7.86 -17.50
N ALA E 107 -25.07 7.60 -18.26
CA ALA E 107 -25.14 8.07 -19.64
C ALA E 107 -25.14 9.60 -19.69
N ILE E 108 -25.87 10.24 -18.78
CA ILE E 108 -25.92 11.70 -18.74
C ILE E 108 -24.56 12.26 -18.41
N GLY E 109 -23.85 11.64 -17.46
CA GLY E 109 -22.51 12.11 -17.13
C GLY E 109 -21.56 12.01 -18.29
N ILE E 110 -21.55 10.86 -18.97
CA ILE E 110 -20.63 10.66 -20.09
C ILE E 110 -20.97 11.62 -21.23
N VAL E 111 -22.26 11.71 -21.58
CA VAL E 111 -22.69 12.58 -22.67
C VAL E 111 -22.40 14.04 -22.34
N GLY E 112 -22.69 14.46 -21.11
CA GLY E 112 -22.43 15.83 -20.74
C GLY E 112 -20.96 16.17 -20.75
N ASP E 113 -20.11 15.27 -20.24
CA ASP E 113 -18.68 15.51 -20.27
C ASP E 113 -18.19 15.67 -21.70
N ALA E 114 -18.58 14.74 -22.59
CA ALA E 114 -18.12 14.82 -23.98
C ALA E 114 -18.65 16.07 -24.66
N GLY E 115 -19.94 16.37 -24.48
CA GLY E 115 -20.54 17.51 -25.17
C GLY E 115 -20.00 18.84 -24.67
N VAL E 116 -19.73 18.95 -23.37
CA VAL E 116 -19.17 20.17 -22.83
C VAL E 116 -17.72 20.34 -23.28
N ARG E 117 -16.97 19.24 -23.32
CA ARG E 117 -15.58 19.33 -23.78
C ARG E 117 -15.52 19.68 -25.27
N GLY E 118 -16.50 19.24 -26.06
CA GLY E 118 -16.48 19.52 -27.48
C GLY E 118 -17.25 20.76 -27.90
N SER E 119 -18.00 21.36 -26.99
CA SER E 119 -18.87 22.48 -27.30
C SER E 119 -18.22 23.83 -27.04
N SER E 120 -16.98 23.87 -26.54
CA SER E 120 -16.30 25.14 -26.34
C SER E 120 -15.99 25.83 -27.66
N GLN E 121 -16.05 25.10 -28.78
CA GLN E 121 -15.75 25.69 -30.08
C GLN E 121 -16.91 26.58 -30.55
N GLN E 122 -18.09 25.98 -30.71
CA GLN E 122 -19.27 26.70 -31.16
C GLN E 122 -20.47 26.34 -30.31
N PRO E 123 -21.45 27.25 -30.19
CA PRO E 123 -22.65 26.95 -29.42
C PRO E 123 -23.71 26.15 -30.18
N ARG E 124 -23.43 25.74 -31.42
CA ARG E 124 -24.39 24.95 -32.17
C ARG E 124 -24.46 23.50 -31.68
N LEU E 125 -23.45 23.03 -30.96
CA LEU E 125 -23.50 21.71 -30.35
C LEU E 125 -24.53 21.65 -29.23
N PHE E 126 -24.99 22.80 -28.75
CA PHE E 126 -25.87 22.84 -27.58
C PHE E 126 -27.18 22.10 -27.84
N VAL E 127 -27.78 22.29 -29.02
CA VAL E 127 -29.05 21.64 -29.31
C VAL E 127 -28.89 20.12 -29.35
N GLY E 128 -27.84 19.63 -30.00
CA GLY E 128 -27.62 18.19 -30.05
C GLY E 128 -27.31 17.61 -28.68
N MET E 129 -26.53 18.35 -27.87
CA MET E 129 -26.25 17.89 -26.51
C MET E 129 -27.52 17.83 -25.68
N ILE E 130 -28.41 18.83 -25.83
CA ILE E 130 -29.69 18.80 -25.15
C ILE E 130 -30.50 17.59 -25.59
N LEU E 131 -30.51 17.32 -26.89
CA LEU E 131 -31.28 16.19 -27.40
C LEU E 131 -30.77 14.87 -26.83
N ILE E 132 -29.45 14.69 -26.80
CA ILE E 132 -28.90 13.43 -26.31
C ILE E 132 -29.11 13.31 -24.80
N LEU E 133 -29.02 14.42 -24.08
CA LEU E 133 -29.29 14.37 -22.64
C LEU E 133 -30.75 14.03 -22.37
N ILE E 134 -31.67 14.53 -23.19
CA ILE E 134 -33.07 14.13 -23.08
C ILE E 134 -33.21 12.64 -23.37
N PHE E 135 -32.50 12.15 -24.39
CA PHE E 135 -32.56 10.72 -24.71
C PHE E 135 -32.10 9.89 -23.53
N ALA E 136 -31.05 10.31 -22.84
CA ALA E 136 -30.57 9.58 -21.67
C ALA E 136 -31.52 9.72 -20.49
N GLU E 137 -32.17 10.87 -20.33
CA GLU E 137 -33.12 11.06 -19.24
C GLU E 137 -34.40 10.25 -19.44
N VAL E 138 -34.74 9.97 -20.69
CA VAL E 138 -35.93 9.16 -20.96
C VAL E 138 -35.78 7.76 -20.37
N LEU E 139 -34.54 7.27 -20.23
CA LEU E 139 -34.33 5.97 -19.59
C LEU E 139 -34.75 6.00 -18.13
N GLY E 140 -34.32 7.03 -17.40
CA GLY E 140 -34.78 7.20 -16.02
C GLY E 140 -36.27 7.43 -15.93
N LEU E 141 -36.84 8.14 -16.90
CA LEU E 141 -38.29 8.33 -16.93
C LEU E 141 -39.01 7.00 -17.12
N TYR E 142 -38.49 6.13 -17.98
CA TYR E 142 -39.07 4.80 -18.17
C TYR E 142 -38.98 3.98 -16.90
N GLY E 143 -37.84 4.05 -16.21
CA GLY E 143 -37.72 3.37 -14.94
C GLY E 143 -38.72 3.89 -13.92
N LEU E 144 -38.92 5.21 -13.88
CA LEU E 144 -39.94 5.80 -13.02
C LEU E 144 -41.32 5.27 -13.37
N ILE E 145 -41.63 5.19 -14.67
CA ILE E 145 -42.94 4.72 -15.09
C ILE E 145 -43.16 3.27 -14.65
N VAL E 146 -42.13 2.43 -14.81
CA VAL E 146 -42.24 1.04 -14.39
C VAL E 146 -42.44 0.95 -12.88
N ALA E 147 -41.68 1.74 -12.12
CA ALA E 147 -41.81 1.71 -10.66
C ALA E 147 -43.19 2.17 -10.21
N LEU E 148 -43.72 3.22 -10.84
CA LEU E 148 -45.05 3.69 -10.49
C LEU E 148 -46.12 2.67 -10.84
N LEU E 149 -46.00 2.03 -12.01
CA LEU E 149 -46.96 1.00 -12.39
C LEU E 149 -46.91 -0.17 -11.43
N LEU E 150 -45.71 -0.52 -10.95
CA LEU E 150 -45.60 -1.55 -9.93
C LEU E 150 -46.28 -1.14 -8.63
N ASN E 151 -45.93 0.05 -8.12
CA ASN E 151 -46.46 0.48 -6.84
C ASN E 151 -47.97 0.70 -6.88
N SER E 152 -48.54 0.93 -8.06
CA SER E 152 -50.00 0.97 -8.16
C SER E 152 -50.61 -0.38 -7.84
N ARG E 153 -49.87 -1.46 -8.07
CA ARG E 153 -50.33 -2.82 -7.79
C ARG E 153 -49.78 -3.38 -6.48
N ALA E 154 -49.08 -2.55 -5.69
CA ALA E 154 -48.47 -3.06 -4.47
C ALA E 154 -49.53 -3.54 -3.48
N THR E 155 -50.61 -2.77 -3.31
CA THR E 155 -51.69 -3.12 -2.40
C THR E 155 -53.02 -3.14 -3.13
N GLN E 156 -53.06 -3.84 -4.26
CA GLN E 156 -54.29 -4.02 -5.03
C GLN E 156 -54.67 -5.49 -5.00
N ASP E 157 -55.89 -5.78 -4.53
CA ASP E 157 -56.39 -7.15 -4.40
C ASP E 157 -55.42 -8.02 -3.59
N VAL E 158 -54.96 -7.46 -2.47
CA VAL E 158 -53.99 -8.11 -1.60
C VAL E 158 -54.68 -8.51 -0.31
N VAL E 159 -54.56 -9.77 0.06
CA VAL E 159 -55.18 -10.28 1.28
C VAL E 159 -54.11 -10.55 2.34
N THR F 7 38.07 -2.04 25.89
CA THR F 7 37.79 -2.13 27.32
C THR F 7 36.31 -1.87 27.60
N GLY F 8 35.55 -1.59 26.54
CA GLY F 8 34.12 -1.36 26.72
C GLY F 8 33.40 -2.59 27.22
N LYS F 9 33.79 -3.77 26.75
CA LYS F 9 33.19 -5.01 27.23
C LYS F 9 33.43 -5.18 28.72
N ALA F 10 34.63 -4.84 29.19
CA ALA F 10 34.94 -4.96 30.61
C ALA F 10 34.06 -4.05 31.44
N TRP F 11 33.87 -2.79 31.00
CA TRP F 11 32.99 -1.88 31.72
C TRP F 11 31.55 -2.36 31.72
N CYS F 12 31.07 -2.84 30.57
CA CYS F 12 29.69 -3.32 30.49
C CYS F 12 29.48 -4.50 31.42
N CYS F 13 30.40 -5.45 31.43
CA CYS F 13 30.27 -6.61 32.30
C CYS F 13 30.42 -6.22 33.77
N THR F 14 31.28 -5.25 34.08
CA THR F 14 31.40 -4.78 35.46
C THR F 14 30.10 -4.19 35.94
N VAL F 15 29.48 -3.32 35.13
CA VAL F 15 28.23 -2.69 35.52
C VAL F 15 27.12 -3.74 35.67
N LEU F 16 27.02 -4.65 34.70
CA LEU F 16 25.98 -5.67 34.75
C LEU F 16 26.16 -6.57 35.96
N SER F 17 27.40 -6.95 36.27
CA SER F 17 27.65 -7.85 37.39
C SER F 17 27.43 -7.14 38.72
N ALA F 18 27.75 -5.84 38.82
CA ALA F 18 27.46 -5.11 40.04
C ALA F 18 25.95 -5.01 40.26
N PHE F 19 25.20 -4.72 39.20
CA PHE F 19 23.75 -4.69 39.32
C PHE F 19 23.20 -6.06 39.67
N GLY F 20 23.83 -7.12 39.16
CA GLY F 20 23.44 -8.46 39.58
C GLY F 20 23.68 -8.71 41.05
N VAL F 21 24.86 -8.33 41.54
CA VAL F 21 25.18 -8.53 42.95
C VAL F 21 24.19 -7.80 43.84
N VAL F 22 23.75 -6.62 43.40
CA VAL F 22 22.75 -5.89 44.19
C VAL F 22 21.39 -6.56 44.10
N ILE F 23 20.85 -6.69 42.89
CA ILE F 23 19.46 -7.07 42.69
C ILE F 23 19.23 -8.51 43.11
N LEU F 24 20.09 -9.43 42.69
CA LEU F 24 19.90 -10.83 43.04
C LEU F 24 20.09 -11.07 44.53
N SER F 25 21.01 -10.36 45.18
CA SER F 25 21.13 -10.48 46.62
C SER F 25 19.87 -10.00 47.32
N VAL F 26 19.28 -8.89 46.84
CA VAL F 26 18.02 -8.42 47.41
C VAL F 26 16.92 -9.46 47.21
N ILE F 27 16.86 -10.05 46.01
CA ILE F 27 15.83 -11.05 45.70
C ILE F 27 16.00 -12.26 46.60
N ALA F 28 17.23 -12.72 46.79
CA ALA F 28 17.47 -13.88 47.64
C ALA F 28 17.18 -13.58 49.10
N HIS F 29 17.46 -12.36 49.57
CA HIS F 29 17.08 -11.99 50.93
C HIS F 29 15.56 -12.00 51.09
N LEU F 30 14.84 -11.49 50.10
CA LEU F 30 13.38 -11.51 50.17
C LEU F 30 12.85 -12.94 50.14
N PHE F 31 13.47 -13.81 49.36
CA PHE F 31 13.07 -15.22 49.35
C PHE F 31 13.34 -15.88 50.70
N ASN F 32 14.49 -15.57 51.32
CA ASN F 32 14.85 -16.20 52.59
C ASN F 32 13.90 -15.78 53.71
N THR F 33 13.39 -14.55 53.66
CA THR F 33 12.46 -14.06 54.67
C THR F 33 11.02 -14.42 54.37
N ASN F 34 10.76 -15.16 53.29
CA ASN F 34 9.42 -15.56 52.88
C ASN F 34 8.52 -14.34 52.65
N HIS F 35 8.98 -13.47 51.74
CA HIS F 35 8.24 -12.27 51.43
C HIS F 35 6.92 -12.59 50.74
N GLU F 36 5.91 -11.78 51.02
CA GLU F 36 4.59 -12.02 50.44
C GLU F 36 4.61 -11.86 48.92
N SER F 37 5.38 -10.90 48.42
CA SER F 37 5.41 -10.65 46.98
C SER F 37 6.20 -11.71 46.22
N PHE F 38 6.90 -12.62 46.89
CA PHE F 38 7.76 -13.58 46.22
C PHE F 38 7.37 -15.03 46.44
N VAL F 39 6.83 -15.39 47.61
CA VAL F 39 6.41 -16.76 47.87
C VAL F 39 4.99 -16.78 48.41
N GLY F 40 4.25 -15.69 48.21
CA GLY F 40 2.92 -15.56 48.76
C GLY F 40 1.79 -16.09 47.92
N SER F 41 2.08 -16.71 46.78
CA SER F 41 1.06 -17.25 45.90
C SER F 41 1.34 -18.71 45.59
N ILE F 42 0.29 -19.46 45.28
CA ILE F 42 0.44 -20.87 44.97
C ILE F 42 1.26 -21.06 43.69
N ASN F 43 1.23 -20.08 42.79
CA ASN F 43 2.05 -20.16 41.59
C ASN F 43 3.52 -19.90 41.90
N ASP F 44 3.80 -19.10 42.93
CA ASP F 44 5.16 -18.80 43.31
C ASP F 44 5.80 -20.05 43.94
N PRO F 45 7.13 -20.15 43.90
CA PRO F 45 7.79 -21.35 44.43
C PRO F 45 7.47 -21.57 45.90
N GLU F 46 7.27 -22.84 46.26
CA GLU F 46 6.88 -23.17 47.63
C GLU F 46 8.07 -23.06 48.58
N ASP F 47 9.24 -23.53 48.16
CA ASP F 47 10.41 -23.58 49.03
C ASP F 47 11.13 -22.24 48.95
N GLY F 48 11.09 -21.48 50.04
CA GLY F 48 11.76 -20.20 50.12
C GLY F 48 13.27 -20.30 50.24
N PRO F 49 13.75 -20.98 51.29
CA PRO F 49 15.21 -21.06 51.48
C PRO F 49 15.96 -21.70 50.33
N ALA F 50 15.36 -22.66 49.62
CA ALA F 50 16.05 -23.28 48.49
C ALA F 50 16.31 -22.26 47.38
N VAL F 51 15.28 -21.49 47.02
CA VAL F 51 15.45 -20.45 46.01
C VAL F 51 16.40 -19.38 46.52
N ALA F 52 16.33 -19.07 47.81
CA ALA F 52 17.25 -18.08 48.39
C ALA F 52 18.70 -18.53 48.24
N HIS F 53 18.97 -19.81 48.51
CA HIS F 53 20.33 -20.34 48.35
C HIS F 53 20.75 -20.33 46.88
N THR F 54 19.84 -20.70 45.98
CA THR F 54 20.17 -20.69 44.56
C THR F 54 20.53 -19.29 44.09
N VAL F 55 19.75 -18.29 44.51
CA VAL F 55 20.05 -16.93 44.09
C VAL F 55 21.27 -16.38 44.83
N TYR F 56 21.56 -16.86 46.04
CA TYR F 56 22.83 -16.54 46.69
C TYR F 56 24.01 -17.03 45.87
N LEU F 57 23.92 -18.26 45.37
CA LEU F 57 25.00 -18.78 44.53
C LEU F 57 25.11 -18.01 43.22
N ALA F 58 23.97 -17.64 42.62
CA ALA F 58 24.01 -16.83 41.41
C ALA F 58 24.64 -15.47 41.67
N ALA F 59 24.31 -14.85 42.80
CA ALA F 59 24.92 -13.57 43.16
C ALA F 59 26.40 -13.70 43.45
N LEU F 60 26.82 -14.83 44.02
CA LEU F 60 28.25 -15.07 44.22
C LEU F 60 28.98 -15.22 42.88
N VAL F 61 28.35 -15.90 41.92
CA VAL F 61 28.94 -16.00 40.59
C VAL F 61 29.06 -14.61 39.97
N TYR F 62 28.01 -13.80 40.09
CA TYR F 62 28.07 -12.45 39.57
C TYR F 62 29.09 -11.60 40.30
N LEU F 63 29.31 -11.85 41.59
CA LEU F 63 30.34 -11.14 42.34
C LEU F 63 31.73 -11.51 41.85
N VAL F 64 31.94 -12.80 41.55
CA VAL F 64 33.21 -13.22 40.97
C VAL F 64 33.44 -12.52 39.64
N PHE F 65 32.41 -12.47 38.79
CA PHE F 65 32.53 -11.77 37.52
C PHE F 65 32.81 -10.28 37.75
N PHE F 66 32.14 -9.68 38.73
CA PHE F 66 32.31 -8.26 38.99
C PHE F 66 33.73 -7.94 39.45
N VAL F 67 34.26 -8.74 40.37
CA VAL F 67 35.61 -8.46 40.86
C VAL F 67 36.64 -8.72 39.77
N PHE F 68 36.45 -9.76 38.97
CA PHE F 68 37.38 -10.03 37.88
C PHE F 68 37.39 -8.88 36.86
N CYS F 69 36.20 -8.43 36.47
CA CYS F 69 36.13 -7.36 35.48
C CYS F 69 36.58 -6.02 36.05
N GLY F 70 36.34 -5.77 37.34
CA GLY F 70 36.85 -4.57 37.96
C GLY F 70 38.37 -4.57 38.05
N PHE F 71 38.97 -5.73 38.34
CA PHE F 71 40.42 -5.83 38.32
C PHE F 71 40.96 -5.61 36.91
N GLN F 72 40.26 -6.15 35.90
CA GLN F 72 40.69 -5.92 34.53
C GLN F 72 40.60 -4.44 34.15
N VAL F 73 39.54 -3.76 34.58
CA VAL F 73 39.38 -2.34 34.30
C VAL F 73 40.46 -1.53 35.01
N TYR F 74 40.75 -1.87 36.27
CA TYR F 74 41.72 -1.11 37.05
C TYR F 74 43.10 -1.14 36.41
N LEU F 75 43.52 -2.30 35.92
CA LEU F 75 44.82 -2.42 35.27
C LEU F 75 44.80 -1.80 33.88
N MET G 1 -51.25 -21.05 0.38
CA MET G 1 -49.88 -21.47 0.17
C MET G 1 -49.81 -22.79 -0.59
N THR G 2 -50.49 -22.84 -1.73
CA THR G 2 -50.47 -24.03 -2.56
C THR G 2 -49.06 -24.29 -3.07
N GLU G 3 -48.71 -25.58 -3.22
CA GLU G 3 -47.38 -25.93 -3.71
C GLU G 3 -47.17 -25.43 -5.13
N LEU G 4 -48.18 -25.57 -6.00
CA LEU G 4 -48.07 -25.09 -7.36
C LEU G 4 -48.05 -23.57 -7.44
N CYS G 5 -48.63 -22.89 -6.45
CA CYS G 5 -48.65 -21.42 -6.40
C CYS G 5 -48.11 -20.98 -5.05
N PRO G 6 -46.80 -21.10 -4.83
CA PRO G 6 -46.23 -20.82 -3.52
C PRO G 6 -46.29 -19.33 -3.20
N VAL G 7 -46.03 -19.02 -1.93
CA VAL G 7 -46.12 -17.65 -1.46
C VAL G 7 -45.03 -16.79 -2.08
N TYR G 8 -43.83 -17.34 -2.27
CA TYR G 8 -42.71 -16.62 -2.81
C TYR G 8 -42.72 -16.52 -4.34
N ALA G 9 -43.78 -17.02 -4.98
CA ALA G 9 -43.83 -16.98 -6.44
C ALA G 9 -43.76 -15.58 -7.03
N PRO G 10 -44.48 -14.57 -6.51
CA PRO G 10 -44.37 -13.23 -7.10
C PRO G 10 -42.98 -12.63 -7.04
N PHE G 11 -42.04 -13.20 -6.28
CA PHE G 11 -40.69 -12.65 -6.22
C PHE G 11 -40.02 -12.70 -7.59
N PHE G 12 -40.13 -13.84 -8.28
CA PHE G 12 -39.52 -13.97 -9.59
C PHE G 12 -40.22 -13.08 -10.61
N GLY G 13 -41.54 -12.94 -10.49
CA GLY G 13 -42.24 -12.02 -11.36
C GLY G 13 -41.80 -10.59 -11.17
N ALA G 14 -41.61 -10.17 -9.92
CA ALA G 14 -41.12 -8.82 -9.64
C ALA G 14 -39.69 -8.64 -10.13
N ILE G 15 -38.86 -9.67 -9.98
CA ILE G 15 -37.47 -9.57 -10.45
C ILE G 15 -37.45 -9.46 -11.97
N GLY G 16 -38.30 -10.20 -12.67
CA GLY G 16 -38.39 -10.05 -14.11
C GLY G 16 -38.94 -8.69 -14.52
N CYS G 17 -39.94 -8.21 -13.79
CA CYS G 17 -40.47 -6.86 -13.98
C CYS G 17 -39.36 -5.82 -13.90
N ALA G 18 -38.51 -5.93 -12.89
CA ALA G 18 -37.41 -4.98 -12.75
C ALA G 18 -36.34 -5.18 -13.83
N SER G 19 -35.94 -6.43 -14.06
CA SER G 19 -34.82 -6.73 -14.96
C SER G 19 -35.15 -6.40 -16.41
N ALA G 20 -36.42 -6.48 -16.80
CA ALA G 20 -36.79 -6.12 -18.16
C ALA G 20 -36.48 -4.67 -18.46
N ILE G 21 -36.56 -3.81 -17.46
CA ILE G 21 -36.29 -2.39 -17.65
C ILE G 21 -34.94 -1.98 -17.06
N ILE G 22 -34.30 -2.82 -16.25
CA ILE G 22 -33.00 -2.47 -15.68
C ILE G 22 -31.91 -2.69 -16.72
N PHE G 23 -31.84 -3.90 -17.29
CA PHE G 23 -30.77 -4.22 -18.22
C PHE G 23 -30.98 -3.57 -19.58
N THR G 24 -32.22 -3.43 -20.03
CA THR G 24 -32.47 -2.68 -21.25
C THR G 24 -32.07 -1.22 -21.08
N SER G 25 -32.33 -0.64 -19.90
CA SER G 25 -31.87 0.71 -19.63
C SER G 25 -30.36 0.79 -19.57
N LEU G 26 -29.71 -0.24 -19.02
CA LEU G 26 -28.25 -0.27 -19.00
C LEU G 26 -27.67 -0.26 -20.41
N GLY G 27 -28.21 -1.13 -21.27
CA GLY G 27 -27.74 -1.17 -22.65
C GLY G 27 -28.04 0.10 -23.42
N ALA G 28 -29.23 0.65 -23.22
CA ALA G 28 -29.58 1.91 -23.87
C ALA G 28 -28.68 3.04 -23.40
N ALA G 29 -28.37 3.07 -22.10
CA ALA G 29 -27.47 4.09 -21.58
C ALA G 29 -26.08 3.95 -22.16
N TYR G 30 -25.56 2.72 -22.24
CA TYR G 30 -24.24 2.53 -22.83
C TYR G 30 -24.22 2.99 -24.29
N GLY G 31 -25.22 2.58 -25.07
CA GLY G 31 -25.27 2.98 -26.46
C GLY G 31 -25.40 4.48 -26.63
N THR G 32 -26.30 5.10 -25.85
CA THR G 32 -26.49 6.54 -25.94
C THR G 32 -25.24 7.29 -25.53
N ALA G 33 -24.57 6.85 -24.47
CA ALA G 33 -23.35 7.51 -24.01
C ALA G 33 -22.26 7.44 -25.07
N LYS G 34 -22.01 6.25 -25.61
CA LYS G 34 -20.95 6.10 -26.61
C LYS G 34 -21.28 6.89 -27.87
N SER G 35 -22.51 6.78 -28.36
CA SER G 35 -22.91 7.52 -29.57
C SER G 35 -22.83 9.01 -29.35
N GLY G 36 -23.26 9.49 -28.18
CA GLY G 36 -23.17 10.92 -27.89
C GLY G 36 -21.74 11.41 -27.80
N VAL G 37 -20.86 10.60 -27.22
CA VAL G 37 -19.44 10.94 -27.21
C VAL G 37 -18.93 11.11 -28.64
N GLY G 38 -19.27 10.15 -29.51
CA GLY G 38 -18.84 10.24 -30.89
C GLY G 38 -19.39 11.48 -31.59
N ILE G 39 -20.69 11.72 -31.43
CA ILE G 39 -21.32 12.85 -32.10
C ILE G 39 -20.72 14.17 -31.63
N CYS G 40 -20.60 14.35 -30.32
CA CYS G 40 -20.06 15.58 -29.78
C CYS G 40 -18.59 15.75 -30.15
N ALA G 41 -17.87 14.64 -30.36
CA ALA G 41 -16.52 14.75 -30.91
C ALA G 41 -16.56 15.23 -32.35
N THR G 42 -17.55 14.78 -33.13
CA THR G 42 -17.63 15.12 -34.54
C THR G 42 -18.58 16.27 -34.84
N CYS G 43 -19.17 16.90 -33.82
CA CYS G 43 -20.06 18.02 -34.08
C CYS G 43 -19.31 19.26 -34.56
N VAL G 44 -18.07 19.45 -34.10
CA VAL G 44 -17.32 20.65 -34.45
C VAL G 44 -17.03 20.68 -35.95
N LEU G 45 -16.66 19.54 -36.53
CA LEU G 45 -16.29 19.51 -37.94
C LEU G 45 -17.47 19.89 -38.84
N ARG G 46 -18.65 19.33 -38.56
CA ARG G 46 -19.82 19.61 -39.39
C ARG G 46 -21.08 19.67 -38.53
N PRO G 47 -21.75 20.82 -38.45
CA PRO G 47 -22.98 20.89 -37.66
C PRO G 47 -24.19 20.29 -38.35
N ASP G 48 -24.17 20.15 -39.68
CA ASP G 48 -25.31 19.57 -40.38
C ASP G 48 -25.43 18.07 -40.13
N LEU G 49 -24.30 17.39 -39.88
CA LEU G 49 -24.32 15.97 -39.61
C LEU G 49 -24.88 15.64 -38.23
N LEU G 50 -25.11 16.65 -37.39
CA LEU G 50 -25.62 16.40 -36.04
C LEU G 50 -26.99 15.74 -36.09
N PHE G 51 -27.88 16.20 -36.97
CA PHE G 51 -29.20 15.61 -37.09
C PHE G 51 -29.18 14.25 -37.74
N LYS G 52 -28.15 13.92 -38.51
CA LYS G 52 -28.04 12.61 -39.13
C LYS G 52 -27.27 11.61 -38.25
N ASN G 53 -26.40 12.10 -37.38
CA ASN G 53 -25.61 11.24 -36.51
C ASN G 53 -26.33 10.84 -35.24
N ILE G 54 -27.54 11.37 -34.99
CA ILE G 54 -28.31 11.00 -33.80
C ILE G 54 -29.00 9.66 -33.94
N VAL G 55 -28.93 9.03 -35.12
CA VAL G 55 -29.61 7.75 -35.32
C VAL G 55 -29.12 6.68 -34.34
N PRO G 56 -27.82 6.53 -34.07
CA PRO G 56 -27.43 5.56 -33.02
C PRO G 56 -28.08 5.84 -31.68
N VAL G 57 -28.23 7.11 -31.32
CA VAL G 57 -28.91 7.46 -30.06
C VAL G 57 -30.38 7.06 -30.12
N ILE G 58 -31.02 7.27 -31.27
CA ILE G 58 -32.43 6.92 -31.41
C ILE G 58 -32.63 5.43 -31.28
N MET G 59 -31.82 4.65 -32.00
CA MET G 59 -31.96 3.19 -31.94
C MET G 59 -31.56 2.64 -30.59
N ALA G 60 -30.62 3.28 -29.90
CA ALA G 60 -30.33 2.88 -28.52
C ALA G 60 -31.53 3.13 -27.62
N GLY G 61 -32.33 4.16 -27.92
CA GLY G 61 -33.51 4.47 -27.14
C GLY G 61 -34.69 3.54 -27.38
N ILE G 62 -34.71 2.84 -28.52
CA ILE G 62 -35.78 1.88 -28.76
C ILE G 62 -35.61 0.63 -27.90
N ILE G 63 -34.39 0.33 -27.47
CA ILE G 63 -34.16 -0.80 -26.56
C ILE G 63 -34.91 -0.56 -25.25
N ALA G 64 -34.83 0.66 -24.72
CA ALA G 64 -35.57 0.99 -23.51
C ALA G 64 -37.08 0.85 -23.73
N ILE G 65 -37.57 1.14 -24.93
CA ILE G 65 -38.98 0.94 -25.22
C ILE G 65 -39.32 -0.55 -25.19
N TYR G 66 -38.44 -1.39 -25.74
CA TYR G 66 -38.66 -2.83 -25.67
C TYR G 66 -38.74 -3.30 -24.23
N GLY G 67 -37.80 -2.85 -23.39
CA GLY G 67 -37.85 -3.21 -21.99
C GLY G 67 -39.11 -2.72 -21.31
N LEU G 68 -39.51 -1.47 -21.61
CA LEU G 68 -40.69 -0.90 -20.99
C LEU G 68 -41.95 -1.67 -21.36
N VAL G 69 -42.10 -2.02 -22.64
CA VAL G 69 -43.31 -2.73 -23.06
C VAL G 69 -43.32 -4.15 -22.51
N VAL G 70 -42.16 -4.82 -22.49
CA VAL G 70 -42.10 -6.16 -21.92
C VAL G 70 -42.44 -6.10 -20.43
N SER G 71 -41.97 -5.06 -19.74
CA SER G 71 -42.36 -4.89 -18.34
C SER G 71 -43.86 -4.70 -18.21
N VAL G 72 -44.42 -3.73 -18.93
CA VAL G 72 -45.83 -3.41 -18.78
C VAL G 72 -46.70 -4.64 -19.05
N LEU G 73 -46.26 -5.49 -19.99
CA LEU G 73 -46.97 -6.75 -20.19
C LEU G 73 -46.74 -7.70 -19.02
N VAL G 74 -45.49 -7.80 -18.54
CA VAL G 74 -45.18 -8.66 -17.41
C VAL G 74 -45.75 -8.08 -16.13
N CYS G 75 -45.55 -6.77 -15.92
CA CYS G 75 -45.74 -6.16 -14.61
C CYS G 75 -47.21 -6.04 -14.26
N TYR G 76 -48.11 -6.27 -15.22
CA TYR G 76 -49.55 -6.33 -15.00
C TYR G 76 -50.08 -7.75 -14.85
N SER G 77 -49.21 -8.76 -14.96
CA SER G 77 -49.62 -10.15 -14.86
C SER G 77 -49.21 -10.76 -13.51
N LEU G 78 -49.02 -9.92 -12.50
CA LEU G 78 -48.63 -10.35 -11.17
C LEU G 78 -49.85 -10.46 -10.28
N GLY G 79 -49.68 -11.15 -9.15
CA GLY G 79 -50.77 -11.32 -8.22
C GLY G 79 -50.27 -11.85 -6.89
N GLN G 80 -51.14 -11.72 -5.89
CA GLN G 80 -50.82 -12.23 -4.55
C GLN G 80 -50.63 -13.75 -4.58
N LYS G 81 -51.52 -14.45 -5.27
CA LYS G 81 -51.46 -15.90 -5.40
C LYS G 81 -51.29 -16.22 -6.88
N GLN G 82 -50.04 -16.24 -7.34
CA GLN G 82 -49.72 -16.60 -8.72
C GLN G 82 -48.85 -17.85 -8.69
N ALA G 83 -48.95 -18.65 -9.76
CA ALA G 83 -48.22 -19.89 -9.82
C ALA G 83 -46.72 -19.64 -9.91
N LEU G 84 -45.95 -20.58 -9.36
CA LEU G 84 -44.50 -20.48 -9.48
C LEU G 84 -44.06 -20.57 -10.93
N TYR G 85 -44.81 -21.31 -11.75
CA TYR G 85 -44.51 -21.37 -13.18
C TYR G 85 -44.70 -20.00 -13.83
N THR G 86 -45.75 -19.27 -13.46
CA THR G 86 -45.95 -17.94 -13.98
C THR G 86 -44.82 -17.00 -13.57
N GLY G 87 -44.37 -17.11 -12.32
CA GLY G 87 -43.23 -16.32 -11.88
C GLY G 87 -41.96 -16.65 -12.64
N PHE G 88 -41.73 -17.94 -12.89
CA PHE G 88 -40.57 -18.36 -13.66
C PHE G 88 -40.63 -17.82 -15.08
N ILE G 89 -41.81 -17.86 -15.70
CA ILE G 89 -41.96 -17.32 -17.06
C ILE G 89 -41.72 -15.82 -17.07
N GLN G 90 -42.26 -15.10 -16.08
CA GLN G 90 -42.04 -13.66 -16.03
C GLN G 90 -40.56 -13.33 -15.83
N LEU G 91 -39.89 -14.06 -14.95
CA LEU G 91 -38.46 -13.86 -14.76
C LEU G 91 -37.67 -14.18 -16.02
N GLY G 92 -38.03 -15.27 -16.71
CA GLY G 92 -37.33 -15.61 -17.93
C GLY G 92 -37.52 -14.59 -19.03
N ALA G 93 -38.75 -14.10 -19.20
CA ALA G 93 -39.01 -13.06 -20.18
C ALA G 93 -38.25 -11.78 -19.84
N GLY G 94 -38.26 -11.39 -18.56
CA GLY G 94 -37.54 -10.20 -18.16
C GLY G 94 -36.05 -10.31 -18.41
N LEU G 95 -35.45 -11.44 -18.01
CA LEU G 95 -34.02 -11.65 -18.23
C LEU G 95 -33.70 -11.68 -19.72
N SER G 96 -34.52 -12.37 -20.51
CA SER G 96 -34.27 -12.47 -21.95
C SER G 96 -34.28 -11.09 -22.59
N VAL G 97 -35.33 -10.32 -22.36
CA VAL G 97 -35.41 -9.01 -22.99
C VAL G 97 -34.33 -8.08 -22.45
N GLY G 98 -34.05 -8.13 -21.14
CA GLY G 98 -33.09 -7.22 -20.57
C GLY G 98 -31.67 -7.49 -21.05
N LEU G 99 -31.27 -8.75 -21.07
CA LEU G 99 -29.92 -9.10 -21.47
C LEU G 99 -29.76 -9.27 -22.98
N SER G 100 -30.86 -9.22 -23.74
CA SER G 100 -30.74 -9.02 -25.18
C SER G 100 -30.64 -7.55 -25.51
N GLY G 101 -31.40 -6.70 -24.82
CA GLY G 101 -31.29 -5.27 -25.00
C GLY G 101 -29.97 -4.71 -24.53
N LEU G 102 -29.39 -5.29 -23.47
CA LEU G 102 -28.06 -4.87 -23.03
C LEU G 102 -27.02 -5.14 -24.11
N ALA G 103 -27.06 -6.33 -24.71
CA ALA G 103 -26.14 -6.63 -25.80
C ALA G 103 -26.40 -5.75 -27.01
N ALA G 104 -27.67 -5.51 -27.33
CA ALA G 104 -28.01 -4.64 -28.45
C ALA G 104 -27.49 -3.22 -28.21
N GLY G 105 -27.64 -2.71 -27.00
CA GLY G 105 -27.12 -1.39 -26.70
C GLY G 105 -25.61 -1.32 -26.72
N PHE G 106 -24.94 -2.36 -26.21
CA PHE G 106 -23.48 -2.41 -26.28
C PHE G 106 -23.01 -2.36 -27.73
N ALA G 107 -23.57 -3.23 -28.58
CA ALA G 107 -23.22 -3.24 -29.99
C ALA G 107 -23.57 -1.94 -30.68
N ILE G 108 -24.73 -1.35 -30.36
CA ILE G 108 -25.13 -0.08 -30.98
C ILE G 108 -24.15 1.02 -30.61
N GLY G 109 -23.75 1.10 -29.35
CA GLY G 109 -22.79 2.13 -28.97
C GLY G 109 -21.44 1.94 -29.62
N ILE G 110 -20.92 0.70 -29.59
CA ILE G 110 -19.60 0.42 -30.15
C ILE G 110 -19.59 0.70 -31.65
N VAL G 111 -20.66 0.32 -32.35
CA VAL G 111 -20.74 0.60 -33.77
C VAL G 111 -20.93 2.10 -34.02
N GLY G 112 -21.81 2.74 -33.25
CA GLY G 112 -22.24 4.08 -33.59
C GLY G 112 -21.18 5.14 -33.32
N ASP G 113 -20.40 4.98 -32.25
CA ASP G 113 -19.36 5.98 -32.01
C ASP G 113 -18.34 5.99 -33.15
N ALA G 114 -17.91 4.81 -33.59
CA ALA G 114 -17.00 4.72 -34.72
C ALA G 114 -17.67 5.20 -36.01
N GLY G 115 -18.95 4.89 -36.19
CA GLY G 115 -19.65 5.33 -37.39
C GLY G 115 -19.75 6.83 -37.50
N VAL G 116 -20.14 7.50 -36.40
CA VAL G 116 -20.22 8.95 -36.44
C VAL G 116 -18.84 9.57 -36.49
N ARG G 117 -17.82 8.89 -35.95
CA ARG G 117 -16.46 9.37 -36.11
C ARG G 117 -16.03 9.34 -37.58
N GLY G 118 -16.37 8.25 -38.28
CA GLY G 118 -16.00 8.16 -39.69
C GLY G 118 -16.87 9.01 -40.59
N SER G 119 -18.09 9.34 -40.14
CA SER G 119 -18.97 10.17 -40.96
C SER G 119 -18.39 11.55 -41.20
N SER G 120 -17.60 12.07 -40.25
CA SER G 120 -16.93 13.35 -40.46
C SER G 120 -15.91 13.26 -41.59
N GLN G 121 -15.37 12.07 -41.84
CA GLN G 121 -14.42 11.87 -42.93
C GLN G 121 -15.12 11.40 -44.20
N GLN G 122 -15.90 10.32 -44.12
CA GLN G 122 -16.58 9.78 -45.29
C GLN G 122 -18.08 10.03 -45.17
N PRO G 123 -18.65 10.95 -45.95
CA PRO G 123 -20.10 11.18 -45.87
C PRO G 123 -20.92 9.95 -46.26
N ARG G 124 -20.40 9.07 -47.09
CA ARG G 124 -21.14 7.91 -47.56
C ARG G 124 -21.12 6.75 -46.58
N LEU G 125 -20.38 6.86 -45.48
CA LEU G 125 -20.38 5.84 -44.44
C LEU G 125 -21.72 5.76 -43.70
N PHE G 126 -22.61 6.74 -43.91
CA PHE G 126 -23.86 6.79 -43.17
C PHE G 126 -24.74 5.59 -43.47
N VAL G 127 -24.80 5.16 -44.74
CA VAL G 127 -25.65 4.03 -45.09
C VAL G 127 -25.15 2.74 -44.43
N GLY G 128 -23.84 2.52 -44.45
CA GLY G 128 -23.29 1.36 -43.77
C GLY G 128 -23.50 1.41 -42.27
N MET G 129 -23.37 2.60 -41.69
CA MET G 129 -23.64 2.74 -40.26
C MET G 129 -25.10 2.40 -39.95
N ILE G 130 -26.03 2.85 -40.80
CA ILE G 130 -27.44 2.55 -40.60
C ILE G 130 -27.67 1.04 -40.70
N LEU G 131 -27.01 0.40 -41.67
CA LEU G 131 -27.17 -1.05 -41.82
C LEU G 131 -26.69 -1.79 -40.57
N ILE G 132 -25.50 -1.45 -40.07
CA ILE G 132 -24.96 -2.15 -38.92
C ILE G 132 -25.80 -1.85 -37.67
N LEU G 133 -26.31 -0.62 -37.56
CA LEU G 133 -27.17 -0.29 -36.42
C LEU G 133 -28.48 -1.05 -36.47
N ILE G 134 -29.04 -1.25 -37.67
CA ILE G 134 -30.21 -2.10 -37.81
C ILE G 134 -29.88 -3.53 -37.40
N PHE G 135 -28.71 -4.02 -37.81
CA PHE G 135 -28.30 -5.36 -37.43
C PHE G 135 -28.22 -5.51 -35.91
N ALA G 136 -27.68 -4.49 -35.23
CA ALA G 136 -27.58 -4.53 -33.78
C ALA G 136 -28.94 -4.37 -33.10
N GLU G 137 -29.85 -3.59 -33.69
CA GLU G 137 -31.18 -3.41 -33.12
C GLU G 137 -32.01 -4.69 -33.25
N VAL G 138 -31.78 -5.46 -34.32
CA VAL G 138 -32.49 -6.73 -34.47
C VAL G 138 -32.14 -7.68 -33.33
N LEU G 139 -30.95 -7.53 -32.74
CA LEU G 139 -30.58 -8.38 -31.60
C LEU G 139 -31.50 -8.14 -30.42
N GLY G 140 -31.82 -6.88 -30.12
CA GLY G 140 -32.78 -6.59 -29.07
C GLY G 140 -34.20 -6.88 -29.47
N LEU G 141 -34.52 -6.76 -30.77
CA LEU G 141 -35.84 -7.16 -31.24
C LEU G 141 -36.08 -8.65 -31.03
N TYR G 142 -35.03 -9.47 -31.18
CA TYR G 142 -35.16 -10.89 -30.93
C TYR G 142 -35.50 -11.17 -29.46
N GLY G 143 -34.84 -10.46 -28.54
CA GLY G 143 -35.17 -10.61 -27.13
C GLY G 143 -36.58 -10.15 -26.83
N LEU G 144 -37.02 -9.07 -27.48
CA LEU G 144 -38.40 -8.62 -27.34
C LEU G 144 -39.38 -9.70 -27.79
N ILE G 145 -39.10 -10.32 -28.94
CA ILE G 145 -39.97 -11.37 -29.47
C ILE G 145 -40.00 -12.55 -28.51
N VAL G 146 -38.85 -12.95 -27.98
CA VAL G 146 -38.78 -14.06 -27.05
C VAL G 146 -39.60 -13.76 -25.80
N ALA G 147 -39.46 -12.54 -25.26
CA ALA G 147 -40.20 -12.17 -24.07
C ALA G 147 -41.71 -12.15 -24.33
N LEU G 148 -42.12 -11.62 -25.49
CA LEU G 148 -43.53 -11.61 -25.83
C LEU G 148 -44.09 -13.03 -25.96
N LEU G 149 -43.32 -13.92 -26.59
CA LEU G 149 -43.78 -15.31 -26.73
C LEU G 149 -43.86 -15.99 -25.38
N LEU G 150 -42.91 -15.72 -24.49
CA LEU G 150 -42.96 -16.30 -23.15
C LEU G 150 -44.18 -15.80 -22.39
N ASN G 151 -44.47 -14.50 -22.48
CA ASN G 151 -45.60 -13.94 -21.74
C ASN G 151 -46.94 -14.50 -22.19
N SER G 152 -47.03 -15.01 -23.42
CA SER G 152 -48.24 -15.69 -23.84
C SER G 152 -48.46 -17.00 -23.10
N ARG G 153 -47.40 -17.58 -22.53
CA ARG G 153 -47.49 -18.82 -21.78
C ARG G 153 -47.52 -18.61 -20.27
N ALA G 154 -47.49 -17.36 -19.81
CA ALA G 154 -47.42 -17.10 -18.38
C ALA G 154 -48.68 -17.58 -17.66
N THR G 155 -49.85 -17.24 -18.20
CA THR G 155 -51.13 -17.60 -17.59
C THR G 155 -51.99 -18.33 -18.64
N GLN G 156 -51.41 -19.31 -19.29
CA GLN G 156 -52.10 -20.15 -20.27
C GLN G 156 -52.19 -21.56 -19.71
N ASP G 157 -53.42 -22.00 -19.44
CA ASP G 157 -53.68 -23.32 -18.85
C ASP G 157 -52.89 -23.49 -17.55
N VAL G 158 -52.98 -22.48 -16.69
CA VAL G 158 -52.24 -22.43 -15.43
C VAL G 158 -53.23 -22.53 -14.28
N VAL G 159 -53.00 -23.47 -13.38
CA VAL G 159 -53.88 -23.66 -12.23
C VAL G 159 -53.16 -23.28 -10.94
N MET H 1 -46.79 -31.61 -5.61
CA MET H 1 -46.68 -32.12 -6.97
C MET H 1 -45.92 -33.45 -7.00
N THR H 2 -45.89 -34.09 -8.16
CA THR H 2 -45.19 -35.35 -8.30
C THR H 2 -43.69 -35.15 -8.13
N GLU H 3 -43.03 -36.15 -7.56
CA GLU H 3 -41.58 -36.07 -7.38
C GLU H 3 -40.86 -35.97 -8.72
N LEU H 4 -41.45 -36.49 -9.79
CA LEU H 4 -40.86 -36.37 -11.12
C LEU H 4 -41.16 -35.03 -11.77
N CYS H 5 -42.25 -34.37 -11.38
CA CYS H 5 -42.66 -33.09 -11.96
C CYS H 5 -42.87 -32.08 -10.85
N PRO H 6 -41.79 -31.59 -10.25
CA PRO H 6 -41.93 -30.62 -9.15
C PRO H 6 -42.34 -29.25 -9.68
N VAL H 7 -42.70 -28.39 -8.73
CA VAL H 7 -43.13 -27.04 -9.08
C VAL H 7 -41.98 -26.18 -9.56
N TYR H 8 -40.75 -26.52 -9.23
CA TYR H 8 -39.58 -25.76 -9.66
C TYR H 8 -38.98 -26.28 -10.96
N ALA H 9 -39.57 -27.31 -11.56
CA ALA H 9 -39.11 -27.77 -12.86
C ALA H 9 -39.18 -26.69 -13.94
N PRO H 10 -40.24 -25.88 -14.06
CA PRO H 10 -40.23 -24.83 -15.10
C PRO H 10 -39.14 -23.80 -14.93
N PHE H 11 -38.50 -23.71 -13.76
CA PHE H 11 -37.42 -22.75 -13.58
C PHE H 11 -36.28 -23.03 -14.55
N PHE H 12 -35.87 -24.30 -14.66
CA PHE H 12 -34.78 -24.65 -15.56
C PHE H 12 -35.16 -24.40 -17.01
N GLY H 13 -36.40 -24.72 -17.38
CA GLY H 13 -36.84 -24.46 -18.74
C GLY H 13 -36.85 -22.98 -19.07
N ALA H 14 -37.35 -22.15 -18.15
CA ALA H 14 -37.35 -20.71 -18.36
C ALA H 14 -35.95 -20.16 -18.45
N ILE H 15 -35.04 -20.65 -17.60
CA ILE H 15 -33.66 -20.20 -17.63
C ILE H 15 -33.00 -20.59 -18.95
N GLY H 16 -33.27 -21.81 -19.43
CA GLY H 16 -32.73 -22.22 -20.71
C GLY H 16 -33.28 -21.41 -21.86
N CYS H 17 -34.58 -21.14 -21.85
CA CYS H 17 -35.19 -20.32 -22.89
C CYS H 17 -34.60 -18.91 -22.88
N ALA H 18 -34.40 -18.34 -21.69
CA ALA H 18 -33.79 -17.01 -21.61
C ALA H 18 -32.36 -17.03 -22.10
N SER H 19 -31.56 -18.00 -21.65
CA SER H 19 -30.14 -18.05 -21.98
C SER H 19 -29.92 -18.30 -23.47
N ALA H 20 -30.77 -19.13 -24.09
CA ALA H 20 -30.61 -19.43 -25.51
C ALA H 20 -30.61 -18.17 -26.36
N ILE H 21 -31.38 -17.17 -25.98
CA ILE H 21 -31.35 -15.91 -26.71
C ILE H 21 -30.35 -14.93 -26.09
N ILE H 22 -30.15 -14.96 -24.78
CA ILE H 22 -29.27 -14.00 -24.12
C ILE H 22 -27.83 -14.17 -24.58
N PHE H 23 -27.32 -15.40 -24.53
CA PHE H 23 -25.91 -15.61 -24.85
C PHE H 23 -25.65 -15.52 -26.34
N THR H 24 -26.60 -15.98 -27.17
CA THR H 24 -26.47 -15.79 -28.60
C THR H 24 -26.53 -14.31 -28.97
N SER H 25 -27.33 -13.52 -28.26
CA SER H 25 -27.35 -12.08 -28.50
C SER H 25 -26.06 -11.43 -28.04
N LEU H 26 -25.47 -11.92 -26.96
CA LEU H 26 -24.17 -11.41 -26.53
C LEU H 26 -23.10 -11.68 -27.59
N GLY H 27 -23.07 -12.91 -28.10
CA GLY H 27 -22.11 -13.24 -29.14
C GLY H 27 -22.34 -12.46 -30.41
N ALA H 28 -23.60 -12.32 -30.82
CA ALA H 28 -23.93 -11.52 -31.99
C ALA H 28 -23.56 -10.05 -31.79
N ALA H 29 -23.76 -9.53 -30.58
CA ALA H 29 -23.38 -8.15 -30.29
C ALA H 29 -21.88 -7.96 -30.39
N TYR H 30 -21.10 -8.90 -29.87
CA TYR H 30 -19.65 -8.80 -30.00
C TYR H 30 -19.22 -8.87 -31.45
N GLY H 31 -19.74 -9.85 -32.19
CA GLY H 31 -19.37 -10.03 -33.58
C GLY H 31 -19.89 -8.95 -34.50
N THR H 32 -20.91 -8.22 -34.08
CA THR H 32 -21.41 -7.08 -34.83
C THR H 32 -20.65 -5.80 -34.47
N ALA H 33 -20.30 -5.64 -33.20
CA ALA H 33 -19.57 -4.45 -32.77
C ALA H 33 -18.18 -4.41 -33.37
N LYS H 34 -17.43 -5.50 -33.24
CA LYS H 34 -16.07 -5.51 -33.80
C LYS H 34 -16.10 -5.40 -35.31
N SER H 35 -17.01 -6.12 -35.96
CA SER H 35 -17.13 -6.04 -37.41
C SER H 35 -17.53 -4.63 -37.85
N GLY H 36 -18.41 -3.98 -37.10
CA GLY H 36 -18.84 -2.64 -37.45
C GLY H 36 -17.75 -1.61 -37.30
N VAL H 37 -16.96 -1.70 -36.22
CA VAL H 37 -15.87 -0.74 -36.06
C VAL H 37 -14.81 -0.96 -37.15
N GLY H 38 -14.54 -2.23 -37.49
CA GLY H 38 -13.64 -2.48 -38.61
C GLY H 38 -14.18 -1.96 -39.92
N ILE H 39 -15.48 -2.14 -40.16
CA ILE H 39 -16.10 -1.67 -41.40
C ILE H 39 -16.04 -0.16 -41.49
N CYS H 40 -16.30 0.53 -40.37
CA CYS H 40 -16.19 1.99 -40.36
C CYS H 40 -14.77 2.44 -40.62
N ALA H 41 -13.78 1.76 -40.02
CA ALA H 41 -12.39 2.10 -40.28
C ALA H 41 -12.04 1.91 -41.75
N THR H 42 -12.52 0.83 -42.36
CA THR H 42 -12.26 0.60 -43.78
C THR H 42 -12.95 1.65 -44.65
N CYS H 43 -14.19 2.00 -44.32
CA CYS H 43 -14.99 2.92 -45.12
C CYS H 43 -14.57 4.37 -44.94
N VAL H 44 -13.78 4.68 -43.91
CA VAL H 44 -13.25 6.03 -43.77
C VAL H 44 -12.44 6.41 -45.02
N LEU H 45 -11.66 5.47 -45.54
CA LEU H 45 -10.85 5.72 -46.73
C LEU H 45 -11.63 5.47 -48.02
N ARG H 46 -12.16 4.26 -48.19
CA ARG H 46 -12.84 3.87 -49.42
C ARG H 46 -14.24 3.36 -49.10
N PRO H 47 -15.29 3.92 -49.73
CA PRO H 47 -16.64 3.41 -49.50
C PRO H 47 -17.06 2.30 -50.44
N ASP H 48 -16.20 1.88 -51.37
CA ASP H 48 -16.56 0.83 -52.31
C ASP H 48 -16.78 -0.51 -51.60
N LEU H 49 -15.95 -0.81 -50.60
CA LEU H 49 -16.06 -2.05 -49.84
C LEU H 49 -17.08 -1.99 -48.72
N LEU H 50 -17.76 -0.85 -48.55
CA LEU H 50 -18.68 -0.69 -47.42
C LEU H 50 -19.81 -1.70 -47.47
N PHE H 51 -20.38 -1.92 -48.65
CA PHE H 51 -21.49 -2.86 -48.81
C PHE H 51 -21.03 -4.27 -49.09
N LYS H 52 -19.72 -4.50 -49.23
CA LYS H 52 -19.21 -5.85 -49.47
C LYS H 52 -18.61 -6.49 -48.22
N ASN H 53 -18.07 -5.70 -47.30
CA ASN H 53 -17.49 -6.22 -46.08
C ASN H 53 -18.51 -6.36 -44.95
N ILE H 54 -19.81 -6.33 -45.27
CA ILE H 54 -20.85 -6.55 -44.27
C ILE H 54 -21.05 -8.03 -43.97
N VAL H 55 -20.31 -8.91 -44.65
CA VAL H 55 -20.47 -10.35 -44.42
C VAL H 55 -20.21 -10.75 -42.97
N PRO H 56 -19.16 -10.25 -42.30
CA PRO H 56 -19.00 -10.60 -40.87
C PRO H 56 -20.17 -10.19 -40.01
N VAL H 57 -20.81 -9.05 -40.31
CA VAL H 57 -21.98 -8.63 -39.54
C VAL H 57 -23.15 -9.58 -39.77
N ILE H 58 -23.36 -9.99 -41.02
CA ILE H 58 -24.43 -10.92 -41.34
C ILE H 58 -24.19 -12.26 -40.66
N MET H 59 -22.96 -12.76 -40.71
CA MET H 59 -22.64 -14.06 -40.13
C MET H 59 -22.88 -14.06 -38.63
N ALA H 60 -22.48 -12.98 -37.95
CA ALA H 60 -22.79 -12.83 -36.53
C ALA H 60 -24.27 -12.61 -36.28
N GLY H 61 -25.02 -12.13 -37.26
CA GLY H 61 -26.45 -11.97 -37.12
C GLY H 61 -27.26 -13.22 -37.31
N ILE H 62 -26.64 -14.29 -37.82
CA ILE H 62 -27.33 -15.57 -37.94
C ILE H 62 -27.25 -16.34 -36.63
N ILE H 63 -26.25 -16.06 -35.81
CA ILE H 63 -26.17 -16.68 -34.49
C ILE H 63 -27.39 -16.31 -33.65
N ALA H 64 -27.78 -15.04 -33.71
CA ALA H 64 -29.00 -14.61 -33.01
C ALA H 64 -30.23 -15.34 -33.55
N ILE H 65 -30.24 -15.69 -34.84
CA ILE H 65 -31.33 -16.48 -35.38
C ILE H 65 -31.35 -17.87 -34.74
N TYR H 66 -30.17 -18.48 -34.56
CA TYR H 66 -30.10 -19.77 -33.89
C TYR H 66 -30.65 -19.68 -32.47
N GLY H 67 -30.23 -18.64 -31.75
CA GLY H 67 -30.74 -18.45 -30.40
C GLY H 67 -32.23 -18.24 -30.36
N LEU H 68 -32.76 -17.42 -31.28
CA LEU H 68 -34.20 -17.19 -31.35
C LEU H 68 -34.94 -18.47 -31.65
N VAL H 69 -34.44 -19.29 -32.58
CA VAL H 69 -35.09 -20.54 -32.93
C VAL H 69 -35.13 -21.48 -31.73
N VAL H 70 -34.01 -21.59 -31.02
CA VAL H 70 -33.98 -22.48 -29.86
C VAL H 70 -34.90 -21.97 -28.76
N SER H 71 -34.91 -20.65 -28.52
CA SER H 71 -35.79 -20.10 -27.49
C SER H 71 -37.25 -20.30 -27.85
N VAL H 72 -37.60 -20.15 -29.12
CA VAL H 72 -38.98 -20.36 -29.55
C VAL H 72 -39.37 -21.82 -29.36
N LEU H 73 -38.49 -22.75 -29.73
CA LEU H 73 -38.80 -24.17 -29.58
C LEU H 73 -38.78 -24.63 -28.14
N VAL H 74 -38.12 -23.89 -27.25
CA VAL H 74 -38.11 -24.26 -25.83
C VAL H 74 -39.34 -23.70 -25.13
N CYS H 75 -39.72 -22.46 -25.41
CA CYS H 75 -40.88 -21.86 -24.76
C CYS H 75 -42.19 -22.50 -25.17
N TYR H 76 -42.18 -23.43 -26.14
CA TYR H 76 -43.36 -24.18 -26.52
C TYR H 76 -43.44 -25.54 -25.86
N SER H 77 -42.31 -26.12 -25.47
CA SER H 77 -42.26 -27.45 -24.89
C SER H 77 -42.27 -27.45 -23.36
N LEU H 78 -42.39 -26.27 -22.74
CA LEU H 78 -42.40 -26.16 -21.28
C LEU H 78 -43.77 -25.74 -20.79
N GLY H 79 -44.18 -26.28 -19.65
CA GLY H 79 -45.44 -25.94 -19.04
C GLY H 79 -45.35 -25.90 -17.53
N GLN H 80 -46.49 -26.07 -16.85
CA GLN H 80 -46.49 -26.10 -15.40
C GLN H 80 -46.23 -27.49 -14.84
N LYS H 81 -46.62 -28.54 -15.55
CA LYS H 81 -46.49 -29.91 -15.08
C LYS H 81 -45.29 -30.64 -15.71
N GLN H 82 -44.39 -29.92 -16.36
CA GLN H 82 -43.24 -30.55 -16.98
C GLN H 82 -42.31 -31.12 -15.92
N ALA H 83 -41.62 -32.20 -16.28
CA ALA H 83 -40.76 -32.92 -15.35
C ALA H 83 -39.41 -32.23 -15.21
N LEU H 84 -38.65 -32.64 -14.19
CA LEU H 84 -37.27 -32.18 -14.09
C LEU H 84 -36.43 -32.64 -15.26
N TYR H 85 -36.75 -33.79 -15.84
CA TYR H 85 -36.02 -34.22 -17.04
C TYR H 85 -36.21 -33.22 -18.17
N THR H 86 -37.45 -32.81 -18.42
CA THR H 86 -37.72 -31.83 -19.47
C THR H 86 -37.08 -30.49 -19.16
N GLY H 87 -37.16 -30.05 -17.89
CA GLY H 87 -36.55 -28.78 -17.53
C GLY H 87 -35.04 -28.79 -17.67
N PHE H 88 -34.40 -29.87 -17.23
CA PHE H 88 -32.96 -30.00 -17.37
C PHE H 88 -32.56 -30.07 -18.83
N ILE H 89 -33.34 -30.77 -19.66
CA ILE H 89 -33.04 -30.84 -21.08
C ILE H 89 -33.16 -29.46 -21.72
N GLN H 90 -34.21 -28.71 -21.37
CA GLN H 90 -34.39 -27.38 -21.91
C GLN H 90 -33.25 -26.45 -21.48
N LEU H 91 -32.86 -26.52 -20.21
CA LEU H 91 -31.73 -25.72 -19.74
C LEU H 91 -30.44 -26.11 -20.46
N GLY H 92 -30.22 -27.41 -20.65
CA GLY H 92 -29.02 -27.85 -21.33
C GLY H 92 -28.98 -27.40 -22.78
N ALA H 93 -30.12 -27.48 -23.48
CA ALA H 93 -30.19 -27.00 -24.85
C ALA H 93 -29.97 -25.50 -24.93
N GLY H 94 -30.58 -24.75 -24.01
CA GLY H 94 -30.38 -23.31 -24.00
C GLY H 94 -28.93 -22.93 -23.74
N LEU H 95 -28.31 -23.55 -22.74
CA LEU H 95 -26.90 -23.29 -22.47
C LEU H 95 -26.02 -23.70 -23.64
N SER H 96 -26.32 -24.85 -24.24
CA SER H 96 -25.54 -25.33 -25.37
C SER H 96 -25.56 -24.32 -26.51
N VAL H 97 -26.75 -23.93 -26.95
CA VAL H 97 -26.85 -23.02 -28.09
C VAL H 97 -26.31 -21.64 -27.72
N GLY H 98 -26.57 -21.17 -26.51
CA GLY H 98 -26.12 -19.84 -26.14
C GLY H 98 -24.62 -19.74 -26.04
N LEU H 99 -23.99 -20.69 -25.33
CA LEU H 99 -22.55 -20.62 -25.13
C LEU H 99 -21.76 -21.19 -26.30
N SER H 100 -22.42 -21.81 -27.29
CA SER H 100 -21.76 -22.05 -28.56
C SER H 100 -21.88 -20.86 -29.49
N GLY H 101 -23.03 -20.20 -29.50
CA GLY H 101 -23.19 -18.99 -30.29
C GLY H 101 -22.35 -17.84 -29.77
N LEU H 102 -22.10 -17.79 -28.47
CA LEU H 102 -21.22 -16.76 -27.93
C LEU H 102 -19.79 -16.95 -28.43
N ALA H 103 -19.29 -18.18 -28.41
CA ALA H 103 -17.96 -18.46 -28.95
C ALA H 103 -17.91 -18.18 -30.45
N ALA H 104 -18.96 -18.60 -31.17
CA ALA H 104 -19.02 -18.33 -32.61
C ALA H 104 -19.02 -16.83 -32.88
N GLY H 105 -19.75 -16.06 -32.08
CA GLY H 105 -19.77 -14.62 -32.26
C GLY H 105 -18.44 -13.98 -31.95
N PHE H 106 -17.76 -14.46 -30.91
CA PHE H 106 -16.42 -13.92 -30.59
C PHE H 106 -15.46 -14.19 -31.74
N ALA H 107 -15.44 -15.42 -32.24
CA ALA H 107 -14.55 -15.77 -33.34
C ALA H 107 -14.90 -14.97 -34.60
N ILE H 108 -16.20 -14.84 -34.89
CA ILE H 108 -16.64 -14.08 -36.06
C ILE H 108 -16.23 -12.61 -35.93
N GLY H 109 -16.39 -12.04 -34.73
CA GLY H 109 -16.01 -10.66 -34.53
C GLY H 109 -14.53 -10.43 -34.75
N ILE H 110 -13.69 -11.29 -34.15
CA ILE H 110 -12.24 -11.13 -34.30
C ILE H 110 -11.84 -11.30 -35.77
N VAL H 111 -12.31 -12.36 -36.41
CA VAL H 111 -11.92 -12.66 -37.78
C VAL H 111 -12.41 -11.56 -38.72
N GLY H 112 -13.66 -11.13 -38.55
CA GLY H 112 -14.19 -10.09 -39.41
C GLY H 112 -13.49 -8.76 -39.23
N ASP H 113 -13.18 -8.40 -37.97
CA ASP H 113 -12.45 -7.16 -37.73
C ASP H 113 -11.10 -7.20 -38.43
N ALA H 114 -10.35 -8.28 -38.26
CA ALA H 114 -9.05 -8.38 -38.92
C ALA H 114 -9.20 -8.33 -40.43
N GLY H 115 -10.18 -9.06 -40.97
CA GLY H 115 -10.33 -9.12 -42.42
C GLY H 115 -10.74 -7.80 -43.03
N VAL H 116 -11.63 -7.06 -42.38
CA VAL H 116 -12.07 -5.79 -42.95
C VAL H 116 -11.04 -4.70 -42.71
N ARG H 117 -10.22 -4.82 -41.66
CA ARG H 117 -9.14 -3.86 -41.48
C ARG H 117 -8.04 -4.09 -42.52
N GLY H 118 -7.76 -5.34 -42.86
CA GLY H 118 -6.78 -5.63 -43.88
C GLY H 118 -7.32 -5.81 -45.28
N SER H 119 -8.62 -5.55 -45.51
CA SER H 119 -9.23 -5.84 -46.80
C SER H 119 -8.74 -4.90 -47.89
N SER H 120 -8.48 -3.63 -47.55
CA SER H 120 -8.03 -2.68 -48.56
C SER H 120 -6.69 -3.08 -49.15
N GLN H 121 -5.89 -3.85 -48.42
CA GLN H 121 -4.58 -4.27 -48.92
C GLN H 121 -4.69 -5.36 -49.97
N GLN H 122 -5.67 -6.25 -49.84
CA GLN H 122 -5.78 -7.37 -50.77
C GLN H 122 -7.22 -7.76 -51.02
N PRO H 123 -7.69 -7.77 -52.27
CA PRO H 123 -9.05 -8.24 -52.56
C PRO H 123 -9.29 -9.68 -52.18
N ARG H 124 -8.28 -10.54 -52.30
CA ARG H 124 -8.45 -11.96 -51.96
C ARG H 124 -8.69 -12.18 -50.47
N LEU H 125 -8.34 -11.19 -49.64
CA LEU H 125 -8.67 -11.29 -48.22
C LEU H 125 -10.16 -11.35 -47.98
N PHE H 126 -10.97 -10.81 -48.90
CA PHE H 126 -12.42 -10.97 -48.77
C PHE H 126 -12.83 -12.44 -48.84
N VAL H 127 -12.32 -13.17 -49.83
CA VAL H 127 -12.59 -14.60 -49.92
C VAL H 127 -12.00 -15.37 -48.75
N GLY H 128 -10.78 -15.02 -48.32
CA GLY H 128 -10.20 -15.67 -47.17
C GLY H 128 -11.02 -15.48 -45.91
N MET H 129 -11.50 -14.25 -45.69
CA MET H 129 -12.35 -13.97 -44.55
C MET H 129 -13.68 -14.71 -44.65
N ILE H 130 -14.23 -14.81 -45.86
CA ILE H 130 -15.46 -15.60 -46.05
C ILE H 130 -15.21 -17.05 -45.65
N LEU H 131 -14.08 -17.62 -46.08
CA LEU H 131 -13.77 -19.00 -45.75
C LEU H 131 -13.60 -19.20 -44.25
N ILE H 132 -12.92 -18.28 -43.57
CA ILE H 132 -12.74 -18.43 -42.12
C ILE H 132 -14.06 -18.23 -41.38
N LEU H 133 -14.90 -17.30 -41.84
CA LEU H 133 -16.22 -17.08 -41.25
C LEU H 133 -17.15 -18.27 -41.45
N ILE H 134 -17.03 -18.98 -42.56
CA ILE H 134 -17.73 -20.26 -42.72
C ILE H 134 -17.35 -21.26 -41.63
N PHE H 135 -16.07 -21.37 -41.30
CA PHE H 135 -15.61 -22.22 -40.22
C PHE H 135 -16.05 -21.75 -38.85
N ALA H 136 -16.11 -20.44 -38.62
CA ALA H 136 -16.55 -19.88 -37.34
C ALA H 136 -18.05 -19.96 -37.12
N GLU H 137 -18.85 -19.91 -38.19
CA GLU H 137 -20.30 -20.00 -38.04
C GLU H 137 -20.72 -21.44 -37.74
N VAL H 138 -19.91 -22.41 -38.16
CA VAL H 138 -20.25 -23.81 -37.93
C VAL H 138 -20.20 -24.17 -36.45
N LEU H 139 -19.48 -23.40 -35.62
CA LEU H 139 -19.54 -23.63 -34.19
C LEU H 139 -20.94 -23.36 -33.64
N GLY H 140 -21.51 -22.21 -34.00
CA GLY H 140 -22.89 -21.93 -33.64
C GLY H 140 -23.86 -22.91 -34.29
N LEU H 141 -23.54 -23.38 -35.49
CA LEU H 141 -24.38 -24.39 -36.13
C LEU H 141 -24.39 -25.68 -35.32
N TYR H 142 -23.22 -26.11 -34.82
CA TYR H 142 -23.13 -27.28 -33.96
C TYR H 142 -23.89 -27.09 -32.66
N GLY H 143 -23.76 -25.90 -32.04
CA GLY H 143 -24.55 -25.63 -30.85
C GLY H 143 -26.04 -25.72 -31.11
N LEU H 144 -26.49 -25.16 -32.23
CA LEU H 144 -27.90 -25.25 -32.60
C LEU H 144 -28.33 -26.69 -32.83
N ILE H 145 -27.48 -27.49 -33.48
CA ILE H 145 -27.81 -28.89 -33.72
C ILE H 145 -27.96 -29.65 -32.41
N VAL H 146 -27.03 -29.42 -31.47
CA VAL H 146 -27.11 -30.08 -30.17
C VAL H 146 -28.37 -29.66 -29.44
N ALA H 147 -28.68 -28.36 -29.47
CA ALA H 147 -29.90 -27.89 -28.80
C ALA H 147 -31.15 -28.50 -29.43
N LEU H 148 -31.18 -28.60 -30.77
CA LEU H 148 -32.32 -29.19 -31.44
C LEU H 148 -32.48 -30.66 -31.07
N LEU H 149 -31.38 -31.41 -31.02
CA LEU H 149 -31.46 -32.81 -30.63
C LEU H 149 -31.96 -32.95 -29.19
N LEU H 150 -31.44 -32.13 -28.28
CA LEU H 150 -31.88 -32.17 -26.90
C LEU H 150 -33.38 -31.88 -26.80
N ASN H 151 -33.83 -30.81 -27.45
CA ASN H 151 -35.25 -30.48 -27.43
C ASN H 151 -36.10 -31.56 -28.07
N SER H 152 -35.55 -32.26 -29.07
CA SER H 152 -36.25 -33.41 -29.63
C SER H 152 -36.45 -34.50 -28.59
N ARG H 153 -35.42 -34.74 -27.77
CA ARG H 153 -35.54 -35.70 -26.68
C ARG H 153 -36.06 -35.08 -25.39
N ALA H 154 -36.58 -33.85 -25.44
CA ALA H 154 -37.06 -33.19 -24.23
C ALA H 154 -38.34 -33.84 -23.72
N THR H 155 -39.30 -34.07 -24.60
CA THR H 155 -40.62 -34.57 -24.20
C THR H 155 -40.90 -35.94 -24.83
N GLN H 156 -39.89 -36.79 -24.94
CA GLN H 156 -40.04 -38.14 -25.47
C GLN H 156 -39.94 -39.14 -24.33
N ASP H 157 -40.97 -39.97 -24.19
CA ASP H 157 -41.05 -40.96 -23.11
C ASP H 157 -40.90 -40.30 -21.74
N VAL H 158 -41.61 -39.19 -21.55
CA VAL H 158 -41.52 -38.39 -20.34
C VAL H 158 -42.84 -38.48 -19.59
N VAL H 159 -42.78 -38.80 -18.30
CA VAL H 159 -43.97 -38.89 -17.48
C VAL H 159 -43.95 -37.81 -16.40
N MET I 1 -37.72 -40.98 -7.33
CA MET I 1 -37.89 -42.35 -7.80
C MET I 1 -36.97 -43.30 -7.05
N THR I 2 -36.28 -44.17 -7.79
CA THR I 2 -35.36 -45.11 -7.19
C THR I 2 -34.18 -44.36 -6.57
N GLU I 3 -33.69 -44.89 -5.44
CA GLU I 3 -32.56 -44.27 -4.76
C GLU I 3 -31.32 -44.23 -5.63
N LEU I 4 -31.18 -45.19 -6.56
CA LEU I 4 -30.06 -45.18 -7.48
C LEU I 4 -30.32 -44.33 -8.72
N CYS I 5 -31.58 -44.02 -9.01
CA CYS I 5 -31.96 -43.23 -10.19
C CYS I 5 -32.85 -42.07 -9.75
N PRO I 6 -32.26 -41.04 -9.14
CA PRO I 6 -33.08 -39.93 -8.65
C PRO I 6 -33.63 -39.09 -9.79
N VAL I 7 -34.49 -38.14 -9.42
CA VAL I 7 -35.12 -37.27 -10.41
C VAL I 7 -34.15 -36.22 -10.92
N TYR I 8 -33.11 -35.88 -10.16
CA TYR I 8 -32.11 -34.90 -10.59
C TYR I 8 -30.93 -35.54 -11.30
N ALA I 9 -30.97 -36.86 -11.52
CA ALA I 9 -29.90 -37.51 -12.27
C ALA I 9 -29.75 -36.96 -13.70
N PRO I 10 -30.81 -36.72 -14.47
CA PRO I 10 -30.62 -36.15 -15.82
C PRO I 10 -29.97 -34.79 -15.84
N PHE I 11 -29.89 -34.09 -14.70
CA PHE I 11 -29.23 -32.79 -14.68
C PHE I 11 -27.76 -32.91 -15.06
N PHE I 12 -27.06 -33.89 -14.48
CA PHE I 12 -25.65 -34.09 -14.81
C PHE I 12 -25.48 -34.50 -16.26
N GLY I 13 -26.37 -35.35 -16.77
CA GLY I 13 -26.28 -35.73 -18.18
C GLY I 13 -26.49 -34.56 -19.11
N ALA I 14 -27.47 -33.71 -18.82
CA ALA I 14 -27.71 -32.53 -19.65
C ALA I 14 -26.54 -31.55 -19.56
N ILE I 15 -25.97 -31.37 -18.37
CA ILE I 15 -24.83 -30.47 -18.23
C ILE I 15 -23.62 -31.01 -19.00
N GLY I 16 -23.38 -32.32 -18.93
CA GLY I 16 -22.30 -32.90 -19.72
C GLY I 16 -22.52 -32.80 -21.21
N CYS I 17 -23.74 -33.03 -21.66
CA CYS I 17 -24.05 -32.90 -23.09
C CYS I 17 -23.85 -31.47 -23.56
N ALA I 18 -24.28 -30.49 -22.76
CA ALA I 18 -24.07 -29.10 -23.10
C ALA I 18 -22.59 -28.75 -23.11
N SER I 19 -21.85 -29.20 -22.08
CA SER I 19 -20.45 -28.82 -21.94
C SER I 19 -19.58 -29.41 -23.04
N ALA I 20 -19.87 -30.65 -23.45
CA ALA I 20 -19.06 -31.31 -24.47
C ALA I 20 -18.99 -30.47 -25.74
N ILE I 21 -20.07 -29.78 -26.09
CA ILE I 21 -20.05 -28.92 -27.25
C ILE I 21 -19.69 -27.48 -26.89
N ILE I 22 -20.04 -27.01 -25.70
CA ILE I 22 -19.76 -25.63 -25.33
C ILE I 22 -18.27 -25.37 -25.24
N PHE I 23 -17.54 -26.23 -24.52
CA PHE I 23 -16.12 -26.01 -24.33
C PHE I 23 -15.33 -26.30 -25.60
N THR I 24 -15.75 -27.30 -26.37
CA THR I 24 -15.10 -27.55 -27.65
C THR I 24 -15.35 -26.39 -28.62
N SER I 25 -16.53 -25.78 -28.57
CA SER I 25 -16.80 -24.62 -29.42
C SER I 25 -16.00 -23.41 -28.97
N LEU I 26 -15.81 -23.24 -27.66
CA LEU I 26 -14.94 -22.17 -27.18
C LEU I 26 -13.51 -22.37 -27.63
N GLY I 27 -13.00 -23.60 -27.51
CA GLY I 27 -11.65 -23.88 -27.97
C GLY I 27 -11.50 -23.69 -29.47
N ALA I 28 -12.49 -24.14 -30.25
CA ALA I 28 -12.47 -23.95 -31.69
C ALA I 28 -12.55 -22.47 -32.05
N ALA I 29 -13.34 -21.69 -31.31
CA ALA I 29 -13.41 -20.26 -31.56
C ALA I 29 -12.08 -19.58 -31.30
N TYR I 30 -11.41 -19.96 -30.22
CA TYR I 30 -10.08 -19.41 -29.95
C TYR I 30 -9.10 -19.80 -31.05
N GLY I 31 -9.04 -21.10 -31.38
CA GLY I 31 -8.15 -21.59 -32.41
C GLY I 31 -8.47 -21.13 -33.81
N THR I 32 -9.69 -20.61 -34.02
CA THR I 32 -10.07 -20.01 -35.29
C THR I 32 -9.77 -18.52 -35.35
N ALA I 33 -10.13 -17.75 -34.32
CA ALA I 33 -9.88 -16.32 -34.30
C ALA I 33 -8.38 -15.99 -34.21
N LYS I 34 -7.67 -16.62 -33.27
CA LYS I 34 -6.25 -16.32 -33.13
C LYS I 34 -5.44 -16.80 -34.33
N SER I 35 -5.94 -17.82 -35.03
CA SER I 35 -5.28 -18.24 -36.26
C SER I 35 -5.66 -17.34 -37.43
N GLY I 36 -6.90 -16.85 -37.47
CA GLY I 36 -7.34 -16.06 -38.60
C GLY I 36 -6.79 -14.66 -38.60
N VAL I 37 -6.54 -14.10 -37.41
CA VAL I 37 -5.89 -12.79 -37.38
C VAL I 37 -4.49 -12.88 -37.98
N GLY I 38 -3.72 -13.91 -37.62
CA GLY I 38 -2.43 -14.12 -38.25
C GLY I 38 -2.52 -14.48 -39.72
N ILE I 39 -3.58 -15.21 -40.10
CA ILE I 39 -3.78 -15.53 -41.50
C ILE I 39 -3.99 -14.26 -42.32
N CYS I 40 -4.82 -13.34 -41.81
CA CYS I 40 -5.00 -12.06 -42.48
C CYS I 40 -3.71 -11.26 -42.53
N ALA I 41 -2.95 -11.27 -41.42
CA ALA I 41 -1.68 -10.55 -41.42
C ALA I 41 -0.72 -11.11 -42.48
N THR I 42 -0.66 -12.44 -42.59
CA THR I 42 0.18 -13.06 -43.62
C THR I 42 -0.32 -12.73 -45.03
N CYS I 43 -1.64 -12.80 -45.23
CA CYS I 43 -2.20 -12.57 -46.56
C CYS I 43 -2.05 -11.13 -47.00
N VAL I 44 -1.92 -10.19 -46.05
CA VAL I 44 -1.63 -8.80 -46.41
C VAL I 44 -0.31 -8.72 -47.16
N LEU I 45 0.71 -9.42 -46.66
CA LEU I 45 2.02 -9.41 -47.32
C LEU I 45 2.01 -10.34 -48.53
N ARG I 46 1.75 -11.62 -48.32
CA ARG I 46 1.74 -12.61 -49.41
C ARG I 46 0.34 -13.16 -49.59
N PRO I 47 -0.41 -12.69 -50.61
CA PRO I 47 -1.77 -13.22 -50.82
C PRO I 47 -1.80 -14.66 -51.31
N ASP I 48 -0.69 -15.18 -51.82
CA ASP I 48 -0.68 -16.53 -52.37
C ASP I 48 -0.88 -17.60 -51.31
N LEU I 49 -0.63 -17.28 -50.03
CA LEU I 49 -0.77 -18.25 -48.95
C LEU I 49 -2.22 -18.24 -48.47
N LEU I 50 -3.06 -18.99 -49.16
CA LEU I 50 -4.46 -19.15 -48.76
C LEU I 50 -4.77 -20.62 -48.49
N PHE I 51 -4.37 -21.49 -49.41
CA PHE I 51 -4.68 -22.92 -49.31
C PHE I 51 -3.66 -23.70 -48.50
N LYS I 52 -2.57 -23.07 -48.05
CA LYS I 52 -1.61 -23.69 -47.15
C LYS I 52 -1.69 -23.16 -45.73
N ASN I 53 -2.10 -21.90 -45.56
CA ASN I 53 -2.14 -21.29 -44.24
C ASN I 53 -3.49 -21.41 -43.55
N ILE I 54 -4.49 -22.00 -44.19
CA ILE I 54 -5.81 -22.16 -43.61
C ILE I 54 -5.91 -23.46 -42.81
N VAL I 55 -4.87 -24.28 -42.84
CA VAL I 55 -4.84 -25.56 -42.14
C VAL I 55 -5.04 -25.40 -40.63
N PRO I 56 -4.44 -24.40 -39.96
CA PRO I 56 -4.74 -24.23 -38.53
C PRO I 56 -6.21 -24.06 -38.23
N VAL I 57 -6.94 -23.32 -39.06
CA VAL I 57 -8.38 -23.15 -38.84
C VAL I 57 -9.11 -24.46 -39.06
N ILE I 58 -8.72 -25.21 -40.09
CA ILE I 58 -9.34 -26.50 -40.39
C ILE I 58 -9.14 -27.46 -39.22
N MET I 59 -7.92 -27.53 -38.69
CA MET I 59 -7.62 -28.39 -37.55
C MET I 59 -8.30 -27.92 -36.27
N ALA I 60 -8.47 -26.61 -36.10
CA ALA I 60 -9.18 -26.10 -34.94
C ALA I 60 -10.67 -26.33 -35.05
N GLY I 61 -11.17 -26.61 -36.25
CA GLY I 61 -12.58 -26.86 -36.44
C GLY I 61 -12.95 -28.33 -36.35
N ILE I 62 -12.01 -29.16 -35.89
CA ILE I 62 -12.26 -30.58 -35.71
C ILE I 62 -12.55 -30.83 -34.24
N ILE I 63 -12.07 -29.93 -33.38
CA ILE I 63 -12.43 -29.98 -31.96
C ILE I 63 -13.93 -29.80 -31.79
N ALA I 64 -14.51 -28.86 -32.53
CA ALA I 64 -15.97 -28.72 -32.52
C ALA I 64 -16.66 -29.99 -32.97
N ILE I 65 -16.07 -30.71 -33.93
CA ILE I 65 -16.61 -32.00 -34.34
C ILE I 65 -16.52 -33.05 -33.25
N TYR I 66 -15.41 -33.11 -32.50
CA TYR I 66 -15.33 -34.02 -31.36
C TYR I 66 -16.41 -33.69 -30.33
N GLY I 67 -16.58 -32.40 -30.04
CA GLY I 67 -17.61 -31.99 -29.09
C GLY I 67 -19.00 -32.36 -29.56
N LEU I 68 -19.27 -32.16 -30.87
CA LEU I 68 -20.57 -32.54 -31.40
C LEU I 68 -20.80 -34.04 -31.30
N VAL I 69 -19.78 -34.83 -31.61
CA VAL I 69 -19.91 -36.29 -31.54
C VAL I 69 -20.22 -36.72 -30.11
N VAL I 70 -19.46 -36.18 -29.14
CA VAL I 70 -19.69 -36.57 -27.75
C VAL I 70 -21.06 -36.09 -27.28
N SER I 71 -21.47 -34.88 -27.67
CA SER I 71 -22.77 -34.37 -27.27
C SER I 71 -23.89 -35.22 -27.83
N VAL I 72 -23.79 -35.64 -29.10
CA VAL I 72 -24.82 -36.49 -29.68
C VAL I 72 -24.86 -37.84 -28.98
N LEU I 73 -23.69 -38.43 -28.72
CA LEU I 73 -23.67 -39.74 -28.07
C LEU I 73 -24.19 -39.68 -26.64
N VAL I 74 -23.91 -38.60 -25.92
CA VAL I 74 -24.43 -38.44 -24.56
C VAL I 74 -25.93 -38.20 -24.60
N CYS I 75 -26.39 -37.35 -25.53
CA CYS I 75 -27.81 -37.03 -25.63
C CYS I 75 -28.63 -38.27 -25.97
N TYR I 76 -28.12 -39.13 -26.85
CA TYR I 76 -28.83 -40.36 -27.19
C TYR I 76 -28.91 -41.32 -26.02
N SER I 77 -28.10 -41.14 -24.98
CA SER I 77 -28.15 -41.96 -23.79
C SER I 77 -28.89 -41.29 -22.64
N LEU I 78 -29.41 -40.08 -22.84
CA LEU I 78 -30.12 -39.39 -21.78
C LEU I 78 -31.54 -39.94 -21.62
N GLY I 79 -31.96 -40.07 -20.38
CA GLY I 79 -33.30 -40.57 -20.09
C GLY I 79 -33.82 -39.99 -18.79
N GLN I 80 -35.14 -40.00 -18.65
CA GLN I 80 -35.76 -39.48 -17.44
C GLN I 80 -35.42 -40.33 -16.23
N LYS I 81 -35.59 -41.64 -16.33
CA LYS I 81 -35.28 -42.55 -15.24
C LYS I 81 -33.89 -43.16 -15.45
N GLN I 82 -32.90 -42.29 -15.41
CA GLN I 82 -31.51 -42.69 -15.52
C GLN I 82 -30.85 -42.65 -14.15
N ALA I 83 -29.87 -43.53 -13.96
CA ALA I 83 -29.18 -43.61 -12.67
C ALA I 83 -28.21 -42.45 -12.52
N LEU I 84 -27.89 -42.14 -11.26
CA LEU I 84 -26.83 -41.16 -11.01
C LEU I 84 -25.49 -41.63 -11.53
N TYR I 85 -25.27 -42.94 -11.65
CA TYR I 85 -24.06 -43.41 -12.30
C TYR I 85 -24.02 -42.97 -13.75
N THR I 86 -25.12 -43.13 -14.47
CA THR I 86 -25.18 -42.72 -15.87
C THR I 86 -25.00 -41.22 -16.00
N GLY I 87 -25.61 -40.44 -15.12
CA GLY I 87 -25.44 -39.00 -15.17
C GLY I 87 -24.03 -38.57 -14.84
N PHE I 88 -23.42 -39.20 -13.83
CA PHE I 88 -22.05 -38.89 -13.46
C PHE I 88 -21.04 -39.35 -14.50
N ILE I 89 -21.41 -40.29 -15.38
CA ILE I 89 -20.54 -40.62 -16.50
C ILE I 89 -20.76 -39.66 -17.66
N GLN I 90 -22.02 -39.33 -17.96
CA GLN I 90 -22.30 -38.39 -19.04
C GLN I 90 -21.66 -37.03 -18.77
N LEU I 91 -21.77 -36.54 -17.53
CA LEU I 91 -20.86 -35.51 -17.08
C LEU I 91 -19.48 -36.12 -16.85
N GLY I 92 -18.44 -35.38 -17.21
CA GLY I 92 -17.12 -35.97 -17.18
C GLY I 92 -16.83 -36.67 -18.50
N ALA I 93 -17.86 -37.25 -19.12
CA ALA I 93 -17.73 -37.61 -20.52
C ALA I 93 -17.83 -36.39 -21.42
N GLY I 94 -18.50 -35.34 -20.94
CA GLY I 94 -18.53 -34.08 -21.65
C GLY I 94 -17.49 -33.11 -21.10
N LEU I 95 -17.22 -33.21 -19.79
CA LEU I 95 -16.18 -32.37 -19.20
C LEU I 95 -14.81 -32.74 -19.74
N SER I 96 -14.51 -34.04 -19.86
CA SER I 96 -13.19 -34.44 -20.33
C SER I 96 -12.96 -33.98 -21.76
N VAL I 97 -13.89 -34.32 -22.67
CA VAL I 97 -13.72 -33.93 -24.06
C VAL I 97 -13.79 -32.42 -24.22
N GLY I 98 -14.69 -31.76 -23.49
CA GLY I 98 -14.83 -30.33 -23.62
C GLY I 98 -13.59 -29.58 -23.17
N LEU I 99 -13.08 -29.93 -21.99
CA LEU I 99 -11.93 -29.22 -21.42
C LEU I 99 -10.60 -29.75 -21.94
N SER I 100 -10.60 -30.84 -22.70
CA SER I 100 -9.42 -31.19 -23.48
C SER I 100 -9.42 -30.48 -24.82
N GLY I 101 -10.60 -30.35 -25.45
CA GLY I 101 -10.69 -29.63 -26.70
C GLY I 101 -10.50 -28.13 -26.52
N LEU I 102 -10.83 -27.60 -25.34
CA LEU I 102 -10.54 -26.20 -25.05
C LEU I 102 -9.04 -25.94 -25.08
N ALA I 103 -8.28 -26.78 -24.38
CA ALA I 103 -6.82 -26.66 -24.39
C ALA I 103 -6.27 -26.91 -25.80
N ALA I 104 -6.82 -27.89 -26.51
CA ALA I 104 -6.38 -28.17 -27.86
C ALA I 104 -6.61 -26.97 -28.77
N GLY I 105 -7.77 -26.32 -28.64
CA GLY I 105 -8.04 -25.14 -29.46
C GLY I 105 -7.15 -23.97 -29.10
N PHE I 106 -6.88 -23.77 -27.82
CA PHE I 106 -5.94 -22.72 -27.41
C PHE I 106 -4.57 -22.96 -28.02
N ALA I 107 -4.07 -24.20 -27.91
CA ALA I 107 -2.76 -24.54 -28.46
C ALA I 107 -2.74 -24.39 -29.97
N ILE I 108 -3.81 -24.82 -30.65
CA ILE I 108 -3.86 -24.71 -32.11
C ILE I 108 -3.90 -23.25 -32.52
N GLY I 109 -4.64 -22.41 -31.81
CA GLY I 109 -4.65 -20.99 -32.15
C GLY I 109 -3.30 -20.35 -32.01
N ILE I 110 -2.63 -20.60 -30.89
CA ILE I 110 -1.32 -20.00 -30.66
C ILE I 110 -0.31 -20.50 -31.67
N VAL I 111 -0.25 -21.83 -31.85
CA VAL I 111 0.69 -22.42 -32.80
C VAL I 111 0.39 -21.95 -34.22
N GLY I 112 -0.89 -21.80 -34.56
CA GLY I 112 -1.24 -21.37 -35.90
C GLY I 112 -0.86 -19.93 -36.17
N ASP I 113 -1.06 -19.03 -35.19
CA ASP I 113 -0.63 -17.65 -35.43
C ASP I 113 0.88 -17.57 -35.56
N ALA I 114 1.62 -18.30 -34.71
CA ALA I 114 3.07 -18.34 -34.84
C ALA I 114 3.49 -18.90 -36.20
N GLY I 115 2.82 -19.97 -36.64
CA GLY I 115 3.18 -20.60 -37.90
C GLY I 115 2.88 -19.74 -39.11
N VAL I 116 1.75 -19.02 -39.10
CA VAL I 116 1.43 -18.16 -40.22
C VAL I 116 2.36 -16.96 -40.26
N ARG I 117 2.75 -16.43 -39.08
CA ARG I 117 3.75 -15.38 -39.07
C ARG I 117 5.08 -15.88 -39.64
N GLY I 118 5.49 -17.09 -39.26
CA GLY I 118 6.70 -17.66 -39.82
C GLY I 118 6.60 -17.90 -41.31
N SER I 119 5.45 -18.38 -41.78
CA SER I 119 5.25 -18.62 -43.20
C SER I 119 5.30 -17.32 -44.00
N SER I 120 4.73 -16.25 -43.45
CA SER I 120 4.89 -14.94 -44.07
C SER I 120 6.36 -14.53 -44.10
N GLN I 121 7.08 -14.79 -43.02
CA GLN I 121 8.50 -14.48 -42.98
C GLN I 121 9.33 -15.50 -43.75
N GLN I 122 8.93 -16.78 -43.75
CA GLN I 122 9.63 -17.83 -44.49
C GLN I 122 8.65 -18.92 -44.90
N PRO I 123 8.44 -19.13 -46.20
CA PRO I 123 7.37 -20.06 -46.63
C PRO I 123 7.66 -21.52 -46.34
N ARG I 124 8.90 -21.90 -46.02
CA ARG I 124 9.26 -23.29 -45.84
C ARG I 124 9.06 -23.78 -44.40
N LEU I 125 8.24 -23.09 -43.62
CA LEU I 125 7.91 -23.52 -42.27
C LEU I 125 6.61 -24.31 -42.20
N PHE I 126 6.15 -24.85 -43.34
CA PHE I 126 4.86 -25.52 -43.37
C PHE I 126 4.90 -26.86 -42.63
N VAL I 127 5.97 -27.64 -42.82
CA VAL I 127 6.02 -28.98 -42.24
C VAL I 127 6.06 -28.92 -40.71
N GLY I 128 6.88 -28.02 -40.16
CA GLY I 128 6.94 -27.90 -38.71
C GLY I 128 5.62 -27.46 -38.10
N MET I 129 4.96 -26.48 -38.73
CA MET I 129 3.66 -26.04 -38.24
C MET I 129 2.64 -27.17 -38.34
N ILE I 130 2.67 -27.94 -39.42
CA ILE I 130 1.75 -29.05 -39.57
C ILE I 130 1.96 -30.07 -38.46
N LEU I 131 3.22 -30.40 -38.18
CA LEU I 131 3.52 -31.37 -37.14
C LEU I 131 3.05 -30.88 -35.77
N ILE I 132 3.33 -29.61 -35.45
CA ILE I 132 2.95 -29.09 -34.14
C ILE I 132 1.44 -29.00 -34.01
N LEU I 133 0.74 -28.64 -35.09
CA LEU I 133 -0.71 -28.61 -35.06
C LEU I 133 -1.29 -30.01 -34.89
N ILE I 134 -0.66 -31.01 -35.51
CA ILE I 134 -1.08 -32.39 -35.29
C ILE I 134 -0.89 -32.78 -33.83
N PHE I 135 0.24 -32.39 -33.25
CA PHE I 135 0.47 -32.64 -31.82
C PHE I 135 -0.62 -32.00 -30.97
N ALA I 136 -1.00 -30.77 -31.30
CA ALA I 136 -2.02 -30.07 -30.51
C ALA I 136 -3.40 -30.69 -30.68
N GLU I 137 -3.73 -31.15 -31.89
CA GLU I 137 -5.02 -31.80 -32.11
C GLU I 137 -5.07 -33.19 -31.48
N VAL I 138 -3.90 -33.82 -31.27
CA VAL I 138 -3.86 -35.10 -30.57
C VAL I 138 -4.40 -34.98 -29.16
N LEU I 139 -4.29 -33.80 -28.54
CA LEU I 139 -4.86 -33.63 -27.20
C LEU I 139 -6.38 -33.72 -27.24
N GLY I 140 -7.01 -33.04 -28.21
CA GLY I 140 -8.44 -33.17 -28.38
C GLY I 140 -8.85 -34.58 -28.75
N LEU I 141 -8.01 -35.27 -29.54
CA LEU I 141 -8.30 -36.66 -29.87
C LEU I 141 -8.27 -37.53 -28.63
N TYR I 142 -7.30 -37.30 -27.74
CA TYR I 142 -7.25 -38.03 -26.48
C TYR I 142 -8.47 -37.75 -25.62
N GLY I 143 -8.89 -36.49 -25.55
CA GLY I 143 -10.12 -36.16 -24.84
C GLY I 143 -11.33 -36.88 -25.41
N LEU I 144 -11.42 -36.93 -26.73
CA LEU I 144 -12.52 -37.64 -27.38
C LEU I 144 -12.47 -39.13 -27.07
N ILE I 145 -11.28 -39.73 -27.07
CA ILE I 145 -11.14 -41.15 -26.76
C ILE I 145 -11.58 -41.42 -25.32
N VAL I 146 -11.17 -40.57 -24.38
CA VAL I 146 -11.59 -40.73 -22.99
C VAL I 146 -13.10 -40.59 -22.87
N ALA I 147 -13.67 -39.62 -23.59
CA ALA I 147 -15.12 -39.43 -23.55
C ALA I 147 -15.85 -40.65 -24.10
N LEU I 148 -15.36 -41.23 -25.20
CA LEU I 148 -15.99 -42.40 -25.77
C LEU I 148 -15.89 -43.59 -24.83
N LEU I 149 -14.72 -43.77 -24.20
CA LEU I 149 -14.55 -44.88 -23.27
C LEU I 149 -15.47 -44.71 -22.06
N LEU I 150 -15.63 -43.49 -21.56
CA LEU I 150 -16.57 -43.24 -20.48
C LEU I 150 -18.00 -43.56 -20.92
N ASN I 151 -18.43 -43.01 -22.05
CA ASN I 151 -19.80 -43.22 -22.51
C ASN I 151 -20.08 -44.68 -22.81
N SER I 152 -19.05 -45.47 -23.11
CA SER I 152 -19.24 -46.91 -23.26
C SER I 152 -19.71 -47.54 -21.95
N ARG I 153 -19.35 -46.93 -20.81
CA ARG I 153 -19.73 -47.43 -19.50
C ARG I 153 -20.97 -46.75 -18.94
N ALA I 154 -21.57 -45.82 -19.68
CA ALA I 154 -22.73 -45.09 -19.16
C ALA I 154 -23.92 -46.01 -18.93
N THR I 155 -24.16 -46.94 -19.86
CA THR I 155 -25.29 -47.84 -19.77
C THR I 155 -24.88 -49.29 -19.51
N GLN I 156 -23.59 -49.59 -19.60
CA GLN I 156 -23.10 -50.97 -19.43
C GLN I 156 -23.33 -51.41 -17.99
N ASP I 157 -24.30 -52.32 -17.80
CA ASP I 157 -24.59 -52.93 -16.51
C ASP I 157 -24.93 -51.86 -15.46
N VAL I 158 -26.02 -51.14 -15.72
CA VAL I 158 -26.52 -50.11 -14.83
C VAL I 158 -27.93 -50.47 -14.42
N VAL I 159 -28.20 -50.42 -13.11
CA VAL I 159 -29.51 -50.76 -12.59
C VAL I 159 -30.20 -49.51 -12.04
N MET J 1 -28.00 -47.75 -2.08
CA MET J 1 -27.27 -46.72 -1.35
C MET J 1 -26.67 -47.28 -0.07
N THR J 2 -25.76 -48.23 -0.23
CA THR J 2 -25.06 -48.81 0.91
C THR J 2 -24.17 -47.76 1.57
N GLU J 3 -23.93 -47.94 2.87
CA GLU J 3 -23.13 -46.96 3.61
C GLU J 3 -21.73 -46.83 3.03
N LEU J 4 -21.10 -47.96 2.70
CA LEU J 4 -19.77 -47.93 2.10
C LEU J 4 -19.81 -47.71 0.60
N CYS J 5 -20.97 -47.90 -0.04
CA CYS J 5 -21.12 -47.75 -1.48
C CYS J 5 -22.35 -46.89 -1.77
N PRO J 6 -22.26 -45.59 -1.51
CA PRO J 6 -23.42 -44.72 -1.75
C PRO J 6 -23.65 -44.48 -3.23
N VAL J 7 -24.77 -43.82 -3.52
CA VAL J 7 -25.16 -43.57 -4.91
C VAL J 7 -24.23 -42.56 -5.57
N TYR J 8 -23.72 -41.60 -4.80
CA TYR J 8 -22.85 -40.56 -5.34
C TYR J 8 -21.38 -40.97 -5.35
N ALA J 9 -21.07 -42.22 -5.00
CA ALA J 9 -19.70 -42.69 -5.06
C ALA J 9 -19.08 -42.61 -6.46
N PRO J 10 -19.75 -43.01 -7.55
CA PRO J 10 -19.13 -42.90 -8.88
C PRO J 10 -18.83 -41.47 -9.31
N PHE J 11 -19.40 -40.47 -8.64
CA PHE J 11 -19.11 -39.09 -9.02
C PHE J 11 -17.63 -38.77 -8.88
N PHE J 12 -17.03 -39.16 -7.75
CA PHE J 12 -15.61 -38.90 -7.55
C PHE J 12 -14.76 -39.68 -8.54
N GLY J 13 -15.13 -40.92 -8.82
CA GLY J 13 -14.37 -41.70 -9.81
C GLY J 13 -14.43 -41.10 -11.19
N ALA J 14 -15.62 -40.65 -11.61
CA ALA J 14 -15.74 -40.02 -12.92
C ALA J 14 -15.00 -38.69 -12.97
N ILE J 15 -15.05 -37.92 -11.89
CA ILE J 15 -14.29 -36.67 -11.86
C ILE J 15 -12.80 -36.94 -11.91
N GLY J 16 -12.32 -37.99 -11.26
CA GLY J 16 -10.92 -38.37 -11.38
C GLY J 16 -10.54 -38.83 -12.75
N CYS J 17 -11.43 -39.57 -13.42
CA CYS J 17 -11.17 -40.00 -14.79
C CYS J 17 -11.11 -38.82 -15.75
N ALA J 18 -12.02 -37.86 -15.59
CA ALA J 18 -12.06 -36.69 -16.47
C ALA J 18 -10.94 -35.69 -16.18
N SER J 19 -10.66 -35.42 -14.90
CA SER J 19 -9.72 -34.38 -14.53
C SER J 19 -8.30 -34.75 -14.93
N ALA J 20 -7.97 -36.03 -14.89
CA ALA J 20 -6.63 -36.47 -15.29
C ALA J 20 -6.34 -36.05 -16.73
N ILE J 21 -7.22 -36.45 -17.65
CA ILE J 21 -7.00 -36.12 -19.05
C ILE J 21 -7.17 -34.62 -19.27
N ILE J 22 -8.08 -33.97 -18.54
CA ILE J 22 -8.28 -32.54 -18.72
C ILE J 22 -7.02 -31.77 -18.38
N PHE J 23 -6.43 -32.03 -17.21
CA PHE J 23 -5.29 -31.26 -16.77
C PHE J 23 -4.01 -31.66 -17.51
N THR J 24 -3.86 -32.94 -17.86
CA THR J 24 -2.71 -33.29 -18.69
C THR J 24 -2.83 -32.69 -20.09
N SER J 25 -4.05 -32.58 -20.63
CA SER J 25 -4.23 -31.91 -21.91
C SER J 25 -3.93 -30.42 -21.80
N LEU J 26 -4.33 -29.79 -20.69
CA LEU J 26 -3.97 -28.38 -20.49
C LEU J 26 -2.46 -28.19 -20.41
N GLY J 27 -1.77 -29.05 -19.66
CA GLY J 27 -0.31 -28.95 -19.59
C GLY J 27 0.37 -29.20 -20.92
N ALA J 28 -0.10 -30.22 -21.64
CA ALA J 28 0.46 -30.51 -22.96
C ALA J 28 0.20 -29.37 -23.93
N ALA J 29 -0.98 -28.76 -23.86
CA ALA J 29 -1.30 -27.63 -24.72
C ALA J 29 -0.41 -26.43 -24.40
N TYR J 30 -0.19 -26.16 -23.11
CA TYR J 30 0.69 -25.05 -22.73
C TYR J 30 2.11 -25.29 -23.25
N GLY J 31 2.63 -26.49 -23.03
CA GLY J 31 3.96 -26.80 -23.52
C GLY J 31 4.06 -26.73 -25.03
N THR J 32 3.07 -27.28 -25.73
CA THR J 32 3.06 -27.26 -27.18
C THR J 32 2.97 -25.84 -27.73
N ALA J 33 2.13 -25.00 -27.12
CA ALA J 33 1.98 -23.64 -27.59
C ALA J 33 3.25 -22.82 -27.39
N LYS J 34 3.80 -22.85 -26.18
CA LYS J 34 5.00 -22.05 -25.94
C LYS J 34 6.26 -22.69 -26.51
N SER J 35 6.19 -23.91 -27.00
CA SER J 35 7.30 -24.46 -27.78
C SER J 35 7.17 -24.12 -29.25
N GLY J 36 5.96 -24.21 -29.80
CA GLY J 36 5.74 -23.84 -31.19
C GLY J 36 5.96 -22.37 -31.45
N VAL J 37 5.67 -21.50 -30.48
CA VAL J 37 5.99 -20.09 -30.64
C VAL J 37 7.48 -19.90 -30.89
N GLY J 38 8.31 -20.52 -30.04
CA GLY J 38 9.74 -20.43 -30.22
C GLY J 38 10.22 -21.08 -31.51
N ILE J 39 9.63 -22.23 -31.85
CA ILE J 39 10.02 -22.92 -33.08
C ILE J 39 9.77 -22.03 -34.29
N CYS J 40 8.58 -21.44 -34.36
CA CYS J 40 8.23 -20.61 -35.51
C CYS J 40 9.05 -19.32 -35.52
N ALA J 41 9.35 -18.77 -34.35
CA ALA J 41 10.14 -17.54 -34.31
C ALA J 41 11.58 -17.78 -34.75
N THR J 42 12.19 -18.87 -34.29
CA THR J 42 13.59 -19.14 -34.61
C THR J 42 13.77 -19.70 -36.02
N CYS J 43 12.80 -20.49 -36.51
CA CYS J 43 12.98 -21.17 -37.79
C CYS J 43 13.08 -20.19 -38.95
N VAL J 44 12.67 -18.94 -38.77
CA VAL J 44 12.88 -17.93 -39.81
C VAL J 44 14.37 -17.70 -40.02
N LEU J 45 15.13 -17.61 -38.93
CA LEU J 45 16.58 -17.48 -39.05
C LEU J 45 17.24 -18.81 -39.38
N ARG J 46 16.72 -19.91 -38.82
CA ARG J 46 17.31 -21.24 -38.99
C ARG J 46 16.23 -22.21 -39.45
N PRO J 47 15.98 -22.28 -40.76
CA PRO J 47 14.94 -23.20 -41.26
C PRO J 47 15.21 -24.66 -40.95
N ASP J 48 16.48 -25.06 -40.83
CA ASP J 48 16.83 -26.47 -40.68
C ASP J 48 16.72 -26.98 -39.25
N LEU J 49 16.37 -26.12 -38.30
CA LEU J 49 16.29 -26.52 -36.89
C LEU J 49 14.91 -26.99 -36.48
N LEU J 50 13.95 -27.07 -37.42
CA LEU J 50 12.60 -27.50 -37.06
C LEU J 50 12.58 -28.96 -36.61
N PHE J 51 13.47 -29.79 -37.16
CA PHE J 51 13.59 -31.17 -36.68
C PHE J 51 14.10 -31.21 -35.24
N LYS J 52 15.10 -30.39 -34.93
CA LYS J 52 15.72 -30.46 -33.60
C LYS J 52 14.84 -29.86 -32.52
N ASN J 53 14.18 -28.73 -32.81
CA ASN J 53 13.48 -27.98 -31.78
C ASN J 53 12.07 -28.50 -31.50
N ILE J 54 11.67 -29.61 -32.13
CA ILE J 54 10.36 -30.20 -31.87
C ILE J 54 10.36 -31.12 -30.65
N VAL J 55 11.51 -31.28 -29.99
CA VAL J 55 11.57 -32.14 -28.81
C VAL J 55 10.65 -31.66 -27.68
N PRO J 56 10.60 -30.36 -27.34
CA PRO J 56 9.67 -29.95 -26.27
C PRO J 56 8.22 -30.32 -26.55
N VAL J 57 7.80 -30.28 -27.82
CA VAL J 57 6.44 -30.65 -28.15
C VAL J 57 6.21 -32.14 -27.90
N ILE J 58 7.21 -32.97 -28.20
CA ILE J 58 7.10 -34.40 -27.94
C ILE J 58 7.00 -34.65 -26.44
N MET J 59 7.82 -33.94 -25.65
CA MET J 59 7.74 -34.08 -24.20
C MET J 59 6.38 -33.63 -23.68
N ALA J 60 5.81 -32.58 -24.26
CA ALA J 60 4.48 -32.14 -23.86
C ALA J 60 3.44 -33.22 -24.19
N GLY J 61 3.53 -33.82 -25.37
CA GLY J 61 2.61 -34.88 -25.75
C GLY J 61 2.72 -36.12 -24.89
N ILE J 62 3.91 -36.42 -24.38
CA ILE J 62 4.06 -37.55 -23.46
C ILE J 62 3.22 -37.33 -22.20
N ILE J 63 3.08 -36.07 -21.78
CA ILE J 63 2.21 -35.76 -20.63
C ILE J 63 0.76 -36.13 -20.94
N ALA J 64 0.30 -35.80 -22.15
CA ALA J 64 -1.05 -36.17 -22.56
C ALA J 64 -1.20 -37.69 -22.60
N ILE J 65 -0.16 -38.40 -23.03
CA ILE J 65 -0.21 -39.87 -23.02
C ILE J 65 -0.37 -40.38 -21.60
N TYR J 66 0.39 -39.81 -20.66
CA TYR J 66 0.27 -40.21 -19.25
C TYR J 66 -1.15 -39.99 -18.74
N GLY J 67 -1.70 -38.81 -19.02
CA GLY J 67 -3.07 -38.54 -18.59
C GLY J 67 -4.07 -39.48 -19.21
N LEU J 68 -3.90 -39.80 -20.50
CA LEU J 68 -4.81 -40.71 -21.17
C LEU J 68 -4.75 -42.10 -20.56
N VAL J 69 -3.55 -42.61 -20.28
CA VAL J 69 -3.45 -43.95 -19.71
C VAL J 69 -4.01 -43.99 -18.29
N VAL J 70 -3.80 -42.94 -17.49
CA VAL J 70 -4.38 -42.96 -16.15
C VAL J 70 -5.90 -42.87 -16.23
N SER J 71 -6.43 -42.05 -17.14
CA SER J 71 -7.88 -41.97 -17.28
C SER J 71 -8.47 -43.30 -17.74
N VAL J 72 -7.78 -44.00 -18.64
CA VAL J 72 -8.24 -45.31 -19.08
C VAL J 72 -8.25 -46.29 -17.91
N LEU J 73 -7.18 -46.31 -17.12
CA LEU J 73 -7.13 -47.23 -15.98
C LEU J 73 -8.21 -46.90 -14.96
N VAL J 74 -8.47 -45.62 -14.71
CA VAL J 74 -9.53 -45.23 -13.79
C VAL J 74 -10.90 -45.66 -14.32
N CYS J 75 -11.12 -45.45 -15.62
CA CYS J 75 -12.39 -45.83 -16.22
C CYS J 75 -12.62 -47.34 -16.16
N TYR J 76 -11.55 -48.13 -16.25
CA TYR J 76 -11.72 -49.57 -16.08
C TYR J 76 -12.24 -49.94 -14.70
N SER J 77 -12.10 -49.04 -13.73
CA SER J 77 -12.51 -49.31 -12.35
C SER J 77 -13.71 -48.47 -11.92
N LEU J 78 -14.66 -48.25 -12.84
CA LEU J 78 -15.85 -47.46 -12.55
C LEU J 78 -17.09 -48.35 -12.60
N GLY J 79 -17.96 -48.19 -11.62
CA GLY J 79 -19.19 -48.96 -11.56
C GLY J 79 -20.26 -48.21 -10.79
N GLN J 80 -21.51 -48.61 -11.01
CA GLN J 80 -22.64 -47.96 -10.34
C GLN J 80 -22.55 -48.14 -8.83
N LYS J 81 -22.43 -49.39 -8.38
CA LYS J 81 -22.32 -49.70 -6.96
C LYS J 81 -20.85 -49.91 -6.63
N GLN J 82 -20.09 -48.82 -6.71
CA GLN J 82 -18.68 -48.82 -6.39
C GLN J 82 -18.47 -48.20 -5.02
N ALA J 83 -17.39 -48.61 -4.35
CA ALA J 83 -17.11 -48.12 -3.01
C ALA J 83 -16.77 -46.64 -3.04
N LEU J 84 -17.25 -45.91 -2.04
CA LEU J 84 -16.88 -44.50 -1.90
C LEU J 84 -15.39 -44.33 -1.67
N TYR J 85 -14.77 -45.28 -0.96
CA TYR J 85 -13.31 -45.28 -0.85
C TYR J 85 -12.66 -45.40 -2.22
N THR J 86 -13.18 -46.28 -3.06
CA THR J 86 -12.67 -46.40 -4.43
C THR J 86 -12.91 -45.11 -5.20
N GLY J 87 -14.04 -44.44 -4.95
CA GLY J 87 -14.30 -43.18 -5.61
C GLY J 87 -13.28 -42.12 -5.27
N PHE J 88 -12.98 -41.96 -3.97
CA PHE J 88 -11.96 -40.99 -3.60
C PHE J 88 -10.57 -41.40 -4.06
N ILE J 89 -10.27 -42.70 -4.09
CA ILE J 89 -8.96 -43.13 -4.58
C ILE J 89 -8.81 -42.78 -6.06
N GLN J 90 -9.86 -43.03 -6.85
CA GLN J 90 -9.81 -42.69 -8.27
C GLN J 90 -9.71 -41.18 -8.46
N LEU J 91 -10.47 -40.41 -7.67
CA LEU J 91 -10.38 -38.95 -7.77
C LEU J 91 -8.99 -38.46 -7.42
N GLY J 92 -8.40 -39.01 -6.37
CA GLY J 92 -7.06 -38.59 -5.98
C GLY J 92 -6.02 -38.94 -7.01
N ALA J 93 -6.11 -40.14 -7.60
CA ALA J 93 -5.18 -40.53 -8.65
C ALA J 93 -5.32 -39.62 -9.86
N GLY J 94 -6.56 -39.34 -10.27
CA GLY J 94 -6.78 -38.45 -11.40
C GLY J 94 -6.25 -37.05 -11.15
N LEU J 95 -6.54 -36.49 -9.98
CA LEU J 95 -6.03 -35.16 -9.65
C LEU J 95 -4.52 -35.14 -9.59
N SER J 96 -3.91 -36.17 -8.99
CA SER J 96 -2.46 -36.22 -8.87
C SER J 96 -1.80 -36.22 -10.24
N VAL J 97 -2.21 -37.15 -11.11
CA VAL J 97 -1.59 -37.23 -12.42
C VAL J 97 -1.89 -35.98 -13.24
N GLY J 98 -3.13 -35.46 -13.15
CA GLY J 98 -3.48 -34.31 -13.96
C GLY J 98 -2.70 -33.07 -13.57
N LEU J 99 -2.59 -32.79 -12.27
CA LEU J 99 -1.89 -31.59 -11.85
C LEU J 99 -0.38 -31.75 -11.94
N SER J 100 0.16 -32.96 -11.73
CA SER J 100 1.57 -33.18 -11.99
C SER J 100 1.89 -32.97 -13.46
N GLY J 101 1.03 -33.47 -14.35
CA GLY J 101 1.22 -33.24 -15.77
C GLY J 101 1.05 -31.78 -16.16
N LEU J 102 0.14 -31.07 -15.51
CA LEU J 102 -0.02 -29.64 -15.76
C LEU J 102 1.25 -28.88 -15.39
N ALA J 103 1.80 -29.15 -14.21
CA ALA J 103 3.04 -28.52 -13.81
C ALA J 103 4.19 -28.90 -14.74
N ALA J 104 4.27 -30.18 -15.12
CA ALA J 104 5.32 -30.63 -16.02
C ALA J 104 5.21 -29.95 -17.39
N GLY J 105 3.99 -29.79 -17.90
CA GLY J 105 3.80 -29.12 -19.17
C GLY J 105 4.14 -27.64 -19.10
N PHE J 106 3.77 -26.99 -18.00
CA PHE J 106 4.15 -25.58 -17.81
C PHE J 106 5.67 -25.44 -17.80
N ALA J 107 6.35 -26.29 -17.03
CA ALA J 107 7.81 -26.25 -16.99
C ALA J 107 8.41 -26.56 -18.35
N ILE J 108 7.83 -27.51 -19.07
CA ILE J 108 8.35 -27.89 -20.38
C ILE J 108 8.23 -26.73 -21.35
N GLY J 109 7.09 -26.03 -21.35
CA GLY J 109 6.96 -24.88 -22.23
C GLY J 109 7.91 -23.75 -21.88
N ILE J 110 8.00 -23.43 -20.58
CA ILE J 110 8.86 -22.33 -20.14
C ILE J 110 10.32 -22.65 -20.44
N VAL J 111 10.71 -23.91 -20.30
CA VAL J 111 12.06 -24.32 -20.65
C VAL J 111 12.23 -24.31 -22.17
N GLY J 112 11.21 -24.75 -22.90
CA GLY J 112 11.38 -25.03 -24.31
C GLY J 112 11.46 -23.81 -25.18
N ASP J 113 10.73 -22.75 -24.83
CA ASP J 113 10.83 -21.53 -25.64
C ASP J 113 12.26 -20.98 -25.60
N ALA J 114 12.82 -20.88 -24.39
CA ALA J 114 14.20 -20.41 -24.24
C ALA J 114 15.18 -21.42 -24.82
N GLY J 115 14.87 -22.70 -24.73
CA GLY J 115 15.76 -23.71 -25.30
C GLY J 115 15.83 -23.63 -26.81
N VAL J 116 14.68 -23.38 -27.45
CA VAL J 116 14.67 -23.18 -28.90
C VAL J 116 15.42 -21.90 -29.26
N ARG J 117 15.23 -20.83 -28.47
CA ARG J 117 16.03 -19.62 -28.67
C ARG J 117 17.52 -19.93 -28.64
N GLY J 118 17.96 -20.65 -27.61
CA GLY J 118 19.37 -20.97 -27.47
C GLY J 118 19.87 -21.89 -28.57
N SER J 119 19.05 -22.86 -28.97
CA SER J 119 19.44 -23.76 -30.07
C SER J 119 19.63 -22.98 -31.36
N SER J 120 18.77 -21.99 -31.60
CA SER J 120 19.01 -21.09 -32.73
C SER J 120 20.30 -20.32 -32.54
N GLN J 121 20.56 -19.84 -31.32
CA GLN J 121 21.78 -19.08 -31.07
C GLN J 121 23.01 -19.98 -30.96
N GLN J 122 22.89 -21.12 -30.28
CA GLN J 122 24.02 -21.99 -30.01
C GLN J 122 23.68 -23.43 -30.41
N PRO J 123 24.56 -24.10 -31.16
CA PRO J 123 24.23 -25.47 -31.59
C PRO J 123 24.31 -26.50 -30.47
N ARG J 124 25.24 -26.32 -29.53
CA ARG J 124 25.47 -27.32 -28.48
C ARG J 124 24.49 -27.20 -27.31
N LEU J 125 23.74 -26.11 -27.23
CA LEU J 125 22.75 -25.96 -26.18
C LEU J 125 21.57 -26.92 -26.34
N PHE J 126 21.50 -27.62 -27.48
CA PHE J 126 20.42 -28.58 -27.71
C PHE J 126 20.46 -29.71 -26.69
N VAL J 127 21.65 -30.20 -26.36
CA VAL J 127 21.77 -31.27 -25.38
C VAL J 127 21.34 -30.79 -23.99
N GLY J 128 21.74 -29.57 -23.62
CA GLY J 128 21.28 -29.04 -22.34
C GLY J 128 19.79 -28.85 -22.28
N MET J 129 19.19 -28.39 -23.38
CA MET J 129 17.74 -28.27 -23.42
C MET J 129 17.08 -29.63 -23.28
N ILE J 130 17.63 -30.65 -23.93
CA ILE J 130 17.10 -32.00 -23.79
C ILE J 130 17.18 -32.45 -22.34
N LEU J 131 18.30 -32.17 -21.67
CA LEU J 131 18.46 -32.58 -20.27
C LEU J 131 17.42 -31.91 -19.38
N ILE J 132 17.23 -30.60 -19.56
CA ILE J 132 16.24 -29.91 -18.73
C ILE J 132 14.83 -30.38 -19.06
N LEU J 133 14.55 -30.65 -20.34
CA LEU J 133 13.23 -31.12 -20.72
C LEU J 133 12.92 -32.49 -20.14
N ILE J 134 13.90 -33.40 -20.14
CA ILE J 134 13.68 -34.70 -19.53
C ILE J 134 13.56 -34.57 -18.02
N PHE J 135 14.28 -33.63 -17.41
CA PHE J 135 14.08 -33.37 -15.99
C PHE J 135 12.67 -32.92 -15.69
N ALA J 136 12.10 -32.07 -16.54
CA ALA J 136 10.71 -31.65 -16.36
C ALA J 136 9.73 -32.78 -16.66
N GLU J 137 10.05 -33.65 -17.62
CA GLU J 137 9.19 -34.79 -17.92
C GLU J 137 9.16 -35.78 -16.76
N VAL J 138 10.25 -35.86 -16.00
CA VAL J 138 10.29 -36.77 -14.86
C VAL J 138 9.21 -36.41 -13.84
N LEU J 139 8.82 -35.13 -13.78
CA LEU J 139 7.73 -34.75 -12.87
C LEU J 139 6.41 -35.39 -13.27
N GLY J 140 6.07 -35.32 -14.56
CA GLY J 140 4.89 -36.01 -15.03
C GLY J 140 5.00 -37.52 -14.87
N LEU J 141 6.20 -38.07 -15.02
CA LEU J 141 6.39 -39.49 -14.77
C LEU J 141 6.12 -39.84 -13.31
N TYR J 142 6.56 -38.99 -12.38
CA TYR J 142 6.27 -39.21 -10.97
C TYR J 142 4.78 -39.16 -10.69
N GLY J 143 4.09 -38.17 -11.28
CA GLY J 143 2.65 -38.11 -11.13
C GLY J 143 1.97 -39.35 -11.67
N LEU J 144 2.43 -39.84 -12.83
CA LEU J 144 1.90 -41.07 -13.39
C LEU J 144 2.12 -42.25 -12.46
N ILE J 145 3.31 -42.34 -11.86
CA ILE J 145 3.60 -43.45 -10.95
C ILE J 145 2.68 -43.41 -9.74
N VAL J 146 2.48 -42.22 -9.17
CA VAL J 146 1.59 -42.09 -8.02
C VAL J 146 0.17 -42.48 -8.40
N ALA J 147 -0.30 -42.02 -9.56
CA ALA J 147 -1.65 -42.36 -10.01
C ALA J 147 -1.80 -43.86 -10.23
N LEU J 148 -0.78 -44.49 -10.82
CA LEU J 148 -0.85 -45.93 -11.07
C LEU J 148 -0.89 -46.71 -9.76
N LEU J 149 -0.08 -46.30 -8.77
CA LEU J 149 -0.12 -46.97 -7.48
C LEU J 149 -1.48 -46.80 -6.81
N LEU J 150 -2.04 -45.60 -6.85
CA LEU J 150 -3.35 -45.38 -6.27
C LEU J 150 -4.42 -46.23 -6.98
N ASN J 151 -4.37 -46.29 -8.30
CA ASN J 151 -5.35 -47.08 -9.05
C ASN J 151 -5.21 -48.57 -8.73
N SER J 152 -3.98 -49.05 -8.58
CA SER J 152 -3.77 -50.43 -8.18
C SER J 152 -4.35 -50.69 -6.81
N ARG J 153 -4.23 -49.71 -5.90
CA ARG J 153 -4.80 -49.83 -4.57
C ARG J 153 -6.31 -49.64 -4.55
N ALA J 154 -6.91 -49.12 -5.62
CA ALA J 154 -8.31 -48.71 -5.59
C ALA J 154 -9.24 -49.86 -5.25
N THR J 155 -9.02 -51.03 -5.85
CA THR J 155 -9.97 -52.13 -5.70
C THR J 155 -9.25 -53.32 -5.05
N GLN J 156 -8.53 -53.05 -3.97
CA GLN J 156 -7.85 -54.08 -3.20
C GLN J 156 -8.39 -54.09 -1.78
N ASP J 157 -8.81 -55.27 -1.32
CA ASP J 157 -9.42 -55.42 0.00
C ASP J 157 -10.58 -54.46 0.20
N VAL J 158 -11.43 -54.36 -0.81
CA VAL J 158 -12.54 -53.41 -0.84
C VAL J 158 -13.85 -54.18 -0.79
N VAL J 159 -14.72 -53.81 0.14
CA VAL J 159 -16.03 -54.44 0.25
C VAL J 159 -17.13 -53.38 0.11
N MET K 1 -20.54 -47.61 9.01
CA MET K 1 -19.49 -46.62 9.23
C MET K 1 -19.32 -46.32 10.71
N THR K 2 -18.17 -46.71 11.25
CA THR K 2 -17.86 -46.42 12.65
C THR K 2 -17.72 -44.92 12.85
N GLU K 3 -18.08 -44.46 14.05
CA GLU K 3 -17.98 -43.03 14.36
C GLU K 3 -16.55 -42.54 14.24
N LEU K 4 -15.59 -43.33 14.74
CA LEU K 4 -14.19 -42.97 14.61
C LEU K 4 -13.63 -43.25 13.22
N CYS K 5 -14.27 -44.11 12.44
CA CYS K 5 -13.81 -44.48 11.11
C CYS K 5 -14.96 -44.32 10.11
N PRO K 6 -15.30 -43.07 9.76
CA PRO K 6 -16.40 -42.84 8.82
C PRO K 6 -16.00 -43.21 7.41
N VAL K 7 -16.99 -43.20 6.52
CA VAL K 7 -16.75 -43.54 5.13
C VAL K 7 -15.88 -42.47 4.45
N TYR K 8 -16.06 -41.20 4.81
CA TYR K 8 -15.33 -40.13 4.17
C TYR K 8 -13.94 -39.93 4.73
N ALA K 9 -13.51 -40.76 5.68
CA ALA K 9 -12.16 -40.64 6.22
C ALA K 9 -11.07 -40.84 5.16
N PRO K 10 -11.14 -41.85 4.27
CA PRO K 10 -10.10 -41.95 3.23
C PRO K 10 -10.09 -40.80 2.23
N PHE K 11 -11.10 -39.93 2.23
CA PHE K 11 -11.07 -38.76 1.37
C PHE K 11 -9.87 -37.87 1.69
N PHE K 12 -9.65 -37.61 2.98
CA PHE K 12 -8.51 -36.79 3.38
C PHE K 12 -7.19 -37.50 3.09
N GLY K 13 -7.14 -38.82 3.27
CA GLY K 13 -5.93 -39.55 2.93
C GLY K 13 -5.60 -39.49 1.45
N ALA K 14 -6.61 -39.66 0.60
CA ALA K 14 -6.41 -39.57 -0.84
C ALA K 14 -6.00 -38.16 -1.24
N ILE K 15 -6.62 -37.14 -0.64
CA ILE K 15 -6.23 -35.77 -0.92
C ILE K 15 -4.79 -35.49 -0.49
N GLY K 16 -4.38 -35.98 0.67
CA GLY K 16 -3.00 -35.81 1.10
C GLY K 16 -2.02 -36.51 0.20
N CYS K 17 -2.34 -37.75 -0.19
CA CYS K 17 -1.45 -38.50 -1.09
C CYS K 17 -1.33 -37.82 -2.44
N ALA K 18 -2.44 -37.30 -2.98
CA ALA K 18 -2.39 -36.58 -4.25
C ALA K 18 -1.63 -35.28 -4.12
N SER K 19 -1.89 -34.52 -3.04
CA SER K 19 -1.26 -33.22 -2.87
C SER K 19 0.23 -33.33 -2.64
N ALA K 20 0.68 -34.39 -1.96
CA ALA K 20 2.11 -34.57 -1.72
C ALA K 20 2.89 -34.59 -3.01
N ILE K 21 2.34 -35.21 -4.06
CA ILE K 21 3.04 -35.18 -5.34
C ILE K 21 2.66 -33.94 -6.14
N ILE K 22 1.43 -33.44 -6.01
CA ILE K 22 0.98 -32.33 -6.85
C ILE K 22 1.78 -31.08 -6.54
N PHE K 23 1.87 -30.70 -5.27
CA PHE K 23 2.50 -29.43 -4.95
C PHE K 23 4.02 -29.49 -5.05
N THR K 24 4.61 -30.64 -4.71
CA THR K 24 6.04 -30.81 -4.95
C THR K 24 6.35 -30.79 -6.43
N SER K 25 5.44 -31.32 -7.27
CA SER K 25 5.64 -31.24 -8.71
C SER K 25 5.51 -29.82 -9.21
N LEU K 26 4.58 -29.04 -8.66
CA LEU K 26 4.49 -27.63 -9.01
C LEU K 26 5.77 -26.87 -8.63
N GLY K 27 6.28 -27.12 -7.42
CA GLY K 27 7.50 -26.46 -7.00
C GLY K 27 8.70 -26.87 -7.84
N ALA K 28 8.84 -28.17 -8.11
CA ALA K 28 9.93 -28.64 -8.96
C ALA K 28 9.79 -28.11 -10.38
N ALA K 29 8.56 -27.98 -10.88
CA ALA K 29 8.33 -27.43 -12.20
C ALA K 29 8.75 -25.96 -12.26
N TYR K 30 8.39 -25.19 -11.23
CA TYR K 30 8.82 -23.79 -11.20
C TYR K 30 10.33 -23.69 -11.14
N GLY K 31 10.96 -24.50 -10.29
CA GLY K 31 12.42 -24.46 -10.18
C GLY K 31 13.10 -24.84 -11.49
N THR K 32 12.64 -25.93 -12.10
CA THR K 32 13.23 -26.39 -13.35
C THR K 32 13.00 -25.38 -14.47
N ALA K 33 11.81 -24.77 -14.52
CA ALA K 33 11.51 -23.80 -15.56
C ALA K 33 12.40 -22.57 -15.43
N LYS K 34 12.51 -22.02 -14.22
CA LYS K 34 13.35 -20.84 -14.02
C LYS K 34 14.82 -21.16 -14.28
N SER K 35 15.31 -22.29 -13.78
CA SER K 35 16.70 -22.65 -14.01
C SER K 35 16.98 -22.88 -15.49
N GLY K 36 16.07 -23.55 -16.19
CA GLY K 36 16.28 -23.81 -17.60
C GLY K 36 16.23 -22.55 -18.45
N VAL K 37 15.30 -21.64 -18.15
CA VAL K 37 15.27 -20.40 -18.92
C VAL K 37 16.52 -19.57 -18.64
N GLY K 38 17.01 -19.57 -17.39
CA GLY K 38 18.26 -18.89 -17.12
C GLY K 38 19.43 -19.50 -17.85
N ILE K 39 19.50 -20.84 -17.87
CA ILE K 39 20.59 -21.53 -18.56
C ILE K 39 20.56 -21.22 -20.05
N CYS K 40 19.38 -21.30 -20.66
CA CYS K 40 19.28 -21.05 -22.08
C CYS K 40 19.52 -19.58 -22.44
N ALA K 41 19.23 -18.67 -21.50
CA ALA K 41 19.50 -17.27 -21.75
C ALA K 41 20.98 -16.93 -21.62
N THR K 42 21.67 -17.55 -20.66
CA THR K 42 23.03 -17.14 -20.36
C THR K 42 24.09 -17.98 -21.09
N CYS K 43 23.88 -19.29 -21.21
CA CYS K 43 24.88 -20.20 -21.75
C CYS K 43 25.10 -20.04 -23.24
N VAL K 44 24.34 -19.18 -23.92
CA VAL K 44 24.62 -18.90 -25.32
C VAL K 44 25.99 -18.26 -25.47
N LEU K 45 26.32 -17.31 -24.59
CA LEU K 45 27.63 -16.67 -24.63
C LEU K 45 28.72 -17.64 -24.19
N ARG K 46 28.45 -18.47 -23.18
CA ARG K 46 29.41 -19.43 -22.64
C ARG K 46 28.82 -20.83 -22.74
N PRO K 47 29.10 -21.55 -23.84
CA PRO K 47 28.44 -22.85 -24.03
C PRO K 47 28.99 -23.95 -23.13
N ASP K 48 30.27 -23.89 -22.76
CA ASP K 48 30.89 -24.97 -22.01
C ASP K 48 30.41 -25.04 -20.56
N LEU K 49 29.67 -24.04 -20.09
CA LEU K 49 29.24 -24.00 -18.70
C LEU K 49 27.83 -24.53 -18.49
N LEU K 50 27.17 -25.06 -19.54
CA LEU K 50 25.80 -25.55 -19.38
C LEU K 50 25.76 -26.79 -18.51
N PHE K 51 26.77 -27.65 -18.59
CA PHE K 51 26.78 -28.88 -17.80
C PHE K 51 26.93 -28.62 -16.32
N LYS K 52 27.65 -27.57 -15.92
CA LYS K 52 27.76 -27.20 -14.51
C LYS K 52 26.57 -26.40 -14.01
N ASN K 53 25.69 -25.95 -14.91
CA ASN K 53 24.52 -25.18 -14.55
C ASN K 53 23.28 -26.03 -14.37
N ILE K 54 23.39 -27.35 -14.55
CA ILE K 54 22.27 -28.26 -14.32
C ILE K 54 21.99 -28.43 -12.83
N VAL K 55 22.88 -27.93 -11.97
CA VAL K 55 22.73 -28.15 -10.52
C VAL K 55 21.42 -27.60 -9.99
N PRO K 56 21.00 -26.36 -10.32
CA PRO K 56 19.67 -25.91 -9.85
C PRO K 56 18.55 -26.81 -10.32
N VAL K 57 18.63 -27.33 -11.55
CA VAL K 57 17.63 -28.26 -12.04
C VAL K 57 17.69 -29.57 -11.23
N ILE K 58 18.91 -30.01 -10.90
CA ILE K 58 19.06 -31.28 -10.17
C ILE K 58 18.43 -31.18 -8.79
N MET K 59 18.73 -30.10 -8.06
CA MET K 59 18.12 -29.94 -6.74
C MET K 59 16.64 -29.60 -6.82
N ALA K 60 16.20 -28.99 -7.92
CA ALA K 60 14.77 -28.77 -8.11
C ALA K 60 14.03 -30.09 -8.24
N GLY K 61 14.62 -31.06 -8.94
CA GLY K 61 13.96 -32.34 -9.13
C GLY K 61 13.92 -33.20 -7.88
N ILE K 62 14.84 -32.99 -6.95
CA ILE K 62 14.86 -33.77 -5.72
C ILE K 62 13.59 -33.51 -4.91
N ILE K 63 13.05 -32.30 -4.99
CA ILE K 63 11.78 -32.00 -4.32
C ILE K 63 10.68 -32.93 -4.80
N ALA K 64 10.63 -33.17 -6.12
CA ALA K 64 9.67 -34.11 -6.66
C ALA K 64 9.89 -35.51 -6.10
N ILE K 65 11.13 -35.87 -5.80
CA ILE K 65 11.39 -37.16 -5.18
C ILE K 65 10.82 -37.22 -3.77
N TYR K 66 10.93 -36.11 -3.02
CA TYR K 66 10.31 -36.05 -1.70
C TYR K 66 8.80 -36.22 -1.80
N GLY K 67 8.18 -35.52 -2.75
CA GLY K 67 6.75 -35.68 -2.97
C GLY K 67 6.39 -37.10 -3.35
N LEU K 68 7.19 -37.73 -4.22
CA LEU K 68 6.91 -39.09 -4.66
C LEU K 68 7.00 -40.07 -3.50
N VAL K 69 8.03 -39.95 -2.67
CA VAL K 69 8.18 -40.90 -1.56
C VAL K 69 7.08 -40.69 -0.52
N VAL K 70 6.69 -39.43 -0.27
CA VAL K 70 5.61 -39.19 0.67
C VAL K 70 4.30 -39.75 0.13
N SER K 71 4.04 -39.57 -1.17
CA SER K 71 2.82 -40.12 -1.75
C SER K 71 2.83 -41.65 -1.73
N VAL K 72 4.00 -42.26 -1.93
CA VAL K 72 4.10 -43.71 -1.87
C VAL K 72 3.82 -44.22 -0.46
N LEU K 73 4.38 -43.53 0.55
CA LEU K 73 4.19 -43.98 1.92
C LEU K 73 2.77 -43.70 2.45
N VAL K 74 2.17 -42.59 2.04
CA VAL K 74 0.81 -42.28 2.46
C VAL K 74 -0.18 -43.27 1.87
N CYS K 75 -0.04 -43.56 0.58
CA CYS K 75 -0.98 -44.47 -0.07
C CYS K 75 -0.88 -45.87 0.51
N TYR K 76 0.33 -46.31 0.84
CA TYR K 76 0.49 -47.64 1.43
C TYR K 76 -0.20 -47.77 2.78
N SER K 77 -0.52 -46.64 3.43
CA SER K 77 -1.26 -46.65 4.67
C SER K 77 -2.74 -46.34 4.49
N LEU K 78 -3.23 -46.32 3.25
CA LEU K 78 -4.62 -46.02 2.97
C LEU K 78 -5.47 -47.28 3.09
N GLY K 79 -6.76 -47.08 3.32
CA GLY K 79 -7.69 -48.18 3.41
C GLY K 79 -9.11 -47.71 3.36
N GLN K 80 -10.02 -48.63 3.04
CA GLN K 80 -11.44 -48.31 3.01
C GLN K 80 -11.96 -47.93 4.39
N LYS K 81 -11.59 -48.71 5.39
CA LYS K 81 -12.04 -48.51 6.77
C LYS K 81 -10.86 -48.01 7.59
N GLN K 82 -10.66 -46.70 7.58
CA GLN K 82 -9.59 -46.06 8.34
C GLN K 82 -10.19 -44.91 9.14
N ALA K 83 -9.54 -44.59 10.26
CA ALA K 83 -10.06 -43.56 11.15
C ALA K 83 -9.88 -42.17 10.54
N LEU K 84 -10.67 -41.22 11.04
CA LEU K 84 -10.41 -39.83 10.70
C LEU K 84 -9.05 -39.37 11.19
N TYR K 85 -8.53 -39.97 12.27
CA TYR K 85 -7.19 -39.61 12.72
C TYR K 85 -6.16 -39.93 11.64
N THR K 86 -6.24 -41.13 11.07
CA THR K 86 -5.30 -41.51 10.02
C THR K 86 -5.47 -40.64 8.78
N GLY K 87 -6.72 -40.36 8.40
CA GLY K 87 -6.96 -39.53 7.22
C GLY K 87 -6.46 -38.11 7.41
N PHE K 88 -6.74 -37.52 8.57
CA PHE K 88 -6.27 -36.17 8.87
C PHE K 88 -4.75 -36.11 8.94
N ILE K 89 -4.12 -37.13 9.54
CA ILE K 89 -2.66 -37.15 9.62
C ILE K 89 -2.06 -37.28 8.23
N GLN K 90 -2.63 -38.15 7.38
CA GLN K 90 -2.12 -38.29 6.02
C GLN K 90 -2.31 -37.01 5.22
N LEU K 91 -3.45 -36.35 5.38
CA LEU K 91 -3.66 -35.06 4.73
C LEU K 91 -2.66 -34.02 5.21
N GLY K 92 -2.40 -34.00 6.52
CA GLY K 92 -1.43 -33.05 7.04
C GLY K 92 -0.03 -33.31 6.52
N ALA K 93 0.37 -34.58 6.48
CA ALA K 93 1.69 -34.92 5.95
C ALA K 93 1.81 -34.55 4.47
N GLY K 94 0.79 -34.88 3.69
CA GLY K 94 0.81 -34.56 2.28
C GLY K 94 0.86 -33.06 2.03
N LEU K 95 0.01 -32.31 2.74
CA LEU K 95 0.00 -30.86 2.59
C LEU K 95 1.33 -30.26 3.03
N SER K 96 1.87 -30.75 4.15
CA SER K 96 3.14 -30.22 4.65
C SER K 96 4.25 -30.42 3.63
N VAL K 97 4.43 -31.65 3.16
CA VAL K 97 5.52 -31.90 2.21
C VAL K 97 5.26 -31.18 0.89
N GLY K 98 4.00 -31.14 0.44
CA GLY K 98 3.71 -30.51 -0.83
C GLY K 98 3.95 -29.01 -0.82
N LEU K 99 3.42 -28.32 0.19
CA LEU K 99 3.56 -26.87 0.26
C LEU K 99 4.87 -26.43 0.88
N SER K 100 5.68 -27.36 1.38
CA SER K 100 7.07 -27.04 1.68
C SER K 100 7.96 -27.21 0.46
N GLY K 101 7.74 -28.28 -0.32
CA GLY K 101 8.45 -28.45 -1.57
C GLY K 101 8.09 -27.40 -2.60
N LEU K 102 6.84 -26.92 -2.58
CA LEU K 102 6.45 -25.83 -3.48
C LEU K 102 7.24 -24.57 -3.17
N ALA K 103 7.34 -24.20 -1.89
CA ALA K 103 8.13 -23.04 -1.51
C ALA K 103 9.60 -23.25 -1.81
N ALA K 104 10.11 -24.46 -1.53
CA ALA K 104 11.51 -24.74 -1.80
C ALA K 104 11.81 -24.64 -3.29
N GLY K 105 10.92 -25.15 -4.13
CA GLY K 105 11.10 -25.02 -5.58
C GLY K 105 10.98 -23.58 -6.05
N PHE K 106 10.06 -22.82 -5.45
CA PHE K 106 9.93 -21.41 -5.79
C PHE K 106 11.21 -20.66 -5.47
N ALA K 107 11.83 -20.96 -4.34
CA ALA K 107 13.10 -20.33 -3.98
C ALA K 107 14.23 -20.82 -4.88
N ILE K 108 14.26 -22.13 -5.15
CA ILE K 108 15.35 -22.72 -5.92
C ILE K 108 15.34 -22.18 -7.35
N GLY K 109 14.17 -22.08 -7.96
CA GLY K 109 14.10 -21.56 -9.31
C GLY K 109 14.63 -20.15 -9.42
N ILE K 110 14.22 -19.28 -8.51
CA ILE K 110 14.64 -17.88 -8.56
C ILE K 110 16.14 -17.77 -8.29
N VAL K 111 16.63 -18.42 -7.24
CA VAL K 111 18.04 -18.30 -6.90
C VAL K 111 18.91 -18.98 -7.95
N GLY K 112 18.45 -20.08 -8.53
CA GLY K 112 19.21 -20.72 -9.60
C GLY K 112 19.22 -19.91 -10.88
N ASP K 113 18.12 -19.22 -11.19
CA ASP K 113 18.12 -18.31 -12.32
C ASP K 113 19.15 -17.21 -12.12
N ALA K 114 19.17 -16.61 -10.93
CA ALA K 114 20.18 -15.60 -10.64
C ALA K 114 21.59 -16.18 -10.72
N GLY K 115 21.79 -17.37 -10.17
CA GLY K 115 23.10 -17.99 -10.16
C GLY K 115 23.61 -18.38 -11.53
N VAL K 116 22.72 -18.81 -12.43
CA VAL K 116 23.16 -19.15 -13.77
C VAL K 116 23.33 -17.90 -14.62
N ARG K 117 22.61 -16.81 -14.30
CA ARG K 117 22.84 -15.57 -15.01
C ARG K 117 24.10 -14.86 -14.54
N GLY K 118 24.56 -15.17 -13.32
CA GLY K 118 25.76 -14.54 -12.81
C GLY K 118 27.04 -15.34 -12.91
N SER K 119 26.94 -16.66 -12.68
CA SER K 119 28.11 -17.53 -12.51
C SER K 119 28.92 -17.72 -13.78
N SER K 120 28.35 -17.44 -14.95
CA SER K 120 29.10 -17.62 -16.18
C SER K 120 30.28 -16.64 -16.25
N GLN K 121 30.04 -15.38 -15.88
CA GLN K 121 31.12 -14.39 -15.87
C GLN K 121 32.03 -14.56 -14.66
N GLN K 122 31.47 -14.94 -13.52
CA GLN K 122 32.28 -15.20 -12.34
C GLN K 122 32.26 -16.69 -12.02
N PRO K 123 33.33 -17.42 -12.34
CA PRO K 123 33.31 -18.88 -12.10
C PRO K 123 33.20 -19.26 -10.63
N ARG K 124 33.76 -18.46 -9.73
CA ARG K 124 33.75 -18.79 -8.31
C ARG K 124 32.37 -18.61 -7.68
N LEU K 125 31.44 -17.95 -8.36
CA LEU K 125 30.08 -17.83 -7.85
C LEU K 125 29.37 -19.17 -7.78
N PHE K 126 29.94 -20.20 -8.42
CA PHE K 126 29.30 -21.51 -8.44
C PHE K 126 29.15 -22.09 -7.03
N VAL K 127 30.19 -21.96 -6.21
CA VAL K 127 30.15 -22.52 -4.86
C VAL K 127 29.09 -21.82 -4.02
N GLY K 128 29.07 -20.49 -4.06
CA GLY K 128 28.07 -19.76 -3.31
C GLY K 128 26.65 -20.06 -3.78
N MET K 129 26.48 -20.19 -5.09
CA MET K 129 25.17 -20.52 -5.64
C MET K 129 24.74 -21.92 -5.19
N ILE K 130 25.69 -22.85 -5.13
CA ILE K 130 25.39 -24.19 -4.60
C ILE K 130 24.98 -24.11 -3.14
N LEU K 131 25.67 -23.29 -2.36
CA LEU K 131 25.34 -23.16 -0.94
C LEU K 131 23.93 -22.60 -0.76
N ILE K 132 23.57 -21.57 -1.53
CA ILE K 132 22.21 -21.05 -1.41
C ILE K 132 21.19 -22.07 -1.91
N LEU K 133 21.55 -22.85 -2.94
CA LEU K 133 20.64 -23.89 -3.42
C LEU K 133 20.36 -24.93 -2.34
N ILE K 134 21.41 -25.39 -1.65
CA ILE K 134 21.18 -26.36 -0.57
C ILE K 134 20.47 -25.74 0.62
N PHE K 135 20.67 -24.44 0.86
CA PHE K 135 19.88 -23.74 1.88
C PHE K 135 18.40 -23.73 1.53
N ALA K 136 18.08 -23.58 0.24
CA ALA K 136 16.68 -23.63 -0.18
C ALA K 136 16.15 -25.06 -0.23
N GLU K 137 17.02 -26.04 -0.47
CA GLU K 137 16.60 -27.44 -0.55
C GLU K 137 16.32 -28.00 0.84
N VAL K 138 17.02 -27.51 1.86
CA VAL K 138 16.80 -28.02 3.19
C VAL K 138 15.39 -27.69 3.69
N LEU K 139 14.73 -26.69 3.10
CA LEU K 139 13.34 -26.43 3.46
C LEU K 139 12.43 -27.57 3.01
N GLY K 140 12.59 -28.02 1.76
CA GLY K 140 11.86 -29.20 1.32
C GLY K 140 12.26 -30.44 2.11
N LEU K 141 13.52 -30.52 2.52
CA LEU K 141 13.94 -31.62 3.37
C LEU K 141 13.21 -31.60 4.72
N TYR K 142 13.04 -30.40 5.29
CA TYR K 142 12.29 -30.28 6.54
C TYR K 142 10.83 -30.65 6.35
N GLY K 143 10.24 -30.23 5.23
CA GLY K 143 8.88 -30.67 4.93
C GLY K 143 8.76 -32.17 4.82
N LEU K 144 9.74 -32.80 4.16
CA LEU K 144 9.77 -34.26 4.07
C LEU K 144 9.90 -34.90 5.45
N ILE K 145 10.73 -34.33 6.31
CA ILE K 145 10.89 -34.87 7.66
C ILE K 145 9.58 -34.81 8.43
N VAL K 146 8.89 -33.67 8.34
CA VAL K 146 7.59 -33.54 9.01
C VAL K 146 6.59 -34.54 8.46
N ALA K 147 6.55 -34.70 7.13
CA ALA K 147 5.63 -35.65 6.53
C ALA K 147 5.95 -37.08 6.96
N LEU K 148 7.23 -37.43 7.03
CA LEU K 148 7.61 -38.77 7.45
C LEU K 148 7.24 -39.02 8.90
N LEU K 149 7.43 -38.04 9.77
CA LEU K 149 7.03 -38.19 11.17
C LEU K 149 5.53 -38.37 11.29
N LEU K 150 4.75 -37.57 10.54
CA LEU K 150 3.31 -37.71 10.58
C LEU K 150 2.88 -39.09 10.09
N ASN K 151 3.46 -39.55 8.97
CA ASN K 151 3.15 -40.88 8.47
C ASN K 151 3.51 -41.96 9.47
N SER K 152 4.60 -41.78 10.22
CA SER K 152 4.92 -42.70 11.31
C SER K 152 3.85 -42.66 12.39
N ARG K 153 3.25 -41.50 12.62
CA ARG K 153 2.15 -41.38 13.56
C ARG K 153 0.78 -41.59 12.94
N ALA K 154 0.72 -41.93 11.65
CA ALA K 154 -0.58 -42.07 10.98
C ALA K 154 -1.34 -43.28 11.49
N THR K 155 -0.69 -44.44 11.57
CA THR K 155 -1.37 -45.66 11.98
C THR K 155 -0.69 -46.22 13.22
N GLN K 156 -0.44 -45.35 14.19
CA GLN K 156 0.18 -45.73 15.46
C GLN K 156 -0.84 -45.58 16.57
N ASP K 157 -1.13 -46.67 17.27
CA ASP K 157 -2.11 -46.70 18.36
C ASP K 157 -3.47 -46.17 17.88
N VAL K 158 -3.91 -46.65 16.72
CA VAL K 158 -5.14 -46.21 16.08
C VAL K 158 -6.15 -47.35 16.19
N VAL K 159 -7.34 -47.03 16.69
CA VAL K 159 -8.41 -48.02 16.82
C VAL K 159 -9.54 -47.70 15.85
N MET L 1 -17.22 -39.08 18.89
CA MET L 1 -16.92 -39.72 20.16
C MET L 1 -17.35 -38.84 21.34
N THR L 2 -16.43 -38.61 22.26
CA THR L 2 -16.71 -37.77 23.42
C THR L 2 -16.98 -36.34 22.97
N GLU L 3 -17.86 -35.65 23.71
CA GLU L 3 -18.16 -34.27 23.39
C GLU L 3 -16.93 -33.38 23.49
N LEU L 4 -16.10 -33.61 24.51
CA LEU L 4 -14.87 -32.83 24.66
C LEU L 4 -13.74 -33.34 23.78
N CYS L 5 -13.86 -34.56 23.24
CA CYS L 5 -12.84 -35.14 22.37
C CYS L 5 -13.51 -35.63 21.10
N PRO L 6 -13.87 -34.74 20.19
CA PRO L 6 -14.57 -35.14 18.97
C PRO L 6 -13.67 -35.90 18.02
N VAL L 7 -14.30 -36.56 17.06
CA VAL L 7 -13.56 -37.33 16.06
C VAL L 7 -12.78 -36.39 15.13
N TYR L 8 -13.25 -35.17 14.92
CA TYR L 8 -12.58 -34.21 14.06
C TYR L 8 -11.53 -33.39 14.79
N ALA L 9 -11.30 -33.67 16.08
CA ALA L 9 -10.26 -32.94 16.81
C ALA L 9 -8.86 -33.10 16.20
N PRO L 10 -8.41 -34.28 15.77
CA PRO L 10 -7.08 -34.36 15.15
C PRO L 10 -6.94 -33.55 13.88
N PHE L 11 -8.04 -33.16 13.23
CA PHE L 11 -7.95 -32.34 12.03
C PHE L 11 -7.28 -31.01 12.34
N PHE L 12 -7.67 -30.36 13.44
CA PHE L 12 -7.08 -29.07 13.79
C PHE L 12 -5.61 -29.22 14.15
N GLY L 13 -5.24 -30.31 14.82
CA GLY L 13 -3.84 -30.53 15.12
C GLY L 13 -3.00 -30.78 13.88
N ALA L 14 -3.51 -31.58 12.96
CA ALA L 14 -2.79 -31.83 11.70
C ALA L 14 -2.66 -30.55 10.90
N ILE L 15 -3.72 -29.74 10.85
CA ILE L 15 -3.66 -28.46 10.15
C ILE L 15 -2.67 -27.53 10.82
N GLY L 16 -2.61 -27.56 12.16
CA GLY L 16 -1.65 -26.73 12.87
C GLY L 16 -0.22 -27.11 12.56
N CYS L 17 0.08 -28.42 12.59
CA CYS L 17 1.42 -28.87 12.26
C CYS L 17 1.78 -28.53 10.81
N ALA L 18 0.83 -28.78 9.89
CA ALA L 18 1.08 -28.50 8.48
C ALA L 18 1.32 -27.01 8.26
N SER L 19 0.50 -26.15 8.88
CA SER L 19 0.70 -24.73 8.73
C SER L 19 2.01 -24.27 9.35
N ALA L 20 2.36 -24.84 10.52
CA ALA L 20 3.61 -24.47 11.17
C ALA L 20 4.81 -24.74 10.28
N ILE L 21 4.84 -25.91 9.64
CA ILE L 21 5.96 -26.18 8.75
C ILE L 21 5.83 -25.39 7.44
N ILE L 22 4.61 -25.27 6.90
CA ILE L 22 4.43 -24.74 5.56
C ILE L 22 4.72 -23.24 5.52
N PHE L 23 4.15 -22.47 6.44
CA PHE L 23 4.31 -21.03 6.38
C PHE L 23 5.73 -20.62 6.72
N THR L 24 6.36 -21.32 7.65
CA THR L 24 7.78 -21.07 7.92
C THR L 24 8.64 -21.44 6.71
N SER L 25 8.28 -22.52 6.00
CA SER L 25 9.00 -22.85 4.78
C SER L 25 8.81 -21.79 3.72
N LEU L 26 7.60 -21.25 3.59
CA LEU L 26 7.38 -20.17 2.63
C LEU L 26 8.18 -18.92 2.99
N GLY L 27 8.21 -18.56 4.27
CA GLY L 27 9.00 -17.41 4.68
C GLY L 27 10.49 -17.62 4.44
N ALA L 28 11.00 -18.80 4.81
CA ALA L 28 12.40 -19.11 4.58
C ALA L 28 12.71 -19.14 3.09
N ALA L 29 11.77 -19.63 2.27
CA ALA L 29 11.99 -19.68 0.83
C ALA L 29 12.03 -18.29 0.23
N TYR L 30 11.12 -17.41 0.65
CA TYR L 30 11.16 -16.03 0.16
C TYR L 30 12.45 -15.35 0.57
N GLY L 31 12.84 -15.51 1.83
CA GLY L 31 14.08 -14.90 2.29
C GLY L 31 15.29 -15.42 1.53
N THR L 32 15.37 -16.75 1.38
CA THR L 32 16.49 -17.35 0.66
C THR L 32 16.52 -16.93 -0.79
N ALA L 33 15.36 -16.90 -1.46
CA ALA L 33 15.33 -16.52 -2.86
C ALA L 33 15.77 -15.08 -3.06
N LYS L 34 15.22 -14.16 -2.28
CA LYS L 34 15.55 -12.75 -2.49
C LYS L 34 16.98 -12.45 -2.07
N SER L 35 17.43 -13.03 -0.95
CA SER L 35 18.82 -12.85 -0.54
C SER L 35 19.80 -13.47 -1.53
N GLY L 36 19.46 -14.63 -2.10
CA GLY L 36 20.31 -15.23 -3.11
C GLY L 36 20.37 -14.40 -4.38
N VAL L 37 19.24 -13.80 -4.76
CA VAL L 37 19.25 -12.86 -5.87
C VAL L 37 20.19 -11.71 -5.58
N GLY L 38 20.12 -11.15 -4.37
CA GLY L 38 21.02 -10.07 -4.00
C GLY L 38 22.48 -10.49 -4.06
N ILE L 39 22.79 -11.67 -3.51
CA ILE L 39 24.16 -12.14 -3.49
C ILE L 39 24.68 -12.36 -4.90
N CYS L 40 23.89 -13.04 -5.74
CA CYS L 40 24.31 -13.32 -7.11
C CYS L 40 24.45 -12.05 -7.93
N ALA L 41 23.64 -11.04 -7.64
CA ALA L 41 23.78 -9.75 -8.33
C ALA L 41 25.03 -9.01 -7.86
N THR L 42 25.35 -9.09 -6.57
CA THR L 42 26.48 -8.33 -6.04
C THR L 42 27.80 -9.03 -6.25
N CYS L 43 27.82 -10.36 -6.28
CA CYS L 43 29.07 -11.09 -6.41
C CYS L 43 29.68 -10.96 -7.81
N VAL L 44 28.96 -10.40 -8.77
CA VAL L 44 29.50 -10.24 -10.11
C VAL L 44 30.66 -9.26 -10.13
N LEU L 45 30.77 -8.41 -9.12
CA LEU L 45 31.83 -7.41 -9.05
C LEU L 45 32.70 -7.52 -7.81
N ARG L 46 32.31 -8.33 -6.82
CA ARG L 46 33.05 -8.47 -5.57
C ARG L 46 33.29 -9.95 -5.32
N PRO L 47 34.32 -10.53 -5.94
CA PRO L 47 34.65 -11.94 -5.67
C PRO L 47 35.02 -12.21 -4.22
N ASP L 48 35.43 -11.19 -3.46
CA ASP L 48 35.76 -11.38 -2.05
C ASP L 48 34.52 -11.61 -1.19
N LEU L 49 33.33 -11.29 -1.70
CA LEU L 49 32.10 -11.33 -0.91
C LEU L 49 31.16 -12.46 -1.36
N LEU L 50 31.72 -13.60 -1.77
CA LEU L 50 30.89 -14.78 -1.97
C LEU L 50 30.23 -15.21 -0.67
N PHE L 51 30.99 -15.21 0.42
CA PHE L 51 30.44 -15.39 1.75
C PHE L 51 30.35 -14.04 2.44
N LYS L 52 29.93 -14.06 3.72
CA LYS L 52 29.72 -12.87 4.53
C LYS L 52 28.51 -12.09 4.04
N ASN L 53 27.93 -12.53 2.92
CA ASN L 53 26.64 -12.04 2.44
C ASN L 53 25.59 -13.13 2.42
N ILE L 54 25.96 -14.38 2.72
CA ILE L 54 24.99 -15.46 2.87
C ILE L 54 24.35 -15.46 4.25
N VAL L 55 24.75 -14.54 5.12
CA VAL L 55 24.13 -14.45 6.45
C VAL L 55 22.62 -14.21 6.36
N PRO L 56 22.11 -13.35 5.47
CA PRO L 56 20.65 -13.30 5.30
C PRO L 56 20.04 -14.65 4.95
N VAL L 57 20.72 -15.45 4.13
CA VAL L 57 20.23 -16.78 3.81
C VAL L 57 20.21 -17.66 5.07
N ILE L 58 21.27 -17.56 5.87
CA ILE L 58 21.36 -18.38 7.08
C ILE L 58 20.25 -18.03 8.06
N MET L 59 20.04 -16.73 8.31
CA MET L 59 18.99 -16.32 9.23
C MET L 59 17.61 -16.65 8.66
N ALA L 60 17.45 -16.57 7.34
CA ALA L 60 16.20 -17.03 6.73
C ALA L 60 16.03 -18.53 6.92
N GLY L 61 17.13 -19.28 6.94
CA GLY L 61 17.06 -20.72 7.10
C GLY L 61 16.81 -21.20 8.52
N ILE L 62 16.87 -20.30 9.51
CA ILE L 62 16.55 -20.68 10.88
C ILE L 62 15.05 -20.61 11.12
N ILE L 63 14.32 -19.81 10.33
CA ILE L 63 12.86 -19.78 10.44
C ILE L 63 12.28 -21.14 10.14
N ALA L 64 12.79 -21.80 9.09
CA ALA L 64 12.36 -23.16 8.80
C ALA L 64 12.66 -24.09 9.95
N ILE L 65 13.76 -23.85 10.68
CA ILE L 65 14.06 -24.66 11.86
C ILE L 65 13.01 -24.42 12.94
N TYR L 66 12.58 -23.18 13.12
CA TYR L 66 11.51 -22.90 14.08
C TYR L 66 10.25 -23.64 13.72
N GLY L 67 9.86 -23.59 12.45
CA GLY L 67 8.68 -24.31 12.00
C GLY L 67 8.82 -25.81 12.19
N LEU L 68 9.99 -26.35 11.88
CA LEU L 68 10.23 -27.78 12.06
C LEU L 68 10.14 -28.18 13.53
N VAL L 69 10.71 -27.36 14.42
CA VAL L 69 10.66 -27.66 15.85
C VAL L 69 9.22 -27.66 16.34
N VAL L 70 8.44 -26.64 15.95
CA VAL L 70 7.05 -26.60 16.38
C VAL L 70 6.26 -27.77 15.82
N SER L 71 6.49 -28.11 14.55
CA SER L 71 5.77 -29.23 13.95
C SER L 71 6.12 -30.54 14.64
N VAL L 72 7.39 -30.74 14.98
CA VAL L 72 7.80 -31.95 15.69
C VAL L 72 7.16 -32.00 17.07
N LEU L 73 7.13 -30.86 17.76
CA LEU L 73 6.59 -30.84 19.12
C LEU L 73 5.08 -30.97 19.15
N VAL L 74 4.37 -30.57 18.10
CA VAL L 74 2.92 -30.76 18.07
C VAL L 74 2.52 -32.12 17.49
N CYS L 75 3.41 -32.78 16.74
CA CYS L 75 3.12 -34.14 16.29
C CYS L 75 3.04 -35.10 17.46
N TYR L 76 3.95 -34.97 18.44
CA TYR L 76 4.01 -35.90 19.54
C TYR L 76 2.83 -35.77 20.50
N SER L 77 2.05 -34.71 20.38
CA SER L 77 0.82 -34.53 21.16
C SER L 77 -0.43 -34.83 20.34
N LEU L 78 -0.28 -35.45 19.17
CA LEU L 78 -1.39 -35.76 18.29
C LEU L 78 -1.83 -37.21 18.51
N GLY L 79 -3.12 -37.42 18.70
CA GLY L 79 -3.66 -38.74 18.91
C GLY L 79 -5.05 -38.86 18.35
N GLN L 80 -5.52 -40.11 18.23
CA GLN L 80 -6.86 -40.34 17.71
C GLN L 80 -7.93 -39.76 18.63
N LYS L 81 -7.86 -40.09 19.92
CA LYS L 81 -8.81 -39.58 20.90
C LYS L 81 -8.12 -38.48 21.69
N GLN L 82 -8.09 -37.28 21.12
CA GLN L 82 -7.53 -36.11 21.77
C GLN L 82 -8.61 -35.04 21.84
N ALA L 83 -8.55 -34.23 22.89
CA ALA L 83 -9.60 -33.24 23.13
C ALA L 83 -9.58 -32.17 22.04
N LEU L 84 -10.76 -31.58 21.82
CA LEU L 84 -10.86 -30.46 20.88
C LEU L 84 -10.04 -29.27 21.35
N TYR L 85 -9.88 -29.12 22.67
CA TYR L 85 -9.02 -28.07 23.19
C TYR L 85 -7.57 -28.27 22.77
N THR L 86 -7.10 -29.52 22.83
CA THR L 86 -5.74 -29.82 22.38
C THR L 86 -5.57 -29.52 20.90
N GLY L 87 -6.57 -29.88 20.10
CA GLY L 87 -6.50 -29.57 18.67
C GLY L 87 -6.48 -28.08 18.41
N PHE L 88 -7.32 -27.32 19.12
CA PHE L 88 -7.33 -25.88 18.95
C PHE L 88 -5.99 -25.26 19.37
N ILE L 89 -5.42 -25.76 20.46
CA ILE L 89 -4.12 -25.25 20.92
C ILE L 89 -3.03 -25.55 19.89
N GLN L 90 -3.02 -26.77 19.36
CA GLN L 90 -2.02 -27.13 18.35
C GLN L 90 -2.19 -26.30 17.09
N LEU L 91 -3.43 -26.09 16.65
CA LEU L 91 -3.68 -25.25 15.49
C LEU L 91 -3.25 -23.82 15.73
N GLY L 92 -3.54 -23.28 16.92
CA GLY L 92 -3.13 -21.92 17.22
C GLY L 92 -1.63 -21.76 17.29
N ALA L 93 -0.93 -22.71 17.92
CA ALA L 93 0.52 -22.65 17.98
C ALA L 93 1.13 -22.76 16.58
N GLY L 94 0.62 -23.68 15.76
CA GLY L 94 1.13 -23.82 14.41
C GLY L 94 0.90 -22.57 13.59
N LEU L 95 -0.30 -22.00 13.66
CA LEU L 95 -0.59 -20.77 12.93
C LEU L 95 0.30 -19.63 13.41
N SER L 96 0.48 -19.51 14.73
CA SER L 96 1.31 -18.43 15.27
C SER L 96 2.74 -18.53 14.76
N VAL L 97 3.35 -19.70 14.91
CA VAL L 97 4.75 -19.83 14.49
C VAL L 97 4.86 -19.69 12.98
N GLY L 98 3.93 -20.28 12.22
CA GLY L 98 4.02 -20.22 10.78
C GLY L 98 3.85 -18.82 10.24
N LEU L 99 2.83 -18.10 10.70
CA LEU L 99 2.57 -16.77 10.17
C LEU L 99 3.43 -15.69 10.81
N SER L 100 4.14 -16.00 11.90
CA SER L 100 5.19 -15.10 12.35
C SER L 100 6.48 -15.34 11.58
N GLY L 101 6.80 -16.60 11.30
CA GLY L 101 7.98 -16.91 10.52
C GLY L 101 7.85 -16.53 9.06
N LEU L 102 6.63 -16.51 8.53
CA LEU L 102 6.43 -16.02 7.16
C LEU L 102 6.75 -14.54 7.08
N ALA L 103 6.25 -13.75 8.04
CA ALA L 103 6.59 -12.33 8.10
C ALA L 103 8.08 -12.13 8.33
N ALA L 104 8.67 -12.95 9.20
CA ALA L 104 10.10 -12.86 9.45
C ALA L 104 10.90 -13.16 8.19
N GLY L 105 10.47 -14.16 7.42
CA GLY L 105 11.16 -14.47 6.17
C GLY L 105 11.00 -13.39 5.14
N PHE L 106 9.81 -12.78 5.05
CA PHE L 106 9.63 -11.65 4.15
C PHE L 106 10.57 -10.51 4.51
N ALA L 107 10.60 -10.15 5.80
CA ALA L 107 11.45 -9.05 6.25
C ALA L 107 12.93 -9.38 6.04
N ILE L 108 13.33 -10.62 6.33
CA ILE L 108 14.72 -11.02 6.13
C ILE L 108 15.09 -10.96 4.65
N GLY L 109 14.22 -11.48 3.78
CA GLY L 109 14.50 -11.44 2.36
C GLY L 109 14.64 -10.03 1.82
N ILE L 110 13.78 -9.12 2.27
CA ILE L 110 13.87 -7.74 1.78
C ILE L 110 15.09 -7.04 2.35
N VAL L 111 15.29 -7.14 3.66
CA VAL L 111 16.37 -6.40 4.32
C VAL L 111 17.73 -6.92 3.90
N GLY L 112 17.89 -8.26 3.85
CA GLY L 112 19.15 -8.82 3.44
C GLY L 112 19.48 -8.53 1.99
N ASP L 113 18.47 -8.55 1.13
CA ASP L 113 18.70 -8.15 -0.26
C ASP L 113 19.19 -6.72 -0.35
N ALA L 114 18.52 -5.80 0.35
CA ALA L 114 18.97 -4.41 0.36
C ALA L 114 20.38 -4.29 0.92
N GLY L 115 20.66 -5.01 2.01
CA GLY L 115 21.97 -4.91 2.64
C GLY L 115 23.10 -5.44 1.78
N VAL L 116 22.89 -6.59 1.13
CA VAL L 116 23.93 -7.12 0.27
C VAL L 116 24.11 -6.25 -0.96
N ARG L 117 23.02 -5.68 -1.49
CA ARG L 117 23.15 -4.78 -2.64
C ARG L 117 23.92 -3.53 -2.27
N GLY L 118 23.65 -2.97 -1.09
CA GLY L 118 24.42 -1.82 -0.64
C GLY L 118 25.87 -2.14 -0.33
N SER L 119 26.11 -3.33 0.24
CA SER L 119 27.45 -3.71 0.67
C SER L 119 28.41 -3.95 -0.49
N SER L 120 27.90 -4.09 -1.72
CA SER L 120 28.77 -4.22 -2.87
C SER L 120 29.63 -2.99 -3.09
N GLN L 121 29.23 -1.84 -2.55
CA GLN L 121 30.00 -0.61 -2.63
C GLN L 121 30.37 -0.01 -1.29
N GLN L 122 29.57 -0.25 -0.25
CA GLN L 122 29.86 0.25 1.10
C GLN L 122 30.05 -0.92 2.05
N PRO L 123 31.30 -1.28 2.37
CA PRO L 123 31.52 -2.41 3.28
C PRO L 123 31.01 -2.18 4.68
N ARG L 124 30.82 -0.92 5.10
CA ARG L 124 30.33 -0.66 6.45
C ARG L 124 28.86 -1.01 6.62
N LEU L 125 28.12 -1.14 5.52
CA LEU L 125 26.70 -1.48 5.61
C LEU L 125 26.49 -2.94 6.02
N PHE L 126 27.54 -3.76 6.00
CA PHE L 126 27.40 -5.16 6.39
C PHE L 126 26.94 -5.28 7.84
N VAL L 127 27.56 -4.51 8.74
CA VAL L 127 27.20 -4.57 10.15
C VAL L 127 25.77 -4.08 10.35
N GLY L 128 25.40 -2.99 9.68
CA GLY L 128 24.05 -2.48 9.80
C GLY L 128 23.02 -3.48 9.32
N MET L 129 23.29 -4.13 8.18
CA MET L 129 22.39 -5.16 7.70
C MET L 129 22.30 -6.33 8.66
N ILE L 130 23.42 -6.71 9.28
CA ILE L 130 23.39 -7.80 10.25
C ILE L 130 22.48 -7.46 11.42
N LEU L 131 22.65 -6.25 11.97
CA LEU L 131 21.78 -5.85 13.09
C LEU L 131 20.31 -5.72 12.68
N ILE L 132 20.03 -5.19 11.49
CA ILE L 132 18.63 -5.04 11.10
C ILE L 132 17.98 -6.40 10.87
N LEU L 133 18.73 -7.36 10.31
CA LEU L 133 18.16 -8.68 10.07
C LEU L 133 17.86 -9.42 11.36
N ILE L 134 18.60 -9.14 12.43
CA ILE L 134 18.30 -9.76 13.72
C ILE L 134 16.92 -9.32 14.20
N PHE L 135 16.46 -8.14 13.77
CA PHE L 135 15.15 -7.65 14.18
C PHE L 135 13.99 -8.40 13.52
N ALA L 136 14.27 -9.26 12.55
CA ALA L 136 13.26 -10.16 11.98
C ALA L 136 13.43 -11.59 12.46
N GLU L 137 14.67 -12.04 12.63
CA GLU L 137 14.91 -13.30 13.33
C GLU L 137 14.30 -13.26 14.71
N VAL L 138 14.27 -12.09 15.35
CA VAL L 138 13.64 -11.98 16.66
C VAL L 138 12.12 -12.06 16.56
N LEU L 139 11.54 -11.61 15.43
CA LEU L 139 10.11 -11.83 15.23
C LEU L 139 9.81 -13.31 15.10
N GLY L 140 10.64 -14.02 14.34
CA GLY L 140 10.50 -15.46 14.26
C GLY L 140 10.66 -16.12 15.62
N LEU L 141 11.60 -15.63 16.43
CA LEU L 141 11.80 -16.15 17.77
C LEU L 141 10.58 -15.89 18.66
N TYR L 142 9.97 -14.71 18.53
CA TYR L 142 8.76 -14.40 19.30
C TYR L 142 7.63 -15.34 18.92
N GLY L 143 7.46 -15.58 17.62
CA GLY L 143 6.46 -16.54 17.19
C GLY L 143 6.73 -17.93 17.72
N LEU L 144 8.00 -18.35 17.71
CA LEU L 144 8.37 -19.65 18.26
C LEU L 144 8.07 -19.73 19.75
N ILE L 145 8.36 -18.65 20.49
CA ILE L 145 8.10 -18.62 21.92
C ILE L 145 6.61 -18.74 22.19
N VAL L 146 5.79 -18.01 21.42
CA VAL L 146 4.34 -18.11 21.58
C VAL L 146 3.86 -19.52 21.28
N ALA L 147 4.38 -20.12 20.21
CA ALA L 147 3.97 -21.47 19.84
C ALA L 147 4.34 -22.48 20.93
N LEU L 148 5.56 -22.36 21.49
CA LEU L 148 5.98 -23.27 22.54
C LEU L 148 5.14 -23.08 23.80
N LEU L 149 4.84 -21.83 24.16
CA LEU L 149 4.00 -21.57 25.32
C LEU L 149 2.62 -22.16 25.15
N LEU L 150 2.05 -22.03 23.95
CA LEU L 150 0.75 -22.65 23.68
C LEU L 150 0.84 -24.16 23.78
N ASN L 151 1.84 -24.76 23.13
CA ASN L 151 1.97 -26.22 23.11
C ASN L 151 2.21 -26.78 24.51
N SER L 152 2.78 -25.97 25.41
CA SER L 152 2.94 -26.41 26.79
C SER L 152 1.60 -26.64 27.48
N ARG L 153 0.53 -26.01 27.00
CA ARG L 153 -0.80 -26.15 27.58
C ARG L 153 -1.67 -27.12 26.81
N ALA L 154 -1.13 -27.80 25.80
CA ALA L 154 -1.95 -28.66 24.95
C ALA L 154 -2.54 -29.83 25.73
N THR L 155 -1.74 -30.45 26.59
CA THR L 155 -2.16 -31.65 27.32
C THR L 155 -2.23 -31.38 28.82
N GLN L 156 -1.98 -30.14 29.24
CA GLN L 156 -1.94 -29.79 30.65
C GLN L 156 -3.37 -29.66 31.17
N ASP L 157 -3.73 -30.54 32.11
CA ASP L 157 -5.06 -30.55 32.72
C ASP L 157 -6.16 -30.70 31.65
N VAL L 158 -6.01 -31.72 30.82
CA VAL L 158 -6.92 -31.96 29.71
C VAL L 158 -7.56 -33.33 29.88
N VAL L 159 -8.88 -33.37 29.84
CA VAL L 159 -9.62 -34.62 29.96
C VAL L 159 -10.56 -34.77 28.76
N MET M 1 -18.81 -28.81 27.82
CA MET M 1 -20.06 -29.09 27.12
C MET M 1 -21.20 -28.27 27.69
N THR M 2 -20.90 -27.53 28.76
CA THR M 2 -21.90 -26.68 29.41
C THR M 2 -22.32 -25.57 28.45
N GLU M 3 -23.57 -25.12 28.59
CA GLU M 3 -24.07 -24.03 27.76
C GLU M 3 -23.22 -22.79 27.90
N LEU M 4 -22.73 -22.52 29.11
CA LEU M 4 -21.84 -21.38 29.32
C LEU M 4 -20.42 -21.65 28.83
N CYS M 5 -19.99 -22.92 28.82
CA CYS M 5 -18.62 -23.29 28.48
C CYS M 5 -18.66 -24.33 27.37
N PRO M 6 -18.87 -23.91 26.12
CA PRO M 6 -18.92 -24.86 25.01
C PRO M 6 -17.54 -25.44 24.71
N VAL M 7 -17.54 -26.51 23.92
CA VAL M 7 -16.29 -27.17 23.57
C VAL M 7 -15.50 -26.37 22.54
N TYR M 8 -16.13 -25.44 21.85
CA TYR M 8 -15.43 -24.57 20.91
C TYR M 8 -14.98 -23.26 21.55
N ALA M 9 -15.28 -23.05 22.83
CA ALA M 9 -14.80 -21.85 23.51
C ALA M 9 -13.28 -21.71 23.51
N PRO M 10 -12.47 -22.76 23.76
CA PRO M 10 -11.02 -22.58 23.69
C PRO M 10 -10.52 -22.18 22.31
N PHE M 11 -11.30 -22.41 21.25
CA PHE M 11 -10.86 -22.01 19.92
C PHE M 11 -10.66 -20.51 19.83
N PHE M 12 -11.59 -19.73 20.38
CA PHE M 12 -11.46 -18.29 20.35
C PHE M 12 -10.25 -17.79 21.12
N GLY M 13 -9.99 -18.35 22.30
CA GLY M 13 -8.81 -17.99 23.06
C GLY M 13 -7.52 -18.34 22.35
N ALA M 14 -7.44 -19.54 21.80
CA ALA M 14 -6.24 -19.97 21.10
C ALA M 14 -6.00 -19.12 19.86
N ILE M 15 -7.07 -18.84 19.09
CA ILE M 15 -6.91 -18.08 17.88
C ILE M 15 -6.61 -16.62 18.18
N GLY M 16 -7.13 -16.08 19.28
CA GLY M 16 -6.75 -14.74 19.69
C GLY M 16 -5.30 -14.66 20.12
N CYS M 17 -4.84 -15.66 20.87
CA CYS M 17 -3.43 -15.70 21.25
C CYS M 17 -2.54 -15.81 20.01
N ALA M 18 -2.93 -16.63 19.04
CA ALA M 18 -2.16 -16.75 17.81
C ALA M 18 -2.17 -15.44 17.03
N SER M 19 -3.33 -14.80 16.92
CA SER M 19 -3.44 -13.56 16.14
C SER M 19 -2.65 -12.43 16.78
N ALA M 20 -2.65 -12.36 18.11
CA ALA M 20 -1.93 -11.31 18.81
C ALA M 20 -0.47 -11.24 18.40
N ILE M 21 0.15 -12.41 18.19
CA ILE M 21 1.52 -12.42 17.73
C ILE M 21 1.62 -12.39 16.20
N ILE M 22 0.65 -12.99 15.49
CA ILE M 22 0.73 -13.08 14.04
C ILE M 22 0.66 -11.69 13.41
N PHE M 23 -0.35 -10.91 13.79
CA PHE M 23 -0.55 -9.61 13.14
C PHE M 23 0.50 -8.61 13.59
N THR M 24 0.89 -8.66 14.86
CA THR M 24 1.97 -7.78 15.33
C THR M 24 3.29 -8.13 14.65
N SER M 25 3.55 -9.42 14.42
CA SER M 25 4.76 -9.81 13.70
C SER M 25 4.69 -9.39 12.24
N LEU M 26 3.51 -9.46 11.62
CA LEU M 26 3.38 -9.00 10.24
C LEU M 26 3.66 -7.50 10.15
N GLY M 27 3.09 -6.71 11.07
CA GLY M 27 3.34 -5.28 11.07
C GLY M 27 4.80 -4.95 11.37
N ALA M 28 5.40 -5.66 12.33
CA ALA M 28 6.80 -5.44 12.66
C ALA M 28 7.70 -5.82 11.48
N ALA M 29 7.34 -6.87 10.76
CA ALA M 29 8.13 -7.28 9.60
C ALA M 29 8.02 -6.27 8.47
N TYR M 30 6.81 -5.73 8.24
CA TYR M 30 6.68 -4.68 7.24
C TYR M 30 7.50 -3.45 7.62
N GLY M 31 7.43 -3.05 8.90
CA GLY M 31 8.21 -1.91 9.34
C GLY M 31 9.70 -2.15 9.22
N THR M 32 10.15 -3.34 9.63
CA THR M 32 11.56 -3.68 9.55
C THR M 32 12.04 -3.71 8.11
N ALA M 33 11.24 -4.28 7.20
CA ALA M 33 11.63 -4.35 5.80
C ALA M 33 11.73 -2.96 5.18
N LYS M 34 10.71 -2.13 5.39
CA LYS M 34 10.72 -0.80 4.80
C LYS M 34 11.86 0.04 5.38
N SER M 35 12.04 0.01 6.70
CA SER M 35 13.11 0.78 7.32
C SER M 35 14.49 0.25 6.93
N GLY M 36 14.61 -1.07 6.71
CA GLY M 36 15.88 -1.60 6.25
C GLY M 36 16.20 -1.17 4.84
N VAL M 37 15.19 -1.14 3.96
CA VAL M 37 15.40 -0.61 2.62
C VAL M 37 15.88 0.84 2.70
N GLY M 38 15.22 1.65 3.53
CA GLY M 38 15.63 3.03 3.68
C GLY M 38 17.04 3.19 4.22
N ILE M 39 17.37 2.40 5.26
CA ILE M 39 18.69 2.50 5.88
C ILE M 39 19.78 2.08 4.90
N CYS M 40 19.56 0.97 4.19
CA CYS M 40 20.55 0.51 3.22
C CYS M 40 20.67 1.48 2.05
N ALA M 41 19.58 2.16 1.69
CA ALA M 41 19.66 3.17 0.65
C ALA M 41 20.50 4.36 1.10
N THR M 42 20.30 4.81 2.35
CA THR M 42 21.00 6.01 2.81
C THR M 42 22.45 5.73 3.17
N CYS M 43 22.78 4.53 3.65
CA CYS M 43 24.12 4.25 4.12
C CYS M 43 25.16 4.23 3.01
N VAL M 44 24.73 4.10 1.76
CA VAL M 44 25.68 4.17 0.65
C VAL M 44 26.25 5.58 0.53
N LEU M 45 25.44 6.59 0.83
CA LEU M 45 25.85 7.99 0.73
C LEU M 45 26.32 8.56 2.07
N ARG M 46 25.67 8.18 3.17
CA ARG M 46 26.02 8.69 4.50
C ARG M 46 26.18 7.50 5.44
N PRO M 47 27.33 6.81 5.37
CA PRO M 47 27.54 5.65 6.26
C PRO M 47 27.60 6.02 7.73
N ASP M 48 27.89 7.29 8.06
CA ASP M 48 27.97 7.69 9.47
C ASP M 48 26.62 7.65 10.17
N LEU M 49 25.51 7.67 9.42
CA LEU M 49 24.18 7.62 10.00
C LEU M 49 23.64 6.19 10.09
N LEU M 50 24.50 5.18 9.95
CA LEU M 50 24.05 3.80 9.94
C LEU M 50 23.40 3.42 11.26
N PHE M 51 24.02 3.80 12.38
CA PHE M 51 23.49 3.42 13.68
C PHE M 51 22.46 4.41 14.22
N LYS M 52 22.47 5.66 13.74
CA LYS M 52 21.46 6.62 14.18
C LYS M 52 20.11 6.35 13.53
N ASN M 53 20.11 5.85 12.29
CA ASN M 53 18.89 5.67 11.51
C ASN M 53 18.25 4.30 11.73
N ILE M 54 18.80 3.48 12.62
CA ILE M 54 18.20 2.16 12.90
C ILE M 54 17.01 2.26 13.83
N VAL M 55 16.68 3.47 14.31
CA VAL M 55 15.56 3.62 15.24
C VAL M 55 14.25 3.10 14.65
N PRO M 56 13.89 3.36 13.39
CA PRO M 56 12.63 2.80 12.88
C PRO M 56 12.55 1.29 12.98
N VAL M 57 13.66 0.59 12.76
CA VAL M 57 13.65 -0.86 12.91
C VAL M 57 13.41 -1.25 14.36
N ILE M 58 13.99 -0.49 15.29
CA ILE M 58 13.80 -0.77 16.71
C ILE M 58 12.34 -0.57 17.11
N MET M 59 11.73 0.52 16.65
CA MET M 59 10.35 0.82 17.03
C MET M 59 9.37 -0.11 16.33
N ALA M 60 9.72 -0.63 15.16
CA ALA M 60 8.91 -1.68 14.56
C ALA M 60 8.92 -2.95 15.41
N GLY M 61 10.05 -3.25 16.06
CA GLY M 61 10.15 -4.46 16.85
C GLY M 61 9.39 -4.39 18.16
N ILE M 62 9.12 -3.18 18.66
CA ILE M 62 8.36 -3.05 19.91
C ILE M 62 6.94 -3.55 19.71
N ILE M 63 6.39 -3.38 18.51
CA ILE M 63 5.07 -3.93 18.21
C ILE M 63 5.06 -5.43 18.44
N ALA M 64 6.13 -6.12 18.04
CA ALA M 64 6.25 -7.54 18.32
C ALA M 64 6.28 -7.82 19.82
N ILE M 65 6.90 -6.93 20.61
CA ILE M 65 6.86 -7.10 22.06
C ILE M 65 5.43 -7.00 22.57
N TYR M 66 4.65 -6.05 22.05
CA TYR M 66 3.26 -5.92 22.48
C TYR M 66 2.46 -7.17 22.14
N GLY M 67 2.64 -7.69 20.92
CA GLY M 67 1.96 -8.91 20.54
C GLY M 67 2.37 -10.09 21.39
N LEU M 68 3.67 -10.22 21.68
CA LEU M 68 4.15 -11.30 22.54
C LEU M 68 3.58 -11.18 23.94
N VAL M 69 3.50 -9.96 24.46
CA VAL M 69 2.95 -9.75 25.79
C VAL M 69 1.49 -10.16 25.85
N VAL M 70 0.71 -9.78 24.83
CA VAL M 70 -0.70 -10.16 24.82
C VAL M 70 -0.85 -11.67 24.66
N SER M 71 -0.02 -12.29 23.81
CA SER M 71 -0.09 -13.73 23.64
C SER M 71 0.24 -14.46 24.93
N VAL M 72 1.25 -13.97 25.67
CA VAL M 72 1.62 -14.58 26.93
C VAL M 72 0.49 -14.42 27.95
N LEU M 73 -0.11 -13.23 28.02
CA LEU M 73 -1.13 -12.99 29.03
C LEU M 73 -2.44 -13.71 28.69
N VAL M 74 -2.70 -13.95 27.41
CA VAL M 74 -3.91 -14.69 27.02
C VAL M 74 -3.79 -16.15 27.43
N CYS M 75 -2.60 -16.73 27.30
CA CYS M 75 -2.38 -18.12 27.67
C CYS M 75 -2.64 -18.37 29.15
N TYR M 76 -2.63 -17.33 29.97
CA TYR M 76 -2.88 -17.51 31.40
C TYR M 76 -4.27 -18.06 31.65
N SER M 77 -5.28 -17.53 30.96
CA SER M 77 -6.67 -17.92 31.17
C SER M 77 -7.15 -18.99 30.20
N LEU M 78 -6.28 -19.49 29.32
CA LEU M 78 -6.68 -20.55 28.41
C LEU M 78 -6.89 -21.86 29.15
N GLY M 79 -7.93 -22.59 28.74
CA GLY M 79 -8.22 -23.87 29.35
C GLY M 79 -9.27 -24.60 28.54
N GLN M 80 -9.37 -25.91 28.80
CA GLN M 80 -10.36 -26.72 28.10
C GLN M 80 -11.78 -26.32 28.50
N LYS M 81 -12.04 -26.25 29.80
CA LYS M 81 -13.37 -25.89 30.30
C LYS M 81 -13.38 -24.41 30.68
N GLN M 82 -13.35 -23.57 29.65
CA GLN M 82 -13.45 -22.12 29.82
C GLN M 82 -14.73 -21.63 29.16
N ALA M 83 -15.30 -20.57 29.72
CA ALA M 83 -16.58 -20.07 29.25
C ALA M 83 -16.42 -19.40 27.88
N LEU M 84 -17.54 -19.31 27.17
CA LEU M 84 -17.54 -18.59 25.90
C LEU M 84 -17.24 -17.11 26.11
N TYR M 85 -17.64 -16.55 27.26
CA TYR M 85 -17.30 -15.17 27.57
C TYR M 85 -15.80 -14.98 27.64
N THR M 86 -15.10 -15.89 28.33
CA THR M 86 -13.64 -15.81 28.41
C THR M 86 -13.01 -15.98 27.03
N GLY M 87 -13.52 -16.93 26.24
CA GLY M 87 -12.97 -17.14 24.92
C GLY M 87 -13.11 -15.92 24.03
N PHE M 88 -14.27 -15.28 24.07
CA PHE M 88 -14.47 -14.10 23.24
C PHE M 88 -13.73 -12.89 23.80
N ILE M 89 -13.52 -12.81 25.11
CA ILE M 89 -12.65 -11.79 25.67
C ILE M 89 -11.23 -11.96 25.13
N GLN M 90 -10.73 -13.19 25.14
CA GLN M 90 -9.39 -13.46 24.62
C GLN M 90 -9.30 -13.13 23.14
N LEU M 91 -10.32 -13.52 22.37
CA LEU M 91 -10.33 -13.21 20.94
C LEU M 91 -10.36 -11.71 20.69
N GLY M 92 -11.18 -10.98 21.45
CA GLY M 92 -11.23 -9.54 21.29
C GLY M 92 -9.91 -8.87 21.62
N ALA M 93 -9.27 -9.29 22.72
CA ALA M 93 -7.97 -8.73 23.08
C ALA M 93 -6.93 -9.03 22.00
N GLY M 94 -6.90 -10.28 21.53
CA GLY M 94 -5.94 -10.64 20.50
C GLY M 94 -6.16 -9.88 19.20
N LEU M 95 -7.42 -9.77 18.77
CA LEU M 95 -7.72 -9.01 17.55
C LEU M 95 -7.38 -7.54 17.72
N SER M 96 -7.71 -6.95 18.87
CA SER M 96 -7.38 -5.55 19.11
C SER M 96 -5.89 -5.31 18.99
N VAL M 97 -5.09 -6.06 19.74
CA VAL M 97 -3.65 -5.82 19.73
C VAL M 97 -3.06 -6.17 18.37
N GLY M 98 -3.57 -7.21 17.71
CA GLY M 98 -3.01 -7.60 16.43
C GLY M 98 -3.26 -6.57 15.35
N LEU M 99 -4.50 -6.12 15.21
CA LEU M 99 -4.81 -5.14 14.18
C LEU M 99 -4.15 -3.79 14.48
N SER M 100 -4.14 -3.40 15.76
CA SER M 100 -3.48 -2.15 16.12
C SER M 100 -1.98 -2.23 15.84
N GLY M 101 -1.35 -3.36 16.18
CA GLY M 101 0.08 -3.51 15.92
C GLY M 101 0.39 -3.58 14.44
N LEU M 102 -0.50 -4.20 13.65
CA LEU M 102 -0.30 -4.24 12.21
C LEU M 102 -0.34 -2.84 11.62
N ALA M 103 -1.34 -2.04 12.00
CA ALA M 103 -1.42 -0.67 11.51
C ALA M 103 -0.22 0.15 11.99
N ALA M 104 0.16 -0.02 13.25
CA ALA M 104 1.31 0.72 13.79
C ALA M 104 2.59 0.34 13.06
N GLY M 105 2.78 -0.95 12.78
CA GLY M 105 3.98 -1.37 12.06
C GLY M 105 4.01 -0.86 10.64
N PHE M 106 2.87 -0.85 9.97
CA PHE M 106 2.81 -0.28 8.62
C PHE M 106 3.18 1.19 8.64
N ALA M 107 2.59 1.95 9.57
CA ALA M 107 2.89 3.38 9.67
C ALA M 107 4.35 3.62 10.03
N ILE M 108 4.89 2.83 10.98
CA ILE M 108 6.28 2.98 11.36
C ILE M 108 7.20 2.68 10.18
N GLY M 109 6.88 1.64 9.41
CA GLY M 109 7.71 1.33 8.26
C GLY M 109 7.71 2.46 7.24
N ILE M 110 6.53 2.96 6.89
CA ILE M 110 6.46 4.01 5.87
C ILE M 110 7.15 5.29 6.35
N VAL M 111 6.81 5.74 7.55
CA VAL M 111 7.38 6.99 8.05
C VAL M 111 8.86 6.84 8.34
N GLY M 112 9.31 5.68 8.81
CA GLY M 112 10.72 5.48 9.04
C GLY M 112 11.52 5.46 7.76
N ASP M 113 10.99 4.83 6.71
CA ASP M 113 11.64 4.90 5.41
C ASP M 113 11.76 6.35 4.94
N ALA M 114 10.66 7.08 5.00
CA ALA M 114 10.69 8.49 4.58
C ALA M 114 11.69 9.28 5.43
N GLY M 115 11.68 9.07 6.74
CA GLY M 115 12.53 9.84 7.62
C GLY M 115 14.01 9.53 7.45
N VAL M 116 14.36 8.26 7.27
CA VAL M 116 15.77 7.94 7.06
C VAL M 116 16.24 8.46 5.71
N ARG M 117 15.36 8.44 4.69
CA ARG M 117 15.77 8.97 3.40
C ARG M 117 15.85 10.50 3.42
N GLY M 118 15.09 11.15 4.30
CA GLY M 118 15.08 12.60 4.33
C GLY M 118 15.98 13.23 5.38
N SER M 119 16.49 12.43 6.30
CA SER M 119 17.38 12.93 7.34
C SER M 119 18.83 12.95 6.92
N SER M 120 19.23 12.09 5.98
CA SER M 120 20.56 12.19 5.41
C SER M 120 20.73 13.51 4.66
N GLN M 121 19.70 13.92 3.91
CA GLN M 121 19.75 15.19 3.21
C GLN M 121 19.62 16.36 4.18
N GLN M 122 18.67 16.28 5.12
CA GLN M 122 18.44 17.32 6.11
C GLN M 122 18.52 16.74 7.50
N PRO M 123 19.62 16.94 8.22
CA PRO M 123 19.76 16.34 9.55
C PRO M 123 18.72 16.84 10.56
N ARG M 124 18.10 17.99 10.32
CA ARG M 124 17.10 18.50 11.24
C ARG M 124 15.83 17.67 11.24
N LEU M 125 15.66 16.79 10.26
CA LEU M 125 14.46 15.97 10.14
C LEU M 125 14.49 14.72 11.02
N PHE M 126 15.59 14.44 11.70
CA PHE M 126 15.63 13.28 12.57
C PHE M 126 14.64 13.44 13.72
N VAL M 127 14.54 14.64 14.29
CA VAL M 127 13.61 14.87 15.39
C VAL M 127 12.17 14.67 14.91
N GLY M 128 11.83 15.21 13.75
CA GLY M 128 10.49 15.03 13.22
C GLY M 128 10.18 13.57 12.93
N MET M 129 11.14 12.85 12.35
CA MET M 129 10.96 11.43 12.09
C MET M 129 10.70 10.67 13.39
N ILE M 130 11.49 10.95 14.43
CA ILE M 130 11.30 10.26 15.70
C ILE M 130 9.94 10.59 16.30
N LEU M 131 9.51 11.85 16.19
CA LEU M 131 8.21 12.23 16.72
C LEU M 131 7.09 11.49 16.01
N ILE M 132 7.11 11.46 14.68
CA ILE M 132 6.02 10.79 13.95
C ILE M 132 6.06 9.28 14.20
N LEU M 133 7.26 8.71 14.34
CA LEU M 133 7.36 7.29 14.66
C LEU M 133 6.79 6.98 16.03
N ILE M 134 7.01 7.87 17.01
CA ILE M 134 6.38 7.70 18.32
C ILE M 134 4.86 7.79 18.19
N PHE M 135 4.38 8.72 17.36
CA PHE M 135 2.94 8.82 17.15
C PHE M 135 2.37 7.57 16.50
N ALA M 136 3.17 6.89 15.68
CA ALA M 136 2.72 5.64 15.08
C ALA M 136 2.79 4.48 16.07
N GLU M 137 3.80 4.48 16.94
CA GLU M 137 3.96 3.40 17.91
C GLU M 137 2.93 3.48 19.03
N VAL M 138 2.50 4.69 19.38
CA VAL M 138 1.51 4.81 20.45
C VAL M 138 0.18 4.21 20.03
N LEU M 139 -0.04 4.00 18.73
CA LEU M 139 -1.25 3.32 18.28
C LEU M 139 -1.22 1.84 18.64
N GLY M 140 -0.09 1.18 18.39
CA GLY M 140 0.10 -0.17 18.90
C GLY M 140 0.05 -0.22 20.41
N LEU M 141 0.53 0.83 21.08
CA LEU M 141 0.40 0.92 22.52
C LEU M 141 -1.07 0.97 22.94
N TYR M 142 -1.89 1.72 22.21
CA TYR M 142 -3.32 1.79 22.52
C TYR M 142 -4.00 0.44 22.31
N GLY M 143 -3.62 -0.26 21.24
CA GLY M 143 -4.12 -1.62 21.04
C GLY M 143 -3.72 -2.54 22.19
N LEU M 144 -2.47 -2.42 22.65
CA LEU M 144 -2.04 -3.14 23.83
C LEU M 144 -2.91 -2.81 25.04
N ILE M 145 -3.22 -1.53 25.23
CA ILE M 145 -3.98 -1.12 26.40
C ILE M 145 -5.39 -1.70 26.34
N VAL M 146 -6.02 -1.67 25.16
CA VAL M 146 -7.35 -2.25 25.01
C VAL M 146 -7.31 -3.75 25.26
N ALA M 147 -6.27 -4.42 24.77
CA ALA M 147 -6.13 -5.85 25.02
C ALA M 147 -6.00 -6.12 26.51
N LEU M 148 -5.22 -5.32 27.22
CA LEU M 148 -5.07 -5.49 28.67
C LEU M 148 -6.38 -5.24 29.39
N LEU M 149 -7.13 -4.22 28.97
CA LEU M 149 -8.43 -3.94 29.58
C LEU M 149 -9.38 -5.11 29.39
N LEU M 150 -9.41 -5.70 28.20
CA LEU M 150 -10.24 -6.86 27.96
C LEU M 150 -9.78 -8.05 28.79
N ASN M 151 -8.45 -8.27 28.86
CA ASN M 151 -7.92 -9.41 29.59
C ASN M 151 -8.22 -9.30 31.08
N SER M 152 -8.26 -8.08 31.62
CA SER M 152 -8.56 -7.92 33.04
C SER M 152 -9.94 -8.48 33.39
N ARG M 153 -10.84 -8.61 32.42
CA ARG M 153 -12.17 -9.14 32.64
C ARG M 153 -12.31 -10.60 32.19
N ALA M 154 -11.19 -11.25 31.84
CA ALA M 154 -11.26 -12.57 31.23
C ALA M 154 -11.84 -13.61 32.20
N THR M 155 -11.31 -13.66 33.43
CA THR M 155 -11.67 -14.70 34.38
C THR M 155 -12.13 -14.08 35.69
N GLN M 156 -13.03 -13.11 35.59
CA GLN M 156 -13.66 -12.48 36.75
C GLN M 156 -15.16 -12.72 36.69
N ASP M 157 -15.72 -13.25 37.77
CA ASP M 157 -17.12 -13.63 37.87
C ASP M 157 -17.50 -14.72 36.87
N VAL M 158 -16.54 -15.45 36.35
CA VAL M 158 -16.80 -16.46 35.32
C VAL M 158 -17.02 -17.81 35.99
N VAL M 159 -18.13 -18.46 35.64
CA VAL M 159 -18.45 -19.77 36.18
C VAL M 159 -18.93 -20.70 35.07
N MET N 1 -9.01 6.50 -3.21
CA MET N 1 -8.95 7.73 -4.02
C MET N 1 -7.51 8.14 -4.32
N GLU N 2 -7.29 9.42 -4.60
CA GLU N 2 -6.01 9.89 -5.11
C GLU N 2 -4.88 9.61 -4.12
N GLY N 3 -4.91 10.25 -2.96
CA GLY N 3 -3.83 10.18 -2.01
C GLY N 3 -3.89 9.08 -0.98
N VAL N 4 -4.89 8.19 -1.07
CA VAL N 4 -5.04 7.15 -0.07
C VAL N 4 -3.88 6.15 -0.15
N TYR N 5 -3.51 5.75 -1.37
CA TYR N 5 -2.45 4.78 -1.56
C TYR N 5 -1.15 5.38 -2.10
N PHE N 6 -1.14 6.68 -2.40
CA PHE N 6 0.05 7.28 -3.02
C PHE N 6 1.22 7.34 -2.04
N ASN N 7 0.98 7.86 -0.83
CA ASN N 7 2.05 8.15 0.11
C ASN N 7 2.71 6.90 0.66
N ILE N 8 2.16 5.72 0.40
CA ILE N 8 2.80 4.48 0.84
C ILE N 8 4.17 4.35 0.20
N ASP N 9 4.27 4.63 -1.10
CA ASP N 9 5.50 4.48 -1.84
C ASP N 9 6.07 5.79 -2.36
N ASN N 10 5.23 6.77 -2.69
CA ASN N 10 5.72 7.98 -3.34
C ASN N 10 5.49 9.24 -2.52
N GLY N 11 5.14 9.12 -1.23
CA GLY N 11 4.93 10.32 -0.44
C GLY N 11 6.19 11.14 -0.27
N PHE N 12 7.30 10.48 0.07
CA PHE N 12 8.57 11.18 0.22
C PHE N 12 9.02 11.76 -1.12
N ILE N 13 8.85 11.00 -2.20
CA ILE N 13 9.22 11.49 -3.53
C ILE N 13 8.45 12.74 -3.88
N GLU N 14 7.13 12.71 -3.66
CA GLU N 14 6.30 13.87 -3.95
C GLU N 14 6.69 15.07 -3.10
N GLY N 15 6.94 14.84 -1.81
CA GLY N 15 7.33 15.95 -0.96
C GLY N 15 8.62 16.60 -1.40
N VAL N 16 9.63 15.78 -1.70
CA VAL N 16 10.93 16.33 -2.08
C VAL N 16 10.85 17.00 -3.46
N VAL N 17 10.09 16.41 -4.38
CA VAL N 17 9.98 17.00 -5.71
C VAL N 17 9.23 18.33 -5.65
N ARG N 18 8.21 18.42 -4.79
CA ARG N 18 7.48 19.69 -4.67
C ARG N 18 8.31 20.72 -3.92
N GLY N 19 9.16 20.29 -2.99
CA GLY N 19 10.13 21.23 -2.43
C GLY N 19 11.11 21.74 -3.48
N TYR N 20 11.56 20.86 -4.36
CA TYR N 20 12.39 21.28 -5.49
C TYR N 20 11.66 22.28 -6.36
N ARG N 21 10.37 22.05 -6.61
CA ARG N 21 9.56 23.01 -7.35
C ARG N 21 9.53 24.35 -6.63
N ASN N 22 9.36 24.33 -5.31
CA ASN N 22 9.45 25.54 -4.52
C ASN N 22 10.81 26.21 -4.70
N GLY N 23 11.84 25.43 -4.98
CA GLY N 23 13.16 25.96 -5.25
C GLY N 23 13.36 26.58 -6.61
N LEU N 24 12.38 26.45 -7.51
CA LEU N 24 12.49 27.05 -8.83
C LEU N 24 12.53 28.57 -8.72
N LEU N 25 13.34 29.20 -9.56
CA LEU N 25 13.49 30.65 -9.52
C LEU N 25 12.20 31.32 -9.94
N SER N 26 11.82 32.37 -9.22
CA SER N 26 10.63 33.14 -9.55
C SER N 26 10.98 34.28 -10.51
N ASN N 27 10.00 35.12 -10.82
CA ASN N 27 10.24 36.25 -11.71
C ASN N 27 11.19 37.26 -11.08
N ASN N 28 11.05 37.50 -9.77
CA ASN N 28 11.91 38.47 -9.11
C ASN N 28 13.37 38.03 -9.13
N GLN N 29 13.62 36.75 -8.89
CA GLN N 29 14.99 36.25 -8.92
C GLN N 29 15.55 36.29 -10.34
N TYR N 30 14.71 36.01 -11.34
CA TYR N 30 15.15 36.15 -12.73
C TYR N 30 15.53 37.58 -13.05
N ILE N 31 14.73 38.55 -12.59
CA ILE N 31 15.06 39.96 -12.81
C ILE N 31 16.36 40.31 -12.11
N ASN N 32 16.54 39.84 -10.88
CA ASN N 32 17.77 40.12 -10.14
C ASN N 32 18.98 39.57 -10.86
N LEU N 33 18.87 38.36 -11.42
CA LEU N 33 19.96 37.81 -12.22
C LEU N 33 20.17 38.60 -13.50
N THR N 34 19.09 39.12 -14.09
CA THR N 34 19.22 39.95 -15.28
C THR N 34 20.01 41.22 -14.98
N GLN N 35 19.77 41.85 -13.84
CA GLN N 35 20.46 43.08 -13.49
C GLN N 35 21.93 42.86 -13.10
N CYS N 36 22.51 41.67 -13.26
CA CYS N 36 23.90 41.47 -12.92
C CYS N 36 24.81 42.17 -13.93
N ASP N 37 26.09 42.30 -13.55
CA ASP N 37 27.09 42.94 -14.39
C ASP N 37 28.12 41.97 -14.95
N THR N 38 28.57 41.01 -14.16
CA THR N 38 29.55 40.02 -14.60
C THR N 38 29.11 38.64 -14.13
N LEU N 39 29.80 37.62 -14.63
CA LEU N 39 29.46 36.24 -14.27
C LEU N 39 29.70 35.97 -12.79
N GLU N 40 30.70 36.64 -12.19
CA GLU N 40 30.92 36.50 -10.75
C GLU N 40 29.74 37.05 -9.97
N ASP N 41 29.19 38.19 -10.40
CA ASP N 41 27.98 38.72 -9.77
C ASP N 41 26.81 37.77 -9.95
N LEU N 42 26.71 37.13 -11.12
CA LEU N 42 25.65 36.15 -11.34
C LEU N 42 25.79 34.97 -10.39
N LYS N 43 27.02 34.49 -10.19
CA LYS N 43 27.24 33.39 -9.25
C LYS N 43 26.89 33.81 -7.83
N LEU N 44 27.28 35.03 -7.43
CA LEU N 44 26.96 35.51 -6.10
C LEU N 44 25.46 35.64 -5.90
N GLN N 45 24.75 36.10 -6.92
CA GLN N 45 23.29 36.19 -6.84
C GLN N 45 22.66 34.80 -6.76
N LEU N 46 23.16 33.85 -7.55
CA LEU N 46 22.65 32.48 -7.48
C LEU N 46 22.95 31.82 -6.15
N SER N 47 23.98 32.29 -5.43
CA SER N 47 24.24 31.76 -4.10
C SER N 47 23.08 32.04 -3.15
N SER N 48 22.48 33.24 -3.26
CA SER N 48 21.34 33.58 -2.43
C SER N 48 20.10 32.78 -2.77
N THR N 49 20.03 32.19 -3.97
CA THR N 49 18.89 31.39 -4.37
C THR N 49 19.04 29.98 -3.78
N ASP N 50 18.20 29.06 -4.22
CA ASP N 50 18.25 27.69 -3.74
C ASP N 50 19.28 26.84 -4.49
N TYR N 51 20.00 27.42 -5.44
CA TYR N 51 21.16 26.74 -6.02
C TYR N 51 22.23 26.51 -4.96
N GLY N 52 22.28 27.35 -3.94
CA GLY N 52 23.31 27.23 -2.92
C GLY N 52 24.67 27.62 -3.47
N ASN N 53 25.71 27.07 -2.84
CA ASN N 53 27.08 27.34 -3.26
C ASN N 53 27.57 26.24 -4.22
N PHE N 54 26.83 26.09 -5.32
CA PHE N 54 27.19 25.09 -6.32
C PHE N 54 28.38 25.52 -7.17
N LEU N 55 28.64 26.83 -7.25
CA LEU N 55 29.81 27.36 -7.93
C LEU N 55 30.88 27.83 -6.96
N SER N 56 30.82 27.36 -5.71
CA SER N 56 31.79 27.79 -4.71
C SER N 56 33.20 27.36 -5.09
N SER N 57 33.36 26.12 -5.57
CA SER N 57 34.69 25.62 -5.92
C SER N 57 35.24 26.32 -7.16
N VAL N 58 34.37 26.82 -8.03
CA VAL N 58 34.81 27.45 -9.26
C VAL N 58 35.46 28.79 -8.95
N SER N 59 36.65 29.01 -9.50
CA SER N 59 37.36 30.27 -9.32
C SER N 59 36.75 31.37 -10.19
N SER N 60 37.16 32.61 -9.92
CA SER N 60 36.64 33.74 -10.67
C SER N 60 37.02 33.67 -12.14
N GLU N 61 38.27 33.32 -12.44
CA GLU N 61 38.70 33.26 -13.83
C GLU N 61 38.16 32.05 -14.55
N SER N 62 37.92 30.94 -13.83
CA SER N 62 37.37 29.75 -14.46
C SER N 62 35.88 29.89 -14.72
N LEU N 63 35.21 30.81 -14.04
CA LEU N 63 33.78 31.00 -14.20
C LEU N 63 33.43 31.40 -15.62
N THR N 64 32.69 30.54 -16.31
CA THR N 64 32.30 30.77 -17.69
C THR N 64 30.86 30.30 -17.87
N THR N 65 30.20 30.83 -18.88
CA THR N 65 28.81 30.46 -19.15
C THR N 65 28.65 28.98 -19.40
N SER N 66 29.58 28.39 -20.16
CA SER N 66 29.53 26.94 -20.38
C SER N 66 29.69 26.18 -19.06
N LEU N 67 30.61 26.65 -18.21
CA LEU N 67 30.82 25.98 -16.93
C LEU N 67 29.64 26.18 -15.99
N ILE N 68 29.01 27.35 -16.03
CA ILE N 68 27.80 27.59 -15.24
C ILE N 68 26.69 26.64 -15.68
N GLN N 69 26.51 26.50 -17.01
CA GLN N 69 25.53 25.55 -17.52
C GLN N 69 25.86 24.13 -17.10
N GLU N 70 27.15 23.75 -17.14
CA GLU N 70 27.55 22.42 -16.75
C GLU N 70 27.21 22.14 -15.29
N TYR N 71 27.52 23.10 -14.40
CA TYR N 71 27.23 22.89 -12.98
C TYR N 71 25.74 22.86 -12.70
N ALA N 72 24.96 23.75 -13.35
CA ALA N 72 23.52 23.74 -13.14
C ALA N 72 22.90 22.44 -13.63
N SER N 73 23.31 21.98 -14.81
CA SER N 73 22.81 20.71 -15.33
C SER N 73 23.22 19.55 -14.43
N SER N 74 24.45 19.57 -13.93
CA SER N 74 24.91 18.50 -13.04
C SER N 74 24.09 18.46 -11.76
N LYS N 75 23.80 19.63 -11.19
CA LYS N 75 22.96 19.67 -9.99
C LYS N 75 21.55 19.14 -10.29
N LEU N 76 20.97 19.56 -11.41
CA LEU N 76 19.64 19.08 -11.78
C LEU N 76 19.62 17.56 -11.95
N TYR N 77 20.63 17.01 -12.62
CA TYR N 77 20.64 15.58 -12.88
C TYR N 77 20.96 14.80 -11.61
N HIS N 78 21.79 15.35 -10.72
CA HIS N 78 22.00 14.73 -9.42
C HIS N 78 20.71 14.67 -8.63
N GLU N 79 19.92 15.76 -8.64
CA GLU N 79 18.64 15.75 -7.96
C GLU N 79 17.70 14.71 -8.56
N PHE N 80 17.64 14.64 -9.90
CA PHE N 80 16.77 13.67 -10.56
C PHE N 80 17.18 12.24 -10.24
N ASN N 81 18.48 11.96 -10.27
CA ASN N 81 18.94 10.60 -9.97
C ASN N 81 18.75 10.26 -8.50
N TYR N 82 18.89 11.24 -7.60
CA TYR N 82 18.57 10.99 -6.20
C TYR N 82 17.10 10.65 -6.02
N ILE N 83 16.22 11.39 -6.70
CA ILE N 83 14.78 11.12 -6.58
C ILE N 83 14.45 9.75 -7.16
N ARG N 84 15.05 9.40 -8.29
CA ARG N 84 14.84 8.08 -8.87
C ARG N 84 15.34 6.97 -7.96
N ASP N 85 16.50 7.19 -7.33
CA ASP N 85 17.11 6.19 -6.46
C ASP N 85 16.39 6.04 -5.13
N GLN N 86 15.44 6.92 -4.81
CA GLN N 86 14.61 6.78 -3.63
C GLN N 86 13.22 6.23 -3.96
N SER N 87 12.97 5.87 -5.21
CA SER N 87 11.68 5.39 -5.65
C SER N 87 11.81 4.00 -6.27
N SER N 88 10.71 3.24 -6.22
CA SER N 88 10.71 1.88 -6.73
C SER N 88 9.35 1.56 -7.33
N GLY N 89 9.34 0.56 -8.20
CA GLY N 89 8.09 0.09 -8.77
C GLY N 89 7.64 0.96 -9.92
N SER N 90 6.37 1.38 -9.86
CA SER N 90 5.79 2.18 -10.94
C SER N 90 6.52 3.52 -11.07
N THR N 91 6.90 4.12 -9.94
CA THR N 91 7.63 5.38 -9.98
C THR N 91 9.01 5.20 -10.61
N ARG N 92 9.69 4.09 -10.28
CA ARG N 92 11.00 3.82 -10.88
C ARG N 92 10.87 3.61 -12.38
N LYS N 93 9.85 2.88 -12.82
CA LYS N 93 9.61 2.71 -14.25
C LYS N 93 9.29 4.05 -14.92
N PHE N 94 8.54 4.90 -14.23
CA PHE N 94 8.24 6.23 -14.73
C PHE N 94 9.51 7.05 -14.93
N MET N 95 10.41 7.01 -13.95
CA MET N 95 11.68 7.72 -14.07
C MET N 95 12.52 7.15 -15.21
N ASP N 96 12.54 5.83 -15.36
CA ASP N 96 13.29 5.23 -16.46
C ASP N 96 12.73 5.66 -17.80
N TYR N 97 11.40 5.70 -17.93
CA TYR N 97 10.79 6.16 -19.16
C TYR N 97 11.12 7.62 -19.43
N ILE N 98 11.18 8.44 -18.38
CA ILE N 98 11.63 9.82 -18.56
C ILE N 98 13.05 9.86 -19.11
N THR N 99 13.94 9.02 -18.55
CA THR N 99 15.32 9.01 -19.00
C THR N 99 15.46 8.55 -20.44
N TYR N 100 14.55 7.66 -20.89
CA TYR N 100 14.66 7.11 -22.24
C TYR N 100 14.58 8.21 -23.30
N GLY N 101 13.80 9.26 -23.04
CA GLY N 101 13.71 10.35 -23.99
C GLY N 101 15.03 11.05 -24.22
N TYR N 102 15.79 11.29 -23.15
CA TYR N 102 17.12 11.85 -23.28
C TYR N 102 18.09 10.83 -23.86
N MET N 103 17.88 9.54 -23.58
CA MET N 103 18.77 8.51 -24.10
C MET N 103 18.67 8.43 -25.63
N ILE N 104 17.47 8.57 -26.17
CA ILE N 104 17.30 8.57 -27.63
C ILE N 104 18.04 9.75 -28.26
N ASP N 105 17.90 10.93 -27.66
CA ASP N 105 18.63 12.10 -28.16
C ASP N 105 20.13 11.89 -28.05
N ASN N 106 20.58 11.23 -26.98
CA ASN N 106 22.01 10.95 -26.81
C ASN N 106 22.54 10.05 -27.92
N VAL N 107 21.80 8.97 -28.22
CA VAL N 107 22.26 8.06 -29.26
C VAL N 107 22.23 8.73 -30.62
N ALA N 108 21.22 9.58 -30.87
CA ALA N 108 21.18 10.32 -32.12
C ALA N 108 22.35 11.29 -32.25
N LEU N 109 22.67 12.00 -31.17
CA LEU N 109 23.79 12.93 -31.19
C LEU N 109 25.11 12.20 -31.40
N MET N 110 25.27 11.04 -30.74
CA MET N 110 26.49 10.24 -30.93
C MET N 110 26.62 9.77 -32.37
N ILE N 111 25.53 9.33 -32.99
CA ILE N 111 25.61 8.90 -34.38
C ILE N 111 25.91 10.08 -35.30
N THR N 112 25.27 11.23 -35.04
CA THR N 112 25.55 12.41 -35.85
C THR N 112 27.01 12.81 -35.75
N GLY N 113 27.59 12.74 -34.56
CA GLY N 113 29.01 12.98 -34.41
C GLY N 113 29.87 11.92 -35.09
N THR N 114 29.41 10.67 -35.09
CA THR N 114 30.16 9.59 -35.72
C THR N 114 30.31 9.81 -37.21
N ILE N 115 29.21 10.14 -37.90
CA ILE N 115 29.35 10.48 -39.31
C ILE N 115 30.07 11.82 -39.49
N HIS N 116 29.79 12.80 -38.61
CA HIS N 116 30.43 14.10 -38.72
C HIS N 116 31.88 14.09 -38.28
N ASP N 117 32.34 13.03 -37.59
CA ASP N 117 33.72 12.90 -37.15
C ASP N 117 34.15 14.08 -36.28
N ARG N 118 33.27 14.52 -35.39
CA ARG N 118 33.59 15.61 -34.49
C ARG N 118 34.52 15.12 -33.37
N ASP N 119 34.99 16.06 -32.56
CA ASP N 119 35.88 15.73 -31.46
C ASP N 119 35.16 14.84 -30.45
N LYS N 120 35.85 13.78 -30.00
CA LYS N 120 35.23 12.84 -29.09
C LYS N 120 34.90 13.48 -27.74
N GLY N 121 35.81 14.31 -27.22
CA GLY N 121 35.57 14.94 -25.93
C GLY N 121 34.35 15.84 -25.94
N GLU N 122 34.24 16.68 -26.97
CA GLU N 122 33.07 17.56 -27.07
C GLU N 122 31.80 16.76 -27.32
N ILE N 123 31.91 15.67 -28.06
CA ILE N 123 30.74 14.83 -28.32
C ILE N 123 30.23 14.22 -27.01
N LEU N 124 31.15 13.72 -26.18
CA LEU N 124 30.75 13.21 -24.86
C LEU N 124 30.19 14.32 -23.99
N GLN N 125 30.80 15.51 -24.02
CA GLN N 125 30.34 16.60 -23.17
C GLN N 125 28.93 17.05 -23.55
N ARG N 126 28.63 17.13 -24.84
CA ARG N 126 27.31 17.59 -25.27
C ARG N 126 26.20 16.60 -24.94
N CYS N 127 26.53 15.33 -24.75
CA CYS N 127 25.50 14.32 -24.51
C CYS N 127 24.85 14.50 -23.14
N HIS N 128 23.57 14.20 -23.07
CA HIS N 128 22.82 14.32 -21.82
C HIS N 128 23.16 13.15 -20.91
N PRO N 129 23.73 13.39 -19.74
CA PRO N 129 24.17 12.27 -18.90
C PRO N 129 23.06 11.50 -18.22
N LEU N 130 21.81 11.97 -18.28
CA LEU N 130 20.70 11.19 -17.71
C LEU N 130 20.45 9.94 -18.54
N GLY N 131 20.34 10.09 -19.86
CA GLY N 131 20.18 8.94 -20.70
C GLY N 131 21.54 8.39 -21.07
N TRP N 132 21.99 7.38 -20.33
CA TRP N 132 23.31 6.79 -20.56
C TRP N 132 23.20 5.28 -20.39
N PHE N 133 23.13 4.58 -21.51
CA PHE N 133 23.30 3.14 -21.56
C PHE N 133 24.77 2.79 -21.73
N ASP N 134 25.15 1.61 -21.23
CA ASP N 134 26.56 1.29 -21.02
C ASP N 134 27.36 1.34 -22.32
N THR N 135 26.72 1.08 -23.46
CA THR N 135 27.40 1.07 -24.75
C THR N 135 27.26 2.39 -25.49
N LEU N 136 26.95 3.48 -24.78
CA LEU N 136 26.80 4.77 -25.43
C LEU N 136 28.09 5.28 -26.07
N PRO N 137 29.26 5.24 -25.41
CA PRO N 137 30.49 5.67 -26.10
C PRO N 137 30.86 4.80 -27.28
N THR N 138 30.35 3.56 -27.36
CA THR N 138 30.54 2.73 -28.53
C THR N 138 29.98 3.39 -29.79
N LEU N 139 28.97 4.24 -29.62
CA LEU N 139 28.31 4.88 -30.75
C LEU N 139 29.24 5.76 -31.57
N SER N 140 30.40 6.14 -31.01
CA SER N 140 31.32 7.01 -31.72
C SER N 140 31.95 6.35 -32.93
N VAL N 141 31.79 5.04 -33.11
CA VAL N 141 32.40 4.31 -34.21
C VAL N 141 31.34 3.60 -35.06
N ALA N 142 30.34 2.99 -34.42
CA ALA N 142 29.34 2.22 -35.14
C ALA N 142 28.50 3.12 -36.04
N THR N 143 28.29 2.68 -37.28
CA THR N 143 27.52 3.48 -38.23
C THR N 143 26.37 2.73 -38.89
N ASP N 144 26.55 1.46 -39.26
CA ASP N 144 25.50 0.73 -39.94
C ASP N 144 24.33 0.46 -38.99
N LEU N 145 23.10 0.77 -39.44
CA LEU N 145 21.96 0.71 -38.53
C LEU N 145 21.63 -0.73 -38.14
N GLU N 146 21.85 -1.69 -39.04
CA GLU N 146 21.69 -3.09 -38.66
C GLU N 146 22.72 -3.49 -37.61
N SER N 147 23.99 -3.17 -37.85
CA SER N 147 25.02 -3.39 -36.84
C SER N 147 24.73 -2.56 -35.60
N LEU N 148 24.30 -1.30 -35.80
CA LEU N 148 23.82 -0.47 -34.70
C LEU N 148 22.87 -1.24 -33.79
N TYR N 149 21.76 -1.70 -34.36
CA TYR N 149 20.71 -2.33 -33.56
C TYR N 149 21.23 -3.59 -32.89
N GLU N 150 21.84 -4.49 -33.66
CA GLU N 150 22.25 -5.79 -33.12
C GLU N 150 23.32 -5.66 -32.04
N THR N 151 24.24 -4.71 -32.18
CA THR N 151 25.33 -4.61 -31.21
C THR N 151 25.07 -3.61 -30.10
N VAL N 152 24.06 -2.74 -30.24
CA VAL N 152 23.82 -1.71 -29.22
C VAL N 152 22.37 -1.72 -28.76
N LEU N 153 21.44 -1.56 -29.71
CA LEU N 153 20.08 -1.20 -29.34
C LEU N 153 19.30 -2.36 -28.72
N VAL N 154 19.67 -3.61 -29.02
CA VAL N 154 19.03 -4.73 -28.34
C VAL N 154 19.42 -4.76 -26.87
N ASP N 155 20.66 -4.36 -26.57
CA ASP N 155 21.11 -4.33 -25.17
C ASP N 155 20.35 -3.29 -24.37
N THR N 156 20.10 -2.13 -24.97
CA THR N 156 19.46 -1.03 -24.29
C THR N 156 17.96 -1.27 -24.13
N PRO N 157 17.33 -0.59 -23.17
CA PRO N 157 15.86 -0.58 -23.13
C PRO N 157 15.21 0.13 -24.30
N LEU N 158 16.00 0.60 -25.28
CA LEU N 158 15.45 1.15 -26.52
C LEU N 158 15.13 0.08 -27.54
N ALA N 159 15.37 -1.20 -27.22
CA ALA N 159 15.10 -2.28 -28.17
C ALA N 159 13.64 -2.34 -28.62
N PRO N 160 12.64 -2.26 -27.73
CA PRO N 160 11.25 -2.32 -28.22
C PRO N 160 10.87 -1.18 -29.14
N TYR N 161 11.59 -0.06 -29.10
CA TYR N 161 11.25 1.10 -29.92
C TYR N 161 11.81 1.03 -31.33
N PHE N 162 12.60 0.01 -31.65
CA PHE N 162 13.21 -0.14 -32.97
C PHE N 162 12.55 -1.33 -33.65
N LYS N 163 11.46 -1.07 -34.38
CA LYS N 163 10.69 -2.12 -35.03
C LYS N 163 10.65 -2.00 -36.54
N ASN N 164 10.26 -0.85 -37.07
CA ASN N 164 10.00 -0.70 -38.50
C ASN N 164 11.09 0.06 -39.24
N CYS N 165 12.26 0.23 -38.63
CA CYS N 165 13.34 0.97 -39.27
C CYS N 165 14.19 0.11 -40.20
N PHE N 166 13.91 -1.19 -40.29
CA PHE N 166 14.69 -2.06 -41.17
C PHE N 166 14.33 -1.87 -42.64
N ASP N 167 13.22 -1.20 -42.94
CA ASP N 167 12.81 -1.03 -44.33
C ASP N 167 13.78 -0.15 -45.11
N THR N 168 14.37 0.85 -44.45
CA THR N 168 15.20 1.83 -45.13
C THR N 168 16.54 1.22 -45.56
N ALA N 169 17.32 2.00 -46.31
CA ALA N 169 18.59 1.54 -46.83
C ALA N 169 19.58 1.27 -45.69
N GLU N 170 20.46 0.29 -45.91
CA GLU N 170 21.40 -0.13 -44.87
C GLU N 170 22.46 0.93 -44.62
N GLU N 171 22.89 1.65 -45.65
CA GLU N 171 23.81 2.76 -45.42
C GLU N 171 23.11 3.88 -44.69
N LEU N 172 23.80 4.48 -43.73
CA LEU N 172 23.22 5.48 -42.84
C LEU N 172 23.85 6.85 -43.11
N ASP N 173 23.00 7.86 -43.27
CA ASP N 173 23.46 9.24 -43.40
C ASP N 173 22.66 10.16 -42.48
N ASP N 174 22.80 11.48 -42.67
CA ASP N 174 22.11 12.42 -41.80
C ASP N 174 20.60 12.28 -41.89
N MET N 175 20.06 12.12 -43.10
CA MET N 175 18.63 11.89 -43.24
C MET N 175 18.21 10.60 -42.57
N ASN N 176 19.02 9.55 -42.72
CA ASN N 176 18.71 8.27 -42.10
C ASN N 176 18.70 8.38 -40.58
N ILE N 177 19.69 9.06 -39.99
CA ILE N 177 19.70 9.17 -38.54
C ILE N 177 18.55 10.05 -38.06
N GLU N 178 18.19 11.09 -38.81
CA GLU N 178 17.04 11.91 -38.41
C GLU N 178 15.76 11.09 -38.41
N ILE N 179 15.51 10.32 -39.47
CA ILE N 179 14.28 9.54 -39.52
C ILE N 179 14.31 8.42 -38.49
N ILE N 180 15.49 7.84 -38.22
CA ILE N 180 15.60 6.82 -37.18
C ILE N 180 15.28 7.41 -35.81
N ARG N 181 15.80 8.61 -35.52
CA ARG N 181 15.46 9.27 -34.27
C ARG N 181 13.96 9.52 -34.17
N ASN N 182 13.34 10.00 -35.24
CA ASN N 182 11.91 10.28 -35.21
C ASN N 182 11.10 9.01 -34.96
N LYS N 183 11.43 7.93 -35.68
CA LYS N 183 10.70 6.68 -35.50
C LYS N 183 10.91 6.10 -34.10
N LEU N 184 12.15 6.10 -33.62
CA LEU N 184 12.43 5.58 -32.29
C LEU N 184 11.69 6.37 -31.22
N TYR N 185 11.69 7.70 -31.33
CA TYR N 185 11.06 8.49 -30.28
C TYR N 185 9.54 8.38 -30.37
N LYS N 186 8.99 8.21 -31.58
CA LYS N 186 7.56 7.96 -31.70
C LYS N 186 7.17 6.64 -31.03
N ALA N 187 7.94 5.59 -31.28
CA ALA N 187 7.65 4.31 -30.63
C ALA N 187 7.80 4.43 -29.11
N TYR N 188 8.81 5.16 -28.66
CA TYR N 188 8.96 5.40 -27.23
C TYR N 188 7.77 6.16 -26.65
N LEU N 189 7.25 7.14 -27.38
CA LEU N 189 6.08 7.88 -26.92
C LEU N 189 4.86 6.96 -26.82
N GLU N 190 4.67 6.09 -27.81
CA GLU N 190 3.55 5.15 -27.73
C GLU N 190 3.68 4.23 -26.52
N ASP N 191 4.89 3.69 -26.31
CA ASP N 191 5.09 2.79 -25.18
C ASP N 191 4.90 3.52 -23.85
N PHE N 192 5.41 4.75 -23.75
CA PHE N 192 5.26 5.52 -22.52
C PHE N 192 3.81 5.89 -22.27
N TYR N 193 3.07 6.24 -23.32
CA TYR N 193 1.65 6.53 -23.15
C TYR N 193 0.89 5.30 -22.69
N ASN N 194 1.21 4.12 -23.25
CA ASN N 194 0.59 2.89 -22.79
C ASN N 194 0.92 2.62 -21.33
N PHE N 195 2.18 2.81 -20.94
CA PHE N 195 2.58 2.58 -19.56
C PHE N 195 1.85 3.52 -18.61
N VAL N 196 1.71 4.79 -19.01
CA VAL N 196 0.97 5.76 -18.19
C VAL N 196 -0.49 5.35 -18.06
N THR N 197 -1.09 4.93 -19.18
CA THR N 197 -2.51 4.56 -19.14
C THR N 197 -2.75 3.34 -18.26
N GLU N 198 -1.90 2.32 -18.35
CA GLU N 198 -2.15 1.09 -17.61
C GLU N 198 -1.70 1.19 -16.15
N GLU N 199 -0.46 1.63 -15.92
CA GLU N 199 0.13 1.56 -14.60
C GLU N 199 0.01 2.85 -13.80
N ILE N 200 0.24 4.00 -14.41
CA ILE N 200 0.19 5.27 -13.67
C ILE N 200 -1.26 5.56 -13.31
N PRO N 201 -1.58 5.82 -12.04
CA PRO N 201 -2.98 5.98 -11.62
C PRO N 201 -3.46 7.42 -11.72
N GLU N 202 -4.78 7.56 -11.56
CA GLU N 202 -5.42 8.87 -11.55
C GLU N 202 -4.99 9.64 -10.29
N PRO N 203 -4.83 10.97 -10.38
CA PRO N 203 -4.99 11.86 -11.53
C PRO N 203 -3.72 12.02 -12.36
N ALA N 204 -2.65 11.33 -11.96
CA ALA N 204 -1.41 11.40 -12.72
C ALA N 204 -1.58 10.78 -14.10
N LYS N 205 -2.49 9.82 -14.24
CA LYS N 205 -2.71 9.19 -15.54
C LYS N 205 -3.21 10.20 -16.56
N GLU N 206 -4.28 10.93 -16.22
CA GLU N 206 -4.83 11.92 -17.16
C GLU N 206 -3.86 13.07 -17.38
N CYS N 207 -3.20 13.53 -16.32
CA CYS N 207 -2.27 14.66 -16.44
C CYS N 207 -1.11 14.30 -17.36
N MET N 208 -0.51 13.12 -17.18
CA MET N 208 0.59 12.75 -18.05
C MET N 208 0.11 12.34 -19.44
N GLN N 209 -1.13 11.87 -19.58
CA GLN N 209 -1.66 11.66 -20.91
C GLN N 209 -1.75 12.98 -21.67
N THR N 210 -2.24 14.03 -21.00
CA THR N 210 -2.28 15.35 -21.63
C THR N 210 -0.88 15.86 -21.94
N LEU N 211 0.06 15.68 -21.01
CA LEU N 211 1.43 16.15 -21.22
C LEU N 211 2.08 15.42 -22.38
N LEU N 212 1.90 14.10 -22.46
CA LEU N 212 2.46 13.33 -23.57
C LEU N 212 1.77 13.67 -24.88
N GLY N 213 0.48 13.98 -24.85
CA GLY N 213 -0.17 14.46 -26.06
C GLY N 213 0.42 15.78 -26.54
N PHE N 214 0.69 16.70 -25.61
CA PHE N 214 1.35 17.95 -25.97
C PHE N 214 2.74 17.69 -26.55
N GLU N 215 3.51 16.81 -25.93
CA GLU N 215 4.84 16.51 -26.44
C GLU N 215 4.78 15.88 -27.83
N ALA N 216 3.83 14.96 -28.04
CA ALA N 216 3.67 14.33 -29.34
C ALA N 216 3.27 15.35 -30.40
N ASP N 217 2.34 16.26 -30.07
CA ASP N 217 1.97 17.30 -31.02
C ASP N 217 3.16 18.21 -31.33
N ARG N 218 3.93 18.58 -30.30
CA ARG N 218 5.10 19.42 -30.51
C ARG N 218 6.09 18.79 -31.47
N ARG N 219 6.44 17.52 -31.22
CA ARG N 219 7.41 16.87 -32.09
C ARG N 219 6.83 16.54 -33.46
N SER N 220 5.51 16.31 -33.55
CA SER N 220 4.90 16.13 -34.86
C SER N 220 5.03 17.41 -35.70
N ILE N 221 4.75 18.56 -35.08
CA ILE N 221 4.91 19.83 -35.78
C ILE N 221 6.36 20.05 -36.16
N ASN N 222 7.28 19.76 -35.24
CA ASN N 222 8.70 19.94 -35.53
C ASN N 222 9.16 19.05 -36.68
N ILE N 223 8.73 17.78 -36.68
CA ILE N 223 9.10 16.86 -37.74
C ILE N 223 8.53 17.30 -39.08
N ALA N 224 7.26 17.73 -39.09
CA ALA N 224 6.65 18.19 -40.33
C ALA N 224 7.37 19.41 -40.88
N LEU N 225 7.73 20.35 -40.01
CA LEU N 225 8.40 21.57 -40.49
C LEU N 225 9.82 21.28 -40.93
N ASN N 226 10.51 20.36 -40.24
CA ASN N 226 11.87 20.02 -40.63
C ASN N 226 11.92 19.18 -41.91
N SER N 227 10.87 18.41 -42.19
CA SER N 227 10.79 17.66 -43.43
C SER N 227 10.19 18.47 -44.57
N LEU N 228 9.55 19.60 -44.27
CA LEU N 228 9.00 20.44 -45.33
C LEU N 228 10.11 21.00 -46.21
N GLN N 229 11.22 21.43 -45.61
CA GLN N 229 12.35 21.93 -46.38
C GLN N 229 13.02 20.85 -47.20
N SER N 230 12.85 19.58 -46.84
CA SER N 230 13.40 18.48 -47.61
C SER N 230 12.41 18.01 -48.67
N SER N 231 12.94 17.63 -49.83
CA SER N 231 12.13 17.21 -50.96
C SER N 231 12.11 15.69 -51.14
N ASP N 232 12.68 14.94 -50.20
CA ASP N 232 12.72 13.50 -50.27
C ASP N 232 11.77 12.82 -49.28
N ILE N 233 10.74 13.53 -48.85
CA ILE N 233 9.82 13.03 -47.83
C ILE N 233 8.59 12.44 -48.52
N ASP N 234 8.18 11.26 -48.06
CA ASP N 234 7.00 10.58 -48.58
C ASP N 234 5.84 10.76 -47.62
N PRO N 235 4.68 11.24 -48.10
CA PRO N 235 3.57 11.51 -47.16
C PRO N 235 3.13 10.31 -46.36
N ASP N 236 3.12 9.11 -46.95
CA ASP N 236 2.71 7.92 -46.20
C ASP N 236 3.79 7.50 -45.21
N LEU N 237 5.06 7.63 -45.58
CA LEU N 237 6.15 7.25 -44.69
C LEU N 237 6.26 8.19 -43.50
N LYS N 238 5.83 9.43 -43.66
CA LYS N 238 5.89 10.39 -42.56
C LYS N 238 4.97 10.02 -41.41
N SER N 239 3.94 9.20 -41.66
CA SER N 239 3.08 8.74 -40.59
C SER N 239 3.85 7.89 -39.59
N ASP N 240 4.88 7.17 -40.04
CA ASP N 240 5.74 6.43 -39.14
C ASP N 240 6.65 7.34 -38.31
N LEU N 241 6.69 8.64 -38.62
CA LEU N 241 7.49 9.58 -37.87
C LEU N 241 6.67 10.44 -36.91
N LEU N 242 5.44 10.79 -37.27
CA LEU N 242 4.60 11.60 -36.41
C LEU N 242 3.96 10.72 -35.33
N PRO N 243 4.09 11.06 -34.05
CA PRO N 243 3.51 10.22 -32.99
C PRO N 243 1.99 10.21 -33.08
N ASN N 244 1.41 9.08 -32.66
CA ASN N 244 -0.02 8.85 -32.78
C ASN N 244 -0.76 8.97 -31.45
N ILE N 245 -0.11 9.49 -30.41
CA ILE N 245 -0.74 9.60 -29.09
C ILE N 245 -1.19 11.03 -28.78
N GLY N 246 -0.78 12.01 -29.58
CA GLY N 246 -1.12 13.39 -29.31
C GLY N 246 -2.56 13.73 -29.66
N LYS N 247 -2.95 14.96 -29.31
CA LYS N 247 -4.28 15.44 -29.64
C LYS N 247 -4.49 15.57 -31.14
N LEU N 248 -3.41 15.71 -31.91
CA LEU N 248 -3.55 15.81 -33.36
C LEU N 248 -4.08 14.51 -33.96
N TYR N 249 -3.72 13.38 -33.38
CA TYR N 249 -4.19 12.10 -33.87
C TYR N 249 -5.70 12.01 -33.73
N PRO N 250 -6.42 11.45 -34.73
CA PRO N 250 -5.85 10.97 -35.99
C PRO N 250 -6.01 11.93 -37.18
N LEU N 251 -7.01 12.81 -37.13
CA LEU N 251 -7.33 13.64 -38.28
C LEU N 251 -6.22 14.65 -38.58
N ALA N 252 -5.78 15.38 -37.56
CA ALA N 252 -4.75 16.39 -37.78
C ALA N 252 -3.42 15.76 -38.18
N THR N 253 -3.09 14.62 -37.59
CA THR N 253 -1.88 13.91 -38.00
C THR N 253 -1.97 13.45 -39.45
N PHE N 254 -3.15 12.97 -39.86
CA PHE N 254 -3.35 12.58 -41.26
C PHE N 254 -3.16 13.76 -42.19
N HIS N 255 -3.75 14.91 -41.85
CA HIS N 255 -3.61 16.10 -42.69
C HIS N 255 -2.16 16.58 -42.73
N LEU N 256 -1.46 16.51 -41.59
CA LEU N 256 -0.05 16.87 -41.57
C LEU N 256 0.77 15.94 -42.44
N ALA N 257 0.45 14.65 -42.43
CA ALA N 257 1.12 13.71 -43.32
C ALA N 257 0.89 14.07 -44.79
N GLN N 258 -0.33 14.47 -45.13
CA GLN N 258 -0.60 14.94 -46.48
C GLN N 258 -0.24 16.40 -46.69
N ALA N 259 0.18 17.12 -45.64
CA ALA N 259 0.57 18.51 -45.80
C ALA N 259 1.93 18.62 -46.48
N GLN N 260 2.04 19.52 -47.45
CA GLN N 260 3.29 19.75 -48.17
C GLN N 260 3.75 21.20 -48.14
N ASP N 261 2.98 22.12 -47.59
CA ASP N 261 3.32 23.54 -47.54
C ASP N 261 3.03 24.09 -46.16
N PHE N 262 3.65 25.23 -45.85
CA PHE N 262 3.43 25.86 -44.55
C PHE N 262 1.97 26.20 -44.34
N GLU N 263 1.30 26.74 -45.38
CA GLU N 263 -0.14 26.93 -45.30
C GLU N 263 -0.87 25.60 -45.16
N GLY N 264 -0.37 24.55 -45.82
CA GLY N 264 -0.93 23.23 -45.61
C GLY N 264 -0.77 22.74 -44.19
N VAL N 265 0.38 23.03 -43.58
CA VAL N 265 0.59 22.65 -42.18
C VAL N 265 -0.37 23.42 -41.27
N ARG N 266 -0.57 24.71 -41.55
CA ARG N 266 -1.51 25.49 -40.76
C ARG N 266 -2.93 24.95 -40.91
N ALA N 267 -3.32 24.58 -42.13
CA ALA N 267 -4.65 24.00 -42.33
C ALA N 267 -4.78 22.67 -41.60
N ALA N 268 -3.71 21.87 -41.59
CA ALA N 268 -3.72 20.61 -40.85
C ALA N 268 -3.89 20.87 -39.36
N LEU N 269 -3.22 21.88 -38.83
CA LEU N 269 -3.30 22.23 -37.41
C LEU N 269 -4.56 23.02 -37.07
N ALA N 270 -5.36 23.41 -38.06
CA ALA N 270 -6.58 24.15 -37.80
C ALA N 270 -7.59 23.36 -36.98
N ASN N 271 -7.43 22.04 -36.88
CA ASN N 271 -8.34 21.24 -36.07
C ASN N 271 -8.24 21.63 -34.59
N VAL N 272 -7.03 21.88 -34.11
CA VAL N 272 -6.80 22.23 -32.71
C VAL N 272 -6.61 23.74 -32.61
N TYR N 273 -7.28 24.35 -31.63
CA TYR N 273 -7.23 25.80 -31.49
C TYR N 273 -5.92 26.26 -30.86
N GLU N 274 -5.35 25.46 -29.97
CA GLU N 274 -4.16 25.89 -29.22
C GLU N 274 -2.96 26.10 -30.14
N TYR N 275 -2.80 25.22 -31.12
CA TYR N 275 -1.60 25.24 -31.98
C TYR N 275 -1.76 26.13 -33.20
N ARG N 276 -2.93 26.73 -33.42
CA ARG N 276 -3.10 27.62 -34.57
C ARG N 276 -2.33 28.91 -34.38
N GLY N 277 -2.45 29.54 -33.21
CA GLY N 277 -1.75 30.78 -32.95
C GLY N 277 -0.24 30.63 -32.89
N PHE N 278 0.24 29.42 -32.63
CA PHE N 278 1.69 29.20 -32.58
C PHE N 278 2.33 29.42 -33.95
N LEU N 279 1.70 28.89 -35.01
CA LEU N 279 2.16 29.16 -36.36
C LEU N 279 1.58 30.44 -36.94
N GLU N 280 0.56 31.02 -36.30
CA GLU N 280 -0.01 32.25 -36.83
C GLU N 280 0.99 33.40 -36.78
N THR N 281 1.74 33.53 -35.68
CA THR N 281 2.72 34.59 -35.54
C THR N 281 3.70 34.22 -34.43
N GLY N 282 4.77 35.00 -34.32
CA GLY N 282 5.72 34.86 -33.24
C GLY N 282 6.67 33.70 -33.43
N ASN N 283 7.53 33.51 -32.42
CA ASN N 283 8.50 32.43 -32.43
C ASN N 283 7.82 31.14 -31.99
N LEU N 284 7.86 30.12 -32.87
CA LEU N 284 7.14 28.88 -32.60
C LEU N 284 7.68 28.15 -31.38
N GLU N 285 9.01 28.05 -31.26
CA GLU N 285 9.60 27.35 -30.13
C GLU N 285 9.33 28.09 -28.83
N ASP N 286 9.31 29.42 -28.85
CA ASP N 286 8.98 30.19 -27.67
C ASP N 286 7.55 29.87 -27.21
N HIS N 287 6.61 29.78 -28.15
CA HIS N 287 5.23 29.44 -27.80
C HIS N 287 5.14 28.03 -27.24
N PHE N 288 5.85 27.08 -27.86
CA PHE N 288 5.87 25.71 -27.32
C PHE N 288 6.39 25.68 -25.89
N TYR N 289 7.49 26.38 -25.63
CA TYR N 289 8.06 26.37 -24.28
C TYR N 289 7.13 27.06 -23.29
N GLN N 290 6.48 28.16 -23.71
CA GLN N 290 5.55 28.85 -22.82
C GLN N 290 4.37 27.96 -22.46
N LEU N 291 3.79 27.27 -23.46
CA LEU N 291 2.66 26.39 -23.15
C LEU N 291 3.11 25.17 -22.34
N GLU N 292 4.35 24.70 -22.56
CA GLU N 292 4.86 23.61 -21.73
C GLU N 292 5.00 24.06 -20.28
N MET N 293 5.47 25.29 -20.05
CA MET N 293 5.56 25.80 -18.69
C MET N 293 4.17 25.96 -18.07
N GLU N 294 3.20 26.42 -18.86
CA GLU N 294 1.83 26.54 -18.35
C GLU N 294 1.27 25.17 -17.98
N LEU N 295 1.53 24.16 -18.81
CA LEU N 295 1.06 22.81 -18.50
C LEU N 295 1.75 22.25 -17.27
N CYS N 296 3.04 22.55 -17.09
CA CYS N 296 3.74 22.13 -15.87
C CYS N 296 3.14 22.79 -14.64
N ARG N 297 2.83 24.08 -14.74
CA ARG N 297 2.20 24.79 -13.63
C ARG N 297 0.84 24.18 -13.30
N ASP N 298 0.05 23.84 -14.32
CA ASP N 298 -1.23 23.18 -14.09
C ASP N 298 -1.02 21.81 -13.48
N ALA N 299 0.03 21.10 -13.90
CA ALA N 299 0.32 19.78 -13.33
C ALA N 299 0.69 19.86 -11.86
N PHE N 300 1.36 20.94 -11.45
CA PHE N 300 1.71 21.10 -10.05
C PHE N 300 0.52 21.46 -9.17
N THR N 301 -0.63 21.78 -9.76
CA THR N 301 -1.82 22.05 -8.95
C THR N 301 -2.38 20.78 -8.34
N GLN N 302 -2.23 19.64 -9.02
CA GLN N 302 -2.76 18.38 -8.53
C GLN N 302 -1.84 17.79 -7.47
N GLN N 303 -2.41 17.39 -6.35
CA GLN N 303 -1.67 16.77 -5.26
C GLN N 303 -1.79 15.25 -5.36
N PHE N 304 -0.77 14.55 -4.85
CA PHE N 304 -0.70 13.10 -4.90
C PHE N 304 -0.68 12.60 -6.34
N ALA N 305 0.02 13.31 -7.21
CA ALA N 305 0.16 12.95 -8.61
C ALA N 305 1.64 12.87 -8.95
N ILE N 306 2.05 11.79 -9.61
CA ILE N 306 3.45 11.62 -9.98
C ILE N 306 3.84 12.44 -11.20
N SER N 307 2.86 13.01 -11.90
CA SER N 307 3.15 13.91 -13.00
C SER N 307 3.89 15.16 -12.54
N THR N 308 3.86 15.46 -11.24
CA THR N 308 4.61 16.59 -10.72
C THR N 308 6.11 16.38 -10.91
N VAL N 309 6.56 15.12 -10.97
CA VAL N 309 7.98 14.87 -11.24
C VAL N 309 8.34 15.33 -12.65
N TRP N 310 7.53 14.98 -13.63
CA TRP N 310 7.77 15.43 -15.00
C TRP N 310 7.66 16.94 -15.11
N ALA N 311 6.66 17.52 -14.44
CA ALA N 311 6.50 18.97 -14.46
C ALA N 311 7.73 19.67 -13.86
N TRP N 312 8.22 19.17 -12.73
CA TRP N 312 9.46 19.68 -12.16
C TRP N 312 10.63 19.55 -13.10
N MET N 313 10.78 18.39 -13.73
CA MET N 313 11.98 18.20 -14.53
C MET N 313 11.97 19.12 -15.74
N LYS N 314 10.83 19.25 -16.41
CA LYS N 314 10.74 20.20 -17.51
C LYS N 314 10.95 21.63 -17.04
N SER N 315 10.36 21.99 -15.89
CA SER N 315 10.49 23.35 -15.39
C SER N 315 11.93 23.70 -15.07
N LYS N 316 12.67 22.78 -14.43
CA LYS N 316 14.03 23.12 -14.06
C LYS N 316 15.00 22.95 -15.23
N GLU N 317 14.67 22.11 -16.22
CA GLU N 317 15.45 22.15 -17.45
C GLU N 317 15.31 23.49 -18.14
N GLN N 318 14.08 24.03 -18.19
CA GLN N 318 13.88 25.37 -18.72
C GLN N 318 14.60 26.41 -17.86
N GLU N 319 14.63 26.19 -16.54
CA GLU N 319 15.33 27.11 -15.64
C GLU N 319 16.83 27.12 -15.93
N VAL N 320 17.42 25.95 -16.16
CA VAL N 320 18.85 25.89 -16.51
C VAL N 320 19.09 26.55 -17.85
N ARG N 321 18.17 26.37 -18.80
CA ARG N 321 18.29 27.04 -20.08
C ARG N 321 18.25 28.57 -19.90
N ASN N 322 17.35 29.06 -19.05
CA ASN N 322 17.26 30.50 -18.80
C ASN N 322 18.53 31.01 -18.11
N ILE N 323 19.07 30.26 -17.17
CA ILE N 323 20.31 30.65 -16.51
C ILE N 323 21.45 30.73 -17.52
N THR N 324 21.53 29.74 -18.41
CA THR N 324 22.56 29.76 -19.44
C THR N 324 22.39 30.96 -20.37
N TRP N 325 21.15 31.26 -20.75
CA TRP N 325 20.90 32.41 -21.62
C TRP N 325 21.32 33.71 -20.94
N ILE N 326 20.96 33.87 -19.66
CA ILE N 326 21.31 35.08 -18.93
C ILE N 326 22.81 35.20 -18.77
N ALA N 327 23.49 34.08 -18.46
CA ALA N 327 24.94 34.11 -18.31
C ALA N 327 25.62 34.47 -19.61
N GLU N 328 25.15 33.90 -20.73
CA GLU N 328 25.74 34.23 -22.03
C GLU N 328 25.51 35.69 -22.39
N CYS N 329 24.31 36.21 -22.13
CA CYS N 329 24.04 37.61 -22.42
C CYS N 329 24.89 38.54 -21.55
N ILE N 330 25.14 38.15 -20.31
CA ILE N 330 25.98 38.97 -19.43
C ILE N 330 27.43 38.93 -19.88
N ALA N 331 27.94 37.74 -20.22
CA ALA N 331 29.32 37.62 -20.66
C ALA N 331 29.56 38.38 -21.96
N GLN N 332 28.62 38.28 -22.91
CA GLN N 332 28.73 39.01 -24.16
C GLN N 332 28.29 40.47 -24.03
N ASN N 333 27.67 40.83 -22.90
CA ASN N 333 27.17 42.18 -22.65
C ASN N 333 26.14 42.63 -23.68
N GLN N 334 25.48 41.68 -24.35
CA GLN N 334 24.43 41.97 -25.32
C GLN N 334 23.09 41.76 -24.63
N ARG N 335 22.72 42.73 -23.80
CA ARG N 335 21.51 42.65 -22.99
C ARG N 335 20.28 43.20 -23.72
N GLU N 336 20.30 43.25 -25.05
CA GLU N 336 19.14 43.70 -25.79
C GLU N 336 17.96 42.74 -25.60
N ARG N 337 18.23 41.44 -25.62
CA ARG N 337 17.20 40.42 -25.43
C ARG N 337 17.48 39.57 -24.19
N ILE N 338 18.09 40.18 -23.17
CA ILE N 338 18.42 39.45 -21.95
C ILE N 338 17.15 39.02 -21.22
N ASN N 339 16.05 39.76 -21.39
CA ASN N 339 14.78 39.46 -20.74
C ASN N 339 13.94 38.47 -21.55
N ASN N 340 14.54 37.73 -22.46
CA ASN N 340 13.81 36.75 -23.26
C ASN N 340 13.86 35.37 -22.59
N TYR N 341 13.37 35.33 -21.36
CA TYR N 341 13.29 34.10 -20.58
C TYR N 341 11.83 33.78 -20.31
N ILE N 342 11.55 32.49 -20.16
CA ILE N 342 10.19 31.99 -19.95
C ILE N 342 10.10 31.47 -18.52
N SER N 343 9.18 32.04 -17.75
CA SER N 343 8.96 31.65 -16.37
C SER N 343 7.48 31.76 -16.04
N VAL N 344 7.00 30.86 -15.19
CA VAL N 344 5.61 30.85 -14.77
C VAL N 344 5.46 30.88 -13.25
N TYR N 345 6.52 30.58 -12.50
CA TYR N 345 6.46 30.56 -11.05
C TYR N 345 6.79 31.92 -10.46
N GLU O 3 23.41 45.48 37.01
CA GLU O 3 23.33 44.03 37.15
C GLU O 3 22.60 43.40 35.97
N LYS O 4 23.11 42.27 35.49
CA LYS O 4 22.50 41.58 34.37
C LYS O 4 21.19 40.92 34.80
N GLU O 5 20.12 41.19 34.07
CA GLU O 5 18.82 40.60 34.38
C GLU O 5 18.85 39.10 34.09
N GLU O 6 18.32 38.33 35.04
CA GLU O 6 18.21 36.88 34.89
C GLU O 6 16.95 36.59 34.07
N ALA O 7 17.09 36.66 32.74
CA ALA O 7 15.94 36.56 31.83
C ALA O 7 15.66 35.09 31.56
N ILE O 8 14.97 34.46 32.51
CA ILE O 8 14.50 33.09 32.36
C ILE O 8 12.99 33.02 32.29
N PHE O 9 12.29 33.89 33.02
CA PHE O 9 10.84 33.92 32.99
C PHE O 9 10.33 34.56 31.70
N ARG O 10 11.01 35.61 31.25
CA ARG O 10 10.71 36.29 30.00
C ARG O 10 12.00 36.51 29.23
N SER O 11 11.86 36.92 27.97
CA SER O 11 13.03 37.25 27.17
C SER O 11 13.72 38.48 27.74
N ALA O 12 15.02 38.59 27.45
CA ALA O 12 15.80 39.72 27.94
C ALA O 12 15.36 41.01 27.26
N GLU O 13 15.28 42.08 28.05
CA GLU O 13 14.94 43.39 27.50
C GLU O 13 16.04 43.83 26.53
N MET O 14 15.62 44.31 25.36
CA MET O 14 16.55 44.70 24.31
C MET O 14 16.30 46.13 23.87
N ALA O 15 17.37 46.83 23.52
CA ALA O 15 17.30 48.17 22.96
C ALA O 15 18.06 48.17 21.64
N LEU O 16 17.44 48.70 20.60
CA LEU O 16 18.10 48.82 19.30
C LEU O 16 19.16 49.90 19.38
N VAL O 17 20.40 49.55 19.09
CA VAL O 17 21.53 50.44 19.23
C VAL O 17 22.10 50.74 17.85
N GLN O 18 22.47 52.01 17.63
CA GLN O 18 23.02 52.47 16.37
C GLN O 18 24.51 52.75 16.54
N PHE O 19 25.33 52.21 15.65
CA PHE O 19 26.77 52.40 15.67
C PHE O 19 27.17 53.38 14.58
N TYR O 20 27.83 54.47 14.97
CA TYR O 20 28.37 55.43 14.02
C TYR O 20 29.87 55.17 13.87
N ILE O 21 30.18 54.13 13.10
CA ILE O 21 31.54 53.65 12.96
C ILE O 21 32.18 54.34 11.75
N PRO O 22 33.25 55.10 11.92
CA PRO O 22 34.02 55.56 10.76
C PRO O 22 34.79 54.42 10.13
N GLN O 23 35.10 54.57 8.83
CA GLN O 23 35.87 53.55 8.14
C GLN O 23 37.30 53.45 8.64
N GLU O 24 37.81 54.48 9.32
CA GLU O 24 39.17 54.44 9.83
C GLU O 24 39.34 53.34 10.87
N ILE O 25 38.30 53.04 11.63
CA ILE O 25 38.35 52.02 12.68
C ILE O 25 37.23 51.02 12.50
N SER O 26 36.69 50.93 11.28
CA SER O 26 35.55 50.04 11.04
C SER O 26 35.92 48.58 11.24
N ARG O 27 37.09 48.18 10.75
CA ARG O 27 37.52 46.79 10.90
C ARG O 27 37.72 46.43 12.37
N ASP O 28 38.36 47.32 13.14
CA ASP O 28 38.56 47.06 14.56
C ASP O 28 37.24 47.05 15.32
N SER O 29 36.31 47.93 14.95
CA SER O 29 35.00 47.94 15.60
C SER O 29 34.24 46.66 15.32
N ALA O 30 34.29 46.16 14.08
CA ALA O 30 33.65 44.89 13.77
C ALA O 30 34.31 43.75 14.54
N TYR O 31 35.64 43.78 14.65
CA TYR O 31 36.36 42.80 15.47
C TYR O 31 35.87 42.79 16.91
N THR O 32 35.78 43.98 17.52
CA THR O 32 35.36 44.04 18.92
C THR O 32 33.91 43.63 19.10
N LEU O 33 33.04 44.03 18.16
CA LEU O 33 31.64 43.65 18.25
C LEU O 33 31.45 42.14 18.08
N GLY O 34 32.26 41.51 17.23
CA GLY O 34 32.20 40.06 17.11
C GLY O 34 32.82 39.34 18.29
N GLN O 35 33.84 39.93 18.91
CA GLN O 35 34.42 39.33 20.11
C GLN O 35 33.46 39.41 21.28
N LEU O 36 32.70 40.50 21.40
CA LEU O 36 31.70 40.61 22.46
C LEU O 36 30.64 39.54 22.31
N GLY O 37 30.14 39.33 21.09
CA GLY O 37 29.11 38.35 20.85
C GLY O 37 27.78 38.67 21.50
N LEU O 38 27.44 39.96 21.60
CA LEU O 38 26.19 40.39 22.23
C LEU O 38 25.32 41.22 21.31
N VAL O 39 25.67 41.35 20.04
CA VAL O 39 24.96 42.22 19.11
C VAL O 39 24.42 41.36 17.97
N GLN O 40 23.11 41.43 17.77
CA GLN O 40 22.47 40.84 16.59
C GLN O 40 22.22 41.99 15.62
N PHE O 41 23.05 42.08 14.59
CA PHE O 41 23.01 43.22 13.70
C PHE O 41 21.79 43.17 12.79
N ARG O 42 21.16 44.32 12.60
CA ARG O 42 20.04 44.42 11.68
C ARG O 42 20.54 44.62 10.25
N ASP O 43 19.75 44.14 9.29
CA ASP O 43 20.08 44.25 7.88
C ASP O 43 19.59 45.60 7.37
N LEU O 44 20.37 46.65 7.68
CA LEU O 44 20.02 47.99 7.23
C LEU O 44 20.13 48.15 5.72
N ASN O 45 20.99 47.35 5.07
CA ASN O 45 21.27 47.50 3.65
C ASN O 45 20.54 46.45 2.81
N SER O 46 19.38 46.01 3.28
CA SER O 46 18.62 44.98 2.57
C SER O 46 17.92 45.52 1.34
N LYS O 47 17.74 46.84 1.26
CA LYS O 47 17.05 47.42 0.11
C LYS O 47 17.83 47.19 -1.18
N VAL O 48 19.16 47.32 -1.12
CA VAL O 48 19.98 47.09 -2.31
C VAL O 48 20.11 45.59 -2.55
N ARG O 49 20.16 45.20 -3.81
CA ARG O 49 20.32 43.79 -4.15
C ARG O 49 21.79 43.38 -3.97
N ALA O 50 22.04 42.08 -4.15
CA ALA O 50 23.37 41.54 -3.96
C ALA O 50 24.34 42.11 -5.00
N PHE O 51 25.61 41.73 -4.86
CA PHE O 51 26.72 42.11 -5.75
C PHE O 51 26.76 43.61 -6.01
N GLN O 52 26.13 44.40 -5.14
CA GLN O 52 26.13 45.85 -5.24
C GLN O 52 26.43 46.50 -3.89
N ARG O 53 26.51 45.72 -2.83
CA ARG O 53 26.71 46.24 -1.49
C ARG O 53 28.11 46.84 -1.35
N THR O 54 28.34 47.47 -0.19
CA THR O 54 29.55 48.29 -0.01
C THR O 54 30.81 47.44 -0.08
N PHE O 55 30.83 46.30 0.62
CA PHE O 55 32.03 45.49 0.76
C PHE O 55 31.91 44.16 0.02
N VAL O 56 31.30 44.17 -1.17
CA VAL O 56 31.09 42.92 -1.90
C VAL O 56 32.42 42.38 -2.43
N ASN O 57 33.31 43.25 -2.91
CA ASN O 57 34.57 42.78 -3.47
C ASN O 57 35.46 42.16 -2.41
N GLU O 58 35.53 42.78 -1.24
CA GLU O 58 36.37 42.26 -0.16
C GLU O 58 35.80 41.00 0.48
N ILE O 59 34.47 40.82 0.45
CA ILE O 59 33.90 39.55 0.85
C ILE O 59 34.20 38.48 -0.20
N ARG O 60 34.15 38.85 -1.48
CA ARG O 60 34.45 37.88 -2.54
C ARG O 60 35.90 37.42 -2.47
N ARG O 61 36.81 38.34 -2.14
CA ARG O 61 38.22 37.97 -2.02
C ARG O 61 38.41 36.92 -0.92
N LEU O 62 37.79 37.13 0.24
CA LEU O 62 37.92 36.17 1.32
C LEU O 62 37.17 34.87 1.02
N ASP O 63 36.09 34.95 0.24
CA ASP O 63 35.43 33.72 -0.20
C ASP O 63 36.35 32.92 -1.12
N ASN O 64 37.07 33.60 -2.01
CA ASN O 64 38.05 32.92 -2.85
C ASN O 64 39.15 32.29 -2.02
N VAL O 65 39.63 33.01 -0.99
CA VAL O 65 40.67 32.45 -0.12
C VAL O 65 40.13 31.24 0.65
N GLU O 66 38.87 31.29 1.08
CA GLU O 66 38.27 30.15 1.75
C GLU O 66 38.14 28.96 0.81
N ARG O 67 37.79 29.22 -0.45
CA ARG O 67 37.75 28.15 -1.44
C ARG O 67 39.12 27.53 -1.63
N GLN O 68 40.17 28.36 -1.68
CA GLN O 68 41.52 27.85 -1.81
C GLN O 68 41.91 27.01 -0.61
N TYR O 69 41.53 27.45 0.60
CA TYR O 69 41.82 26.67 1.80
C TYR O 69 41.06 25.36 1.81
N ARG O 70 39.83 25.36 1.31
CA ARG O 70 39.07 24.12 1.20
C ARG O 70 39.74 23.17 0.20
N TYR O 71 40.26 23.71 -0.90
CA TYR O 71 41.01 22.88 -1.84
C TYR O 71 42.27 22.31 -1.20
N PHE O 72 42.95 23.12 -0.38
CA PHE O 72 44.12 22.63 0.36
C PHE O 72 43.71 21.50 1.32
N TYR O 73 42.58 21.65 1.99
CA TYR O 73 42.10 20.60 2.87
C TYR O 73 41.75 19.34 2.09
N SER O 74 41.18 19.50 0.91
CA SER O 74 40.90 18.33 0.07
C SER O 74 42.18 17.62 -0.34
N LEU O 75 43.22 18.39 -0.68
CA LEU O 75 44.51 17.79 -1.00
C LEU O 75 45.09 17.07 0.22
N LEU O 76 44.96 17.67 1.40
CA LEU O 76 45.45 17.03 2.62
C LEU O 76 44.70 15.74 2.91
N LYS O 77 43.40 15.71 2.61
CA LYS O 77 42.62 14.51 2.85
C LYS O 77 42.93 13.41 1.83
N LYS O 78 43.07 13.78 0.56
CA LYS O 78 43.32 12.78 -0.47
C LYS O 78 44.72 12.18 -0.32
N HIS O 79 45.73 13.03 -0.11
CA HIS O 79 47.06 12.60 0.27
C HIS O 79 47.09 12.58 1.79
N ASP O 80 46.70 11.45 2.37
CA ASP O 80 46.31 11.35 3.78
C ASP O 80 47.29 12.03 4.72
N ILE O 81 46.84 13.11 5.37
CA ILE O 81 47.65 13.89 6.30
C ILE O 81 46.72 14.43 7.38
N LYS O 82 47.12 14.24 8.64
CA LYS O 82 46.34 14.76 9.75
C LYS O 82 46.52 16.27 9.85
N LEU O 83 45.40 16.99 9.94
CA LEU O 83 45.45 18.44 10.02
C LEU O 83 45.63 18.87 11.47
N TYR O 84 46.62 19.74 11.70
CA TYR O 84 46.91 20.22 13.05
C TYR O 84 45.91 21.31 13.43
N GLU O 85 45.18 21.07 14.51
CA GLU O 85 44.19 22.04 14.97
C GLU O 85 44.86 23.29 15.51
N GLY O 86 44.19 24.43 15.31
CA GLY O 86 44.73 25.70 15.76
C GLY O 86 44.54 25.93 17.25
N ASP O 87 45.11 27.02 17.73
CA ASP O 87 45.03 27.38 19.14
C ASP O 87 43.71 28.08 19.40
N THR O 88 42.74 27.34 19.95
CA THR O 88 41.46 27.94 20.28
C THR O 88 41.58 28.96 21.40
N ASP O 89 42.48 28.72 22.36
CA ASP O 89 42.67 29.63 23.48
C ASP O 89 43.30 30.95 23.07
N LYS O 90 43.89 31.04 21.88
CA LYS O 90 44.47 32.31 21.44
C LYS O 90 43.42 33.39 21.28
N TYR O 91 42.27 33.04 20.68
CA TYR O 91 41.16 33.96 20.54
C TYR O 91 40.13 33.82 21.66
N LEU O 92 40.32 32.86 22.57
CA LEU O 92 39.45 32.59 23.72
C LEU O 92 38.12 31.98 23.29
N ASP O 93 37.89 31.91 21.98
CA ASP O 93 36.71 31.31 21.36
C ASP O 93 35.42 31.56 22.13
N GLY O 94 35.24 32.77 22.62
CA GLY O 94 34.05 33.10 23.37
C GLY O 94 34.31 34.19 24.38
N SER O 95 33.32 34.43 25.22
CA SER O 95 33.35 35.43 26.28
C SER O 95 33.52 36.84 25.72
N GLY O 96 33.52 37.84 26.60
CA GLY O 96 33.67 39.22 26.21
C GLY O 96 35.10 39.73 26.13
N GLU O 97 36.08 38.86 26.34
CA GLU O 97 37.47 39.30 26.30
C GLU O 97 37.90 39.70 24.90
N LEU O 98 38.72 40.73 24.81
CA LEU O 98 39.22 41.23 23.54
C LEU O 98 40.67 40.80 23.34
N TYR O 99 40.98 40.31 22.16
CA TYR O 99 42.34 39.95 21.78
C TYR O 99 42.85 40.91 20.72
N VAL O 100 44.17 40.92 20.54
CA VAL O 100 44.79 41.73 19.49
C VAL O 100 44.44 41.11 18.15
N PRO O 101 43.76 41.83 17.27
CA PRO O 101 43.28 41.23 16.03
C PRO O 101 44.32 41.30 14.94
N PRO O 102 44.22 40.44 13.92
CA PRO O 102 45.18 40.51 12.80
C PRO O 102 45.06 41.84 12.07
N SER O 103 46.20 42.32 11.55
CA SER O 103 46.22 43.55 10.80
C SER O 103 45.77 43.30 9.36
N GLY O 104 45.46 44.40 8.66
CA GLY O 104 45.10 44.30 7.26
C GLY O 104 46.22 43.76 6.41
N SER O 105 47.47 44.12 6.74
CA SER O 105 48.63 43.58 6.04
C SER O 105 48.72 42.07 6.23
N VAL O 106 48.36 41.57 7.42
CA VAL O 106 48.36 40.13 7.64
C VAL O 106 47.35 39.44 6.72
N ILE O 107 46.17 40.04 6.57
CA ILE O 107 45.15 39.46 5.70
C ILE O 107 45.61 39.50 4.25
N ASP O 108 46.22 40.60 3.82
CA ASP O 108 46.72 40.68 2.45
C ASP O 108 47.81 39.64 2.21
N ASP O 109 48.70 39.44 3.20
CA ASP O 109 49.72 38.41 3.08
C ASP O 109 49.08 37.02 3.00
N TYR O 110 48.04 36.78 3.79
CA TYR O 110 47.33 35.51 3.72
C TYR O 110 46.75 35.29 2.32
N VAL O 111 46.13 36.33 1.76
CA VAL O 111 45.51 36.19 0.44
C VAL O 111 46.57 35.91 -0.63
N ARG O 112 47.65 36.69 -0.64
CA ARG O 112 48.68 36.50 -1.65
C ARG O 112 49.37 35.14 -1.51
N ASN O 113 49.65 34.74 -0.27
CA ASN O 113 50.27 33.44 -0.04
C ASN O 113 49.35 32.32 -0.47
N ALA O 114 48.06 32.43 -0.16
CA ALA O 114 47.11 31.40 -0.56
C ALA O 114 47.02 31.29 -2.07
N SER O 115 46.99 32.43 -2.78
CA SER O 115 46.91 32.38 -4.24
C SER O 115 48.17 31.76 -4.84
N TYR O 116 49.35 32.24 -4.42
CA TYR O 116 50.60 31.73 -4.97
C TYR O 116 50.77 30.24 -4.66
N LEU O 117 50.42 29.84 -3.44
CA LEU O 117 50.61 28.45 -3.04
C LEU O 117 49.56 27.55 -3.68
N GLU O 118 48.37 28.07 -3.96
CA GLU O 118 47.41 27.32 -4.77
C GLU O 118 47.94 27.09 -6.17
N GLU O 119 48.55 28.13 -6.77
CA GLU O 119 49.15 27.95 -8.09
C GLU O 119 50.23 26.86 -8.06
N ARG O 120 51.11 26.93 -7.06
CA ARG O 120 52.16 25.93 -6.93
C ARG O 120 51.58 24.53 -6.73
N LEU O 121 50.56 24.42 -5.87
CA LEU O 121 49.99 23.11 -5.56
C LEU O 121 49.26 22.53 -6.75
N ILE O 122 48.54 23.35 -7.52
CA ILE O 122 47.84 22.81 -8.69
C ILE O 122 48.85 22.40 -9.76
N GLN O 123 49.94 23.15 -9.93
CA GLN O 123 50.98 22.73 -10.87
C GLN O 123 51.59 21.39 -10.44
N MET O 124 51.96 21.28 -9.17
CA MET O 124 52.57 20.04 -8.69
C MET O 124 51.58 18.88 -8.73
N GLU O 125 50.30 19.14 -8.46
CA GLU O 125 49.29 18.09 -8.51
C GLU O 125 49.06 17.62 -9.93
N ASP O 126 49.08 18.54 -10.91
CA ASP O 126 48.96 18.12 -12.30
C ASP O 126 50.16 17.27 -12.71
N ALA O 127 51.37 17.68 -12.32
CA ALA O 127 52.55 16.88 -12.64
C ALA O 127 52.45 15.50 -12.00
N THR O 128 52.06 15.45 -10.72
CA THR O 128 51.94 14.16 -10.03
C THR O 128 50.87 13.29 -10.68
N ASP O 129 49.75 13.90 -11.09
CA ASP O 129 48.67 13.14 -11.72
C ASP O 129 49.11 12.56 -13.05
N GLN O 130 49.81 13.34 -13.87
CA GLN O 130 50.28 12.80 -15.15
C GLN O 130 51.31 11.70 -14.95
N ILE O 131 52.22 11.88 -13.98
CA ILE O 131 53.20 10.84 -13.69
C ILE O 131 52.50 9.58 -13.20
N GLU O 132 51.49 9.74 -12.33
CA GLU O 132 50.77 8.59 -11.79
C GLU O 132 49.99 7.86 -12.87
N VAL O 133 49.37 8.60 -13.79
CA VAL O 133 48.57 7.95 -14.83
C VAL O 133 49.48 7.22 -15.82
N GLN O 134 50.63 7.79 -16.17
CA GLN O 134 51.54 7.07 -17.06
C GLN O 134 52.15 5.86 -16.35
N LYS O 135 52.43 5.98 -15.05
CA LYS O 135 52.92 4.83 -14.29
C LYS O 135 51.86 3.74 -14.21
N ASN O 136 50.59 4.12 -14.05
CA ASN O 136 49.51 3.14 -14.03
C ASN O 136 49.37 2.45 -15.38
N ASP O 137 49.49 3.20 -16.47
CA ASP O 137 49.45 2.60 -17.81
C ASP O 137 50.59 1.60 -17.98
N LEU O 138 51.80 1.99 -17.55
CA LEU O 138 52.94 1.08 -17.65
C LEU O 138 52.76 -0.14 -16.75
N GLU O 139 52.14 0.03 -15.58
CA GLU O 139 51.89 -1.12 -14.71
C GLU O 139 50.89 -2.08 -15.33
N GLN O 140 49.84 -1.55 -15.96
CA GLN O 140 48.89 -2.41 -16.66
C GLN O 140 49.58 -3.14 -17.81
N TYR O 141 50.45 -2.45 -18.53
CA TYR O 141 51.21 -3.08 -19.62
C TYR O 141 52.12 -4.17 -19.09
N ARG O 142 52.76 -3.93 -17.94
CA ARG O 142 53.58 -4.96 -17.31
C ARG O 142 52.73 -6.17 -16.92
N PHE O 143 51.54 -5.93 -16.35
CA PHE O 143 50.68 -7.04 -15.97
C PHE O 143 50.25 -7.86 -17.18
N ILE O 144 49.87 -7.18 -18.28
CA ILE O 144 49.43 -7.93 -19.45
C ILE O 144 50.60 -8.67 -20.08
N LEU O 145 51.83 -8.15 -19.94
CA LEU O 145 52.99 -8.91 -20.37
C LEU O 145 53.33 -10.07 -19.43
N GLN O 146 52.89 -10.00 -18.18
CA GLN O 146 53.20 -11.02 -17.18
C GLN O 146 52.20 -12.17 -17.19
N SER O 147 51.20 -12.15 -18.07
CA SER O 147 50.22 -13.21 -18.11
C SER O 147 50.84 -14.51 -18.63
N GLY O 148 50.16 -15.61 -18.35
CA GLY O 148 50.65 -16.90 -18.77
C GLY O 148 50.60 -17.10 -20.27
N ASP O 149 51.33 -18.12 -20.73
CA ASP O 149 51.38 -18.42 -22.16
C ASP O 149 50.02 -18.85 -22.69
N GLU O 150 49.26 -19.63 -21.91
CA GLU O 150 47.95 -20.10 -22.35
C GLU O 150 46.95 -18.97 -22.50
N PHE O 151 47.23 -17.79 -21.92
CA PHE O 151 46.29 -16.68 -22.01
C PHE O 151 46.19 -16.16 -23.45
N PHE O 152 47.28 -16.17 -24.19
CA PHE O 152 47.33 -15.64 -25.54
C PHE O 152 47.17 -16.71 -26.62
N LEU O 153 46.90 -17.95 -26.23
CA LEU O 153 46.79 -19.06 -27.16
C LEU O 153 45.38 -19.65 -27.08
N LYS O 154 44.62 -19.52 -28.16
CA LYS O 154 43.28 -20.09 -28.25
C LYS O 154 42.81 -20.14 -29.71
N VAL O 184 48.29 -8.24 -37.13
CA VAL O 184 47.84 -8.26 -35.75
C VAL O 184 46.71 -9.27 -35.59
N ASN O 185 46.75 -10.03 -34.49
CA ASN O 185 45.78 -11.09 -34.23
C ASN O 185 44.93 -10.86 -33.00
N TYR O 186 45.14 -9.77 -32.26
CA TYR O 186 44.42 -9.60 -30.99
C TYR O 186 44.42 -8.14 -30.59
N VAL O 187 43.52 -7.82 -29.64
CA VAL O 187 43.34 -6.48 -29.10
C VAL O 187 43.59 -6.47 -27.61
N THR O 188 44.52 -7.31 -27.14
CA THR O 188 44.74 -7.47 -25.71
C THR O 188 44.96 -6.13 -25.02
N GLY O 189 44.30 -5.96 -23.88
CA GLY O 189 44.32 -4.71 -23.17
C GLY O 189 43.73 -4.86 -21.79
N VAL O 190 43.48 -3.71 -21.15
CA VAL O 190 43.00 -3.68 -19.77
C VAL O 190 41.70 -2.86 -19.75
N ILE O 191 40.65 -3.44 -19.18
CA ILE O 191 39.39 -2.75 -18.98
C ILE O 191 38.90 -3.04 -17.57
N ALA O 192 38.07 -2.15 -17.05
CA ALA O 192 37.52 -2.32 -15.71
C ALA O 192 36.49 -3.44 -15.70
N ARG O 193 36.36 -4.10 -14.54
CA ARG O 193 35.37 -5.16 -14.40
C ARG O 193 33.95 -4.63 -14.44
N ASP O 194 33.75 -3.32 -14.26
CA ASP O 194 32.43 -2.75 -14.40
C ASP O 194 31.91 -2.85 -15.83
N LYS O 195 32.80 -2.98 -16.80
CA LYS O 195 32.43 -3.02 -18.21
C LYS O 195 32.92 -4.28 -18.93
N VAL O 196 33.55 -5.21 -18.22
CA VAL O 196 34.11 -6.38 -18.88
C VAL O 196 33.00 -7.27 -19.46
N ALA O 197 31.88 -7.40 -18.74
CA ALA O 197 30.76 -8.17 -19.27
C ALA O 197 30.14 -7.48 -20.47
N THR O 198 29.97 -6.15 -20.38
CA THR O 198 29.40 -5.41 -21.50
C THR O 198 30.32 -5.48 -22.71
N LEU O 199 31.63 -5.35 -22.50
CA LEU O 199 32.58 -5.49 -23.59
C LEU O 199 32.50 -6.88 -24.21
N GLU O 200 32.47 -7.91 -23.35
CA GLU O 200 32.35 -9.28 -23.83
C GLU O 200 31.14 -9.44 -24.73
N GLN O 201 29.98 -8.99 -24.26
CA GLN O 201 28.75 -9.26 -24.97
C GLN O 201 28.65 -8.43 -26.25
N ILE O 202 29.09 -7.17 -26.21
CA ILE O 202 29.07 -6.35 -27.41
C ILE O 202 30.05 -6.87 -28.45
N LEU O 203 31.21 -7.38 -28.02
CA LEU O 203 32.15 -7.98 -28.96
C LEU O 203 31.58 -9.26 -29.55
N TRP O 204 30.84 -10.03 -28.74
CA TRP O 204 30.16 -11.20 -29.26
C TRP O 204 29.17 -10.83 -30.34
N ARG O 205 28.36 -9.80 -30.10
CA ARG O 205 27.38 -9.41 -31.11
C ARG O 205 28.03 -8.78 -32.33
N VAL O 206 29.19 -8.15 -32.16
CA VAL O 206 29.91 -7.61 -33.32
C VAL O 206 30.49 -8.73 -34.17
N LEU O 207 31.10 -9.73 -33.53
CA LEU O 207 31.78 -10.80 -34.23
C LEU O 207 30.90 -12.04 -34.43
N ARG O 208 29.62 -11.95 -34.12
CA ARG O 208 28.66 -13.06 -34.25
C ARG O 208 29.16 -14.21 -33.38
N GLY O 209 29.41 -15.40 -33.93
CA GLY O 209 29.86 -16.51 -33.12
C GLY O 209 31.36 -16.72 -33.16
N ASN O 210 32.10 -15.68 -33.57
CA ASN O 210 33.55 -15.73 -33.70
C ASN O 210 34.27 -15.03 -32.55
N LEU O 211 33.72 -15.11 -31.34
CA LEU O 211 34.32 -14.46 -30.19
C LEU O 211 35.24 -15.43 -29.46
N PHE O 212 36.44 -14.97 -29.14
CA PHE O 212 37.41 -15.71 -28.34
C PHE O 212 37.86 -14.85 -27.16
N PHE O 213 36.90 -14.27 -26.47
CA PHE O 213 37.15 -13.30 -25.40
C PHE O 213 37.70 -14.05 -24.19
N LYS O 214 39.01 -13.97 -24.00
CA LYS O 214 39.66 -14.51 -22.81
C LYS O 214 40.11 -13.35 -21.93
N THR O 215 39.72 -13.40 -20.65
CA THR O 215 39.99 -12.31 -19.73
C THR O 215 40.54 -12.84 -18.42
N VAL O 216 41.38 -12.03 -17.77
CA VAL O 216 41.89 -12.30 -16.44
C VAL O 216 41.62 -11.07 -15.58
N GLU O 217 41.90 -11.21 -14.28
CA GLU O 217 41.60 -10.16 -13.31
C GLU O 217 42.90 -9.65 -12.68
N ILE O 218 42.95 -8.34 -12.47
CA ILE O 218 44.02 -7.72 -11.68
C ILE O 218 43.58 -7.76 -10.22
N GLU O 219 44.32 -8.51 -9.39
CA GLU O 219 43.91 -8.69 -8.01
C GLU O 219 43.97 -7.38 -7.22
N GLN O 220 45.02 -6.60 -7.41
CA GLN O 220 45.16 -5.35 -6.68
C GLN O 220 44.17 -4.31 -7.22
N PRO O 221 43.67 -3.43 -6.36
CA PRO O 221 42.83 -2.33 -6.85
C PRO O 221 43.67 -1.31 -7.61
N VAL O 222 43.11 -0.83 -8.72
CA VAL O 222 43.81 0.10 -9.61
C VAL O 222 43.26 1.49 -9.37
N TYR O 223 44.12 2.40 -8.91
CA TYR O 223 43.75 3.79 -8.67
C TYR O 223 43.98 4.61 -9.93
N ASP O 224 43.04 5.50 -10.23
CA ASP O 224 43.10 6.34 -11.42
C ASP O 224 42.94 7.80 -11.02
N VAL O 225 43.64 8.68 -11.73
CA VAL O 225 43.56 10.11 -11.46
C VAL O 225 42.45 10.79 -12.24
N LYS O 226 41.89 10.14 -13.26
CA LYS O 226 40.79 10.74 -14.01
C LYS O 226 39.56 10.93 -13.15
N THR O 227 39.25 9.95 -12.30
CA THR O 227 38.09 10.02 -11.42
C THR O 227 38.46 10.12 -9.95
N ARG O 228 39.75 10.09 -9.61
CA ARG O 228 40.23 10.18 -8.24
C ARG O 228 39.63 9.09 -7.36
N GLU O 229 39.42 7.91 -7.93
CA GLU O 229 38.90 6.76 -7.20
C GLU O 229 39.57 5.50 -7.73
N TYR O 230 39.46 4.42 -6.95
CA TYR O 230 40.05 3.14 -7.31
C TYR O 230 39.01 2.28 -8.01
N LYS O 231 39.38 1.73 -9.17
CA LYS O 231 38.52 0.83 -9.93
C LYS O 231 39.27 -0.46 -10.20
N HIS O 232 38.58 -1.58 -10.03
CA HIS O 232 39.18 -2.88 -10.29
C HIS O 232 39.08 -3.19 -11.79
N LYS O 233 40.20 -3.54 -12.39
CA LYS O 233 40.30 -3.73 -13.82
C LYS O 233 40.51 -5.21 -14.15
N ASN O 234 40.16 -5.57 -15.39
CA ASN O 234 40.29 -6.94 -15.89
C ASN O 234 41.00 -6.89 -17.23
N ALA O 235 42.18 -7.50 -17.30
CA ALA O 235 42.88 -7.63 -18.57
C ALA O 235 42.13 -8.61 -19.47
N PHE O 236 42.04 -8.26 -20.76
CA PHE O 236 41.25 -9.04 -21.70
C PHE O 236 42.01 -9.18 -23.02
N ILE O 237 41.71 -10.25 -23.76
CA ILE O 237 42.25 -10.46 -25.09
C ILE O 237 41.16 -11.08 -25.96
N VAL O 238 41.09 -10.63 -27.21
CA VAL O 238 40.15 -11.17 -28.19
C VAL O 238 40.92 -11.45 -29.48
N PHE O 239 40.67 -12.61 -30.07
CA PHE O 239 41.39 -13.05 -31.25
C PHE O 239 40.55 -12.80 -32.50
N SER O 240 41.14 -12.12 -33.48
CA SER O 240 40.47 -11.83 -34.74
C SER O 240 41.52 -11.63 -35.82
N HIS O 241 41.10 -11.74 -37.08
CA HIS O 241 42.02 -11.74 -38.21
C HIS O 241 41.82 -10.57 -39.15
N GLY O 242 40.58 -10.27 -39.54
CA GLY O 242 40.31 -9.24 -40.53
C GLY O 242 40.81 -7.86 -40.15
N ASP O 243 41.49 -7.18 -41.08
CA ASP O 243 42.03 -5.87 -40.79
C ASP O 243 40.92 -4.86 -40.49
N LEU O 244 39.87 -4.86 -41.30
CA LEU O 244 38.72 -4.02 -40.98
C LEU O 244 38.09 -4.46 -39.67
N ILE O 245 37.99 -5.78 -39.46
CA ILE O 245 37.43 -6.30 -38.22
C ILE O 245 38.33 -5.97 -37.04
N ILE O 246 39.65 -6.07 -37.21
CA ILE O 246 40.54 -5.82 -36.09
C ILE O 246 40.51 -4.35 -35.70
N LYS O 247 40.40 -3.46 -36.70
CA LYS O 247 40.25 -2.03 -36.39
C LYS O 247 38.90 -1.75 -35.74
N ARG O 248 37.84 -2.41 -36.23
CA ARG O 248 36.52 -2.30 -35.63
C ARG O 248 36.57 -2.62 -34.14
N ILE O 249 37.15 -3.78 -33.80
CA ILE O 249 37.16 -4.24 -32.42
C ILE O 249 38.11 -3.40 -31.57
N ARG O 250 39.21 -2.93 -32.18
CA ARG O 250 40.10 -2.01 -31.45
C ARG O 250 39.38 -0.73 -31.07
N LYS O 251 38.63 -0.15 -32.01
CA LYS O 251 37.89 1.07 -31.69
C LYS O 251 36.80 0.82 -30.67
N ILE O 252 36.13 -0.33 -30.76
CA ILE O 252 35.10 -0.67 -29.77
C ILE O 252 35.72 -0.77 -28.38
N ALA O 253 36.87 -1.43 -28.27
CA ALA O 253 37.53 -1.55 -26.97
C ALA O 253 38.00 -0.20 -26.45
N GLU O 254 38.58 0.63 -27.34
CA GLU O 254 39.06 1.94 -26.91
C GLU O 254 37.91 2.84 -26.49
N SER O 255 36.71 2.64 -27.06
CA SER O 255 35.59 3.50 -26.70
C SER O 255 35.22 3.37 -25.23
N LEU O 256 35.26 2.15 -24.70
CA LEU O 256 34.83 1.90 -23.31
C LEU O 256 35.99 2.02 -22.33
N ASP O 257 36.73 3.13 -22.42
CA ASP O 257 37.76 3.50 -21.45
C ASP O 257 38.71 2.35 -21.15
N ALA O 258 39.24 1.74 -22.20
CA ALA O 258 40.18 0.63 -22.09
C ALA O 258 41.52 1.04 -22.66
N ASN O 259 42.59 0.80 -21.90
CA ASN O 259 43.96 1.13 -22.33
C ASN O 259 44.52 -0.08 -23.07
N LEU O 260 44.44 -0.03 -24.40
CA LEU O 260 44.93 -1.13 -25.21
C LEU O 260 46.45 -1.13 -25.27
N TYR O 261 47.02 -2.31 -25.52
CA TYR O 261 48.46 -2.50 -25.54
C TYR O 261 48.84 -3.42 -26.70
N ASP O 262 50.11 -3.36 -27.07
CA ASP O 262 50.66 -4.19 -28.14
C ASP O 262 51.64 -5.20 -27.58
N VAL O 263 51.55 -6.44 -28.05
CA VAL O 263 52.39 -7.54 -27.59
C VAL O 263 53.06 -8.18 -28.79
N ASP O 264 54.29 -8.66 -28.59
CA ASP O 264 55.12 -9.19 -29.66
C ASP O 264 54.69 -10.57 -30.14
N SER O 265 53.68 -11.17 -29.52
CA SER O 265 53.08 -12.44 -29.92
C SER O 265 54.00 -13.64 -29.73
N SER O 266 55.15 -13.46 -29.08
CA SER O 266 56.08 -14.55 -28.84
C SER O 266 56.53 -14.50 -27.39
N ASN O 267 56.80 -15.69 -26.83
CA ASN O 267 57.29 -15.77 -25.46
C ASN O 267 58.62 -15.03 -25.32
N GLU O 268 59.53 -15.22 -26.28
CA GLU O 268 60.76 -14.44 -26.29
C GLU O 268 60.45 -12.96 -26.49
N GLY O 269 59.50 -12.64 -27.37
CA GLY O 269 59.11 -11.25 -27.54
C GLY O 269 58.47 -10.67 -26.30
N ARG O 270 57.63 -11.46 -25.62
CA ARG O 270 57.04 -11.00 -24.37
C ARG O 270 58.12 -10.75 -23.32
N SER O 271 59.11 -11.64 -23.24
CA SER O 271 60.20 -11.45 -22.29
C SER O 271 61.00 -10.19 -22.62
N GLN O 272 61.25 -9.95 -23.90
CA GLN O 272 61.98 -8.75 -24.30
C GLN O 272 61.19 -7.49 -23.96
N GLN O 273 59.89 -7.49 -24.25
CA GLN O 273 59.07 -6.32 -23.95
C GLN O 273 58.98 -6.08 -22.45
N LEU O 274 58.87 -7.15 -21.66
CA LEU O 274 58.88 -7.01 -20.20
C LEU O 274 60.23 -6.55 -19.70
N ALA O 275 61.32 -6.92 -20.37
CA ALA O 275 62.63 -6.40 -20.01
C ALA O 275 62.73 -4.90 -20.31
N LYS O 276 62.07 -4.45 -21.38
CA LYS O 276 61.94 -3.01 -21.59
C LYS O 276 61.20 -2.36 -20.43
N VAL O 277 60.16 -3.04 -19.92
CA VAL O 277 59.45 -2.61 -18.72
C VAL O 277 60.34 -2.94 -17.54
N ASN O 278 60.01 -2.41 -16.36
CA ASN O 278 60.71 -2.62 -15.09
C ASN O 278 62.08 -1.97 -15.06
N LYS O 279 62.53 -1.37 -16.16
CA LYS O 279 63.69 -0.51 -16.20
C LYS O 279 63.32 0.95 -16.42
N ASN O 280 62.43 1.22 -17.38
CA ASN O 280 61.79 2.51 -17.46
C ASN O 280 60.86 2.74 -16.26
N LEU O 281 60.21 1.68 -15.79
CA LEU O 281 59.42 1.78 -14.57
C LEU O 281 60.26 2.20 -13.38
N SER O 282 61.52 1.78 -13.32
CA SER O 282 62.40 2.22 -12.24
C SER O 282 62.60 3.73 -12.26
N ASP O 283 62.86 4.28 -13.45
CA ASP O 283 63.04 5.73 -13.56
C ASP O 283 61.76 6.48 -13.21
N LEU O 284 60.62 5.97 -13.67
CA LEU O 284 59.36 6.64 -13.36
C LEU O 284 59.01 6.53 -11.88
N TYR O 285 59.34 5.41 -11.24
CA TYR O 285 59.16 5.30 -9.80
C TYR O 285 60.05 6.28 -9.07
N THR O 286 61.30 6.45 -9.52
CA THR O 286 62.18 7.42 -8.89
C THR O 286 61.62 8.84 -9.02
N VAL O 287 61.16 9.21 -10.22
CA VAL O 287 60.61 10.54 -10.44
C VAL O 287 59.35 10.74 -9.59
N LEU O 288 58.49 9.72 -9.56
CA LEU O 288 57.26 9.81 -8.76
C LEU O 288 57.60 9.95 -7.27
N LYS O 289 58.61 9.21 -6.79
CA LYS O 289 58.99 9.31 -5.39
C LYS O 289 59.51 10.70 -5.08
N THR O 290 60.34 11.28 -5.95
CA THR O 290 60.85 12.63 -5.70
C THR O 290 59.72 13.65 -5.67
N THR O 291 58.84 13.60 -6.67
CA THR O 291 57.73 14.55 -6.72
C THR O 291 56.80 14.37 -5.53
N SER O 292 56.52 13.13 -5.15
CA SER O 292 55.66 12.87 -4.01
C SER O 292 56.29 13.38 -2.72
N THR O 293 57.60 13.17 -2.54
CA THR O 293 58.25 13.69 -1.34
C THR O 293 58.16 15.20 -1.28
N THR O 294 58.39 15.88 -2.40
CA THR O 294 58.28 17.34 -2.41
C THR O 294 56.85 17.79 -2.08
N LEU O 295 55.86 17.13 -2.69
CA LEU O 295 54.48 17.56 -2.50
C LEU O 295 54.00 17.29 -1.08
N GLU O 296 54.37 16.14 -0.51
CA GLU O 296 54.00 15.87 0.88
C GLU O 296 54.76 16.79 1.83
N SER O 297 55.99 17.19 1.49
CA SER O 297 56.66 18.18 2.31
C SER O 297 55.88 19.50 2.33
N GLU O 298 55.43 19.94 1.16
CA GLU O 298 54.63 21.16 1.09
C GLU O 298 53.32 21.00 1.87
N LEU O 299 52.66 19.85 1.73
CA LEU O 299 51.38 19.65 2.38
C LEU O 299 51.52 19.52 3.89
N TYR O 300 52.61 18.92 4.37
CA TYR O 300 52.86 18.87 5.81
C TYR O 300 53.22 20.24 6.35
N ALA O 301 53.90 21.07 5.55
CA ALA O 301 54.10 22.46 5.95
C ALA O 301 52.77 23.18 6.07
N ILE O 302 51.84 22.91 5.16
CA ILE O 302 50.51 23.52 5.22
C ILE O 302 49.76 23.03 6.46
N ALA O 303 49.84 21.73 6.76
CA ALA O 303 49.02 21.15 7.83
C ALA O 303 49.31 21.77 9.18
N LYS O 304 50.53 22.24 9.40
CA LYS O 304 50.89 22.85 10.69
C LYS O 304 50.32 24.24 10.86
N GLU O 305 49.81 24.87 9.81
CA GLU O 305 49.31 26.24 9.90
C GLU O 305 48.02 26.48 9.14
N LEU O 306 47.39 25.46 8.56
CA LEU O 306 46.20 25.68 7.76
C LEU O 306 45.01 26.08 8.62
N ASP O 307 44.87 25.48 9.81
CA ASP O 307 43.71 25.76 10.64
C ASP O 307 43.67 27.20 11.11
N SER O 308 44.82 27.74 11.54
CA SER O 308 44.87 29.13 11.98
C SER O 308 44.54 30.08 10.84
N TRP O 309 45.07 29.80 9.64
CA TRP O 309 44.76 30.62 8.48
C TRP O 309 43.27 30.59 8.17
N PHE O 310 42.67 29.39 8.22
CA PHE O 310 41.24 29.27 7.94
C PHE O 310 40.42 30.03 8.97
N GLN O 311 40.78 29.93 10.25
CA GLN O 311 40.05 30.67 11.28
C GLN O 311 40.16 32.17 11.06
N ASP O 312 41.37 32.66 10.75
CA ASP O 312 41.55 34.09 10.51
C ASP O 312 40.74 34.55 9.30
N VAL O 313 40.73 33.76 8.24
CA VAL O 313 40.00 34.14 7.04
C VAL O 313 38.50 34.11 7.28
N THR O 314 38.01 33.11 8.03
CA THR O 314 36.59 33.06 8.35
C THR O 314 36.17 34.26 9.19
N ARG O 315 37.00 34.64 10.17
CA ARG O 315 36.69 35.84 10.96
C ARG O 315 36.71 37.10 10.11
N GLU O 316 37.69 37.21 9.21
CA GLU O 316 37.78 38.38 8.34
C GLU O 316 36.60 38.46 7.39
N LYS O 317 36.09 37.32 6.94
CA LYS O 317 34.90 37.33 6.09
C LYS O 317 33.64 37.62 6.88
N ALA O 318 33.55 37.12 8.12
CA ALA O 318 32.38 37.38 8.94
C ALA O 318 32.26 38.85 9.30
N ILE O 319 33.38 39.50 9.63
CA ILE O 319 33.30 40.91 10.01
C ILE O 319 32.86 41.75 8.82
N PHE O 320 33.27 41.39 7.61
CA PHE O 320 32.85 42.15 6.43
C PHE O 320 31.42 41.83 6.03
N GLU O 321 30.97 40.59 6.24
CA GLU O 321 29.57 40.27 6.03
C GLU O 321 28.67 41.04 6.98
N ILE O 322 29.11 41.22 8.23
CA ILE O 322 28.36 42.05 9.17
C ILE O 322 28.44 43.52 8.78
N LEU O 323 29.63 44.00 8.41
CA LEU O 323 29.78 45.37 7.94
C LEU O 323 29.06 45.60 6.63
N ASN O 324 28.79 44.54 5.86
CA ASN O 324 28.02 44.67 4.64
C ASN O 324 26.61 45.15 4.89
N LYS O 325 26.07 44.91 6.09
CA LYS O 325 24.73 45.33 6.47
C LYS O 325 24.76 46.67 7.19
N SER O 326 25.32 47.66 6.51
CA SER O 326 25.45 49.00 7.08
C SER O 326 25.06 50.04 6.04
N ASN O 327 24.38 51.10 6.49
CA ASN O 327 23.96 52.18 5.61
C ASN O 327 25.10 53.19 5.52
N TYR O 328 26.06 52.90 4.66
CA TYR O 328 27.20 53.79 4.47
C TYR O 328 26.77 55.11 3.85
N ASP O 329 27.33 56.21 4.35
CA ASP O 329 27.07 57.54 3.80
C ASP O 329 28.22 57.90 2.86
N THR O 330 27.89 58.10 1.58
CA THR O 330 28.93 58.43 0.61
C THR O 330 29.55 59.79 0.89
N ASN O 331 28.73 60.79 1.23
CA ASN O 331 29.26 62.13 1.49
C ASN O 331 30.17 62.14 2.72
N ARG O 332 29.76 61.46 3.79
CA ARG O 332 30.56 61.38 5.00
C ARG O 332 31.44 60.14 4.95
N LYS O 333 32.05 59.79 6.07
CA LYS O 333 32.87 58.59 6.21
C LYS O 333 32.40 57.77 7.40
N ILE O 334 31.09 57.64 7.57
CA ILE O 334 30.49 57.00 8.74
C ILE O 334 29.69 55.79 8.28
N LEU O 335 29.95 54.64 8.88
CA LEU O 335 29.16 53.44 8.66
C LEU O 335 28.10 53.34 9.74
N ILE O 336 26.84 53.46 9.35
CA ILE O 336 25.72 53.40 10.28
C ILE O 336 25.23 51.95 10.35
N ALA O 337 25.32 51.35 11.54
CA ALA O 337 24.92 49.97 11.74
C ALA O 337 24.02 49.88 12.96
N GLU O 338 22.95 49.09 12.85
CA GLU O 338 22.00 48.90 13.93
C GLU O 338 22.04 47.44 14.39
N GLY O 339 22.11 47.25 15.70
CA GLY O 339 22.17 45.92 16.27
C GLY O 339 21.17 45.77 17.40
N TRP O 340 20.94 44.51 17.78
CA TRP O 340 19.99 44.15 18.83
C TRP O 340 20.77 43.62 20.02
N ILE O 341 21.20 44.53 20.90
CA ILE O 341 21.91 44.14 22.11
C ILE O 341 20.94 44.23 23.29
N PRO O 342 20.95 43.28 24.22
CA PRO O 342 20.12 43.42 25.41
C PRO O 342 20.51 44.65 26.22
N ARG O 343 19.50 45.25 26.85
CA ARG O 343 19.74 46.45 27.65
C ARG O 343 20.74 46.19 28.78
N ASP O 344 20.84 44.94 29.24
CA ASP O 344 21.73 44.62 30.35
C ASP O 344 23.20 44.82 29.97
N GLU O 345 23.60 44.40 28.77
CA GLU O 345 24.98 44.48 28.34
C GLU O 345 25.30 45.75 27.56
N LEU O 346 24.39 46.73 27.54
CA LEU O 346 24.66 47.98 26.85
C LEU O 346 25.84 48.71 27.47
N ALA O 347 25.89 48.76 28.81
CA ALA O 347 27.02 49.38 29.49
C ALA O 347 28.30 48.61 29.25
N THR O 348 28.22 47.27 29.22
CA THR O 348 29.39 46.46 28.93
C THR O 348 29.93 46.74 27.52
N LEU O 349 29.03 46.86 26.55
CA LEU O 349 29.45 47.18 25.19
C LEU O 349 30.06 48.57 25.11
N GLN O 350 29.47 49.55 25.80
CA GLN O 350 30.05 50.89 25.81
C GLN O 350 31.44 50.89 26.42
N ALA O 351 31.63 50.17 27.53
CA ALA O 351 32.96 50.09 28.14
C ALA O 351 33.95 49.40 27.22
N ARG O 352 33.52 48.33 26.55
CA ARG O 352 34.42 47.61 25.65
C ARG O 352 34.81 48.46 24.45
N LEU O 353 33.87 49.23 23.90
CA LEU O 353 34.20 50.12 22.79
C LEU O 353 35.10 51.26 23.25
N GLY O 354 34.90 51.75 24.47
CA GLY O 354 35.83 52.73 25.02
C GLY O 354 37.23 52.16 25.18
N GLU O 355 37.32 50.89 25.61
CA GLU O 355 38.62 50.23 25.70
C GLU O 355 39.27 50.11 24.33
N MET O 356 38.48 49.75 23.31
CA MET O 356 39.01 49.67 21.95
C MET O 356 39.49 51.03 21.47
N ILE O 357 38.74 52.10 21.77
CA ILE O 357 39.13 53.44 21.36
C ILE O 357 40.44 53.83 22.04
N ALA O 358 40.57 53.51 23.34
CA ALA O 358 41.82 53.80 24.05
C ALA O 358 42.98 53.01 23.46
N ARG O 359 42.74 51.75 23.08
CA ARG O 359 43.78 50.94 22.46
C ARG O 359 44.23 51.54 21.14
N LEU O 360 43.27 51.96 20.30
CA LEU O 360 43.63 52.58 19.03
C LEU O 360 44.10 54.02 19.21
N GLY O 361 43.50 54.75 20.14
CA GLY O 361 43.85 56.14 20.36
C GLY O 361 43.20 57.13 19.44
N ILE O 362 42.37 56.68 18.51
CA ILE O 362 41.70 57.58 17.57
C ILE O 362 40.50 58.20 18.26
N ASP O 363 40.41 59.53 18.18
CA ASP O 363 39.29 60.27 18.76
C ASP O 363 38.09 60.19 17.82
N VAL O 364 36.94 59.81 18.37
CA VAL O 364 35.73 59.67 17.57
C VAL O 364 34.58 60.34 18.31
N PRO O 365 33.55 60.77 17.59
CA PRO O 365 32.34 61.28 18.25
C PRO O 365 31.55 60.17 18.93
N SER O 366 30.38 60.50 19.47
CA SER O 366 29.55 59.52 20.15
C SER O 366 29.25 58.34 19.22
N ILE O 367 29.75 57.16 19.57
CA ILE O 367 29.60 55.98 18.72
C ILE O 367 28.34 55.17 19.06
N ILE O 368 27.85 55.27 20.30
CA ILE O 368 26.70 54.50 20.75
C ILE O 368 25.55 55.47 20.96
N GLN O 369 24.43 55.21 20.28
CA GLN O 369 23.22 56.01 20.41
C GLN O 369 22.03 55.07 20.47
N VAL O 370 21.41 54.97 21.65
CA VAL O 370 20.29 54.06 21.84
C VAL O 370 19.08 54.57 21.06
N LEU O 371 18.37 53.65 20.42
CA LEU O 371 17.21 53.99 19.60
C LEU O 371 15.95 53.35 20.17
N ASP O 372 14.82 54.02 19.95
CA ASP O 372 13.50 53.50 20.32
C ASP O 372 12.70 53.35 19.04
N THR O 373 12.50 52.11 18.60
CA THR O 373 11.82 51.82 17.35
C THR O 373 10.68 50.84 17.60
N ASN O 374 9.92 50.58 16.54
CA ASN O 374 8.77 49.68 16.59
C ASN O 374 9.06 48.30 16.03
N HIS O 375 10.33 47.96 15.84
CA HIS O 375 10.69 46.64 15.32
C HIS O 375 10.43 45.58 16.39
N THR O 376 10.56 44.32 15.98
CA THR O 376 10.38 43.20 16.89
C THR O 376 11.74 42.77 17.43
N PRO O 377 12.03 42.99 18.71
CA PRO O 377 13.33 42.60 19.24
C PRO O 377 13.45 41.09 19.30
N PRO O 378 14.67 40.55 19.26
CA PRO O 378 14.84 39.10 19.33
C PRO O 378 14.48 38.57 20.71
N THR O 379 14.21 37.26 20.75
CA THR O 379 13.86 36.57 21.98
C THR O 379 15.11 35.87 22.51
N PHE O 380 15.66 36.39 23.61
CA PHE O 380 16.87 35.85 24.22
C PHE O 380 16.58 35.52 25.68
N HIS O 381 16.77 34.27 26.05
CA HIS O 381 16.66 33.82 27.43
C HIS O 381 18.03 33.38 27.91
N ARG O 382 18.47 33.93 29.04
CA ARG O 382 19.75 33.54 29.61
C ARG O 382 19.61 32.18 30.29
N THR O 383 20.32 31.18 29.78
CA THR O 383 20.19 29.81 30.25
C THR O 383 21.47 29.37 30.96
N ASN O 384 21.29 28.58 32.01
CA ASN O 384 22.40 27.98 32.72
C ASN O 384 22.74 26.65 32.06
N LYS O 385 23.60 25.85 32.71
CA LYS O 385 23.82 24.48 32.27
C LYS O 385 22.66 23.57 32.62
N PHE O 386 21.78 24.02 33.51
CA PHE O 386 20.63 23.23 33.97
C PHE O 386 19.39 23.48 33.12
N THR O 387 19.14 24.72 32.74
CA THR O 387 17.97 25.09 31.97
C THR O 387 18.21 25.12 30.47
N ALA O 388 19.44 24.84 30.02
CA ALA O 388 19.75 24.91 28.59
C ALA O 388 18.98 23.85 27.81
N GLY O 389 18.94 22.62 28.31
CA GLY O 389 18.26 21.56 27.58
C GLY O 389 16.76 21.76 27.51
N PHE O 390 16.15 22.20 28.61
CA PHE O 390 14.71 22.45 28.61
C PHE O 390 14.36 23.58 27.65
N GLN O 391 15.20 24.61 27.57
CA GLN O 391 14.95 25.68 26.62
C GLN O 391 15.21 25.24 25.19
N SER O 392 16.15 24.32 24.97
CA SER O 392 16.30 23.74 23.63
C SER O 392 15.03 22.99 23.26
N ILE O 393 14.45 22.26 24.20
CA ILE O 393 13.16 21.60 23.99
C ILE O 393 12.10 22.62 23.60
N CYS O 394 11.99 23.69 24.38
CA CYS O 394 10.91 24.66 24.16
C CYS O 394 11.15 25.59 22.98
N ASP O 395 12.38 25.64 22.46
CA ASP O 395 12.67 26.40 21.25
C ASP O 395 12.66 25.54 19.99
N CYS O 396 12.73 24.22 20.13
CA CYS O 396 12.56 23.36 18.97
C CYS O 396 11.16 23.51 18.39
N TYR O 397 10.15 23.65 19.26
CA TYR O 397 8.79 23.89 18.78
C TYR O 397 8.69 25.26 18.11
N GLY O 398 9.23 26.28 18.75
CA GLY O 398 9.16 27.62 18.20
C GLY O 398 9.76 28.61 19.17
N ILE O 399 10.14 29.77 18.63
CA ILE O 399 10.76 30.83 19.41
C ILE O 399 9.67 31.74 19.95
N ALA O 400 9.74 32.03 21.25
CA ALA O 400 8.73 32.85 21.90
C ALA O 400 8.82 34.30 21.42
N GLN O 401 7.75 35.05 21.66
CA GLN O 401 7.76 36.47 21.33
C GLN O 401 8.65 37.23 22.32
N TYR O 402 8.95 38.47 21.96
CA TYR O 402 9.73 39.33 22.84
C TYR O 402 8.95 39.62 24.12
N ARG O 403 9.59 39.36 25.26
CA ARG O 403 8.99 39.55 26.57
C ARG O 403 7.69 38.75 26.71
N GLU O 404 7.70 37.53 26.21
CA GLU O 404 6.59 36.60 26.34
C GLU O 404 6.92 35.59 27.44
N ILE O 405 5.87 35.08 28.09
CA ILE O 405 6.07 34.09 29.15
C ILE O 405 6.83 32.90 28.59
N ASN O 406 8.01 32.66 29.13
CA ASN O 406 8.84 31.57 28.64
C ASN O 406 8.21 30.23 28.99
N ALA O 407 8.17 29.33 28.01
CA ALA O 407 7.69 27.97 28.23
C ALA O 407 8.76 27.06 28.78
N GLY O 408 10.02 27.50 28.81
CA GLY O 408 11.10 26.68 29.31
C GLY O 408 11.27 26.66 30.81
N LEU O 409 10.62 27.57 31.53
CA LEU O 409 10.72 27.60 32.97
C LEU O 409 9.81 26.55 33.61
N PRO O 410 8.52 26.47 33.24
CA PRO O 410 7.68 25.39 33.79
C PRO O 410 7.99 24.03 33.19
N THR O 411 8.61 23.99 32.01
CA THR O 411 8.96 22.72 31.40
C THR O 411 9.93 21.94 32.28
N ILE O 412 10.90 22.64 32.88
CA ILE O 412 11.94 22.07 33.72
C ILE O 412 11.38 21.02 34.67
N VAL O 413 10.19 21.28 35.21
CA VAL O 413 9.58 20.37 36.17
C VAL O 413 8.44 19.58 35.56
N THR O 414 7.60 20.23 34.73
CA THR O 414 6.43 19.52 34.20
C THR O 414 6.84 18.39 33.25
N PHE O 415 7.76 18.65 32.33
CA PHE O 415 8.16 17.63 31.36
C PHE O 415 8.75 16.39 32.02
N PRO O 416 9.74 16.48 32.91
CA PRO O 416 10.18 15.27 33.61
C PRO O 416 9.08 14.63 34.44
N PHE O 417 8.15 15.41 35.00
CA PHE O 417 7.12 14.81 35.83
C PHE O 417 6.05 14.10 35.00
N MET O 418 5.65 14.64 33.85
CA MET O 418 4.77 13.89 32.96
C MET O 418 5.46 12.64 32.44
N PHE O 419 6.74 12.75 32.09
CA PHE O 419 7.49 11.56 31.71
C PHE O 419 7.51 10.53 32.84
N ALA O 420 7.59 11.00 34.09
CA ALA O 420 7.61 10.08 35.23
C ALA O 420 6.25 9.42 35.43
N ILE O 421 5.18 10.18 35.24
CA ILE O 421 3.83 9.60 35.35
C ILE O 421 3.66 8.51 34.32
N MET O 422 4.10 8.76 33.08
CA MET O 422 4.01 7.72 32.06
C MET O 422 4.97 6.57 32.33
N PHE O 423 6.12 6.87 32.92
CA PHE O 423 7.18 5.89 33.15
C PHE O 423 6.88 5.11 34.43
N GLY O 424 6.86 5.78 35.56
CA GLY O 424 6.41 5.21 36.82
C GLY O 424 7.06 3.91 37.24
N ASP O 425 8.35 3.97 37.58
CA ASP O 425 9.05 2.77 38.02
C ASP O 425 10.27 3.19 38.83
N MET O 426 10.36 2.70 40.07
CA MET O 426 11.47 3.08 40.94
C MET O 426 12.76 2.33 40.61
N GLY O 427 12.69 1.21 39.91
CA GLY O 427 13.88 0.50 39.51
C GLY O 427 14.42 0.99 38.20
N HIS O 428 13.54 1.09 37.21
CA HIS O 428 13.91 1.69 35.93
C HIS O 428 14.25 3.16 36.09
N GLY O 429 13.49 3.87 36.95
CA GLY O 429 13.83 5.25 37.24
C GLY O 429 15.19 5.39 37.90
N PHE O 430 15.55 4.43 38.76
CA PHE O 430 16.89 4.44 39.36
C PHE O 430 17.96 4.23 38.31
N LEU O 431 17.72 3.34 37.34
CA LEU O 431 18.67 3.15 36.25
C LEU O 431 18.83 4.42 35.43
N MET O 432 17.72 5.10 35.15
CA MET O 432 17.81 6.38 34.44
C MET O 432 18.57 7.41 35.25
N THR O 433 18.34 7.45 36.56
CA THR O 433 19.06 8.39 37.42
C THR O 433 20.55 8.12 37.41
N LEU O 434 20.95 6.85 37.49
CA LEU O 434 22.36 6.51 37.44
C LEU O 434 22.97 6.86 36.09
N ALA O 435 22.25 6.58 35.00
CA ALA O 435 22.76 6.90 33.67
C ALA O 435 22.95 8.40 33.50
N ALA O 436 22.02 9.20 34.03
CA ALA O 436 22.15 10.66 33.94
C ALA O 436 23.22 11.19 34.89
N LEU O 437 23.37 10.60 36.07
CA LEU O 437 24.39 11.04 37.01
C LEU O 437 25.79 10.74 36.49
N SER O 438 25.97 9.64 35.76
CA SER O 438 27.27 9.38 35.15
C SER O 438 27.70 10.52 34.24
N LEU O 439 26.75 11.12 33.52
CA LEU O 439 27.05 12.28 32.69
C LEU O 439 27.18 13.55 33.53
N VAL O 440 26.35 13.69 34.56
CA VAL O 440 26.30 14.94 35.32
C VAL O 440 27.60 15.13 36.11
N LEU O 441 28.04 14.11 36.85
CA LEU O 441 29.26 14.26 37.64
C LEU O 441 30.49 14.37 36.76
N ASN O 442 30.52 13.64 35.65
CA ASN O 442 31.64 13.68 34.71
C ASN O 442 31.42 14.65 33.56
N GLU O 443 30.68 15.74 33.79
CA GLU O 443 30.33 16.64 32.70
C GLU O 443 31.51 17.49 32.25
N LYS O 444 32.49 17.74 33.13
CA LYS O 444 33.66 18.51 32.72
C LYS O 444 34.47 17.77 31.65
N LYS O 445 34.75 16.49 31.87
CA LYS O 445 35.52 15.71 30.91
C LYS O 445 34.77 15.58 29.59
N ILE O 446 33.46 15.34 29.65
CA ILE O 446 32.67 15.21 28.44
C ILE O 446 32.61 16.54 27.68
N ASN O 447 32.56 17.65 28.41
CA ASN O 447 32.63 18.95 27.77
C ASN O 447 33.97 19.15 27.08
N LYS O 448 35.05 18.72 27.72
CA LYS O 448 36.38 18.85 27.11
C LYS O 448 36.51 18.00 25.85
N MET O 449 35.99 16.78 25.88
CA MET O 449 36.17 15.87 24.76
C MET O 449 35.10 16.10 23.70
N LYS O 450 35.39 15.61 22.49
CA LYS O 450 34.45 15.69 21.39
C LYS O 450 33.31 14.69 21.61
N ARG O 451 32.11 15.09 21.19
CA ARG O 451 30.92 14.27 21.35
C ARG O 451 30.25 14.04 20.00
N GLY O 452 29.68 12.85 19.82
CA GLY O 452 28.94 12.53 18.63
C GLY O 452 27.54 13.11 18.65
N GLU O 453 26.79 12.84 17.59
CA GLU O 453 25.42 13.34 17.51
C GLU O 453 24.55 12.75 18.61
N ILE O 454 24.71 11.45 18.88
CA ILE O 454 23.97 10.82 19.96
C ILE O 454 24.63 11.07 21.31
N PHE O 455 25.91 11.49 21.31
CA PHE O 455 26.58 11.80 22.57
C PHE O 455 26.46 13.26 22.97
N ASP O 456 26.47 14.17 22.01
CA ASP O 456 26.17 15.57 22.32
C ASP O 456 24.74 15.70 22.83
N MET O 457 23.79 15.07 22.15
CA MET O 457 22.47 14.86 22.72
C MET O 457 22.59 13.86 23.87
N ALA O 458 21.66 13.98 24.83
CA ALA O 458 21.64 13.22 26.08
C ALA O 458 22.77 13.62 27.01
N PHE O 459 23.67 14.52 26.60
CA PHE O 459 24.60 15.19 27.48
C PHE O 459 24.26 16.64 27.71
N THR O 460 23.84 17.35 26.66
CA THR O 460 23.25 18.68 26.87
C THR O 460 21.95 18.58 27.65
N GLY O 461 21.29 17.43 27.60
CA GLY O 461 20.11 17.17 28.39
C GLY O 461 20.38 16.19 29.51
N ARG O 462 21.60 16.20 30.04
CA ARG O 462 21.92 15.32 31.16
C ARG O 462 21.09 15.69 32.39
N TYR O 463 20.89 16.98 32.63
CA TYR O 463 20.06 17.40 33.74
C TYR O 463 18.59 17.08 33.49
N ILE O 464 18.17 17.13 32.22
CA ILE O 464 16.83 16.68 31.87
C ILE O 464 16.64 15.23 32.30
N ILE O 465 17.57 14.37 31.91
CA ILE O 465 17.46 12.94 32.22
C ILE O 465 17.55 12.72 33.73
N LEU O 466 18.37 13.52 34.42
CA LEU O 466 18.46 13.39 35.87
C LEU O 466 17.12 13.72 36.53
N LEU O 467 16.47 14.80 36.09
CA LEU O 467 15.17 15.15 36.65
C LEU O 467 14.12 14.10 36.33
N MET O 468 14.12 13.59 35.09
CA MET O 468 13.19 12.53 34.74
C MET O 468 13.42 11.28 35.58
N GLY O 469 14.68 10.93 35.84
CA GLY O 469 14.95 9.76 36.66
C GLY O 469 14.52 9.94 38.10
N VAL O 470 14.78 11.11 38.68
CA VAL O 470 14.37 11.36 40.06
C VAL O 470 12.85 11.32 40.18
N PHE O 471 12.15 11.99 39.25
CA PHE O 471 10.70 11.98 39.30
C PHE O 471 10.13 10.59 39.01
N SER O 472 10.80 9.81 38.16
CA SER O 472 10.37 8.44 37.92
C SER O 472 10.51 7.60 39.17
N MET O 473 11.59 7.80 39.93
CA MET O 473 11.74 7.12 41.21
C MET O 473 10.60 7.52 42.15
N TYR O 474 10.27 8.81 42.20
CA TYR O 474 9.19 9.26 43.07
C TYR O 474 7.86 8.62 42.66
N THR O 475 7.55 8.62 41.37
CA THR O 475 6.27 8.05 40.91
C THR O 475 6.23 6.54 41.13
N GLY O 476 7.36 5.85 40.90
CA GLY O 476 7.42 4.43 41.20
C GLY O 476 7.21 4.14 42.67
N PHE O 477 7.69 5.03 43.55
CA PHE O 477 7.32 4.92 44.95
C PHE O 477 5.82 5.11 45.13
N LEU O 478 5.23 6.08 44.44
CA LEU O 478 3.79 6.30 44.53
C LEU O 478 2.99 5.21 43.85
N TYR O 479 3.59 4.46 42.93
CA TYR O 479 2.95 3.30 42.34
C TYR O 479 3.32 2.00 43.07
N ASN O 480 4.29 2.04 43.99
CA ASN O 480 4.92 0.85 44.55
C ASN O 480 5.27 -0.13 43.44
N ASP O 481 6.15 0.33 42.54
CA ASP O 481 6.57 -0.47 41.40
C ASP O 481 8.09 -0.41 41.35
N ILE O 482 8.75 -1.42 41.90
CA ILE O 482 10.21 -1.55 41.88
C ILE O 482 10.54 -2.77 41.03
N PHE O 483 11.02 -2.52 39.82
CA PHE O 483 11.30 -3.59 38.86
C PHE O 483 10.09 -4.50 38.69
N SER O 484 8.92 -3.88 38.57
CA SER O 484 7.60 -4.50 38.43
C SER O 484 7.11 -5.16 39.72
N LYS O 485 7.90 -5.14 40.79
CA LYS O 485 7.48 -5.69 42.07
C LYS O 485 6.83 -4.58 42.91
N THR O 486 6.61 -4.86 44.19
CA THR O 486 6.02 -3.89 45.11
C THR O 486 6.83 -3.85 46.39
N MET O 487 6.85 -2.68 47.02
CA MET O 487 7.53 -2.51 48.30
C MET O 487 6.50 -2.50 49.42
N THR O 488 6.68 -3.38 50.39
CA THR O 488 5.80 -3.44 51.56
C THR O 488 6.37 -2.61 52.71
N ILE O 489 6.59 -1.33 52.41
CA ILE O 489 7.26 -0.45 53.36
C ILE O 489 6.39 -0.18 54.57
N PHE O 490 5.12 0.16 54.33
CA PHE O 490 4.19 0.50 55.41
C PHE O 490 3.18 -0.63 55.59
N LYS O 491 2.25 -0.40 56.51
CA LYS O 491 1.20 -1.37 56.80
C LYS O 491 0.03 -1.17 55.85
N SER O 492 -0.38 -2.25 55.19
CA SER O 492 -1.46 -2.17 54.23
C SER O 492 -2.80 -1.90 54.92
N GLY O 493 -3.66 -1.16 54.23
CA GLY O 493 -5.01 -0.93 54.73
C GLY O 493 -5.98 -2.05 54.48
N TRP O 494 -5.55 -3.10 53.78
CA TRP O 494 -6.40 -4.24 53.46
C TRP O 494 -6.01 -5.43 54.33
N LYS O 495 -7.00 -6.06 54.94
CA LYS O 495 -6.80 -7.25 55.75
C LYS O 495 -7.44 -8.45 55.07
N TRP O 496 -6.64 -9.49 54.84
CA TRP O 496 -7.16 -10.72 54.27
C TRP O 496 -8.00 -11.45 55.31
N PRO O 497 -8.88 -12.36 54.88
CA PRO O 497 -9.70 -13.10 55.84
C PRO O 497 -8.84 -13.90 56.80
N ASP O 498 -9.45 -14.27 57.93
CA ASP O 498 -8.71 -14.97 58.98
C ASP O 498 -8.17 -16.30 58.51
N HIS O 499 -8.98 -17.07 57.77
CA HIS O 499 -8.56 -18.36 57.29
C HIS O 499 -9.36 -18.71 56.04
N TRP O 500 -8.71 -19.38 55.09
CA TRP O 500 -9.36 -19.75 53.84
C TRP O 500 -8.67 -20.96 53.25
N LYS O 501 -9.42 -21.72 52.47
CA LYS O 501 -8.86 -22.89 51.79
C LYS O 501 -7.99 -22.46 50.63
N LYS O 502 -7.01 -23.30 50.28
CA LYS O 502 -6.13 -23.00 49.16
C LYS O 502 -6.93 -22.97 47.86
N GLY O 503 -6.66 -21.95 47.03
CA GLY O 503 -7.36 -21.78 45.79
C GLY O 503 -8.71 -21.12 45.89
N GLU O 504 -9.12 -20.68 47.07
CA GLU O 504 -10.40 -20.02 47.27
C GLU O 504 -10.25 -18.52 47.06
N SER O 505 -11.14 -17.95 46.23
CA SER O 505 -11.12 -16.52 45.99
C SER O 505 -11.47 -15.77 47.27
N ILE O 506 -10.59 -14.88 47.69
CA ILE O 506 -10.74 -14.14 48.95
C ILE O 506 -10.71 -12.65 48.63
N THR O 507 -11.57 -11.90 49.31
CA THR O 507 -11.64 -10.45 49.17
C THR O 507 -11.21 -9.79 50.48
N ALA O 508 -10.24 -8.89 50.39
CA ALA O 508 -9.75 -8.21 51.58
C ALA O 508 -10.75 -7.17 52.06
N THR O 509 -10.70 -6.90 53.36
CA THR O 509 -11.56 -5.91 54.00
C THR O 509 -10.74 -4.70 54.38
N SER O 510 -11.35 -3.52 54.28
CA SER O 510 -10.64 -2.28 54.55
C SER O 510 -10.42 -2.09 56.04
N VAL O 511 -9.18 -1.79 56.40
CA VAL O 511 -8.83 -1.42 57.76
C VAL O 511 -8.34 0.01 57.89
N GLY O 512 -7.69 0.55 56.86
CA GLY O 512 -7.25 1.93 56.90
C GLY O 512 -6.94 2.40 55.51
N THR O 513 -6.00 3.34 55.42
CA THR O 513 -5.52 3.87 54.15
C THR O 513 -4.00 3.78 54.11
N TYR O 514 -3.46 3.53 52.92
CA TYR O 514 -2.01 3.45 52.77
C TYR O 514 -1.42 4.85 52.81
N PRO O 515 -0.41 5.10 53.66
CA PRO O 515 0.11 6.46 53.81
C PRO O 515 0.65 7.07 52.52
N ILE O 516 1.63 6.43 51.90
CA ILE O 516 2.29 6.95 50.71
C ILE O 516 2.22 5.90 49.62
N GLY O 517 1.66 6.26 48.48
CA GLY O 517 1.63 5.39 47.33
C GLY O 517 0.45 4.44 47.31
N LEU O 518 0.36 3.70 46.22
CA LEU O 518 -0.68 2.68 46.09
C LEU O 518 -0.43 1.57 47.10
N ASP O 519 -1.51 0.99 47.61
CA ASP O 519 -1.39 -0.10 48.58
C ASP O 519 -0.71 -1.30 47.94
N TRP O 520 0.19 -1.93 48.71
CA TRP O 520 0.89 -3.11 48.21
C TRP O 520 0.05 -4.38 48.32
N ALA O 521 -1.12 -4.31 48.96
CA ALA O 521 -2.06 -5.42 48.95
C ALA O 521 -2.76 -5.57 47.60
N TRP O 522 -2.55 -4.64 46.68
CA TRP O 522 -3.10 -4.68 45.35
C TRP O 522 -2.22 -5.43 44.36
N HIS O 523 -1.13 -6.03 44.83
CA HIS O 523 -0.18 -6.70 43.95
C HIS O 523 -0.60 -8.14 43.75
N GLY O 524 -0.79 -8.53 42.48
CA GLY O 524 -1.14 -9.89 42.14
C GLY O 524 -2.60 -10.23 42.28
N THR O 525 -3.44 -9.30 42.70
CA THR O 525 -4.86 -9.56 42.84
C THR O 525 -5.54 -9.58 41.48
N GLU O 526 -6.69 -10.27 41.42
CA GLU O 526 -7.42 -10.38 40.16
C GLU O 526 -7.93 -9.02 39.71
N ASN O 527 -8.46 -8.22 40.63
CA ASN O 527 -8.98 -6.90 40.32
C ASN O 527 -7.96 -5.80 40.55
N ALA O 528 -6.67 -6.12 40.46
CA ALA O 528 -5.64 -5.10 40.53
C ALA O 528 -5.77 -4.11 39.38
N LEU O 529 -6.01 -4.63 38.18
CA LEU O 529 -6.16 -3.75 37.01
C LEU O 529 -7.39 -2.86 37.14
N LEU O 530 -8.50 -3.40 37.63
CA LEU O 530 -9.72 -2.60 37.73
C LEU O 530 -9.55 -1.39 38.63
N PHE O 531 -8.66 -1.48 39.62
CA PHE O 531 -8.38 -0.35 40.50
C PHE O 531 -7.29 0.54 39.95
N SER O 532 -6.20 -0.04 39.48
CA SER O 532 -5.07 0.76 38.99
C SER O 532 -5.44 1.55 37.75
N ASN O 533 -6.25 0.97 36.86
CA ASN O 533 -6.66 1.67 35.65
C ASN O 533 -7.50 2.89 35.98
N SER O 534 -8.47 2.74 36.88
CA SER O 534 -9.27 3.89 37.28
C SER O 534 -8.41 4.94 37.98
N TYR O 535 -7.50 4.50 38.87
CA TYR O 535 -6.61 5.41 39.55
C TYR O 535 -5.79 6.23 38.55
N LYS O 536 -5.20 5.55 37.56
CA LYS O 536 -4.31 6.21 36.62
C LYS O 536 -5.09 7.08 35.62
N MET O 537 -6.29 6.65 35.21
CA MET O 537 -7.10 7.49 34.34
C MET O 537 -7.51 8.77 35.05
N LYS O 538 -7.96 8.67 36.30
CA LYS O 538 -8.34 9.88 37.02
C LYS O 538 -7.12 10.73 37.37
N LEU O 539 -5.98 10.11 37.63
CA LEU O 539 -4.74 10.86 37.81
C LEU O 539 -4.39 11.64 36.55
N SER O 540 -4.49 11.00 35.40
CA SER O 540 -4.20 11.68 34.13
C SER O 540 -5.16 12.83 33.91
N ILE O 541 -6.45 12.62 34.15
CA ILE O 541 -7.44 13.68 33.95
C ILE O 541 -7.13 14.85 34.86
N LEU O 542 -6.87 14.58 36.15
CA LEU O 542 -6.66 15.65 37.12
C LEU O 542 -5.37 16.41 36.83
N MET O 543 -4.27 15.69 36.61
CA MET O 543 -2.98 16.33 36.35
C MET O 543 -2.87 16.90 34.94
N GLY O 544 -3.84 16.61 34.08
CA GLY O 544 -3.91 17.29 32.80
C GLY O 544 -4.73 18.55 32.91
N PHE O 545 -5.82 18.51 33.68
CA PHE O 545 -6.59 19.71 33.94
C PHE O 545 -5.76 20.75 34.67
N ILE O 546 -5.00 20.32 35.68
CA ILE O 546 -4.16 21.25 36.44
C ILE O 546 -3.09 21.85 35.54
N HIS O 547 -2.45 21.03 34.71
CA HIS O 547 -1.41 21.55 33.83
C HIS O 547 -1.98 22.49 32.79
N MET O 548 -3.16 22.16 32.26
CA MET O 548 -3.83 23.04 31.30
C MET O 548 -4.20 24.38 31.92
N THR O 549 -4.75 24.37 33.14
CA THR O 549 -5.11 25.65 33.74
C THR O 549 -3.88 26.47 34.11
N TYR O 550 -2.80 25.79 34.51
CA TYR O 550 -1.55 26.49 34.77
C TYR O 550 -1.00 27.13 33.50
N SER O 551 -1.07 26.42 32.37
CA SER O 551 -0.62 26.99 31.12
C SER O 551 -1.53 28.12 30.64
N TYR O 552 -2.83 27.98 30.88
CA TYR O 552 -3.77 29.01 30.45
C TYR O 552 -3.62 30.29 31.25
N PHE O 553 -3.27 30.19 32.53
CA PHE O 553 -3.00 31.40 33.30
C PHE O 553 -1.76 32.13 32.80
N PHE O 554 -0.87 31.45 32.08
CA PHE O 554 0.22 32.16 31.42
C PHE O 554 -0.28 33.07 30.31
N SER O 555 -1.39 32.71 29.66
CA SER O 555 -2.01 33.62 28.71
C SER O 555 -2.48 34.90 29.41
N LEU O 556 -3.07 34.74 30.60
CA LEU O 556 -3.47 35.92 31.38
C LEU O 556 -2.26 36.75 31.77
N ALA O 557 -1.15 36.09 32.15
CA ALA O 557 0.06 36.81 32.48
C ALA O 557 0.59 37.58 31.27
N ASN O 558 0.58 36.96 30.09
CA ASN O 558 1.01 37.64 28.87
C ASN O 558 0.13 38.85 28.57
N HIS O 559 -1.19 38.68 28.68
CA HIS O 559 -2.10 39.78 28.39
C HIS O 559 -1.92 40.92 29.39
N LEU O 560 -1.71 40.60 30.67
CA LEU O 560 -1.49 41.64 31.67
C LEU O 560 -0.18 42.37 31.41
N TYR O 561 0.87 41.64 31.03
CA TYR O 561 2.15 42.30 30.73
C TYR O 561 2.04 43.18 29.50
N PHE O 562 1.33 42.73 28.47
CA PHE O 562 1.19 43.47 27.23
C PHE O 562 0.05 44.48 27.26
N ASN O 563 -0.66 44.59 28.40
CA ASN O 563 -1.77 45.54 28.55
C ASN O 563 -2.85 45.30 27.50
N SER O 564 -3.12 44.03 27.19
CA SER O 564 -4.17 43.66 26.24
C SER O 564 -5.40 43.25 27.06
N MET O 565 -6.11 44.26 27.55
CA MET O 565 -7.32 44.00 28.35
C MET O 565 -8.42 43.40 27.49
N ILE O 566 -8.54 43.83 26.23
CA ILE O 566 -9.55 43.26 25.35
C ILE O 566 -9.29 41.78 25.12
N ASP O 567 -8.02 41.38 25.04
CA ASP O 567 -7.70 39.96 24.97
C ASP O 567 -8.19 39.22 26.20
N ILE O 568 -8.00 39.82 27.39
CA ILE O 568 -8.46 39.19 28.63
C ILE O 568 -9.98 39.00 28.60
N ILE O 569 -10.70 40.04 28.17
CA ILE O 569 -12.15 39.94 28.17
C ILE O 569 -12.66 38.98 27.10
N GLY O 570 -12.01 38.91 25.94
CA GLY O 570 -12.57 38.17 24.83
C GLY O 570 -12.01 36.79 24.54
N ASN O 571 -10.89 36.42 25.15
CA ASN O 571 -10.31 35.12 24.87
C ASN O 571 -9.94 34.35 26.13
N PHE O 572 -9.67 35.07 27.21
CA PHE O 572 -9.26 34.41 28.46
C PHE O 572 -10.47 34.04 29.31
N ILE O 573 -11.28 35.04 29.70
CA ILE O 573 -12.44 34.77 30.54
C ILE O 573 -13.41 33.79 29.88
N PRO O 574 -13.79 33.93 28.61
CA PRO O 574 -14.67 32.92 28.00
C PRO O 574 -14.06 31.53 28.00
N GLY O 575 -12.79 31.42 27.61
CA GLY O 575 -12.14 30.12 27.60
C GLY O 575 -11.95 29.54 28.99
N LEU O 576 -11.61 30.39 29.96
CA LEU O 576 -11.49 29.94 31.34
C LEU O 576 -12.81 29.39 31.85
N LEU O 577 -13.91 30.12 31.61
CA LEU O 577 -15.21 29.63 32.04
C LEU O 577 -15.58 28.34 31.32
N PHE O 578 -15.27 28.25 30.03
CA PHE O 578 -15.58 27.05 29.25
C PHE O 578 -14.88 25.83 29.86
N MET O 579 -13.58 25.93 30.10
CA MET O 579 -12.84 24.78 30.63
C MET O 579 -13.14 24.50 32.10
N GLN O 580 -13.42 25.52 32.91
CA GLN O 580 -13.76 25.25 34.30
C GLN O 580 -15.22 24.85 34.48
N GLY O 581 -16.04 24.95 33.43
CA GLY O 581 -17.40 24.47 33.52
C GLY O 581 -17.58 23.09 32.89
N ILE O 582 -16.84 22.80 31.82
CA ILE O 582 -16.96 21.50 31.18
C ILE O 582 -15.93 20.51 31.73
N PHE O 583 -14.68 20.91 31.84
CA PHE O 583 -13.63 19.99 32.28
C PHE O 583 -13.13 20.24 33.69
N GLY O 584 -13.18 21.49 34.18
CA GLY O 584 -12.91 21.71 35.59
C GLY O 584 -13.96 21.06 36.47
N TYR O 585 -15.22 21.08 36.01
CA TYR O 585 -16.28 20.40 36.74
C TYR O 585 -16.03 18.90 36.80
N LEU O 586 -15.51 18.32 35.72
CA LEU O 586 -15.19 16.90 35.72
C LEU O 586 -14.13 16.59 36.77
N SER O 587 -13.09 17.42 36.84
CA SER O 587 -12.04 17.20 37.85
C SER O 587 -12.58 17.36 39.26
N VAL O 588 -13.42 18.37 39.48
CA VAL O 588 -14.01 18.55 40.81
C VAL O 588 -14.86 17.35 41.19
N CYS O 589 -15.62 16.82 40.23
CA CYS O 589 -16.44 15.63 40.51
C CYS O 589 -15.57 14.41 40.78
N ILE O 590 -14.45 14.28 40.06
CA ILE O 590 -13.53 13.17 40.29
C ILE O 590 -12.98 13.23 41.71
N VAL O 591 -12.57 14.43 42.14
CA VAL O 591 -12.06 14.59 43.50
C VAL O 591 -13.16 14.31 44.52
N TYR O 592 -14.37 14.82 44.29
CA TYR O 592 -15.45 14.68 45.25
C TYR O 592 -15.88 13.22 45.41
N LYS O 593 -15.94 12.47 44.31
CA LYS O 593 -16.35 11.07 44.39
C LYS O 593 -15.39 10.26 45.24
N TRP O 594 -14.12 10.67 45.32
CA TRP O 594 -13.15 9.98 46.16
C TRP O 594 -13.37 10.30 47.63
N ALA O 595 -13.90 11.48 47.94
CA ALA O 595 -14.02 11.95 49.32
C ALA O 595 -15.35 11.56 49.96
N VAL O 596 -16.18 10.79 49.27
CA VAL O 596 -17.49 10.38 49.77
C VAL O 596 -17.49 8.87 49.93
N ASP O 597 -17.82 8.40 51.13
CA ASP O 597 -17.92 6.98 51.42
C ASP O 597 -19.29 6.51 50.93
N TRP O 598 -19.34 6.08 49.68
CA TRP O 598 -20.61 5.71 49.06
C TRP O 598 -21.24 4.50 49.74
N VAL O 599 -20.42 3.50 50.08
CA VAL O 599 -20.95 2.31 50.75
C VAL O 599 -21.50 2.68 52.12
N LYS O 600 -20.76 3.49 52.87
CA LYS O 600 -21.22 3.89 54.20
C LYS O 600 -22.43 4.82 54.11
N ASP O 601 -22.41 5.78 53.19
CA ASP O 601 -23.52 6.71 53.06
C ASP O 601 -24.79 6.03 52.54
N GLY O 602 -24.63 5.00 51.71
CA GLY O 602 -25.74 4.27 51.16
C GLY O 602 -26.13 4.69 49.76
N LYS O 603 -25.71 5.87 49.32
CA LYS O 603 -26.00 6.31 47.97
C LYS O 603 -25.22 5.47 46.96
N PRO O 604 -25.80 5.20 45.79
CA PRO O 604 -25.07 4.46 44.76
C PRO O 604 -23.92 5.28 44.19
N ALA O 605 -22.90 4.57 43.72
CA ALA O 605 -21.73 5.23 43.14
C ALA O 605 -22.09 5.81 41.78
N PRO O 606 -21.98 7.13 41.58
CA PRO O 606 -22.33 7.72 40.28
C PRO O 606 -21.18 7.56 39.28
N GLY O 607 -21.49 6.97 38.14
CA GLY O 607 -20.52 6.87 37.07
C GLY O 607 -20.21 8.23 36.48
N LEU O 608 -18.97 8.69 36.65
CA LEU O 608 -18.61 10.04 36.23
C LEU O 608 -18.59 10.17 34.71
N LEU O 609 -18.21 9.10 34.00
CA LEU O 609 -18.20 9.16 32.55
C LEU O 609 -19.62 9.24 31.99
N ASN O 610 -20.54 8.44 32.55
CA ASN O 610 -21.93 8.54 32.14
C ASN O 610 -22.52 9.90 32.51
N MET O 611 -22.10 10.45 33.65
CA MET O 611 -22.54 11.80 34.02
C MET O 611 -22.06 12.83 33.01
N LEU O 612 -20.79 12.73 32.59
CA LEU O 612 -20.26 13.65 31.60
C LEU O 612 -21.00 13.52 30.27
N ILE O 613 -21.30 12.28 29.86
CA ILE O 613 -22.04 12.06 28.62
C ILE O 613 -23.43 12.68 28.72
N ASN O 614 -24.13 12.45 29.83
CA ASN O 614 -25.47 12.98 30.00
C ASN O 614 -25.49 14.49 30.18
N MET O 615 -24.37 15.08 30.61
CA MET O 615 -24.31 16.53 30.72
C MET O 615 -24.51 17.23 29.39
N PHE O 616 -24.22 16.54 28.28
CA PHE O 616 -24.34 17.12 26.94
C PHE O 616 -25.43 16.44 26.11
N LEU O 617 -25.49 15.11 26.12
CA LEU O 617 -26.43 14.40 25.26
C LEU O 617 -27.84 14.34 25.84
N SER O 618 -28.02 14.63 27.12
CA SER O 618 -29.36 14.68 27.73
C SER O 618 -29.34 15.62 28.91
N PRO O 619 -29.37 16.94 28.67
CA PRO O 619 -29.35 17.90 29.78
C PRO O 619 -30.50 17.67 30.74
N GLY O 620 -30.21 17.84 32.04
CA GLY O 620 -31.21 17.77 33.07
C GLY O 620 -31.55 16.38 33.58
N THR O 621 -30.97 15.34 33.00
CA THR O 621 -31.23 13.97 33.40
C THR O 621 -29.99 13.41 34.08
N ILE O 622 -30.12 13.00 35.34
CA ILE O 622 -29.04 12.39 36.10
C ILE O 622 -29.54 11.07 36.68
N ASP O 623 -28.88 9.97 36.34
CA ASP O 623 -29.29 8.67 36.86
C ASP O 623 -28.88 8.49 38.31
N ASP O 624 -27.69 8.96 38.67
CA ASP O 624 -27.18 8.85 40.03
C ASP O 624 -26.83 10.23 40.57
N GLU O 625 -27.18 10.47 41.82
CA GLU O 625 -26.99 11.78 42.45
C GLU O 625 -25.62 11.84 43.12
N LEU O 626 -24.69 12.58 42.50
CA LEU O 626 -23.39 12.79 43.12
C LEU O 626 -23.49 13.73 44.31
N TYR O 627 -24.23 14.83 44.14
CA TYR O 627 -24.41 15.83 45.18
C TYR O 627 -25.75 16.52 44.96
N PRO O 628 -26.31 17.13 46.00
CA PRO O 628 -27.63 17.78 45.84
C PRO O 628 -27.60 18.87 44.78
N HIS O 629 -28.74 19.02 44.09
CA HIS O 629 -28.90 20.00 43.01
C HIS O 629 -27.87 19.79 41.91
N GLN O 630 -27.59 18.52 41.60
CA GLN O 630 -26.62 18.21 40.55
C GLN O 630 -27.12 18.67 39.18
N ALA O 631 -28.40 18.43 38.89
CA ALA O 631 -28.93 18.78 37.57
C ALA O 631 -28.90 20.29 37.35
N LYS O 632 -29.25 21.06 38.38
CA LYS O 632 -29.24 22.52 38.25
C LYS O 632 -27.83 23.03 37.93
N VAL O 633 -26.83 22.55 38.67
CA VAL O 633 -25.45 22.98 38.42
C VAL O 633 -24.99 22.54 37.05
N GLN O 634 -25.36 21.32 36.64
CA GLN O 634 -24.93 20.82 35.34
C GLN O 634 -25.51 21.65 34.20
N VAL O 635 -26.81 21.96 34.27
CA VAL O 635 -27.41 22.77 33.22
C VAL O 635 -26.88 24.20 33.28
N PHE O 636 -26.58 24.72 34.47
CA PHE O 636 -25.99 26.05 34.58
C PHE O 636 -24.62 26.09 33.90
N LEU O 637 -23.79 25.07 34.13
CA LEU O 637 -22.47 25.05 33.51
C LEU O 637 -22.57 24.85 31.99
N LEU O 638 -23.52 24.03 31.54
CA LEU O 638 -23.72 23.87 30.11
C LEU O 638 -24.15 25.18 29.46
N LEU O 639 -25.06 25.91 30.12
CA LEU O 639 -25.46 27.22 29.63
C LEU O 639 -24.29 28.19 29.63
N MET O 640 -23.45 28.12 30.66
CA MET O 640 -22.28 28.99 30.71
C MET O 640 -21.35 28.73 29.54
N ALA O 641 -21.10 27.46 29.21
CA ALA O 641 -20.25 27.13 28.07
C ALA O 641 -20.89 27.57 26.76
N LEU O 642 -22.19 27.30 26.58
CA LEU O 642 -22.88 27.68 25.35
C LEU O 642 -23.08 29.18 25.22
N VAL O 643 -22.88 29.94 26.29
CA VAL O 643 -22.87 31.39 26.21
C VAL O 643 -21.47 31.92 25.98
N CYS O 644 -20.47 31.27 26.55
CA CYS O 644 -19.09 31.70 26.37
C CYS O 644 -18.58 31.42 24.96
N ILE O 645 -19.13 30.41 24.28
CA ILE O 645 -18.73 30.15 22.90
C ILE O 645 -19.04 31.35 21.99
N PRO O 646 -20.27 31.89 21.94
CA PRO O 646 -20.48 33.14 21.19
C PRO O 646 -19.70 34.30 21.78
N TRP O 647 -19.51 34.33 23.10
CA TRP O 647 -18.70 35.38 23.71
C TRP O 647 -17.30 35.39 23.12
N LEU O 648 -16.62 34.24 23.16
CA LEU O 648 -15.25 34.16 22.67
C LEU O 648 -15.21 34.34 21.16
N LEU O 649 -16.27 33.96 20.45
CA LEU O 649 -16.28 34.09 19.00
C LEU O 649 -16.53 35.53 18.54
N LEU O 650 -17.26 36.32 19.33
CA LEU O 650 -17.77 37.60 18.84
C LEU O 650 -17.22 38.83 19.54
N VAL O 651 -16.95 38.79 20.84
CA VAL O 651 -16.68 40.02 21.57
C VAL O 651 -15.44 40.72 21.06
N LYS O 652 -14.35 39.96 20.83
CA LYS O 652 -13.14 40.59 20.30
C LYS O 652 -13.35 41.16 18.91
N PRO O 653 -13.95 40.44 17.94
CA PRO O 653 -14.27 41.10 16.66
C PRO O 653 -15.21 42.28 16.82
N LEU O 654 -16.16 42.22 17.76
CA LEU O 654 -17.05 43.36 17.98
C LEU O 654 -16.27 44.57 18.48
N HIS O 655 -15.32 44.36 19.39
CA HIS O 655 -14.49 45.46 19.86
C HIS O 655 -13.63 46.02 18.73
N PHE O 656 -13.08 45.13 17.89
CA PHE O 656 -12.30 45.60 16.74
C PHE O 656 -13.16 46.41 15.78
N LYS O 657 -14.45 46.04 15.63
CA LYS O 657 -15.34 46.81 14.79
C LYS O 657 -15.73 48.14 15.43
N PHE O 658 -15.74 48.20 16.76
CA PHE O 658 -16.16 49.41 17.46
C PHE O 658 -15.03 49.99 18.31
N THR O 659 -13.84 50.09 17.72
CA THR O 659 -12.71 50.71 18.42
C THR O 659 -12.97 52.19 18.70
N GLU O 706 -11.26 46.06 5.41
CA GLU O 706 -11.08 44.66 5.06
C GLU O 706 -10.47 43.88 6.21
N ASP O 707 -9.83 44.60 7.14
CA ASP O 707 -9.23 43.96 8.30
C ASP O 707 -10.29 43.34 9.21
N PHE O 708 -11.50 43.89 9.20
CA PHE O 708 -12.57 43.33 10.03
C PHE O 708 -12.88 41.89 9.63
N GLY O 709 -12.94 41.62 8.32
CA GLY O 709 -13.21 40.27 7.88
C GLY O 709 -12.12 39.30 8.25
N ASP O 710 -10.85 39.73 8.12
CA ASP O 710 -9.74 38.87 8.52
C ASP O 710 -9.78 38.57 10.01
N ILE O 711 -10.05 39.58 10.83
CA ILE O 711 -10.14 39.37 12.28
C ILE O 711 -11.30 38.44 12.60
N MET O 712 -12.43 38.63 11.93
CA MET O 712 -13.62 37.84 12.21
C MET O 712 -13.38 36.37 11.88
N ILE O 713 -12.76 36.12 10.71
CA ILE O 713 -12.47 34.76 10.28
C ILE O 713 -11.43 34.11 11.19
N HIS O 714 -10.39 34.86 11.56
CA HIS O 714 -9.37 34.31 12.45
C HIS O 714 -9.96 33.98 13.81
N GLN O 715 -10.87 34.82 14.31
CA GLN O 715 -11.52 34.52 15.58
C GLN O 715 -12.41 33.29 15.47
N VAL O 716 -13.09 33.10 14.33
CA VAL O 716 -13.85 31.87 14.13
C VAL O 716 -12.95 30.65 14.17
N ILE O 717 -11.80 30.72 13.47
CA ILE O 717 -10.88 29.59 13.44
C ILE O 717 -10.35 29.30 14.83
N HIS O 718 -9.98 30.35 15.58
CA HIS O 718 -9.49 30.18 16.94
C HIS O 718 -10.56 29.58 17.83
N THR O 719 -11.81 30.04 17.70
CA THR O 719 -12.91 29.51 18.52
C THR O 719 -13.12 28.03 18.25
N ILE O 720 -13.19 27.65 16.97
CA ILE O 720 -13.46 26.25 16.63
C ILE O 720 -12.30 25.36 17.07
N GLU O 721 -11.06 25.81 16.84
CA GLU O 721 -9.91 25.03 17.29
C GLU O 721 -9.90 24.90 18.80
N PHE O 722 -10.26 25.97 19.51
CA PHE O 722 -10.31 25.94 20.97
C PHE O 722 -11.32 24.91 21.45
N CYS O 723 -12.55 24.96 20.93
CA CYS O 723 -13.59 24.04 21.37
C CYS O 723 -13.21 22.60 21.02
N LEU O 724 -12.64 22.37 19.84
CA LEU O 724 -12.26 21.00 19.47
C LEU O 724 -11.14 20.49 20.36
N ASN O 725 -10.07 21.27 20.52
CA ASN O 725 -8.91 20.84 21.29
C ASN O 725 -9.15 20.87 22.78
N CYS O 726 -10.28 21.39 23.24
CA CYS O 726 -10.64 21.18 24.64
C CYS O 726 -10.83 19.69 24.91
N VAL O 727 -11.82 19.09 24.24
CA VAL O 727 -12.07 17.66 24.42
C VAL O 727 -10.92 16.85 23.87
N SER O 728 -10.29 17.31 22.77
CA SER O 728 -9.15 16.58 22.22
C SER O 728 -8.00 16.50 23.22
N HIS O 729 -7.65 17.64 23.85
CA HIS O 729 -6.54 17.62 24.79
C HIS O 729 -6.89 16.85 26.06
N THR O 730 -8.12 17.02 26.57
CA THR O 730 -8.50 16.30 27.78
C THR O 730 -8.51 14.79 27.53
N ALA O 731 -8.94 14.38 26.35
CA ALA O 731 -8.95 12.96 26.00
C ALA O 731 -7.53 12.44 25.77
N SER O 732 -6.67 13.24 25.15
CA SER O 732 -5.31 12.83 24.86
C SER O 732 -4.41 12.83 26.09
N TYR O 733 -4.81 13.50 27.17
CA TYR O 733 -4.08 13.36 28.42
C TYR O 733 -4.19 11.96 29.01
N LEU O 734 -5.08 11.13 28.50
CA LEU O 734 -5.16 9.74 28.92
C LEU O 734 -3.94 8.94 28.48
N ARG O 735 -3.09 9.51 27.62
CA ARG O 735 -1.87 8.81 27.24
C ARG O 735 -0.94 8.62 28.44
N LEU O 736 -1.04 9.48 29.46
CA LEU O 736 -0.28 9.24 30.68
C LEU O 736 -0.66 7.90 31.29
N TRP O 737 -1.95 7.65 31.48
CA TRP O 737 -2.42 6.37 31.99
C TRP O 737 -2.07 5.24 31.04
N ALA O 738 -2.23 5.47 29.73
CA ALA O 738 -1.97 4.41 28.75
C ALA O 738 -0.51 3.96 28.81
N LEU O 739 0.42 4.91 28.79
CA LEU O 739 1.84 4.56 28.83
C LEU O 739 2.24 4.00 30.19
N SER O 740 1.65 4.51 31.28
CA SER O 740 1.95 3.93 32.58
C SER O 740 1.52 2.47 32.65
N LEU O 741 0.31 2.18 32.15
CA LEU O 741 -0.18 0.81 32.13
C LEU O 741 0.69 -0.07 31.24
N ALA O 742 1.06 0.43 30.06
CA ALA O 742 1.90 -0.35 29.16
C ALA O 742 3.26 -0.65 29.78
N HIS O 743 3.88 0.36 30.40
CA HIS O 743 5.18 0.14 31.03
C HIS O 743 5.07 -0.86 32.17
N ALA O 744 4.04 -0.74 33.01
CA ALA O 744 3.86 -1.67 34.12
C ALA O 744 3.65 -3.10 33.62
N GLN O 745 2.81 -3.26 32.59
CA GLN O 745 2.52 -4.59 32.09
C GLN O 745 3.74 -5.21 31.41
N LEU O 746 4.47 -4.44 30.62
CA LEU O 746 5.70 -4.96 30.02
C LEU O 746 6.73 -5.33 31.08
N SER O 747 6.85 -4.51 32.14
CA SER O 747 7.79 -4.85 33.21
C SER O 747 7.39 -6.15 33.89
N SER O 748 6.10 -6.30 34.20
CA SER O 748 5.64 -7.52 34.87
C SER O 748 5.82 -8.74 33.98
N VAL O 749 5.50 -8.62 32.69
CA VAL O 749 5.61 -9.76 31.79
C VAL O 749 7.07 -10.12 31.55
N LEU O 750 7.96 -9.11 31.48
CA LEU O 750 9.38 -9.38 31.37
C LEU O 750 9.90 -10.11 32.60
N TRP O 751 9.47 -9.67 33.79
CA TRP O 751 9.87 -10.36 35.01
C TRP O 751 9.37 -11.80 35.00
N THR O 752 8.14 -12.01 34.51
CA THR O 752 7.59 -13.36 34.47
C THR O 752 8.37 -14.26 33.52
N MET O 753 8.69 -13.74 32.32
CA MET O 753 9.35 -14.57 31.33
C MET O 753 10.86 -14.70 31.53
N THR O 754 11.47 -13.88 32.38
CA THR O 754 12.92 -13.89 32.50
C THR O 754 13.40 -14.42 33.84
N ILE O 755 13.00 -13.79 34.95
CA ILE O 755 13.56 -14.17 36.25
C ILE O 755 12.67 -15.17 36.97
N GLN O 756 11.35 -15.01 36.86
CA GLN O 756 10.43 -15.90 37.57
C GLN O 756 10.61 -17.35 37.13
N ILE O 757 11.08 -17.56 35.90
CA ILE O 757 11.36 -18.92 35.44
C ILE O 757 12.55 -19.50 36.19
N ALA O 758 13.57 -18.68 36.44
CA ALA O 758 14.79 -19.16 37.08
C ALA O 758 14.57 -19.59 38.53
N PHE O 759 13.49 -19.14 39.16
CA PHE O 759 13.27 -19.49 40.56
C PHE O 759 12.94 -20.96 40.74
N GLY O 760 12.20 -21.55 39.81
CA GLY O 760 11.84 -22.96 39.94
C GLY O 760 13.03 -23.89 39.88
N PHE O 761 14.00 -23.59 39.02
CA PHE O 761 15.17 -24.44 38.86
C PHE O 761 16.09 -24.32 40.06
N ARG O 762 16.75 -25.43 40.40
CA ARG O 762 17.66 -25.48 41.54
C ARG O 762 18.87 -26.34 41.18
N GLY O 763 19.93 -26.19 41.96
CA GLY O 763 21.16 -26.89 41.70
C GLY O 763 22.12 -26.08 40.87
N PHE O 764 23.12 -26.77 40.31
CA PHE O 764 24.07 -26.11 39.43
C PHE O 764 23.39 -25.58 38.17
N VAL O 765 22.50 -26.38 37.58
CA VAL O 765 21.75 -25.93 36.41
C VAL O 765 20.83 -24.77 36.80
N GLY O 766 20.27 -24.81 38.01
CA GLY O 766 19.46 -23.70 38.48
C GLY O 766 20.26 -22.41 38.62
N VAL O 767 21.48 -22.50 39.15
CA VAL O 767 22.32 -21.33 39.31
C VAL O 767 22.71 -20.76 37.95
N PHE O 768 23.10 -21.65 37.02
CA PHE O 768 23.47 -21.18 35.69
C PHE O 768 22.29 -20.53 34.98
N MET O 769 21.11 -21.14 35.09
CA MET O 769 19.92 -20.56 34.48
C MET O 769 19.57 -19.23 35.12
N THR O 770 19.73 -19.11 36.44
CA THR O 770 19.47 -17.85 37.10
C THR O 770 20.41 -16.76 36.61
N VAL O 771 21.70 -17.09 36.46
CA VAL O 771 22.66 -16.10 35.98
C VAL O 771 22.31 -15.67 34.56
N ALA O 772 22.09 -16.63 33.67
CA ALA O 772 21.81 -16.29 32.28
C ALA O 772 20.50 -15.53 32.15
N LEU O 773 19.47 -15.94 32.87
CA LEU O 773 18.18 -15.28 32.77
C LEU O 773 18.20 -13.88 33.39
N PHE O 774 18.95 -13.68 34.46
CA PHE O 774 19.10 -12.32 34.98
C PHE O 774 19.86 -11.45 34.01
N ALA O 775 20.90 -11.98 33.36
CA ALA O 775 21.61 -11.19 32.36
C ALA O 775 20.68 -10.79 31.22
N MET O 776 19.87 -11.73 30.74
CA MET O 776 18.93 -11.43 29.66
C MET O 776 17.86 -10.44 30.12
N TRP O 777 17.38 -10.58 31.36
CA TRP O 777 16.39 -9.66 31.88
C TRP O 777 16.95 -8.24 31.99
N PHE O 778 18.17 -8.11 32.51
CA PHE O 778 18.77 -6.79 32.64
C PHE O 778 19.03 -6.18 31.27
N ALA O 779 19.49 -6.99 30.31
CA ALA O 779 19.70 -6.48 28.96
C ALA O 779 18.39 -5.98 28.35
N LEU O 780 17.33 -6.78 28.46
CA LEU O 780 16.04 -6.38 27.90
C LEU O 780 15.49 -5.15 28.61
N THR O 781 15.65 -5.08 29.93
CA THR O 781 15.23 -3.90 30.67
C THR O 781 15.94 -2.66 30.13
N CYS O 782 17.27 -2.62 30.25
CA CYS O 782 18.03 -1.46 29.83
C CYS O 782 17.89 -1.18 28.33
N ALA O 783 17.42 -2.15 27.55
CA ALA O 783 17.23 -1.92 26.12
C ALA O 783 15.88 -1.28 25.82
N VAL O 784 14.80 -1.93 26.22
CA VAL O 784 13.46 -1.51 25.80
C VAL O 784 12.74 -0.69 26.87
N LEU O 785 12.88 -1.05 28.15
CA LEU O 785 12.05 -0.39 29.15
C LEU O 785 12.68 0.91 29.65
N VAL O 786 13.94 0.84 30.10
CA VAL O 786 14.60 2.05 30.58
C VAL O 786 14.92 2.98 29.42
N LEU O 787 15.46 2.44 28.33
CA LEU O 787 15.95 3.26 27.23
C LEU O 787 14.83 3.60 26.23
N MET O 788 14.16 2.58 25.71
CA MET O 788 13.20 2.82 24.65
C MET O 788 11.80 3.16 25.15
N GLU O 789 11.28 2.44 26.15
CA GLU O 789 10.03 2.86 26.76
C GLU O 789 10.20 4.17 27.54
N GLY O 790 11.42 4.49 27.96
CA GLY O 790 11.73 5.81 28.47
C GLY O 790 11.99 6.84 27.41
N THR O 791 12.01 6.43 26.14
CA THR O 791 12.08 7.37 25.03
C THR O 791 10.70 7.69 24.50
N SER O 792 9.79 6.70 24.48
CA SER O 792 8.42 6.96 24.07
C SER O 792 7.73 7.91 25.03
N ALA O 793 7.92 7.70 26.33
CA ALA O 793 7.32 8.60 27.32
C ALA O 793 7.93 9.99 27.26
N MET O 794 9.24 10.07 27.03
CA MET O 794 9.90 11.37 26.90
C MET O 794 9.30 12.17 25.74
N LEU O 795 9.19 11.54 24.58
CA LEU O 795 8.66 12.21 23.39
C LEU O 795 7.16 12.46 23.51
N HIS O 796 6.43 11.62 24.25
CA HIS O 796 5.01 11.89 24.46
C HIS O 796 4.81 13.08 25.39
N SER O 797 5.68 13.24 26.38
CA SER O 797 5.63 14.44 27.21
C SER O 797 6.04 15.67 26.41
N LEU O 798 7.00 15.53 25.49
CA LEU O 798 7.28 16.59 24.53
C LEU O 798 6.02 16.98 23.77
N ARG O 799 5.27 15.97 23.29
CA ARG O 799 4.05 16.24 22.56
C ARG O 799 3.01 16.95 23.44
N LEU O 800 2.85 16.48 24.68
CA LEU O 800 1.90 17.10 25.59
C LEU O 800 2.29 18.52 25.97
N HIS O 801 3.58 18.86 25.90
CA HIS O 801 4.00 20.21 26.19
C HIS O 801 3.91 21.13 24.97
N TRP O 802 4.22 20.60 23.79
CA TRP O 802 4.20 21.41 22.58
C TRP O 802 2.76 21.70 22.14
N VAL O 803 1.87 20.72 22.29
CA VAL O 803 0.52 20.83 21.75
C VAL O 803 -0.47 21.15 22.86
N GLU O 804 -0.53 20.30 23.87
CA GLU O 804 -1.53 20.46 24.92
C GLU O 804 -1.24 21.63 25.84
N SER O 805 0.03 22.00 25.99
CA SER O 805 0.43 23.04 26.94
C SER O 805 0.80 24.35 26.28
N MET O 806 1.65 24.30 25.24
CA MET O 806 2.14 25.55 24.65
C MET O 806 1.05 26.26 23.88
N SER O 807 0.17 25.53 23.20
CA SER O 807 -0.90 26.17 22.45
C SER O 807 -1.79 27.03 23.33
N LYS O 808 -1.79 26.77 24.64
CA LYS O 808 -2.54 27.61 25.58
C LYS O 808 -1.98 29.02 25.65
N PHE O 809 -0.65 29.18 25.67
CA PHE O 809 -0.06 30.48 25.93
C PHE O 809 1.13 30.83 25.03
N PHE O 810 1.56 29.94 24.15
CA PHE O 810 2.74 30.20 23.32
C PHE O 810 2.28 30.84 22.02
N VAL O 811 2.42 32.16 21.91
CA VAL O 811 2.12 32.84 20.66
C VAL O 811 3.09 32.40 19.57
N GLY O 812 4.38 32.33 19.91
CA GLY O 812 5.37 31.87 18.96
C GLY O 812 5.70 32.92 17.91
N GLU O 813 6.36 32.44 16.85
CA GLU O 813 6.77 33.26 15.72
C GLU O 813 7.62 34.45 16.18
N GLY O 814 8.62 34.13 17.02
CA GLY O 814 9.53 35.14 17.51
C GLY O 814 10.87 35.09 16.80
N LEU O 815 11.62 36.17 16.87
CA LEU O 815 12.91 36.23 16.20
C LEU O 815 13.98 35.62 17.10
N PRO O 816 14.62 34.53 16.70
CA PRO O 816 15.68 33.95 17.53
C PRO O 816 16.87 34.87 17.67
N TYR O 817 17.52 34.81 18.83
CA TYR O 817 18.67 35.63 19.13
C TYR O 817 19.92 34.95 18.57
N GLU O 818 20.51 35.54 17.53
CA GLU O 818 21.72 35.02 16.90
C GLU O 818 22.73 36.16 16.84
N PRO O 819 23.45 36.42 17.93
CA PRO O 819 24.40 37.54 17.93
C PRO O 819 25.62 37.25 17.07
N PHE O 820 26.30 38.33 16.68
CA PHE O 820 27.52 38.23 15.90
C PHE O 820 28.66 37.86 16.86
N ALA O 821 28.94 36.56 16.93
CA ALA O 821 29.98 36.04 17.81
C ALA O 821 30.91 35.14 17.02
N PHE O 822 32.19 35.17 17.38
CA PHE O 822 33.18 34.31 16.74
C PHE O 822 33.17 32.93 17.37
N GLU O 823 33.24 31.89 16.52
CA GLU O 823 33.27 30.52 16.98
C GLU O 823 34.27 29.74 16.13
N TYR O 824 34.72 28.61 16.67
CA TYR O 824 35.66 27.75 15.97
C TYR O 824 34.88 26.98 14.91
N LYS O 825 35.11 27.31 13.64
CA LYS O 825 34.44 26.64 12.53
C LYS O 825 35.29 25.46 12.08
N ASP O 826 34.77 24.25 12.27
CA ASP O 826 35.50 23.05 11.89
C ASP O 826 35.60 22.95 10.38
N MET O 827 36.74 22.44 9.90
CA MET O 827 36.97 22.31 8.47
C MET O 827 36.42 20.97 7.95
C43 WEV P . -19.15 29.61 7.29
C01 WEV P . -22.89 22.15 11.52
C02 WEV P . -21.70 23.02 11.14
C03 WEV P . -22.07 23.71 9.79
C04 WEV P . -20.92 24.60 9.20
C05 WEV P . -20.60 25.80 9.75
C06 WEV P . -19.45 26.65 9.11
C07 WEV P . -19.01 27.79 9.69
C08 WEV P . -17.89 28.59 8.98
C09 WEV P . -16.51 27.93 9.26
C11 WEV P . -15.39 27.14 11.20
C13 WEV P . -15.92 25.69 11.32
C14 WEV P . -16.97 25.42 12.16
C15 WEV P . -17.54 24.03 12.31
C16 WEV P . -18.83 23.78 11.96
C17 WEV P . -19.43 22.40 12.10
C18 WEV P . -20.43 22.15 10.98
C20 WEV P . -20.08 22.25 13.51
C21 WEV P . -16.67 22.91 12.86
C23 WEV P . -13.98 24.38 10.97
C24 WEV P . -15.35 28.51 8.41
C25 WEV P . -15.22 27.70 7.11
C26 WEV P . -15.55 30.00 8.12
C27 WEV P . -14.79 30.41 6.81
C28 WEV P . -13.52 31.10 7.17
C29 WEV P . -15.70 31.36 5.95
C30 WEV P . -14.83 32.13 4.93
C31 WEV P . -15.66 32.93 3.97
C32 WEV P . -16.71 32.10 3.30
C33 WEV P . -17.58 31.36 4.31
C35 WEV P . -18.48 30.44 3.56
C36 WEV P . -19.97 30.69 3.93
C37 WEV P . -18.09 28.97 3.79
C38 WEV P . -17.62 33.04 2.45
C44 WEV P . -20.16 24.13 7.94
O10 WEV P . -16.21 28.14 10.62
O12 WEV P . -14.31 27.42 11.60
O19 WEV P . -20.78 20.80 10.97
O22 WEV P . -15.32 24.63 10.54
O34 WEV P . -16.74 30.55 5.29
O39 WEV P . -14.81 33.49 2.96
O40 WEV P . -16.30 32.26 6.78
O41 WEV P . -15.06 30.74 9.17
O42 WEV P . -18.21 28.60 7.63
C43 WEV Q . -34.11 25.04 -14.60
C01 WEV Q . -33.02 18.40 -8.81
C02 WEV Q . -33.79 19.62 -8.35
C03 WEV Q . -34.81 20.05 -9.47
C04 WEV Q . -34.25 21.08 -10.52
C05 WEV Q . -34.68 22.38 -10.48
C06 WEV Q . -34.15 23.41 -11.53
C07 WEV Q . -34.41 24.73 -11.36
C08 WEV Q . -33.91 25.76 -12.38
C09 WEV Q . -32.90 26.75 -11.73
C11 WEV Q . -32.70 27.23 -9.41
C13 WEV Q . -32.35 25.84 -8.82
C14 WEV Q . -33.05 25.35 -7.74
C15 WEV Q . -32.71 23.99 -7.17
C16 WEV Q . -33.57 22.97 -7.37
C17 WEV Q . -33.27 21.59 -6.82
C18 WEV Q . -32.80 20.74 -7.99
C20 WEV Q . -34.54 21.01 -6.10
C21 WEV Q . -31.43 23.78 -6.39
C23 WEV Q . -30.04 25.71 -9.14
C24 WEV Q . -32.59 27.86 -12.74
C25 WEV Q . -33.39 29.12 -12.38
C26 WEV Q . -31.11 28.20 -12.77
C27 WEV Q . -30.53 28.01 -14.21
C28 WEV Q . -29.04 27.95 -14.12
C29 WEV Q . -30.98 29.19 -15.14
C30 WEV Q . -29.89 29.54 -16.17
C31 WEV Q . -30.50 30.05 -17.43
C32 WEV Q . -31.28 28.97 -18.11
C33 WEV Q . -32.30 28.31 -17.19
C35 WEV Q . -32.16 26.83 -17.18
C36 WEV Q . -30.74 26.33 -17.57
C37 WEV Q . -33.25 26.17 -18.06
C38 WEV Q . -32.03 29.58 -19.32
C44 WEV Q . -33.27 20.63 -11.61
O10 WEV Q . -33.48 27.32 -10.59
O12 WEV Q . -32.33 28.21 -8.86
O19 WEV Q . -31.57 20.16 -7.64
O22 WEV Q . -31.30 25.06 -9.41
O34 WEV Q . -32.29 28.85 -15.76
O39 WEV Q . -29.46 30.50 -18.32
O40 WEV Q . -31.16 30.30 -14.36
O41 WEV Q . -30.43 27.37 -11.90
O42 WEV Q . -33.30 25.10 -13.44
C43 WEV R . -38.53 11.41 -35.41
C01 WEV R . -36.06 6.93 -29.11
C02 WEV R . -37.46 6.63 -28.58
C03 WEV R . -38.60 6.70 -29.69
C04 WEV R . -38.79 7.99 -30.58
C05 WEV R . -37.80 8.53 -31.35
C06 WEV R . -38.11 9.81 -32.20
C07 WEV R . -37.10 10.63 -32.60
C08 WEV R . -37.40 11.90 -33.41
C09 WEV R . -36.40 13.03 -33.01
C11 WEV R . -36.00 13.51 -30.73
C13 WEV R . -36.55 13.04 -29.37
C14 WEV R . -37.00 11.73 -29.29
C15 WEV R . -37.58 11.01 -28.08
C16 WEV R . -37.70 9.67 -28.19
C17 WEV R . -38.25 8.75 -27.11
C18 WEV R . -37.71 7.32 -27.20
C20 WEV R . -39.81 8.73 -27.10
C21 WEV R . -37.99 11.73 -26.80
C23 WEV R . -35.26 14.00 -27.66
C24 WEV R . -36.26 14.06 -34.13
C25 WEV R . -37.46 15.01 -34.07
C26 WEV R . -34.95 14.82 -33.91
C27 WEV R . -34.32 15.53 -35.17
C28 WEV R . -34.75 16.96 -35.21
C29 WEV R . -34.61 14.87 -36.58
C30 WEV R . -33.66 15.54 -37.59
C31 WEV R . -33.77 14.94 -38.95
C32 WEV R . -33.61 13.44 -38.92
C33 WEV R . -34.52 12.78 -37.90
C35 WEV R . -34.18 11.35 -37.84
C36 WEV R . -35.27 10.53 -37.08
C37 WEV R . -32.79 11.14 -37.21
C38 WEV R . -33.95 12.89 -40.34
C44 WEV R . -40.17 8.67 -30.63
O10 WEV R . -36.86 13.65 -31.84
O12 WEV R . -34.83 13.75 -30.86
O19 WEV R . -38.59 6.51 -26.46
O22 WEV R . -36.56 13.95 -28.26
O34 WEV R . -34.39 13.40 -36.53
O39 WEV R . -32.74 15.50 -39.80
O40 WEV R . -35.89 15.13 -36.97
O41 WEV R . -34.01 13.95 -33.39
O42 WEV R . -37.30 11.63 -34.76
C43 WEV S . -29.37 -10.32 -48.47
C01 WEV S . -28.81 -11.32 -40.51
C02 WEV S . -30.16 -11.99 -40.32
C03 WEV S . -30.78 -12.53 -41.67
C04 WEV S . -30.04 -12.11 -43.00
C05 WEV S . -30.47 -11.00 -43.66
C06 WEV S . -29.83 -10.49 -44.98
C07 WEV S . -30.33 -9.35 -45.51
C08 WEV S . -29.79 -8.73 -46.82
C09 WEV S . -29.16 -7.34 -46.50
C11 WEV S . -29.99 -6.14 -44.62
C13 WEV S . -30.99 -6.67 -43.56
C14 WEV S . -30.50 -7.32 -42.46
C15 WEV S . -31.35 -7.90 -41.36
C16 WEV S . -31.19 -9.21 -41.08
C17 WEV S . -31.94 -10.00 -40.01
C18 WEV S . -31.13 -11.16 -39.43
C20 WEV S . -33.32 -10.50 -40.56
C21 WEV S . -32.34 -7.04 -40.58
C23 WEV S . -32.70 -5.07 -43.76
C24 WEV S . -28.60 -6.72 -47.78
C25 WEV S . -29.78 -6.13 -48.57
C26 WEV S . -27.60 -5.63 -47.39
C27 WEV S . -26.58 -5.15 -48.51
C28 WEV S . -27.11 -3.94 -49.19
C29 WEV S . -26.19 -6.23 -49.60
C30 WEV S . -25.03 -5.63 -50.41
C31 WEV S . -24.57 -6.58 -51.49
C32 WEV S . -24.21 -7.92 -50.92
C33 WEV S . -25.27 -8.51 -50.01
C35 WEV S . -24.69 -9.68 -49.31
C36 WEV S . -23.50 -9.26 -48.39
C37 WEV S . -25.75 -10.46 -48.54
C38 WEV S . -23.97 -8.91 -52.11
C44 WEV S . -28.89 -12.95 -43.57
O10 WEV S . -30.16 -6.49 -45.99
O12 WEV S . -29.08 -5.45 -44.30
O19 WEV S . -32.03 -12.05 -38.84
O22 WEV S . -32.41 -6.47 -43.75
O34 WEV S . -25.79 -7.51 -48.98
O39 WEV S . -23.43 -6.02 -52.15
O40 WEV S . -27.21 -6.44 -50.48
O41 WEV S . -26.86 -6.07 -46.31
O42 WEV S . -28.86 -9.57 -47.39
C43 WEV T . -11.33 -29.52 -47.93
C01 WEV T . -16.07 -31.73 -41.49
C02 WEV T . -15.65 -30.29 -41.68
C03 WEV T . -14.16 -30.15 -41.21
C04 WEV T . -13.23 -30.05 -42.49
C05 WEV T . -13.59 -29.19 -43.48
C06 WEV T . -12.78 -28.98 -44.79
C07 WEV T . -13.34 -28.15 -45.71
C08 WEV T . -12.69 -27.82 -47.07
C09 WEV T . -12.66 -26.27 -47.24
C11 WEV T . -14.54 -25.11 -46.31
C13 WEV T . -15.67 -25.75 -45.50
C14 WEV T . -15.53 -25.90 -44.14
C15 WEV T . -16.62 -26.52 -43.28
C16 WEV T . -16.36 -27.70 -42.66
C17 WEV T . -17.34 -28.44 -41.78
C18 WEV T . -16.56 -29.36 -40.86
C20 WEV T . -18.34 -29.28 -42.65
C21 WEV T . -17.96 -25.81 -43.13
C23 WEV T . -16.71 -27.53 -46.65
C24 WEV T . -11.80 -25.87 -48.44
C25 WEV T . -12.72 -25.44 -49.58
C26 WEV T . -10.87 -24.73 -48.03
C27 WEV T . -9.52 -24.62 -48.83
C28 WEV T . -9.69 -23.75 -50.03
C29 WEV T . -8.88 -25.99 -49.28
C30 WEV T . -7.44 -25.70 -49.74
C31 WEV T . -6.85 -26.95 -50.31
C32 WEV T . -6.79 -28.07 -49.31
C33 WEV T . -8.00 -28.19 -48.37
C35 WEV T . -7.54 -28.62 -47.02
C36 WEV T . -6.10 -28.11 -46.65
C37 WEV T . -7.69 -30.13 -46.79
C38 WEV T . -6.67 -29.39 -50.13
C44 WEV T . -11.97 -30.91 -42.62
O10 WEV T . -13.98 -25.81 -47.43
O12 WEV T . -14.12 -24.04 -46.02
O19 WEV T . -17.46 -30.13 -40.10
O22 WEV T . -16.88 -26.20 -46.16
O34 WEV T . -8.86 -26.94 -48.15
O39 WEV T . -5.50 -26.66 -50.76
O40 WEV T . -9.55 -26.52 -50.35
O41 WEV T . -10.56 -24.87 -46.68
O42 WEV T . -11.42 -28.34 -47.14
C43 WEV U . 9.91 -39.50 -32.57
C01 WEV U . 3.35 -37.48 -28.95
C02 WEV U . 2.54 -38.76 -28.92
C03 WEV U . 3.38 -40.05 -29.28
C04 WEV U . 4.86 -39.79 -29.77
C05 WEV U . 5.10 -39.68 -31.11
C06 WEV U . 6.52 -39.43 -31.72
C07 WEV U . 6.61 -39.28 -33.06
C08 WEV U . 7.95 -39.03 -33.77
C09 WEV U . 7.77 -37.99 -34.92
C11 WEV U . 5.52 -37.36 -35.42
C13 WEV U . 4.17 -37.88 -34.89
C14 WEV U . 3.61 -37.30 -33.78
C15 WEV U . 2.29 -37.78 -33.19
C16 WEV U . 2.32 -38.28 -31.93
C17 WEV U . 1.10 -38.80 -31.19
C18 WEV U . 1.17 -38.62 -29.67
C20 WEV U . 0.82 -40.29 -31.56
C21 WEV U . 1.01 -37.66 -33.98
C23 WEV U . 3.18 -38.61 -36.89
C24 WEV U . 8.98 -38.10 -35.86
C25 WEV U . 8.77 -39.27 -36.83
C26 WEV U . 9.16 -36.81 -36.66
C27 WEV U . 10.35 -35.97 -36.08
C28 WEV U . 10.24 -34.58 -36.61
C29 WEV U . 11.72 -36.62 -36.49
C30 WEV U . 12.80 -35.54 -36.72
C31 WEV U . 14.16 -36.08 -36.42
C32 WEV U . 14.30 -36.40 -34.96
C33 WEV U . 13.16 -37.25 -34.44
C35 WEV U . 12.51 -36.61 -33.25
C36 WEV U . 12.85 -35.09 -33.09
C37 WEV U . 12.83 -37.37 -31.96
C38 WEV U . 15.64 -37.16 -34.75
C44 WEV U . 6.02 -39.69 -28.77
O10 WEV U . 6.59 -38.27 -35.65
O12 WEV U . 5.67 -36.20 -35.64
O19 WEV U . 0.29 -39.55 -29.10
O22 WEV U . 3.51 -38.99 -35.55
O34 WEV U . 12.10 -37.64 -35.47
O39 WEV U . 15.15 -35.10 -36.80
O40 WEV U . 11.55 -37.28 -37.67
O41 WEV U . 8.01 -36.06 -36.62
O42 WEV U . 8.88 -38.57 -32.86
C43 WEV V . 24.03 -36.86 -11.73
C01 WEV V . 14.55 -36.19 -9.65
C02 WEV V . 15.79 -36.93 -10.03
C03 WEV V . 17.04 -36.25 -9.36
C04 WEV V . 18.37 -36.88 -9.93
C05 WEV V . 19.17 -36.12 -10.74
C06 WEV V . 20.49 -36.72 -11.33
C07 WEV V . 20.92 -36.22 -12.51
C08 WEV V . 22.20 -36.74 -13.20
C09 WEV V . 21.99 -36.57 -14.74
C11 WEV V . 20.97 -38.42 -15.87
C13 WEV V . 19.56 -38.06 -15.32
C14 WEV V . 18.84 -39.00 -14.62
C15 WEV V . 17.46 -38.69 -14.07
C16 WEV V . 17.27 -38.65 -12.74
C17 WEV V . 15.90 -38.33 -12.15
C18 WEV V . 15.93 -36.94 -11.56
C20 WEV V . 15.53 -39.42 -11.10
C21 WEV V . 16.31 -38.42 -15.01
C23 WEV V . 18.81 -36.55 -16.95
C24 WEV V . 22.86 -35.53 -15.49
C25 WEV V . 22.69 -34.12 -14.90
C26 WEV V . 24.33 -35.95 -15.52
C27 WEV V . 25.18 -34.86 -16.26
C28 WEV V . 25.69 -35.38 -17.54
C29 WEV V . 26.38 -34.46 -15.33
C30 WEV V . 27.11 -33.24 -15.92
C31 WEV V . 28.29 -32.90 -15.07
C32 WEV V . 27.94 -32.67 -13.61
C33 WEV V . 26.93 -33.66 -13.02
C35 WEV V . 26.20 -33.03 -11.88
C36 WEV V . 26.06 -31.48 -11.98
C37 WEV V . 26.69 -33.50 -10.50
C38 WEV V . 29.28 -32.78 -12.82
C44 WEV V . 18.76 -38.32 -9.58
O10 WEV V . 22.15 -37.84 -15.36
O12 WEV V . 21.04 -39.21 -16.76
O19 WEV V . 14.88 -36.19 -12.13
O22 WEV V . 19.01 -36.74 -15.54
O34 WEV V . 25.88 -34.17 -13.99
O39 WEV V . 28.89 -31.69 -15.58
O40 WEV V . 27.26 -35.51 -15.26
O41 WEV V . 24.45 -37.15 -16.19
O42 WEV V . 23.31 -36.09 -12.67
C43 WEV W . 27.63 -20.30 10.30
C01 WEV W . 20.63 -22.43 8.40
C02 WEV W . 20.22 -23.66 9.18
C03 WEV W . 21.19 -23.99 10.38
C04 WEV W . 22.45 -23.03 10.51
C05 WEV W . 23.60 -23.37 9.87
C06 WEV W . 24.91 -22.52 9.91
C07 WEV W . 25.85 -22.84 9.00
C08 WEV W . 27.21 -22.11 8.89
C09 WEV W . 27.78 -22.36 7.46
C11 WEV W . 26.62 -23.63 5.81
C13 WEV W . 25.42 -24.59 5.62
C14 WEV W . 24.53 -24.73 6.66
C15 WEV W . 23.28 -25.61 6.70
C16 WEV W . 22.29 -25.16 7.51
C17 WEV W . 20.95 -25.83 7.76
C18 WEV W . 19.87 -24.85 8.23
C20 WEV W . 21.07 -27.02 8.77
C21 WEV W . 23.15 -26.88 5.91
C23 WEV W . 26.44 -26.11 4.16
C24 WEV W . 29.31 -22.30 7.51
C25 WEV W . 29.86 -23.70 7.81
C26 WEV W . 29.88 -21.81 6.18
C27 WEV W . 29.68 -20.27 6.05
C28 WEV W . 29.43 -19.93 4.62
C29 WEV W . 30.97 -19.53 6.58
C30 WEV W . 31.40 -18.39 5.65
C31 WEV W . 32.05 -17.29 6.43
C32 WEV W . 31.06 -16.65 7.35
C33 WEV W . 30.37 -17.65 8.26
C35 WEV W . 28.89 -17.48 8.21
C36 WEV W . 28.37 -16.80 6.91
C37 WEV W . 28.39 -16.73 9.46
C38 WEV W . 31.80 -15.60 8.23
C44 WEV W . 22.38 -21.75 11.35
O10 WEV W . 27.37 -23.64 7.02
O12 WEV W . 26.91 -22.87 4.94
O19 WEV W . 18.85 -25.60 8.83
O22 WEV W . 25.27 -25.30 4.37
O34 WEV W . 30.73 -19.12 7.99
O39 WEV W . 32.56 -16.29 5.51
O40 WEV W . 31.98 -20.44 6.60
O41 WEV W . 29.26 -22.45 5.13
O42 WEV W . 27.03 -20.77 9.10
C43 WEV X . 19.69 -0.44 22.75
C01 WEV X . 11.94 -5.83 20.05
C02 WEV X . 13.37 -5.60 20.44
C03 WEV X . 13.72 -4.11 20.10
C04 WEV X . 14.91 -3.59 20.99
C05 WEV X . 15.94 -2.93 20.37
C06 WEV X . 17.17 -2.40 21.16
C07 WEV X . 18.35 -2.49 20.50
C08 WEV X . 19.71 -2.05 21.06
C09 WEV X . 20.75 -2.36 19.95
C11 WEV X . 20.97 -4.55 19.08
C13 WEV X . 19.99 -5.73 19.32
C14 WEV X . 18.66 -5.50 19.13
C15 WEV X . 17.56 -6.53 19.32
C16 WEV X . 16.53 -6.23 20.15
C17 WEV X . 15.38 -7.18 20.37
C18 WEV X . 14.19 -6.61 19.62
C20 WEV X . 15.07 -7.34 21.90
C21 WEV X . 17.59 -7.84 18.57
C23 WEV X . 21.29 -7.57 18.65
C24 WEV X . 21.90 -1.34 19.94
C25 WEV X . 22.99 -1.82 20.91
C26 WEV X . 22.43 -1.29 18.51
C27 WEV X . 23.33 -0.06 18.11
C28 WEV X . 24.77 -0.42 18.24
C29 WEV X . 23.07 1.29 18.89
C30 WEV X . 23.84 2.38 18.12
C31 WEV X . 23.62 3.75 18.69
C32 WEV X . 22.15 4.06 18.80
C33 WEV X . 21.39 2.99 19.56
C35 WEV X . 19.96 3.33 19.54
C36 WEV X . 19.13 2.39 20.48
C37 WEV X . 19.39 3.34 18.11
C38 WEV X . 22.00 5.42 19.56
C44 WEV X . 14.92 -3.80 22.50
O10 WEV X . 21.27 -3.66 20.14
O12 WEV X . 21.46 -4.38 18.01
O19 WEV X . 13.36 -7.66 19.27
O22 WEV X . 20.49 -7.03 19.70
O34 WEV X . 21.63 1.61 18.96
O39 WEV X . 24.24 4.72 17.83
O40 WEV X . 23.59 1.23 20.15
O41 WEV X . 21.36 -1.34 17.65
O42 WEV X . 19.69 -0.70 21.36
#